data_4WHB
#
_entry.id   4WHB
#
_cell.length_a   77.374
_cell.length_b   100.526
_cell.length_c   238.551
_cell.angle_alpha   90.000
_cell.angle_beta   98.370
_cell.angle_gamma   90.000
#
_symmetry.space_group_name_H-M   'P 1 21 1'
#
loop_
_entity.id
_entity.type
_entity.pdbx_description
1 polymer 'Phenylurea hydrolase B'
2 non-polymer 'ZINC ION'
3 water water
#
_entity_poly.entity_id   1
_entity_poly.type   'polypeptide(L)'
_entity_poly.pdbx_seq_one_letter_code
;MSTIAITNVTLIDGLGGLPRPATTVIVEGDRFATVGPSDSTPVPEGATVVDGNRRWMVPGYVNGNVHLLDAWMFMAGPGT
IEYLARWEGRYVEVIEEAAQLALRNGVTTVFDTHNAIEPVLAARDRINAGISQGARIFAAGTIVGMGGPFSADFHFAGRT
AATRTFVDRIDSMFEAGVGHQLSLLPRKEVRARVRDYLSRGVDMLKIAVSDHIVFTLVDRSVGFDRSYQTFSRPVLEVMV
EEARAAGVPVLTHSVSVEALDTSVELGADVLIHANYTLGQEIPNYLIDKIVASDSWAGLQTVHDQHRQGLEDVGSWAAAL
AGEPYATNERNLISANAKILLNTDAGCPSKDHLADLSPVEREDRPWTIGNDHFHWTQSMVEKGMSPLEAISAATINVARA
YGKADQIGSVETGKLADFVLLDQDPVDDIRNLRSITEVFQAGAAVDRAALPTTPLVTAHPA
;
_entity_poly.pdbx_strand_id   E,A,B,C,D,F,G,H
#
loop_
_chem_comp.id
_chem_comp.type
_chem_comp.name
_chem_comp.formula
ZN non-polymer 'ZINC ION' 'Zn 2'
#
# COMPACT_ATOMS: atom_id res chain seq x y z
N SER A 2 50.47 47.62 35.88
CA SER A 2 49.12 47.72 35.27
C SER A 2 48.36 48.91 35.84
N THR A 3 48.02 48.82 37.10
CA THR A 3 47.16 49.82 37.75
C THR A 3 45.74 49.97 37.13
N ILE A 4 44.87 49.03 37.44
CA ILE A 4 43.45 49.17 37.08
C ILE A 4 42.66 49.83 38.22
N ALA A 5 41.82 50.82 37.84
CA ALA A 5 41.00 51.57 38.78
C ALA A 5 39.55 51.65 38.31
N ILE A 6 38.66 50.96 39.02
CA ILE A 6 37.23 50.88 38.61
C ILE A 6 36.44 51.61 39.69
N THR A 7 35.67 52.62 39.27
CA THR A 7 35.51 53.85 40.06
C THR A 7 34.07 54.30 40.28
N ASN A 8 33.82 54.85 41.47
CA ASN A 8 32.46 55.29 41.84
C ASN A 8 31.49 54.13 41.67
N VAL A 9 31.85 53.02 42.31
CA VAL A 9 30.96 51.86 42.39
C VAL A 9 30.44 51.78 43.81
N THR A 10 29.25 51.22 43.98
CA THR A 10 28.75 50.94 45.31
C THR A 10 29.15 49.52 45.65
N LEU A 11 30.11 49.38 46.56
CA LEU A 11 30.85 48.14 46.71
C LEU A 11 30.31 47.22 47.77
N ILE A 12 30.19 45.94 47.39
CA ILE A 12 29.92 44.91 48.35
C ILE A 12 31.12 43.99 48.38
N ASP A 13 31.91 44.08 49.45
CA ASP A 13 33.15 43.30 49.59
C ASP A 13 32.81 41.88 49.94
N GLY A 14 31.52 41.63 50.20
CA GLY A 14 31.02 40.31 50.45
C GLY A 14 31.37 39.84 51.84
N LEU A 15 31.37 40.77 52.81
CA LEU A 15 31.49 40.40 54.23
C LEU A 15 30.19 40.42 55.03
N GLY A 16 29.09 40.85 54.41
CA GLY A 16 27.80 40.95 55.11
C GLY A 16 27.62 42.25 55.87
N GLY A 17 28.17 43.35 55.35
CA GLY A 17 27.97 44.68 55.93
C GLY A 17 26.97 45.51 55.15
N LEU A 18 26.60 46.68 55.70
CA LEU A 18 25.89 47.70 54.91
C LEU A 18 26.78 47.90 53.69
N PRO A 19 26.22 47.76 52.49
CA PRO A 19 27.03 47.87 51.26
C PRO A 19 27.76 49.22 51.21
N ARG A 20 28.78 49.35 50.37
CA ARG A 20 29.66 50.51 50.45
C ARG A 20 29.49 51.36 49.19
N PRO A 21 28.49 52.26 49.19
CA PRO A 21 28.32 53.16 48.04
C PRO A 21 29.42 54.19 47.91
N ALA A 22 29.53 54.78 46.72
CA ALA A 22 30.46 55.88 46.43
C ALA A 22 31.93 55.50 46.45
N THR A 23 32.26 54.27 46.02
CA THR A 23 33.61 53.72 46.20
C THR A 23 34.46 53.61 44.93
N THR A 24 35.78 53.68 45.13
CA THR A 24 36.74 53.38 44.06
C THR A 24 37.82 52.46 44.57
N VAL A 25 38.04 51.36 43.85
CA VAL A 25 38.99 50.34 44.28
C VAL A 25 40.12 50.27 43.26
N ILE A 26 41.35 50.39 43.76
CA ILE A 26 42.51 50.32 42.91
C ILE A 26 43.02 48.89 42.85
N VAL A 27 43.21 48.42 41.63
CA VAL A 27 43.93 47.18 41.40
C VAL A 27 45.31 47.53 40.91
N GLU A 28 46.32 47.06 41.62
CA GLU A 28 47.68 47.08 41.08
C GLU A 28 48.12 45.65 40.87
N GLY A 29 48.17 45.21 39.63
CA GLY A 29 48.72 43.89 39.32
C GLY A 29 48.08 42.76 40.11
N ASP A 30 46.80 42.48 39.81
CA ASP A 30 45.92 41.57 40.58
C ASP A 30 45.70 42.16 41.97
N ARG A 31 45.70 41.36 43.01
CA ARG A 31 46.16 41.78 44.31
C ARG A 31 45.76 43.19 44.66
N PHE A 32 44.50 43.46 44.99
CA PHE A 32 44.07 44.84 45.14
C PHE A 32 44.99 45.68 46.04
N ALA A 33 45.45 46.79 45.50
CA ALA A 33 46.24 47.80 46.20
C ALA A 33 45.60 48.68 47.27
N THR A 34 44.42 49.20 47.00
CA THR A 34 43.70 50.07 47.93
C THR A 34 42.20 50.00 47.78
N VAL A 35 41.50 50.35 48.85
CA VAL A 35 40.04 50.55 48.80
C VAL A 35 39.55 51.68 49.72
N GLY A 36 38.90 52.67 49.11
CA GLY A 36 38.24 53.73 49.85
C GLY A 36 37.44 54.55 48.86
N PRO A 37 36.26 55.08 49.28
CA PRO A 37 35.43 55.96 48.47
C PRO A 37 36.11 57.26 48.04
N SER A 38 36.65 57.98 49.01
CA SER A 38 37.28 59.29 48.75
C SER A 38 36.41 60.17 47.85
N ASP A 39 37.05 60.70 46.80
CA ASP A 39 36.39 61.04 45.56
C ASP A 39 36.56 59.82 44.62
N SER A 40 37.79 59.45 44.24
CA SER A 40 38.08 58.01 43.98
C SER A 40 39.11 57.39 44.90
N THR A 41 40.40 57.57 44.56
CA THR A 41 41.49 57.61 45.56
C THR A 41 42.86 58.40 45.27
N PRO A 42 42.94 59.43 44.41
CA PRO A 42 42.47 59.39 43.04
C PRO A 42 43.26 58.33 42.25
N VAL A 43 42.95 58.27 40.96
CA VAL A 43 43.62 57.44 39.96
C VAL A 43 45.06 57.77 39.68
N PRO A 44 45.86 56.64 39.52
CA PRO A 44 47.27 56.95 39.25
C PRO A 44 47.69 57.15 37.80
N GLU A 45 46.75 57.12 36.86
CA GLU A 45 47.04 57.46 35.47
C GLU A 45 47.66 56.28 34.77
N GLY A 46 47.91 56.39 33.48
CA GLY A 46 48.72 55.43 32.79
C GLY A 46 47.93 54.17 32.87
N ALA A 47 46.69 54.36 33.28
CA ALA A 47 45.88 53.33 33.91
C ALA A 47 44.58 53.11 33.22
N THR A 48 44.03 51.94 33.44
CA THR A 48 42.75 51.61 32.87
C THR A 48 41.69 52.13 33.84
N VAL A 49 41.07 53.23 33.43
CA VAL A 49 39.99 53.83 34.20
C VAL A 49 38.77 53.17 33.63
N VAL A 50 38.01 52.53 34.50
CA VAL A 50 36.85 51.86 34.02
C VAL A 50 35.63 52.59 34.54
N ASP A 51 34.59 52.61 33.72
CA ASP A 51 33.32 53.18 34.09
C ASP A 51 32.75 52.36 35.25
N GLY A 52 32.59 53.00 36.40
CA GLY A 52 31.99 52.34 37.57
C GLY A 52 30.62 52.93 37.82
N ASN A 53 30.22 53.76 36.86
CA ASN A 53 28.99 54.52 36.87
C ASN A 53 27.82 53.59 37.18
N ARG A 54 26.93 53.96 38.10
CA ARG A 54 25.60 53.31 38.17
C ARG A 54 25.65 51.78 38.38
N ARG A 55 26.71 51.27 39.00
CA ARG A 55 26.97 49.82 39.06
C ARG A 55 27.62 49.40 40.40
N TRP A 56 27.44 48.14 40.80
CA TRP A 56 27.99 47.62 42.04
C TRP A 56 29.31 46.87 41.77
N MET A 57 29.95 46.38 42.83
CA MET A 57 31.08 45.45 42.70
C MET A 57 31.01 44.39 43.80
N VAL A 58 30.88 43.13 43.38
CA VAL A 58 30.92 42.01 44.32
C VAL A 58 32.13 41.16 43.93
N PRO A 59 32.78 40.51 44.94
CA PRO A 59 34.10 39.89 44.71
C PRO A 59 34.06 38.77 43.67
N GLY A 60 32.86 38.28 43.33
CA GLY A 60 32.73 37.23 42.34
C GLY A 60 32.68 35.89 43.04
N TYR A 61 31.90 34.98 42.45
CA TYR A 61 31.48 33.78 43.15
C TYR A 61 32.56 32.72 43.15
N VAL A 62 32.56 31.92 44.20
CA VAL A 62 33.36 30.72 44.21
C VAL A 62 32.42 29.55 44.52
N ASN A 63 32.48 28.53 43.68
CA ASN A 63 31.59 27.40 43.84
C ASN A 63 32.31 26.27 44.58
N GLY A 64 31.78 25.89 45.75
CA GLY A 64 32.41 24.93 46.60
C GLY A 64 32.09 23.49 46.26
N ASN A 65 31.21 23.28 45.28
CA ASN A 65 30.99 21.95 44.73
C ASN A 65 30.70 22.05 43.25
N VAL A 66 31.48 21.36 42.44
CA VAL A 66 31.24 21.28 40.98
C VAL A 66 31.95 20.04 40.42
N HIS A 67 31.40 19.54 39.32
CA HIS A 67 32.10 18.53 38.54
C HIS A 67 32.22 19.04 37.13
N LEU A 68 33.46 19.14 36.63
CA LEU A 68 33.66 19.70 35.32
C LEU A 68 33.52 18.66 34.25
N LEU A 69 33.27 17.43 34.64
CA LEU A 69 32.86 16.42 33.73
C LEU A 69 31.40 16.26 34.02
N ASP A 70 30.87 17.12 34.85
CA ASP A 70 29.43 17.04 35.15
C ASP A 70 28.93 15.60 35.42
N ALA A 71 29.28 15.08 36.57
CA ALA A 71 28.97 13.73 36.95
C ALA A 71 27.54 13.64 37.48
N TRP A 72 26.79 14.73 37.41
CA TRP A 72 25.37 14.66 37.72
C TRP A 72 24.63 13.98 36.60
N MET A 73 25.20 13.99 35.43
CA MET A 73 24.62 13.31 34.30
C MET A 73 25.02 11.85 34.29
N PHE A 74 26.20 11.54 34.79
CA PHE A 74 26.70 10.20 34.74
C PHE A 74 25.92 9.20 35.53
N MET A 75 25.05 9.65 36.40
CA MET A 75 24.14 8.73 37.06
C MET A 75 22.81 8.71 36.35
N ALA A 76 22.49 9.84 35.77
CA ALA A 76 21.29 10.06 34.99
C ALA A 76 20.66 8.85 34.36
N GLY A 77 21.48 7.97 33.82
CA GLY A 77 22.79 8.26 33.36
C GLY A 77 22.74 8.48 31.89
N PRO A 78 21.77 7.93 31.18
CA PRO A 78 22.06 7.93 29.74
C PRO A 78 22.63 9.21 29.11
N GLY A 79 23.68 9.01 28.33
CA GLY A 79 24.21 10.09 27.53
C GLY A 79 25.52 10.33 28.12
N THR A 80 25.86 9.55 29.13
CA THR A 80 27.22 9.46 29.64
C THR A 80 28.20 8.96 28.59
N ILE A 81 27.82 7.86 27.93
CA ILE A 81 28.70 7.15 27.02
C ILE A 81 29.15 8.06 25.89
N GLU A 82 28.20 8.63 25.15
CA GLU A 82 28.52 9.52 24.00
C GLU A 82 29.53 10.61 24.36
N TYR A 83 29.25 11.25 25.47
CA TYR A 83 30.06 12.35 26.01
C TYR A 83 31.47 11.87 26.25
N LEU A 84 31.62 10.81 27.06
CA LEU A 84 32.96 10.29 27.39
C LEU A 84 33.61 9.66 26.16
N ALA A 85 32.80 9.01 25.31
CA ALA A 85 33.31 8.36 24.12
C ALA A 85 33.85 9.36 23.10
N ARG A 86 33.08 10.38 22.75
CA ARG A 86 33.54 11.35 21.75
C ARG A 86 34.65 12.31 22.14
N TRP A 87 34.50 12.97 23.26
CA TRP A 87 35.50 13.96 23.67
C TRP A 87 36.87 13.39 24.09
N GLU A 88 36.96 12.06 24.26
CA GLU A 88 38.15 11.47 24.90
C GLU A 88 39.46 11.87 24.21
N GLY A 89 40.43 12.30 25.02
CA GLY A 89 41.70 12.81 24.52
C GLY A 89 41.65 14.32 24.36
N ARG A 90 40.44 14.83 24.19
CA ARG A 90 40.21 16.27 24.31
C ARG A 90 39.54 16.56 25.66
N TYR A 91 39.46 15.58 26.54
CA TYR A 91 38.85 15.75 27.88
C TYR A 91 39.37 16.99 28.60
N VAL A 92 40.64 17.30 28.40
CA VAL A 92 41.30 18.43 29.07
C VAL A 92 40.68 19.74 28.62
N GLU A 93 40.24 19.80 27.36
CA GLU A 93 39.59 20.99 26.84
C GLU A 93 38.14 21.08 27.28
N VAL A 94 37.52 19.93 27.53
CA VAL A 94 36.13 19.84 27.99
C VAL A 94 35.99 20.37 29.41
N ILE A 95 36.98 20.09 30.24
CA ILE A 95 36.97 20.58 31.60
C ILE A 95 37.13 22.11 31.59
N GLU A 96 38.12 22.57 30.84
CA GLU A 96 38.32 24.00 30.63
C GLU A 96 37.08 24.64 29.98
N GLU A 97 36.37 23.85 29.16
CA GLU A 97 35.11 24.30 28.54
C GLU A 97 34.16 24.85 29.62
N ALA A 98 33.91 24.03 30.65
CA ALA A 98 32.96 24.38 31.71
C ALA A 98 33.42 25.53 32.58
N ALA A 99 34.73 25.57 32.87
CA ALA A 99 35.27 26.57 33.77
C ALA A 99 35.09 27.99 33.21
N GLN A 100 34.88 28.07 31.89
CA GLN A 100 34.61 29.33 31.24
C GLN A 100 33.16 29.77 31.38
N LEU A 101 32.24 28.83 31.38
CA LEU A 101 30.83 29.14 31.59
C LEU A 101 30.66 29.64 33.05
N ALA A 102 31.50 29.15 33.94
CA ALA A 102 31.53 29.62 35.31
C ALA A 102 32.04 31.06 35.34
N LEU A 103 33.12 31.31 34.62
CA LEU A 103 33.73 32.63 34.54
C LEU A 103 32.82 33.59 33.78
N ARG A 104 32.19 33.07 32.71
CA ARG A 104 31.22 33.82 31.91
C ARG A 104 30.08 34.30 32.79
N ASN A 105 29.70 33.47 33.77
CA ASN A 105 28.62 33.81 34.68
C ASN A 105 29.12 34.34 36.04
N GLY A 106 30.44 34.54 36.17
CA GLY A 106 30.96 35.24 37.31
C GLY A 106 31.71 34.40 38.34
N VAL A 107 31.65 33.07 38.27
CA VAL A 107 32.39 32.27 39.23
C VAL A 107 33.86 32.41 38.90
N THR A 108 34.62 32.98 39.84
CA THR A 108 36.03 33.27 39.62
C THR A 108 36.93 32.15 40.09
N THR A 109 36.37 31.22 40.85
CA THR A 109 37.10 30.07 41.33
C THR A 109 36.11 28.93 41.54
N VAL A 110 36.53 27.71 41.21
CA VAL A 110 35.61 26.57 41.18
C VAL A 110 36.23 25.42 41.92
N PHE A 111 35.46 24.81 42.81
CA PHE A 111 35.94 23.65 43.58
C PHE A 111 35.34 22.39 42.99
N ASP A 112 36.22 21.46 42.65
CA ASP A 112 35.85 20.34 41.85
C ASP A 112 35.96 19.07 42.68
N THR A 113 34.82 18.50 43.04
CA THR A 113 34.84 17.42 44.01
C THR A 113 34.83 15.98 43.48
N HIS A 114 34.48 15.75 42.22
CA HIS A 114 34.66 14.41 41.62
C HIS A 114 35.10 14.54 40.15
N ASN A 115 36.33 14.06 39.85
CA ASN A 115 36.84 14.00 38.48
C ASN A 115 38.03 13.08 38.30
N ALA A 116 38.58 13.05 37.06
CA ALA A 116 39.82 12.34 36.81
C ALA A 116 41.01 13.26 37.06
N ILE A 117 42.04 12.77 37.73
CA ILE A 117 43.19 13.58 38.09
C ILE A 117 43.92 14.23 36.91
N GLU A 118 44.43 13.39 35.98
CA GLU A 118 45.27 13.90 34.92
C GLU A 118 44.56 15.02 34.19
N PRO A 119 43.31 14.78 33.72
CA PRO A 119 42.64 15.89 33.06
C PRO A 119 42.41 17.14 33.91
N VAL A 120 41.91 16.97 35.14
CA VAL A 120 41.53 18.13 35.95
C VAL A 120 42.69 18.86 36.59
N LEU A 121 43.69 18.12 37.03
CA LEU A 121 44.90 18.77 37.56
C LEU A 121 45.66 19.43 36.40
N ALA A 122 45.58 18.85 35.20
CA ALA A 122 46.10 19.51 34.03
C ALA A 122 45.32 20.80 33.75
N ALA A 123 43.99 20.68 33.68
CA ALA A 123 43.13 21.83 33.41
C ALA A 123 43.42 22.94 34.42
N ARG A 124 43.44 22.56 35.70
CA ARG A 124 43.79 23.47 36.78
C ARG A 124 45.12 24.20 36.53
N ASP A 125 46.19 23.41 36.47
CA ASP A 125 47.53 23.90 36.24
C ASP A 125 47.66 24.79 35.00
N ARG A 126 46.79 24.56 34.03
CA ARG A 126 46.80 25.36 32.81
C ARG A 126 46.20 26.74 33.03
N ILE A 127 45.07 26.78 33.71
CA ILE A 127 44.41 28.06 34.00
C ILE A 127 45.26 28.97 34.88
N ASN A 128 45.85 28.41 35.92
CA ASN A 128 46.79 29.15 36.77
C ASN A 128 47.95 29.72 36.00
N ALA A 129 48.39 28.95 35.00
CA ALA A 129 49.57 29.33 34.20
C ALA A 129 49.23 30.31 33.11
N GLY A 130 47.96 30.73 33.07
CA GLY A 130 47.51 31.70 32.12
C GLY A 130 47.67 31.21 30.68
N ILE A 131 47.73 29.89 30.54
CA ILE A 131 47.83 29.26 29.23
C ILE A 131 46.41 28.94 28.72
N SER A 132 45.42 29.12 29.56
CA SER A 132 44.04 28.96 29.13
C SER A 132 43.10 29.81 30.00
N GLN A 133 41.86 29.93 29.53
CA GLN A 133 40.90 30.81 30.16
C GLN A 133 39.77 30.02 30.80
N GLY A 134 39.70 30.09 32.13
CA GLY A 134 38.66 29.41 32.86
C GLY A 134 38.63 29.85 34.31
N ALA A 135 37.56 29.55 35.02
CA ALA A 135 37.56 29.81 36.46
C ALA A 135 38.62 28.93 37.12
N ARG A 136 39.43 29.53 38.01
CA ARG A 136 40.54 28.84 38.66
C ARG A 136 40.07 27.55 39.30
N ILE A 137 40.92 26.52 39.25
CA ILE A 137 40.50 25.21 39.74
C ILE A 137 41.28 24.80 41.00
N PHE A 138 40.63 23.99 41.84
CA PHE A 138 41.21 23.50 43.06
C PHE A 138 41.15 22.00 43.12
N ALA A 139 40.00 21.41 42.87
CA ALA A 139 39.99 20.02 42.36
C ALA A 139 40.47 18.90 43.31
N ALA A 140 39.53 18.42 44.12
CA ALA A 140 39.75 17.27 45.00
C ALA A 140 40.24 16.02 44.30
N GLY A 141 40.05 15.95 42.98
CA GLY A 141 40.31 14.73 42.23
C GLY A 141 39.03 13.94 42.28
N THR A 142 39.11 12.62 42.26
CA THR A 142 37.90 11.81 42.39
C THR A 142 37.54 11.80 43.86
N ILE A 143 36.42 11.16 44.19
CA ILE A 143 36.02 11.07 45.59
C ILE A 143 36.41 9.68 45.98
N VAL A 144 37.11 9.52 47.06
CA VAL A 144 37.51 8.19 47.44
C VAL A 144 36.35 7.30 47.94
N GLY A 145 36.40 6.07 47.49
CA GLY A 145 35.40 5.02 47.75
C GLY A 145 34.37 4.81 46.61
N MET A 146 34.36 5.73 45.65
CA MET A 146 33.54 5.61 44.49
C MET A 146 34.40 5.37 43.27
N GLY A 147 33.99 4.35 42.51
CA GLY A 147 34.71 3.92 41.35
C GLY A 147 34.19 4.63 40.13
N GLY A 148 34.55 4.10 38.98
CA GLY A 148 34.44 4.82 37.72
C GLY A 148 33.01 5.15 37.36
N PRO A 149 32.79 5.95 36.27
CA PRO A 149 31.42 6.33 36.05
C PRO A 149 30.61 5.31 35.31
N PHE A 150 31.21 4.17 35.02
CA PHE A 150 30.52 3.04 34.44
C PHE A 150 30.35 2.01 35.51
N SER A 151 30.28 2.38 36.74
CA SER A 151 30.08 1.40 37.72
C SER A 151 28.81 1.68 38.46
N ALA A 152 28.57 0.96 39.54
CA ALA A 152 27.56 1.35 40.52
C ALA A 152 27.88 2.75 40.92
N ASP A 153 26.94 3.49 41.44
CA ASP A 153 27.19 4.89 41.73
C ASP A 153 27.09 5.73 40.52
N PHE A 154 27.21 5.17 39.32
CA PHE A 154 27.03 5.98 38.13
C PHE A 154 26.27 5.27 37.06
N HIS A 155 26.58 5.54 35.80
CA HIS A 155 25.80 4.99 34.74
C HIS A 155 25.68 3.49 34.86
N PHE A 156 24.44 3.05 35.02
CA PHE A 156 24.03 1.71 34.72
C PHE A 156 22.81 1.90 33.83
N ALA A 157 22.54 0.99 32.89
CA ALA A 157 23.40 -0.17 32.68
C ALA A 157 24.76 0.11 32.14
N GLY A 158 24.83 0.84 31.05
CA GLY A 158 26.09 1.40 30.62
C GLY A 158 27.17 0.36 30.42
N ARG A 159 27.56 -0.23 31.52
CA ARG A 159 28.75 -1.05 31.62
C ARG A 159 28.75 -2.24 30.69
N THR A 160 27.61 -2.86 30.51
CA THR A 160 27.52 -4.06 29.69
C THR A 160 27.11 -3.70 28.27
N ALA A 161 26.79 -2.45 28.05
CA ALA A 161 26.28 -2.01 26.74
C ALA A 161 27.33 -1.30 25.90
N ALA A 162 28.59 -1.38 26.31
CA ALA A 162 29.72 -0.82 25.57
C ALA A 162 30.93 -1.79 25.66
N THR A 163 32.03 -1.45 25.02
CA THR A 163 33.20 -2.34 25.11
C THR A 163 33.67 -2.43 26.56
N ARG A 164 34.34 -3.50 26.91
CA ARG A 164 34.91 -3.64 28.23
C ARG A 164 36.24 -2.94 28.36
N THR A 165 36.83 -2.58 27.24
CA THR A 165 38.06 -1.78 27.25
C THR A 165 37.80 -0.30 27.60
N PHE A 166 36.86 0.30 26.86
CA PHE A 166 36.49 1.70 27.06
C PHE A 166 35.92 1.89 28.44
N VAL A 167 35.12 0.93 28.88
CA VAL A 167 34.63 0.91 30.25
C VAL A 167 35.79 0.80 31.26
N ASP A 168 36.76 -0.06 30.97
CA ASP A 168 37.91 -0.22 31.86
C ASP A 168 38.93 0.92 31.75
N ARG A 169 39.18 1.42 30.55
CA ARG A 169 40.11 2.55 30.40
C ARG A 169 39.61 3.81 31.13
N ILE A 170 38.37 4.16 30.87
CA ILE A 170 37.75 5.34 31.45
C ILE A 170 37.57 5.20 32.95
N ASP A 171 37.03 4.06 33.41
CA ASP A 171 36.85 3.81 34.82
C ASP A 171 38.15 4.08 35.58
N SER A 172 39.21 3.36 35.23
CA SER A 172 40.51 3.52 35.86
C SER A 172 40.97 4.96 36.00
N MET A 173 40.75 5.73 34.93
CA MET A 173 41.20 7.11 34.82
C MET A 173 40.70 7.99 35.93
N PHE A 174 39.51 7.66 36.45
CA PHE A 174 38.93 8.38 37.58
C PHE A 174 39.46 7.82 38.87
N GLU A 175 39.24 6.52 39.02
CA GLU A 175 39.45 5.80 40.27
C GLU A 175 40.83 5.99 40.86
N ALA A 176 41.81 6.31 40.03
CA ALA A 176 43.04 6.94 40.51
C ALA A 176 43.83 6.07 41.51
N GLY A 177 43.36 4.84 41.69
CA GLY A 177 43.81 4.00 42.78
C GLY A 177 42.81 3.92 43.91
N VAL A 178 41.73 4.70 43.78
CA VAL A 178 40.76 4.87 44.88
C VAL A 178 39.32 4.52 44.50
N GLY A 179 38.49 4.36 45.50
CA GLY A 179 37.12 3.92 45.26
C GLY A 179 37.15 2.43 45.20
N HIS A 180 35.96 1.84 45.14
CA HIS A 180 35.72 0.41 45.11
C HIS A 180 36.59 -0.37 46.08
N GLN A 181 37.67 -0.95 45.61
CA GLN A 181 38.40 -1.99 46.31
C GLN A 181 38.79 -1.62 47.73
N LEU A 182 39.13 -0.34 47.89
CA LEU A 182 39.39 0.17 49.23
C LEU A 182 38.48 -0.51 50.23
N SER A 183 37.27 -0.80 49.78
CA SER A 183 36.34 -1.68 50.50
C SER A 183 36.98 -3.00 50.92
N LEU A 184 37.81 -3.57 50.06
CA LEU A 184 38.33 -4.91 50.24
C LEU A 184 39.43 -5.05 51.29
N LEU A 185 40.26 -4.01 51.43
CA LEU A 185 41.64 -4.18 51.92
C LEU A 185 41.80 -3.51 53.27
N PRO A 186 42.73 -4.01 54.09
CA PRO A 186 42.95 -3.54 55.46
C PRO A 186 43.15 -2.04 55.58
N ARG A 187 42.76 -1.47 56.72
CA ARG A 187 43.01 -0.07 57.01
C ARG A 187 44.47 0.29 56.83
N LYS A 188 45.34 -0.69 57.08
CA LYS A 188 46.78 -0.48 57.03
C LYS A 188 47.27 -0.30 55.62
N GLU A 189 46.77 -1.06 54.66
CA GLU A 189 47.13 -0.82 53.26
C GLU A 189 46.05 -0.02 52.50
N VAL A 190 44.98 0.35 53.17
CA VAL A 190 44.10 1.39 52.62
C VAL A 190 44.83 2.69 52.81
N ARG A 191 45.38 2.86 54.03
CA ARG A 191 46.19 4.01 54.43
C ARG A 191 47.26 4.36 53.40
N ALA A 192 48.20 3.44 53.18
CA ALA A 192 49.30 3.66 52.26
C ALA A 192 48.79 4.04 50.88
N ARG A 193 47.71 3.39 50.45
CA ARG A 193 47.18 3.63 49.11
C ARG A 193 46.58 5.04 48.99
N VAL A 194 46.24 5.64 50.13
CA VAL A 194 45.79 7.02 50.14
C VAL A 194 46.99 7.97 50.02
N ARG A 195 48.08 7.65 50.71
CA ARG A 195 49.28 8.47 50.68
C ARG A 195 49.79 8.69 49.28
N ASP A 196 49.80 7.65 48.47
CA ASP A 196 50.24 7.78 47.09
C ASP A 196 49.36 8.78 46.36
N TYR A 197 48.07 8.77 46.66
CA TYR A 197 47.09 9.54 45.92
C TYR A 197 47.27 11.03 45.96
N LEU A 198 47.49 11.57 47.16
CA LEU A 198 47.66 12.99 47.31
C LEU A 198 48.95 13.44 46.61
N SER A 199 49.91 12.52 46.54
CA SER A 199 51.24 12.82 46.06
C SER A 199 51.23 13.75 44.87
N ARG A 200 50.17 13.74 44.09
CA ARG A 200 50.13 14.58 42.92
C ARG A 200 49.57 15.94 43.27
N GLY A 201 49.06 16.07 44.49
CA GLY A 201 48.61 17.38 44.96
C GLY A 201 47.20 17.82 44.60
N VAL A 202 46.24 16.88 44.50
CA VAL A 202 44.86 17.29 44.49
C VAL A 202 44.73 18.26 45.68
N ASP A 203 43.94 19.31 45.52
CA ASP A 203 43.94 20.37 46.52
C ASP A 203 42.99 20.16 47.68
N MET A 204 42.25 19.06 47.68
CA MET A 204 41.50 18.68 48.87
C MET A 204 41.19 17.16 48.83
N LEU A 205 40.57 16.64 49.88
CA LEU A 205 40.20 15.23 49.93
C LEU A 205 38.72 15.02 50.21
N LYS A 206 38.06 14.31 49.31
CA LYS A 206 36.67 13.96 49.52
C LYS A 206 36.58 12.47 49.59
N ILE A 207 35.77 12.00 50.53
CA ILE A 207 35.65 10.59 50.80
C ILE A 207 34.19 10.27 51.01
N ALA A 208 33.67 9.28 50.31
CA ALA A 208 32.26 9.00 50.36
C ALA A 208 31.94 8.09 51.54
N VAL A 209 31.34 8.68 52.57
CA VAL A 209 31.11 7.98 53.83
C VAL A 209 29.89 7.07 53.67
N SER A 210 28.96 7.46 52.80
CA SER A 210 27.87 6.64 52.36
C SER A 210 27.95 6.40 50.86
N ASP A 211 27.28 5.37 50.36
CA ASP A 211 27.45 4.93 48.98
C ASP A 211 26.80 5.84 47.95
N HIS A 212 27.32 5.85 46.74
CA HIS A 212 26.62 6.43 45.59
C HIS A 212 25.83 5.32 44.89
N ILE A 213 24.59 5.13 45.28
CA ILE A 213 23.73 4.17 44.57
C ILE A 213 22.24 4.58 44.69
N VAL A 214 21.92 5.68 44.02
CA VAL A 214 20.56 6.07 43.77
C VAL A 214 19.98 5.06 42.76
N PHE A 215 20.82 4.58 41.85
CA PHE A 215 20.33 3.79 40.76
C PHE A 215 20.58 2.26 40.81
N THR A 216 20.91 1.70 41.96
CA THR A 216 20.60 0.28 42.24
C THR A 216 19.20 0.23 42.85
N LEU A 217 18.66 1.39 43.20
CA LEU A 217 17.29 1.45 43.61
C LEU A 217 16.64 2.35 42.64
N VAL A 218 15.77 1.78 41.83
CA VAL A 218 15.07 2.57 40.84
C VAL A 218 13.60 2.20 40.89
N ASP A 219 13.01 2.45 42.05
CA ASP A 219 11.63 2.20 42.22
C ASP A 219 10.98 3.53 42.53
N ARG A 220 10.08 3.96 41.64
CA ARG A 220 9.04 4.92 41.96
C ARG A 220 8.22 4.10 42.93
N SER A 221 7.40 4.72 43.75
CA SER A 221 6.61 3.98 44.74
C SER A 221 7.43 3.74 45.98
N VAL A 222 8.11 2.60 46.09
CA VAL A 222 8.79 2.27 47.35
C VAL A 222 9.72 3.40 47.61
N GLY A 223 10.35 3.85 46.52
CA GLY A 223 11.21 5.06 46.54
C GLY A 223 12.56 4.89 47.21
N PHE A 224 12.81 5.76 48.17
CA PHE A 224 14.14 5.86 48.75
C PHE A 224 14.22 4.94 49.94
N ASP A 225 14.99 3.87 49.76
CA ASP A 225 15.44 3.01 50.83
C ASP A 225 16.70 2.36 50.35
N ARG A 226 17.51 1.81 51.28
CA ARG A 226 18.81 1.24 50.91
C ARG A 226 19.85 2.34 50.94
N SER A 227 20.60 2.40 52.02
CA SER A 227 21.82 3.22 52.05
C SER A 227 22.95 2.42 52.66
N TYR A 228 24.19 2.79 52.35
CA TYR A 228 25.34 2.06 52.87
C TYR A 228 26.43 3.01 53.31
N GLN A 229 27.43 2.50 54.01
CA GLN A 229 28.68 3.25 54.28
C GLN A 229 29.86 2.53 53.67
N THR A 230 30.66 3.25 52.88
CA THR A 230 31.75 2.62 52.16
C THR A 230 32.91 2.23 53.08
N PHE A 231 32.93 2.78 54.30
CA PHE A 231 34.02 2.51 55.22
C PHE A 231 33.61 2.45 56.67
N SER A 232 34.17 1.46 57.37
CA SER A 232 34.17 1.41 58.84
C SER A 232 34.95 2.61 59.39
N ARG A 233 34.66 2.98 60.62
CA ARG A 233 35.17 4.21 61.22
C ARG A 233 36.68 4.30 61.26
N PRO A 234 37.36 3.19 61.57
CA PRO A 234 38.84 3.27 61.59
C PRO A 234 39.44 3.63 60.23
N VAL A 235 38.82 3.15 59.16
CA VAL A 235 39.32 3.44 57.82
C VAL A 235 39.09 4.93 57.50
N LEU A 236 37.91 5.46 57.87
CA LEU A 236 37.65 6.90 57.73
C LEU A 236 38.66 7.70 58.54
N GLU A 237 38.95 7.19 59.74
CA GLU A 237 39.92 7.79 60.65
C GLU A 237 41.29 7.90 59.98
N VAL A 238 41.80 6.77 59.56
CA VAL A 238 43.11 6.62 58.95
C VAL A 238 43.17 7.48 57.70
N MET A 239 42.09 7.52 56.94
CA MET A 239 42.02 8.32 55.74
C MET A 239 42.11 9.75 56.02
N VAL A 240 41.48 10.14 57.11
CA VAL A 240 41.36 11.53 57.56
C VAL A 240 42.64 12.20 57.97
N GLU A 241 43.48 11.51 58.70
CA GLU A 241 44.78 12.04 59.10
C GLU A 241 45.75 12.29 57.98
N GLU A 242 45.80 11.42 57.01
CA GLU A 242 46.69 11.59 55.90
C GLU A 242 46.29 12.84 55.23
N ALA A 243 44.99 13.04 55.15
CA ALA A 243 44.42 14.24 54.57
C ALA A 243 44.86 15.46 55.36
N ARG A 244 45.06 15.28 56.67
CA ARG A 244 45.65 16.33 57.49
C ARG A 244 47.17 16.46 57.26
N ALA A 245 47.87 15.34 57.23
CA ALA A 245 49.33 15.33 57.07
C ALA A 245 49.74 16.05 55.80
N ALA A 246 48.88 15.98 54.79
CA ALA A 246 49.08 16.68 53.53
C ALA A 246 48.65 18.12 53.61
N GLY A 247 47.64 18.41 54.40
CA GLY A 247 47.12 19.79 54.52
C GLY A 247 46.12 20.12 53.43
N VAL A 248 45.37 19.12 53.00
CA VAL A 248 44.28 19.31 52.07
C VAL A 248 42.98 19.27 52.87
N PRO A 249 42.09 20.25 52.64
CA PRO A 249 40.80 20.22 53.33
C PRO A 249 40.08 18.90 53.04
N VAL A 250 39.45 18.29 54.02
CA VAL A 250 38.75 17.06 53.74
C VAL A 250 37.24 17.33 53.71
N LEU A 251 36.59 16.83 52.65
CA LEU A 251 35.17 17.08 52.46
C LEU A 251 34.48 15.72 52.45
N THR A 252 33.20 15.72 52.78
CA THR A 252 32.50 14.49 53.07
C THR A 252 31.26 14.38 52.20
N HIS A 253 31.05 13.18 51.67
CA HIS A 253 29.82 12.88 50.95
C HIS A 253 28.97 12.04 51.88
N SER A 254 27.85 12.58 52.33
CA SER A 254 26.99 11.83 53.24
C SER A 254 25.53 11.89 52.83
N VAL A 255 24.88 10.73 52.69
CA VAL A 255 23.47 10.64 52.34
C VAL A 255 22.56 9.92 53.37
N SER A 256 23.09 9.51 54.53
CA SER A 256 22.24 8.90 55.55
C SER A 256 22.19 9.81 56.79
N VAL A 257 21.27 9.56 57.70
CA VAL A 257 21.20 10.34 58.96
C VAL A 257 22.44 10.00 59.83
N GLU A 258 22.98 8.78 59.66
CA GLU A 258 24.37 8.43 60.04
C GLU A 258 25.24 9.00 58.91
N ALA A 259 26.49 8.59 58.70
CA ALA A 259 27.29 9.30 57.67
C ALA A 259 27.38 10.72 58.14
N LEU A 260 26.46 11.58 57.74
CA LEU A 260 26.38 12.95 58.27
C LEU A 260 26.75 12.97 59.75
N ASP A 261 26.02 12.28 60.60
CA ASP A 261 26.48 12.18 62.01
C ASP A 261 27.90 11.60 62.21
N THR A 262 28.38 10.79 61.28
CA THR A 262 29.78 10.31 61.31
C THR A 262 30.76 11.39 60.77
N SER A 263 30.32 12.14 59.76
CA SER A 263 31.14 13.15 59.09
C SER A 263 31.51 14.33 60.00
N VAL A 264 30.56 14.80 60.83
CA VAL A 264 30.85 15.87 61.78
C VAL A 264 31.73 15.32 62.88
N GLU A 265 31.58 14.05 63.20
CA GLU A 265 32.37 13.43 64.27
C GLU A 265 33.83 13.50 63.92
N LEU A 266 34.11 13.27 62.62
CA LEU A 266 35.47 13.26 62.13
C LEU A 266 36.02 14.67 62.04
N GLY A 267 35.19 15.59 61.60
CA GLY A 267 35.68 16.97 61.37
C GLY A 267 36.09 17.28 59.94
N ALA A 268 35.49 16.57 59.00
CA ALA A 268 35.48 17.07 57.62
C ALA A 268 34.96 18.50 57.63
N ASP A 269 35.72 19.41 57.07
CA ASP A 269 35.38 20.84 57.08
C ASP A 269 34.07 21.09 56.38
N VAL A 270 34.01 20.65 55.14
CA VAL A 270 32.82 20.72 54.33
C VAL A 270 32.04 19.42 54.42
N LEU A 271 30.76 19.46 54.66
CA LEU A 271 29.96 18.28 54.47
C LEU A 271 29.18 18.46 53.21
N ILE A 272 29.41 17.62 52.19
CA ILE A 272 28.69 17.78 50.95
C ILE A 272 27.49 16.84 51.02
N HIS A 273 26.36 17.33 50.53
CA HIS A 273 25.12 16.58 50.55
C HIS A 273 24.64 16.51 51.99
N ALA A 274 24.66 17.65 52.67
CA ALA A 274 24.33 17.66 54.08
C ALA A 274 22.88 17.61 54.32
N ASN A 275 22.11 18.23 53.47
CA ASN A 275 20.64 18.25 53.66
C ASN A 275 19.95 17.00 53.12
N TYR A 276 20.73 16.10 52.57
CA TYR A 276 20.15 14.90 51.96
C TYR A 276 20.22 13.76 52.96
N THR A 277 19.09 13.49 53.58
CA THR A 277 18.98 12.42 54.55
C THR A 277 18.43 11.18 53.87
N LEU A 278 18.17 11.26 52.58
CA LEU A 278 17.54 10.18 51.88
C LEU A 278 16.31 9.68 52.62
N GLY A 279 15.34 10.57 52.83
CA GLY A 279 14.03 10.15 53.33
C GLY A 279 13.73 10.53 54.77
N GLN A 280 14.71 11.07 55.51
CA GLN A 280 14.53 11.44 56.88
C GLN A 280 15.03 12.85 57.13
N GLU A 281 14.53 13.48 58.18
CA GLU A 281 14.77 14.89 58.46
C GLU A 281 15.73 14.99 59.61
N ILE A 282 16.82 15.70 59.38
CA ILE A 282 17.90 15.74 60.34
C ILE A 282 17.27 15.90 61.72
N PRO A 283 17.71 15.08 62.66
CA PRO A 283 17.20 15.18 64.00
C PRO A 283 17.62 16.46 64.70
N ASN A 284 16.72 17.08 65.44
CA ASN A 284 17.12 18.05 66.45
C ASN A 284 18.10 17.30 67.27
N TYR A 285 19.11 17.98 67.70
CA TYR A 285 20.21 17.36 68.41
C TYR A 285 21.30 17.10 67.43
N LEU A 286 20.96 16.98 66.14
CA LEU A 286 22.00 16.84 65.14
C LEU A 286 22.22 18.16 64.49
N ILE A 287 21.16 18.96 64.34
CA ILE A 287 21.35 20.28 63.79
C ILE A 287 22.10 21.16 64.80
N ASP A 288 21.85 20.89 66.09
CA ASP A 288 22.55 21.59 67.15
C ASP A 288 23.81 20.88 67.60
N LYS A 289 23.97 19.67 67.06
CA LYS A 289 25.27 19.02 67.02
C LYS A 289 26.09 19.69 65.95
N ILE A 290 25.51 19.93 64.77
CA ILE A 290 26.29 20.47 63.64
C ILE A 290 26.82 21.85 64.01
N VAL A 291 26.00 22.70 64.61
CA VAL A 291 26.39 24.08 64.78
C VAL A 291 27.56 24.18 65.74
N ALA A 292 27.58 23.38 66.79
CA ALA A 292 28.74 23.34 67.69
C ALA A 292 29.93 22.85 66.95
N SER A 293 29.68 21.85 66.08
CA SER A 293 30.70 21.06 65.39
C SER A 293 31.58 21.94 64.51
N ASP A 294 31.02 23.04 63.99
CA ASP A 294 31.84 24.05 63.34
C ASP A 294 32.22 23.70 61.90
N SER A 295 31.68 22.62 61.37
CA SER A 295 31.94 22.24 59.99
C SER A 295 31.00 23.06 59.11
N TRP A 296 31.34 23.22 57.84
CA TRP A 296 30.58 24.11 56.95
C TRP A 296 29.61 23.26 56.22
N ALA A 297 28.33 23.68 56.23
CA ALA A 297 27.31 22.91 55.55
C ALA A 297 26.95 23.48 54.20
N GLY A 298 27.34 22.77 53.15
CA GLY A 298 26.81 23.02 51.80
C GLY A 298 25.41 22.42 51.68
N LEU A 299 24.44 23.24 51.26
CA LEU A 299 23.11 22.74 50.99
C LEU A 299 22.75 22.91 49.52
N GLN A 300 22.24 21.83 48.91
CA GLN A 300 21.78 21.90 47.52
C GLN A 300 20.29 22.15 47.49
N THR A 301 19.89 23.27 46.91
CA THR A 301 18.53 23.81 47.07
C THR A 301 17.83 23.98 45.76
N VAL A 302 16.50 24.11 45.81
CA VAL A 302 15.73 24.38 44.61
C VAL A 302 14.70 25.50 44.81
N HIS A 303 14.27 26.11 43.72
CA HIS A 303 13.07 26.97 43.70
C HIS A 303 11.91 26.11 44.14
N ASP A 304 10.92 26.73 44.74
CA ASP A 304 9.62 26.08 44.82
C ASP A 304 9.08 26.02 43.39
N GLN A 305 9.52 27.00 42.61
CA GLN A 305 9.18 27.14 41.20
C GLN A 305 9.62 25.96 40.34
N HIS A 306 10.81 25.45 40.63
CA HIS A 306 11.31 24.28 39.94
C HIS A 306 10.63 23.01 40.49
N ARG A 307 10.46 22.95 41.81
CA ARG A 307 9.94 21.76 42.44
C ARG A 307 8.52 21.40 42.00
N GLN A 308 7.61 22.34 41.96
CA GLN A 308 6.31 22.11 41.33
C GLN A 308 6.56 21.73 39.87
N GLY A 309 7.33 22.55 39.16
CA GLY A 309 7.69 22.27 37.78
C GLY A 309 8.24 20.86 37.65
N LEU A 310 9.27 20.54 38.42
CA LEU A 310 9.91 19.22 38.40
C LEU A 310 8.91 18.09 38.58
N GLU A 311 8.08 18.23 39.62
CA GLU A 311 7.17 17.17 40.04
C GLU A 311 6.01 16.99 39.05
N ASP A 312 5.76 18.04 38.26
CA ASP A 312 4.67 18.09 37.28
C ASP A 312 5.16 17.53 35.94
N VAL A 313 6.36 16.95 35.98
CA VAL A 313 7.04 16.33 34.86
C VAL A 313 7.09 14.79 34.99
N GLY A 314 7.51 14.25 36.15
CA GLY A 314 8.02 12.84 36.22
C GLY A 314 9.54 12.85 36.13
N SER A 315 10.14 13.64 37.04
CA SER A 315 11.53 14.14 36.93
C SER A 315 12.62 13.45 37.77
N TRP A 316 12.31 12.41 38.53
CA TRP A 316 13.31 11.50 39.16
C TRP A 316 14.24 12.18 40.15
N ALA A 317 14.37 13.51 40.05
CA ALA A 317 14.98 14.33 41.10
C ALA A 317 13.89 14.94 41.98
N ALA A 318 12.65 14.86 41.53
CA ALA A 318 11.54 15.57 42.13
C ALA A 318 11.40 15.30 43.62
N ALA A 319 11.65 14.05 44.00
CA ALA A 319 11.78 13.65 45.42
C ALA A 319 12.84 14.51 46.15
N LEU A 320 13.94 14.76 45.45
CA LEU A 320 15.05 15.53 46.02
C LEU A 320 14.71 16.96 46.36
N ALA A 321 13.83 17.57 45.57
CA ALA A 321 13.28 18.88 45.90
C ALA A 321 12.33 18.86 47.12
N GLY A 322 11.43 17.89 47.14
CA GLY A 322 10.40 17.85 48.19
C GLY A 322 10.77 17.05 49.43
N GLU A 323 9.77 16.84 50.29
CA GLU A 323 9.94 15.92 51.41
C GLU A 323 10.76 16.59 52.47
N PRO A 324 11.45 15.79 53.35
CA PRO A 324 12.41 16.53 54.16
C PRO A 324 13.52 16.97 53.25
N TYR A 325 13.79 16.21 52.22
CA TYR A 325 15.01 16.55 51.43
C TYR A 325 15.17 18.07 51.37
N ALA A 326 14.05 18.76 51.15
CA ALA A 326 13.90 20.22 51.24
C ALA A 326 13.75 20.88 52.62
N THR A 327 12.94 20.21 53.43
CA THR A 327 12.34 20.77 54.63
C THR A 327 13.41 20.84 55.71
N ASN A 328 14.62 20.42 55.28
CA ASN A 328 15.79 20.26 56.12
C ASN A 328 16.72 21.47 56.11
N GLU A 329 17.00 21.99 54.93
CA GLU A 329 17.87 23.15 54.79
C GLU A 329 17.25 24.21 55.65
N ARG A 330 15.93 24.26 55.64
CA ARG A 330 15.19 25.24 56.41
C ARG A 330 15.53 25.13 57.89
N ASN A 331 15.58 23.91 58.41
CA ASN A 331 15.90 23.75 59.82
C ASN A 331 17.41 23.92 60.08
N LEU A 332 18.25 23.90 59.03
CA LEU A 332 19.67 24.17 59.22
C LEU A 332 20.11 25.62 59.07
N ILE A 333 19.34 26.46 58.42
CA ILE A 333 19.85 27.80 58.09
C ILE A 333 19.75 28.68 59.34
N SER A 334 18.68 28.40 60.10
CA SER A 334 18.17 29.26 61.14
C SER A 334 18.74 28.92 62.52
N ALA A 335 19.61 27.91 62.60
CA ALA A 335 20.26 27.56 63.84
C ALA A 335 21.51 28.42 63.94
N ASN A 336 21.60 29.39 63.01
CA ASN A 336 22.78 30.21 62.79
C ASN A 336 23.90 29.30 62.36
N ALA A 337 23.57 28.41 61.43
CA ALA A 337 24.55 27.47 60.89
C ALA A 337 25.16 27.98 59.59
N LYS A 338 26.44 27.68 59.42
CA LYS A 338 27.17 28.03 58.21
C LYS A 338 26.49 27.43 57.00
N ILE A 339 26.52 28.15 55.88
CA ILE A 339 26.13 27.54 54.62
C ILE A 339 27.20 27.77 53.55
N LEU A 340 27.41 26.74 52.75
CA LEU A 340 28.40 26.74 51.68
C LEU A 340 27.64 26.70 50.36
N LEU A 341 28.18 27.32 49.31
CA LEU A 341 27.50 27.22 48.04
C LEU A 341 27.79 25.84 47.46
N ASN A 342 26.75 25.01 47.38
CA ASN A 342 26.91 23.65 46.89
C ASN A 342 25.88 23.32 45.82
N THR A 343 26.34 23.12 44.59
CA THR A 343 25.56 22.42 43.57
C THR A 343 26.48 21.52 42.79
N ASP A 344 26.29 20.22 42.84
CA ASP A 344 26.90 19.37 41.80
C ASP A 344 26.34 19.93 40.48
N ALA A 345 27.23 20.19 39.53
CA ALA A 345 26.88 20.93 38.34
C ALA A 345 28.01 21.00 37.36
N GLY A 346 27.65 21.34 36.14
CA GLY A 346 28.60 21.40 35.02
C GLY A 346 27.81 21.59 33.75
N CYS A 347 28.39 21.23 32.63
CA CYS A 347 27.69 21.30 31.36
C CYS A 347 27.39 19.88 30.86
N PRO A 348 26.12 19.50 30.79
CA PRO A 348 25.70 18.27 30.17
C PRO A 348 25.74 18.40 28.64
N SER A 349 25.83 17.25 27.97
CA SER A 349 25.79 17.17 26.53
C SER A 349 24.52 17.79 26.00
N LYS A 350 24.59 18.39 24.81
CA LYS A 350 23.42 18.94 24.18
C LYS A 350 22.28 17.91 24.03
N ASP A 351 22.62 16.62 23.98
CA ASP A 351 21.60 15.56 23.84
C ASP A 351 20.94 15.17 25.18
N HIS A 352 21.66 15.33 26.26
CA HIS A 352 21.15 15.04 27.58
C HIS A 352 20.00 15.97 27.89
N LEU A 353 20.16 17.23 27.52
CA LEU A 353 19.16 18.27 27.77
C LEU A 353 17.95 18.10 26.86
N ALA A 354 18.18 17.64 25.63
CA ALA A 354 17.14 17.59 24.61
C ALA A 354 16.00 16.70 24.94
N ASP A 355 16.26 15.65 25.73
CA ASP A 355 15.21 14.72 26.12
C ASP A 355 14.20 15.42 27.01
N LEU A 356 14.73 16.16 28.01
CA LEU A 356 13.90 16.72 29.06
C LEU A 356 12.86 17.74 28.55
N SER A 357 11.80 17.89 29.35
CA SER A 357 10.77 18.90 29.12
C SER A 357 11.41 20.27 29.15
N PRO A 358 10.79 21.25 28.46
CA PRO A 358 11.32 22.63 28.52
C PRO A 358 11.17 23.22 29.93
N VAL A 359 10.21 22.69 30.67
CA VAL A 359 10.07 22.99 32.10
C VAL A 359 11.39 22.69 32.82
N GLU A 360 11.90 21.49 32.63
CA GLU A 360 13.08 21.01 33.35
C GLU A 360 14.38 21.70 32.98
N ARG A 361 14.51 22.16 31.73
CA ARG A 361 15.82 22.65 31.23
C ARG A 361 16.03 24.16 31.36
N GLU A 362 15.03 24.85 31.91
CA GLU A 362 15.17 26.27 32.19
C GLU A 362 15.45 26.41 33.68
N ASP A 363 16.40 27.29 34.01
CA ASP A 363 16.78 27.57 35.38
C ASP A 363 17.19 26.28 36.08
N ARG A 364 17.88 25.40 35.37
CA ARG A 364 18.26 24.12 35.91
C ARG A 364 19.44 24.25 36.84
N PRO A 365 19.26 23.83 38.11
CA PRO A 365 20.23 24.05 39.19
C PRO A 365 21.55 23.39 38.91
N TRP A 366 21.48 22.24 38.24
CA TRP A 366 22.66 21.39 38.05
C TRP A 366 23.46 21.81 36.81
N THR A 367 23.06 22.89 36.16
CA THR A 367 23.79 23.44 35.02
C THR A 367 24.64 24.66 35.43
N ILE A 368 25.90 24.61 35.05
CA ILE A 368 26.91 25.51 35.53
C ILE A 368 26.68 26.99 35.14
N GLY A 369 25.72 27.23 34.26
CA GLY A 369 25.33 28.60 33.92
C GLY A 369 24.44 29.29 34.94
N ASN A 370 23.33 28.63 35.33
CA ASN A 370 22.43 29.19 36.34
C ASN A 370 22.79 28.74 37.74
N ASP A 371 23.73 27.80 37.84
CA ASP A 371 23.84 26.92 39.01
C ASP A 371 23.87 27.69 40.32
N HIS A 372 24.71 28.71 40.37
CA HIS A 372 24.83 29.52 41.57
C HIS A 372 23.59 30.41 41.72
N PHE A 373 23.18 31.05 40.63
CA PHE A 373 22.06 31.98 40.64
C PHE A 373 20.78 31.35 41.19
N HIS A 374 20.42 30.23 40.63
CA HIS A 374 19.24 29.55 41.07
C HIS A 374 19.48 29.30 42.54
N TRP A 375 20.69 28.93 42.88
CA TRP A 375 21.01 28.52 44.23
C TRP A 375 20.92 29.66 45.19
N THR A 376 21.45 30.78 44.78
CA THR A 376 21.53 31.91 45.66
C THR A 376 20.14 32.36 46.01
N GLN A 377 19.27 32.44 45.00
CA GLN A 377 17.89 32.88 45.18
C GLN A 377 17.13 32.01 46.17
N SER A 378 17.36 30.71 46.08
CA SER A 378 16.63 29.77 46.92
C SER A 378 17.19 29.68 48.33
N MET A 379 18.26 30.41 48.63
CA MET A 379 18.69 30.55 50.02
C MET A 379 17.88 31.59 50.74
N VAL A 380 17.62 32.69 50.06
CA VAL A 380 16.77 33.78 50.58
C VAL A 380 15.34 33.28 50.69
N GLU A 381 15.02 32.27 49.87
CA GLU A 381 13.73 31.62 49.90
C GLU A 381 13.63 30.69 51.12
N LYS A 382 14.78 30.25 51.62
CA LYS A 382 14.83 29.41 52.83
C LYS A 382 15.28 30.15 54.11
N GLY A 383 15.40 31.47 54.05
CA GLY A 383 15.74 32.26 55.25
C GLY A 383 17.13 32.87 55.43
N MET A 384 17.96 32.88 54.39
CA MET A 384 19.24 33.59 54.44
C MET A 384 18.99 35.07 54.21
N SER A 385 19.98 35.90 54.59
CA SER A 385 19.93 37.34 54.33
C SER A 385 20.82 37.63 53.14
N PRO A 386 20.22 38.21 52.09
CA PRO A 386 21.00 38.43 50.87
C PRO A 386 22.38 39.04 51.14
N LEU A 387 22.59 39.61 52.33
CA LEU A 387 23.92 39.93 52.81
C LEU A 387 24.72 38.67 53.11
N GLU A 388 24.07 37.70 53.78
CA GLU A 388 24.72 36.42 54.11
C GLU A 388 24.61 35.39 52.97
N ALA A 389 23.66 35.58 52.05
CA ALA A 389 23.51 34.67 50.92
C ALA A 389 24.50 35.06 49.83
N ILE A 390 24.67 36.38 49.63
CA ILE A 390 25.64 36.91 48.67
C ILE A 390 27.04 36.43 49.03
N SER A 391 27.32 36.34 50.32
CA SER A 391 28.61 35.90 50.82
C SER A 391 28.68 34.39 50.80
N ALA A 392 27.54 33.71 50.97
CA ALA A 392 27.47 32.26 51.00
C ALA A 392 28.11 31.65 49.77
N ALA A 393 28.15 32.43 48.69
CA ALA A 393 28.86 32.05 47.48
C ALA A 393 30.31 32.54 47.44
N THR A 394 30.74 33.32 48.42
CA THR A 394 32.07 33.91 48.37
C THR A 394 33.02 33.59 49.54
N ILE A 395 32.80 34.19 50.69
CA ILE A 395 33.79 34.09 51.77
C ILE A 395 33.71 32.75 52.44
N ASN A 396 32.51 32.19 52.54
CA ASN A 396 32.35 30.84 53.07
C ASN A 396 33.18 29.82 52.29
N VAL A 397 32.83 29.65 51.01
CA VAL A 397 33.57 28.75 50.10
C VAL A 397 35.07 29.05 50.13
N ALA A 398 35.42 30.32 50.31
CA ALA A 398 36.80 30.68 50.50
C ALA A 398 37.31 30.21 51.85
N ARG A 399 36.60 30.61 52.91
CA ARG A 399 36.99 30.28 54.26
C ARG A 399 36.99 28.76 54.47
N ALA A 400 36.09 28.07 53.79
CA ALA A 400 35.89 26.61 53.98
C ALA A 400 37.13 25.81 53.60
N TYR A 401 37.81 26.20 52.53
CA TYR A 401 38.97 25.45 52.04
C TYR A 401 40.32 26.01 52.52
N GLY A 402 40.31 27.12 53.23
CA GLY A 402 41.55 27.74 53.67
C GLY A 402 42.14 28.65 52.62
N LYS A 403 41.33 29.02 51.62
CA LYS A 403 41.76 29.97 50.60
C LYS A 403 41.35 31.38 51.02
N ALA A 404 40.86 31.48 52.25
CA ALA A 404 40.26 32.68 52.80
C ALA A 404 41.11 33.99 52.71
N ASP A 405 42.42 33.90 52.75
CA ASP A 405 43.27 35.09 52.61
C ASP A 405 43.68 35.29 51.15
N GLN A 406 43.08 34.50 50.26
CA GLN A 406 43.26 34.64 48.81
C GLN A 406 41.95 35.08 48.10
N ILE A 407 40.88 34.32 48.27
CA ILE A 407 39.60 34.60 47.60
C ILE A 407 38.44 34.95 48.56
N GLY A 408 37.40 35.57 47.97
CA GLY A 408 36.11 35.74 48.65
C GLY A 408 35.70 37.14 49.09
N SER A 409 36.64 38.08 49.14
CA SER A 409 36.33 39.43 49.49
C SER A 409 37.30 40.41 48.80
N VAL A 410 36.85 41.62 48.49
CA VAL A 410 37.75 42.57 47.87
C VAL A 410 38.47 43.29 49.02
N GLU A 411 39.71 42.86 49.26
CA GLU A 411 40.28 42.99 50.57
C GLU A 411 41.79 42.89 50.55
N THR A 412 42.36 42.66 51.73
CA THR A 412 43.77 42.88 52.00
C THR A 412 44.71 42.02 51.17
N GLY A 413 45.52 42.67 50.35
CA GLY A 413 46.46 41.99 49.44
C GLY A 413 45.90 40.80 48.70
N LYS A 414 44.64 40.89 48.31
CA LYS A 414 43.93 39.71 47.76
C LYS A 414 43.83 39.77 46.24
N LEU A 415 43.96 38.61 45.61
CA LEU A 415 43.87 38.51 44.16
C LEU A 415 42.60 39.20 43.70
N ALA A 416 42.70 39.96 42.62
CA ALA A 416 41.54 40.69 42.22
C ALA A 416 40.68 39.81 41.32
N ASP A 417 39.62 39.31 41.93
CA ASP A 417 38.55 38.66 41.23
C ASP A 417 37.38 39.49 41.67
N PHE A 418 36.66 40.05 40.72
CA PHE A 418 35.45 40.79 41.04
C PHE A 418 34.60 40.91 39.80
N VAL A 419 33.31 41.15 40.01
CA VAL A 419 32.38 41.16 38.90
C VAL A 419 31.44 42.30 39.08
N LEU A 420 31.05 42.90 37.97
CA LEU A 420 30.38 44.20 37.99
C LEU A 420 28.90 44.10 37.59
N LEU A 421 28.02 44.44 38.54
CA LEU A 421 26.58 44.26 38.35
C LEU A 421 25.88 45.60 38.07
N ASP A 422 24.96 45.58 37.10
CA ASP A 422 24.19 46.78 36.74
C ASP A 422 22.96 46.99 37.63
N GLN A 423 22.76 46.08 38.59
CA GLN A 423 21.59 46.15 39.45
C GLN A 423 22.00 46.04 40.92
N ASP A 424 21.02 46.10 41.81
CA ASP A 424 21.28 45.92 43.23
C ASP A 424 21.00 44.48 43.63
N PRO A 425 22.06 43.73 43.99
CA PRO A 425 21.93 42.37 44.47
C PRO A 425 21.28 42.28 45.85
N VAL A 426 21.54 43.26 46.72
CA VAL A 426 21.02 43.25 48.08
C VAL A 426 19.52 43.41 48.11
N ASP A 427 18.99 44.13 47.10
CA ASP A 427 17.55 44.38 47.02
C ASP A 427 16.85 43.11 46.59
N ASP A 428 17.13 42.66 45.36
CA ASP A 428 16.75 41.32 44.95
C ASP A 428 18.04 40.60 44.75
N ILE A 429 18.20 39.43 45.34
CA ILE A 429 19.36 38.61 45.13
C ILE A 429 19.41 38.26 43.67
N ARG A 430 18.22 38.06 43.09
CA ARG A 430 18.07 37.54 41.75
C ARG A 430 18.83 38.42 40.78
N ASN A 431 19.31 39.56 41.29
CA ASN A 431 19.94 40.58 40.49
C ASN A 431 21.43 40.35 40.34
N LEU A 432 21.85 39.14 40.66
CA LEU A 432 23.21 38.73 40.44
C LEU A 432 23.38 38.29 38.99
N ARG A 433 22.30 38.33 38.23
CA ARG A 433 22.34 38.05 36.80
C ARG A 433 22.64 39.30 35.98
N SER A 434 23.10 40.37 36.63
CA SER A 434 23.20 41.69 35.99
C SER A 434 24.56 42.01 35.40
N ILE A 435 25.46 41.04 35.40
CA ILE A 435 26.86 41.32 35.12
C ILE A 435 27.09 42.18 33.89
N THR A 436 28.08 43.04 33.96
CA THR A 436 28.55 43.82 32.82
C THR A 436 29.85 43.27 32.27
N GLU A 437 30.81 43.06 33.18
CA GLU A 437 32.17 42.58 32.86
C GLU A 437 32.56 41.59 33.94
N VAL A 438 33.63 40.86 33.74
CA VAL A 438 34.18 40.01 34.79
C VAL A 438 35.68 40.18 34.86
N PHE A 439 36.21 40.34 36.06
CA PHE A 439 37.64 40.52 36.25
C PHE A 439 38.24 39.39 37.07
N GLN A 440 39.24 38.72 36.52
CA GLN A 440 39.88 37.59 37.23
C GLN A 440 41.33 37.94 37.41
N ALA A 441 41.86 37.77 38.62
CA ALA A 441 43.26 38.00 38.84
C ALA A 441 43.63 39.40 38.30
N GLY A 442 42.70 40.33 38.52
CA GLY A 442 42.93 41.71 38.18
C GLY A 442 42.53 42.08 36.77
N ALA A 443 42.45 41.11 35.86
CA ALA A 443 42.28 41.38 34.44
C ALA A 443 40.86 41.08 33.93
N ALA A 444 40.40 41.88 32.96
CA ALA A 444 39.10 41.64 32.35
C ALA A 444 39.17 40.49 31.35
N VAL A 445 38.04 39.81 31.16
CA VAL A 445 37.93 38.68 30.24
C VAL A 445 36.78 38.96 29.28
N ASP A 446 36.88 38.49 28.05
CA ASP A 446 35.90 38.87 27.03
C ASP A 446 34.74 37.85 27.11
N ARG A 447 33.61 38.36 27.57
CA ARG A 447 32.54 37.48 28.12
C ARG A 447 31.61 36.94 27.05
N ALA A 448 31.62 37.57 25.87
CA ALA A 448 30.86 37.00 24.74
C ALA A 448 31.81 36.17 23.90
N ALA A 449 33.07 36.15 24.33
CA ALA A 449 34.07 35.31 23.69
C ALA A 449 34.19 33.96 24.36
N LEU A 450 33.32 33.67 25.33
CA LEU A 450 33.42 32.42 26.11
C LEU A 450 32.22 31.52 25.91
N PRO A 451 32.44 30.20 25.83
CA PRO A 451 33.75 29.57 25.77
C PRO A 451 34.55 29.81 24.46
N THR A 452 35.87 29.83 24.57
CA THR A 452 36.71 30.04 23.43
C THR A 452 36.52 28.93 22.45
N THR A 453 36.60 27.71 22.93
CA THR A 453 36.46 26.57 22.02
C THR A 453 35.28 25.79 22.56
N PRO A 454 34.22 25.59 21.74
CA PRO A 454 33.07 24.97 22.40
C PRO A 454 32.94 23.51 21.94
N LEU A 455 32.79 22.60 22.91
CA LEU A 455 32.83 21.19 22.59
C LEU A 455 31.50 20.57 22.95
N VAL A 456 31.10 20.73 24.20
CA VAL A 456 29.86 20.14 24.69
C VAL A 456 28.69 21.05 24.33
N THR A 457 29.00 22.32 24.20
CA THR A 457 28.06 23.40 23.98
C THR A 457 27.57 23.43 22.55
N ALA A 458 28.28 22.76 21.64
CA ALA A 458 28.18 23.08 20.22
C ALA A 458 26.94 22.50 19.64
N HIS A 459 25.96 23.37 19.41
CA HIS A 459 24.62 22.98 19.03
C HIS A 459 24.39 23.34 17.53
N PRO A 460 24.13 22.31 16.64
CA PRO A 460 24.25 20.94 17.09
C PRO A 460 25.52 20.37 16.50
N SER B 2 -51.43 5.20 19.80
CA SER B 2 -50.68 4.16 20.51
C SER B 2 -49.95 4.73 21.73
N THR B 3 -49.84 6.05 21.80
CA THR B 3 -49.22 6.74 22.93
C THR B 3 -47.88 6.08 23.34
N ILE B 4 -46.88 6.26 22.50
CA ILE B 4 -45.57 5.70 22.74
C ILE B 4 -44.63 6.79 23.25
N ALA B 5 -43.98 6.55 24.39
CA ALA B 5 -43.16 7.60 25.00
C ALA B 5 -41.68 7.25 25.06
N ILE B 6 -40.87 8.31 25.12
CA ILE B 6 -39.42 8.20 25.13
C ILE B 6 -38.86 9.06 26.26
N THR B 7 -38.26 8.42 27.26
CA THR B 7 -37.90 9.08 28.52
C THR B 7 -36.39 9.23 28.71
N ASN B 8 -36.00 10.22 29.53
CA ASN B 8 -34.62 10.41 30.01
C ASN B 8 -33.60 11.02 29.02
N VAL B 9 -33.97 11.12 27.74
CA VAL B 9 -33.02 11.55 26.69
C VAL B 9 -32.51 13.01 26.81
N THR B 10 -31.32 13.27 26.27
CA THR B 10 -30.83 14.66 26.13
C THR B 10 -31.12 15.10 24.70
N LEU B 11 -31.91 16.14 24.50
CA LEU B 11 -32.49 16.38 23.18
C LEU B 11 -31.90 17.49 22.39
N ILE B 12 -31.51 17.13 21.18
CA ILE B 12 -31.17 18.09 20.12
C ILE B 12 -32.41 18.12 19.28
N ASP B 13 -33.04 19.27 19.15
CA ASP B 13 -34.41 19.31 18.62
C ASP B 13 -34.50 19.44 17.10
N GLY B 14 -33.39 19.56 16.42
CA GLY B 14 -33.47 19.96 15.04
C GLY B 14 -33.42 21.46 14.93
N LEU B 15 -33.11 22.13 16.03
CA LEU B 15 -32.84 23.52 15.98
C LEU B 15 -31.45 23.69 16.54
N GLY B 16 -30.77 24.74 16.11
CA GLY B 16 -29.46 25.03 16.60
C GLY B 16 -29.57 25.29 18.07
N GLY B 17 -30.75 25.62 18.55
CA GLY B 17 -30.92 26.14 19.88
C GLY B 17 -30.39 25.10 20.80
N LEU B 18 -30.00 25.55 21.97
CA LEU B 18 -29.17 24.77 22.86
C LEU B 18 -29.82 23.48 23.33
N PRO B 19 -28.95 22.50 23.40
CA PRO B 19 -29.20 21.07 23.69
C PRO B 19 -29.42 20.74 25.17
N ARG B 20 -30.68 20.74 25.61
CA ARG B 20 -31.02 20.40 27.01
C ARG B 20 -31.03 18.90 27.32
N PRO B 21 -30.65 18.55 28.57
CA PRO B 21 -30.57 17.18 29.04
C PRO B 21 -31.87 16.68 29.70
N ALA B 22 -31.89 15.42 30.13
CA ALA B 22 -32.99 14.86 30.94
C ALA B 22 -34.39 15.20 30.39
N THR B 23 -34.59 14.95 29.09
CA THR B 23 -35.79 15.40 28.39
C THR B 23 -36.65 14.24 27.89
N THR B 24 -37.97 14.36 28.06
CA THR B 24 -38.90 13.28 27.67
C THR B 24 -39.98 13.78 26.69
N VAL B 25 -40.42 12.88 25.80
CA VAL B 25 -41.38 13.21 24.75
C VAL B 25 -42.47 12.13 24.58
N ILE B 26 -43.73 12.55 24.54
CA ILE B 26 -44.83 11.62 24.37
C ILE B 26 -45.37 11.69 22.95
N VAL B 27 -45.50 10.51 22.35
CA VAL B 27 -46.07 10.35 21.00
C VAL B 27 -47.39 9.63 21.14
N GLU B 28 -48.48 10.20 20.67
CA GLU B 28 -49.79 9.53 20.77
C GLU B 28 -50.35 9.21 19.39
N GLY B 29 -50.31 7.93 19.00
CA GLY B 29 -50.94 7.48 17.79
C GLY B 29 -50.59 8.39 16.64
N ASP B 30 -49.31 8.64 16.53
CA ASP B 30 -48.75 9.59 15.55
C ASP B 30 -48.64 11.02 16.13
N ARG B 31 -47.75 11.81 15.53
CA ARG B 31 -47.63 13.19 15.88
C ARG B 31 -47.00 13.27 17.26
N PHE B 32 -46.84 14.47 17.78
CA PHE B 32 -46.26 14.65 19.10
C PHE B 32 -47.38 15.17 20.00
N ALA B 33 -47.32 14.84 21.27
CA ALA B 33 -48.30 15.34 22.21
C ALA B 33 -47.66 16.20 23.31
N THR B 34 -47.10 15.53 24.30
CA THR B 34 -46.67 16.16 25.53
C THR B 34 -45.14 16.11 25.65
N VAL B 35 -44.57 17.28 25.92
CA VAL B 35 -43.13 17.47 26.00
C VAL B 35 -42.92 18.34 27.26
N GLY B 36 -41.65 18.47 27.66
CA GLY B 36 -41.25 18.94 28.99
C GLY B 36 -40.54 17.80 29.68
N PRO B 37 -39.57 18.11 30.56
CA PRO B 37 -38.66 17.11 31.18
C PRO B 37 -39.21 16.33 32.36
N SER B 38 -39.56 17.05 33.44
CA SER B 38 -39.32 16.59 34.80
C SER B 38 -37.94 15.95 34.72
N ASP B 39 -37.82 14.72 35.19
CA ASP B 39 -37.06 13.73 34.43
C ASP B 39 -38.10 12.98 33.54
N SER B 40 -39.23 12.58 34.14
CA SER B 40 -40.19 11.60 33.56
C SER B 40 -41.56 12.05 32.98
N THR B 41 -42.07 13.24 33.31
CA THR B 41 -43.04 14.00 32.45
C THR B 41 -44.62 14.01 32.53
N PRO B 42 -45.30 13.03 33.16
CA PRO B 42 -44.97 11.67 33.49
C PRO B 42 -45.45 10.71 32.39
N VAL B 43 -45.12 9.42 32.52
CA VAL B 43 -45.54 8.37 31.57
C VAL B 43 -47.05 8.27 31.66
N PRO B 44 -47.75 8.33 30.51
CA PRO B 44 -49.20 8.60 30.55
C PRO B 44 -50.10 7.51 31.16
N GLU B 45 -50.01 6.28 30.65
CA GLU B 45 -51.06 5.25 30.85
C GLU B 45 -50.54 3.83 30.62
N GLY B 46 -51.44 2.90 30.28
CA GLY B 46 -51.06 1.55 29.85
C GLY B 46 -50.25 1.56 28.55
N ALA B 47 -49.79 2.76 28.23
CA ALA B 47 -48.92 3.05 27.11
C ALA B 47 -47.47 2.66 27.37
N THR B 48 -46.56 3.05 26.45
CA THR B 48 -45.24 2.44 26.34
C THR B 48 -44.11 3.36 26.85
N VAL B 49 -43.03 2.76 27.41
CA VAL B 49 -41.86 3.50 27.92
C VAL B 49 -40.56 3.05 27.23
N VAL B 50 -39.58 3.95 27.10
CA VAL B 50 -38.23 3.62 26.56
C VAL B 50 -37.09 4.40 27.26
N ASP B 51 -35.93 3.76 27.44
CA ASP B 51 -34.73 4.35 28.08
C ASP B 51 -34.03 5.36 27.17
N GLY B 52 -33.72 6.53 27.71
CA GLY B 52 -32.90 7.50 26.99
C GLY B 52 -31.50 7.87 27.51
N ASN B 53 -31.14 7.46 28.73
CA ASN B 53 -29.98 8.05 29.40
C ASN B 53 -28.68 7.90 28.62
N ARG B 54 -27.86 8.95 28.61
CA ARG B 54 -26.56 8.94 27.95
C ARG B 54 -26.70 8.87 26.42
N ARG B 55 -27.96 8.77 25.96
CA ARG B 55 -28.26 8.71 24.54
C ARG B 55 -28.97 10.02 24.14
N TRP B 56 -28.82 10.42 22.88
CA TRP B 56 -29.44 11.66 22.41
C TRP B 56 -30.74 11.46 21.63
N MET B 57 -31.38 12.57 21.30
CA MET B 57 -32.54 12.57 20.41
C MET B 57 -32.25 13.53 19.26
N VAL B 58 -32.56 13.08 18.04
CA VAL B 58 -32.34 13.88 16.85
C VAL B 58 -33.65 13.95 16.06
N PRO B 59 -33.78 14.93 15.17
CA PRO B 59 -34.91 14.73 14.24
C PRO B 59 -34.60 13.66 13.24
N GLY B 60 -35.64 13.13 12.60
CA GLY B 60 -35.45 12.26 11.46
C GLY B 60 -34.74 13.06 10.36
N TYR B 61 -33.59 12.56 9.93
CA TYR B 61 -32.79 13.21 8.93
C TYR B 61 -33.64 13.43 7.69
N VAL B 62 -33.70 14.68 7.22
CA VAL B 62 -34.54 15.01 6.05
C VAL B 62 -33.62 15.31 4.88
N ASN B 63 -33.97 14.81 3.70
CA ASN B 63 -33.02 14.87 2.57
C ASN B 63 -33.46 15.71 1.38
N GLY B 64 -32.90 16.91 1.29
CA GLY B 64 -33.27 17.88 0.26
C GLY B 64 -33.14 17.38 -1.17
N ASN B 65 -32.14 16.56 -1.45
CA ASN B 65 -31.96 16.01 -2.79
C ASN B 65 -31.45 14.58 -2.76
N VAL B 66 -32.20 13.68 -3.42
CA VAL B 66 -31.85 12.27 -3.49
C VAL B 66 -32.26 11.71 -4.84
N HIS B 67 -31.89 10.48 -5.15
CA HIS B 67 -32.43 9.80 -6.35
C HIS B 67 -32.76 8.33 -6.12
N LEU B 68 -34.06 8.04 -6.24
CA LEU B 68 -34.61 6.75 -5.87
C LEU B 68 -34.46 5.63 -6.93
N LEU B 69 -34.50 5.99 -8.21
CA LEU B 69 -34.16 5.07 -9.29
C LEU B 69 -32.74 5.33 -9.70
N ASP B 70 -32.09 6.16 -8.89
CA ASP B 70 -30.77 6.76 -9.12
C ASP B 70 -30.69 7.63 -10.35
N ALA B 71 -29.57 8.29 -10.53
CA ALA B 71 -29.37 9.30 -11.59
C ALA B 71 -27.88 9.46 -11.89
N TRP B 72 -27.15 9.76 -10.82
CA TRP B 72 -25.72 10.05 -10.84
C TRP B 72 -24.94 9.00 -11.62
N MET B 73 -25.30 7.75 -11.39
CA MET B 73 -24.77 6.61 -12.11
C MET B 73 -25.16 6.70 -13.58
N PHE B 74 -26.43 7.07 -13.75
CA PHE B 74 -27.11 7.20 -15.02
C PHE B 74 -26.47 8.23 -15.81
N MET B 75 -26.38 9.43 -15.25
CA MET B 75 -25.58 10.44 -15.92
C MET B 75 -24.18 9.98 -16.17
N ALA B 76 -23.93 8.79 -15.73
CA ALA B 76 -23.05 8.46 -14.72
C ALA B 76 -21.98 8.24 -15.67
N GLY B 77 -21.77 7.00 -16.01
CA GLY B 77 -21.19 6.63 -17.29
C GLY B 77 -21.89 5.38 -17.67
N PRO B 78 -21.19 4.36 -18.12
CA PRO B 78 -21.94 3.16 -18.43
C PRO B 78 -22.28 2.25 -17.26
N GLY B 79 -23.54 2.24 -16.87
CA GLY B 79 -24.05 1.21 -16.00
C GLY B 79 -25.54 1.12 -16.19
N THR B 80 -26.08 1.76 -17.22
CA THR B 80 -27.54 1.96 -17.26
C THR B 80 -28.43 0.89 -17.93
N ILE B 81 -28.12 0.50 -19.17
CA ILE B 81 -29.05 -0.36 -19.95
C ILE B 81 -29.43 -1.60 -19.16
N GLU B 82 -28.45 -2.13 -18.41
CA GLU B 82 -28.64 -3.30 -17.55
C GLU B 82 -29.46 -2.99 -16.32
N TYR B 83 -29.22 -1.84 -15.72
CA TYR B 83 -29.94 -1.38 -14.53
C TYR B 83 -31.42 -1.44 -14.77
N LEU B 84 -31.85 -0.77 -15.83
CA LEU B 84 -33.30 -0.70 -16.14
C LEU B 84 -33.84 -1.96 -16.79
N ALA B 85 -32.97 -2.68 -17.51
CA ALA B 85 -33.34 -3.91 -18.21
C ALA B 85 -34.10 -4.79 -17.25
N ARG B 86 -33.39 -5.40 -16.30
CA ARG B 86 -34.06 -6.14 -15.23
C ARG B 86 -34.61 -5.02 -14.35
N TRP B 87 -35.58 -5.38 -13.48
CA TRP B 87 -36.25 -4.46 -12.58
C TRP B 87 -37.42 -3.72 -13.28
N GLU B 88 -37.64 -3.96 -14.57
CA GLU B 88 -38.57 -3.12 -15.30
C GLU B 88 -40.01 -3.23 -14.77
N GLY B 89 -40.58 -2.09 -14.40
CA GLY B 89 -41.87 -2.05 -13.69
C GLY B 89 -41.64 -2.21 -12.20
N ARG B 90 -40.67 -3.08 -11.86
CA ARG B 90 -40.30 -3.29 -10.47
C ARG B 90 -39.73 -1.97 -9.86
N TYR B 91 -39.59 -0.95 -10.71
CA TYR B 91 -39.14 0.38 -10.30
C TYR B 91 -39.80 0.90 -9.03
N VAL B 92 -41.08 0.66 -8.87
CA VAL B 92 -41.72 1.05 -7.62
C VAL B 92 -40.98 0.36 -6.51
N GLU B 93 -40.71 -0.92 -6.69
CA GLU B 93 -40.00 -1.65 -5.69
C GLU B 93 -38.54 -1.16 -5.55
N VAL B 94 -37.85 -0.82 -6.62
CA VAL B 94 -36.51 -0.25 -6.50
C VAL B 94 -36.49 1.09 -5.79
N ILE B 95 -37.53 1.87 -6.04
CA ILE B 95 -37.76 3.20 -5.43
C ILE B 95 -38.09 3.12 -3.95
N GLU B 96 -38.97 2.21 -3.59
CA GLU B 96 -39.29 1.96 -2.19
C GLU B 96 -38.11 1.33 -1.48
N GLU B 97 -37.21 0.73 -2.24
CA GLU B 97 -35.99 0.14 -1.68
C GLU B 97 -34.98 1.23 -1.38
N ALA B 98 -34.83 2.19 -2.29
CA ALA B 98 -33.88 3.29 -2.14
C ALA B 98 -34.19 4.08 -0.88
N ALA B 99 -35.49 4.22 -0.59
CA ALA B 99 -35.93 4.93 0.61
C ALA B 99 -35.67 4.13 1.87
N GLN B 100 -35.66 2.81 1.73
CA GLN B 100 -35.41 1.92 2.86
C GLN B 100 -33.95 1.95 3.31
N LEU B 101 -33.05 2.23 2.37
CA LEU B 101 -31.66 2.35 2.70
C LEU B 101 -31.36 3.66 3.39
N ALA B 102 -32.05 4.72 2.99
CA ALA B 102 -31.93 6.01 3.68
C ALA B 102 -32.56 5.88 5.07
N LEU B 103 -33.74 5.27 5.12
CA LEU B 103 -34.51 5.12 6.35
C LEU B 103 -33.76 4.49 7.52
N ARG B 104 -33.32 3.25 7.37
CA ARG B 104 -32.65 2.52 8.42
C ARG B 104 -31.25 3.11 8.74
N ASN B 105 -30.73 3.95 7.87
CA ASN B 105 -29.55 4.74 8.22
C ASN B 105 -29.97 6.07 8.86
N GLY B 106 -31.29 6.22 9.05
CA GLY B 106 -31.83 7.34 9.79
C GLY B 106 -32.69 8.35 9.07
N VAL B 107 -32.80 8.28 7.74
CA VAL B 107 -33.53 9.34 7.00
C VAL B 107 -35.03 9.04 6.91
N THR B 108 -35.81 9.86 7.60
CA THR B 108 -37.26 9.62 7.67
C THR B 108 -38.05 10.49 6.68
N THR B 109 -37.38 11.34 5.93
CA THR B 109 -38.07 12.08 4.88
C THR B 109 -37.14 12.37 3.72
N VAL B 110 -37.64 12.20 2.50
CA VAL B 110 -36.80 12.31 1.31
C VAL B 110 -37.48 13.00 0.14
N PHE B 111 -36.74 13.82 -0.58
CA PHE B 111 -37.24 14.38 -1.82
C PHE B 111 -36.44 13.88 -3.01
N ASP B 112 -37.09 13.26 -3.97
CA ASP B 112 -36.34 12.85 -5.14
C ASP B 112 -36.57 13.87 -6.22
N THR B 113 -35.59 14.71 -6.50
CA THR B 113 -35.71 15.66 -7.59
C THR B 113 -35.81 15.04 -8.96
N HIS B 114 -35.02 14.02 -9.25
CA HIS B 114 -35.11 13.44 -10.58
C HIS B 114 -35.49 11.97 -10.57
N ASN B 115 -36.53 11.64 -11.34
CA ASN B 115 -37.00 10.26 -11.47
C ASN B 115 -38.26 10.21 -12.29
N ALA B 116 -38.56 9.03 -12.82
CA ALA B 116 -39.82 8.77 -13.53
C ALA B 116 -40.94 9.07 -12.61
N ILE B 117 -41.91 9.86 -13.08
CA ILE B 117 -43.06 10.26 -12.29
C ILE B 117 -43.94 9.10 -11.87
N GLU B 118 -44.28 8.22 -12.79
CA GLU B 118 -45.24 7.13 -12.50
C GLU B 118 -44.82 6.27 -11.34
N PRO B 119 -43.61 5.66 -11.39
CA PRO B 119 -43.25 4.86 -10.22
C PRO B 119 -42.94 5.72 -8.97
N VAL B 120 -42.46 6.96 -9.13
CA VAL B 120 -42.09 7.76 -7.95
C VAL B 120 -43.31 8.22 -7.14
N LEU B 121 -44.34 8.69 -7.83
CA LEU B 121 -45.56 9.10 -7.14
C LEU B 121 -46.22 7.85 -6.55
N ALA B 122 -46.03 6.72 -7.22
CA ALA B 122 -46.57 5.46 -6.74
C ALA B 122 -46.02 5.11 -5.37
N ALA B 123 -44.70 5.26 -5.21
CA ALA B 123 -44.04 4.84 -4.00
C ALA B 123 -44.39 5.73 -2.79
N ARG B 124 -44.63 7.00 -3.06
CA ARG B 124 -45.11 7.91 -2.03
C ARG B 124 -46.46 7.42 -1.52
N ASP B 125 -47.28 6.90 -2.42
CA ASP B 125 -48.62 6.50 -2.09
C ASP B 125 -48.61 5.23 -1.28
N ARG B 126 -47.74 4.32 -1.67
CA ARG B 126 -47.59 3.05 -0.95
C ARG B 126 -46.94 3.28 0.41
N ILE B 127 -46.01 4.23 0.51
CA ILE B 127 -45.28 4.48 1.77
C ILE B 127 -46.06 5.32 2.79
N ASN B 128 -46.68 6.40 2.33
CA ASN B 128 -47.51 7.26 3.21
C ASN B 128 -48.56 6.46 3.89
N ALA B 129 -49.11 5.50 3.17
CA ALA B 129 -50.22 4.68 3.68
C ALA B 129 -49.70 3.43 4.36
N GLY B 130 -48.38 3.36 4.51
CA GLY B 130 -47.76 2.33 5.34
C GLY B 130 -47.76 0.94 4.76
N ILE B 131 -48.35 0.75 3.59
CA ILE B 131 -48.44 -0.58 2.98
C ILE B 131 -47.08 -1.06 2.49
N SER B 132 -46.10 -0.14 2.44
CA SER B 132 -44.69 -0.53 2.28
C SER B 132 -43.81 0.32 3.19
N GLN B 133 -42.93 -0.34 3.94
CA GLN B 133 -42.00 0.36 4.76
C GLN B 133 -40.93 1.09 3.89
N GLY B 134 -40.48 2.25 4.38
CA GLY B 134 -39.52 3.05 3.66
C GLY B 134 -39.55 4.47 4.16
N ALA B 135 -38.69 5.32 3.59
CA ALA B 135 -38.71 6.74 3.92
C ALA B 135 -39.82 7.43 3.14
N ARG B 136 -40.49 8.37 3.80
CA ARG B 136 -41.57 9.09 3.19
C ARG B 136 -41.08 9.93 2.01
N ILE B 137 -41.93 10.00 0.98
CA ILE B 137 -41.52 10.61 -0.31
C ILE B 137 -42.23 11.94 -0.61
N PHE B 138 -41.46 12.91 -1.08
CA PHE B 138 -42.00 14.01 -1.89
C PHE B 138 -41.03 14.21 -3.07
N ALA B 139 -41.54 14.39 -4.27
CA ALA B 139 -40.66 14.38 -5.47
C ALA B 139 -41.26 15.10 -6.67
N ALA B 140 -40.39 15.65 -7.52
CA ALA B 140 -40.82 16.43 -8.68
C ALA B 140 -41.00 15.62 -9.91
N GLY B 141 -40.58 14.36 -9.86
CA GLY B 141 -40.48 13.55 -11.07
C GLY B 141 -39.33 14.04 -11.96
N THR B 142 -39.61 14.20 -13.25
CA THR B 142 -38.59 14.60 -14.19
C THR B 142 -38.04 15.96 -13.85
N ILE B 143 -36.78 16.20 -14.23
CA ILE B 143 -36.25 17.56 -14.22
C ILE B 143 -36.79 18.16 -15.49
N VAL B 144 -37.37 19.36 -15.36
CA VAL B 144 -37.99 20.02 -16.50
C VAL B 144 -36.88 20.58 -17.36
N GLY B 145 -36.88 20.18 -18.64
CA GLY B 145 -35.80 20.59 -19.55
C GLY B 145 -34.76 19.51 -19.83
N MET B 146 -35.04 18.29 -19.39
CA MET B 146 -34.07 17.21 -19.45
C MET B 146 -34.62 15.89 -20.00
N GLY B 147 -33.70 14.98 -20.32
CA GLY B 147 -34.05 13.72 -20.95
C GLY B 147 -33.97 12.49 -20.06
N GLY B 148 -34.18 11.35 -20.73
CA GLY B 148 -34.28 10.10 -20.04
C GLY B 148 -32.91 9.63 -19.58
N PRO B 149 -32.86 8.39 -19.08
CA PRO B 149 -31.64 7.70 -18.67
C PRO B 149 -30.68 7.65 -19.83
N PHE B 150 -31.26 7.52 -21.01
CA PHE B 150 -30.52 7.60 -22.27
C PHE B 150 -30.61 9.00 -22.89
N SER B 151 -30.29 9.08 -24.17
CA SER B 151 -30.08 10.36 -24.86
C SER B 151 -28.93 11.12 -24.19
N ALA B 152 -28.93 12.45 -24.28
CA ALA B 152 -27.93 13.27 -23.64
C ALA B 152 -28.36 13.54 -22.23
N ASP B 153 -27.59 14.41 -21.59
CA ASP B 153 -27.71 14.67 -20.15
C ASP B 153 -27.28 13.45 -19.33
N PHE B 154 -27.23 12.31 -20.04
CA PHE B 154 -27.33 10.99 -19.46
C PHE B 154 -26.59 10.05 -20.46
N HIS B 155 -26.89 8.76 -20.46
CA HIS B 155 -26.04 7.79 -21.16
C HIS B 155 -26.32 7.67 -22.67
N PHE B 156 -25.89 8.67 -23.42
CA PHE B 156 -26.22 8.76 -24.85
C PHE B 156 -25.69 7.64 -25.74
N ALA B 157 -24.41 7.27 -25.59
CA ALA B 157 -23.87 6.06 -26.26
C ALA B 157 -24.55 4.94 -25.55
N GLY B 158 -25.28 4.11 -26.29
CA GLY B 158 -26.33 3.31 -25.68
C GLY B 158 -27.72 3.69 -26.16
N ARG B 159 -27.85 4.85 -26.78
CA ARG B 159 -28.94 5.06 -27.73
C ARG B 159 -28.60 4.14 -28.88
N THR B 160 -27.29 4.09 -29.16
CA THR B 160 -26.71 3.26 -30.22
C THR B 160 -26.27 1.87 -29.75
N ALA B 161 -26.42 1.58 -28.46
CA ALA B 161 -26.12 0.22 -27.96
C ALA B 161 -27.33 -0.64 -27.63
N ALA B 162 -28.55 -0.10 -27.66
CA ALA B 162 -29.72 -0.90 -27.24
C ALA B 162 -30.94 -0.75 -28.12
N THR B 163 -31.86 -1.72 -28.06
CA THR B 163 -33.07 -1.72 -28.93
C THR B 163 -33.85 -0.43 -28.83
N ARG B 164 -34.34 0.05 -29.98
CA ARG B 164 -35.03 1.31 -30.06
C ARG B 164 -36.22 1.43 -29.13
N THR B 165 -37.11 0.48 -29.28
CA THR B 165 -38.36 0.45 -28.54
C THR B 165 -38.17 0.53 -27.04
N PHE B 166 -37.18 -0.20 -26.52
CA PHE B 166 -36.80 -0.12 -25.10
C PHE B 166 -36.38 1.31 -24.76
N VAL B 167 -35.48 1.88 -25.55
CA VAL B 167 -34.99 3.23 -25.30
C VAL B 167 -36.12 4.25 -25.29
N ASP B 168 -36.90 4.30 -26.36
CA ASP B 168 -38.06 5.22 -26.44
C ASP B 168 -39.03 4.99 -25.29
N ARG B 169 -39.42 3.74 -25.05
CA ARG B 169 -40.28 3.40 -23.93
C ARG B 169 -39.73 3.90 -22.63
N ILE B 170 -38.45 3.63 -22.39
CA ILE B 170 -37.80 4.07 -21.14
C ILE B 170 -37.74 5.58 -21.00
N ASP B 171 -37.16 6.21 -22.01
CA ASP B 171 -37.02 7.65 -22.03
C ASP B 171 -38.38 8.32 -21.81
N SER B 172 -39.40 7.84 -22.52
CA SER B 172 -40.75 8.37 -22.38
C SER B 172 -41.27 8.26 -20.98
N MET B 173 -40.77 7.28 -20.22
CA MET B 173 -41.14 7.15 -18.82
C MET B 173 -40.64 8.32 -17.98
N PHE B 174 -39.38 8.68 -18.14
CA PHE B 174 -38.80 9.80 -17.42
C PHE B 174 -39.22 11.16 -17.96
N GLU B 175 -39.11 11.29 -19.28
CA GLU B 175 -39.31 12.54 -19.99
C GLU B 175 -40.73 13.06 -19.83
N ALA B 176 -41.68 12.14 -19.84
CA ALA B 176 -43.08 12.47 -19.83
C ALA B 176 -43.37 13.48 -20.93
N GLY B 177 -44.18 14.48 -20.62
CA GLY B 177 -44.48 15.53 -21.60
C GLY B 177 -43.60 16.71 -21.33
N VAL B 178 -42.47 16.48 -20.64
CA VAL B 178 -41.53 17.55 -20.36
C VAL B 178 -40.08 17.20 -20.66
N GLY B 179 -39.25 18.21 -20.81
CA GLY B 179 -37.83 18.00 -20.79
C GLY B 179 -37.22 18.05 -22.16
N HIS B 180 -36.65 19.21 -22.48
CA HIS B 180 -35.90 19.38 -23.71
C HIS B 180 -37.02 18.99 -24.65
N GLN B 181 -36.82 19.01 -25.95
CA GLN B 181 -37.96 18.98 -26.87
C GLN B 181 -38.66 20.32 -26.69
N LEU B 182 -39.12 20.53 -25.46
CA LEU B 182 -39.84 21.71 -25.10
C LEU B 182 -38.96 22.91 -25.22
N SER B 183 -37.69 22.71 -25.51
CA SER B 183 -36.79 23.82 -25.66
C SER B 183 -37.37 24.72 -26.71
N LEU B 184 -37.93 24.11 -27.74
CA LEU B 184 -38.41 24.85 -28.87
C LEU B 184 -39.66 25.69 -28.54
N LEU B 185 -40.65 25.04 -27.96
CA LEU B 185 -42.04 25.56 -27.95
C LEU B 185 -42.09 26.96 -27.44
N PRO B 186 -42.98 27.79 -28.03
CA PRO B 186 -43.14 29.11 -27.47
C PRO B 186 -43.55 28.99 -26.00
N ARG B 187 -43.14 29.94 -25.17
CA ARG B 187 -43.39 29.91 -23.72
C ARG B 187 -44.86 29.70 -23.45
N LYS B 188 -45.70 30.16 -24.38
CA LYS B 188 -47.16 30.08 -24.25
C LYS B 188 -47.67 28.65 -24.37
N GLU B 189 -47.06 27.86 -25.22
CA GLU B 189 -47.53 26.49 -25.41
C GLU B 189 -46.99 25.56 -24.32
N VAL B 190 -45.81 25.89 -23.78
CA VAL B 190 -45.26 25.08 -22.68
C VAL B 190 -46.20 25.18 -21.47
N ARG B 191 -46.94 26.29 -21.37
CA ARG B 191 -47.98 26.47 -20.36
C ARG B 191 -48.96 25.33 -20.37
N ALA B 192 -49.38 24.95 -21.57
CA ALA B 192 -50.29 23.85 -21.75
C ALA B 192 -49.66 22.57 -21.20
N ARG B 193 -48.34 22.47 -21.29
CA ARG B 193 -47.62 21.30 -20.80
C ARG B 193 -47.36 21.34 -19.30
N VAL B 194 -46.93 22.49 -18.77
CA VAL B 194 -46.47 22.58 -17.38
C VAL B 194 -47.62 22.67 -16.39
N ARG B 195 -48.65 23.43 -16.75
CA ARG B 195 -49.88 23.48 -15.95
C ARG B 195 -50.43 22.06 -15.69
N ASP B 196 -50.51 21.27 -16.76
CA ASP B 196 -51.09 19.93 -16.68
C ASP B 196 -50.16 18.85 -16.13
N TYR B 197 -48.84 19.12 -16.13
CA TYR B 197 -47.87 18.21 -15.51
C TYR B 197 -47.96 18.27 -13.99
N LEU B 198 -47.86 19.50 -13.46
CA LEU B 198 -47.94 19.75 -12.03
C LEU B 198 -49.27 19.29 -11.46
N SER B 199 -50.21 19.03 -12.37
CA SER B 199 -51.54 18.55 -11.97
C SER B 199 -51.55 17.10 -11.51
N ARG B 200 -50.52 16.34 -11.88
CA ARG B 200 -50.42 14.94 -11.49
C ARG B 200 -50.11 14.77 -10.00
N GLY B 201 -49.72 15.86 -9.34
CA GLY B 201 -49.38 15.83 -7.92
C GLY B 201 -47.90 15.64 -7.61
N VAL B 202 -46.98 16.04 -8.49
CA VAL B 202 -45.59 16.14 -8.10
C VAL B 202 -45.53 17.26 -7.04
N ASP B 203 -44.74 17.04 -5.98
CA ASP B 203 -44.77 17.96 -4.82
C ASP B 203 -43.89 19.18 -5.02
N MET B 204 -43.13 19.22 -6.10
CA MET B 204 -42.26 20.34 -6.41
C MET B 204 -41.95 20.34 -7.91
N LEU B 205 -41.16 21.32 -8.35
CA LEU B 205 -40.67 21.36 -9.72
C LEU B 205 -39.17 21.57 -9.79
N LYS B 206 -38.48 20.61 -10.40
CA LYS B 206 -37.08 20.76 -10.73
C LYS B 206 -36.98 21.23 -12.18
N ILE B 207 -36.18 22.26 -12.41
CA ILE B 207 -36.06 22.84 -13.71
C ILE B 207 -34.60 22.92 -14.10
N ALA B 208 -34.25 22.47 -15.29
CA ALA B 208 -32.85 22.53 -15.73
C ALA B 208 -32.66 23.85 -16.42
N VAL B 209 -32.04 24.78 -15.67
CA VAL B 209 -32.00 26.17 -16.07
C VAL B 209 -30.87 26.26 -17.09
N SER B 210 -29.83 25.48 -16.82
CA SER B 210 -28.83 25.17 -17.80
C SER B 210 -28.86 23.65 -18.00
N ASP B 211 -28.25 23.15 -19.07
CA ASP B 211 -28.45 21.76 -19.45
C ASP B 211 -27.74 20.81 -18.51
N HIS B 212 -27.97 19.53 -18.72
CA HIS B 212 -27.26 18.50 -17.98
C HIS B 212 -26.22 17.88 -18.90
N ILE B 213 -26.02 18.51 -20.05
CA ILE B 213 -25.07 17.97 -21.05
C ILE B 213 -23.69 18.44 -20.64
N VAL B 214 -23.09 17.75 -19.67
CA VAL B 214 -21.77 18.11 -19.18
C VAL B 214 -20.74 16.98 -19.17
N PHE B 215 -21.14 15.75 -19.50
CA PHE B 215 -20.25 14.63 -19.21
C PHE B 215 -19.64 13.63 -20.21
N THR B 216 -19.56 13.84 -21.53
CA THR B 216 -20.26 14.80 -22.41
C THR B 216 -19.59 16.17 -22.52
N LEU B 217 -18.90 16.61 -21.47
CA LEU B 217 -18.03 17.75 -21.62
C LEU B 217 -16.66 17.12 -21.45
N VAL B 218 -15.94 17.13 -22.56
CA VAL B 218 -15.21 15.95 -23.00
C VAL B 218 -13.84 15.87 -22.35
N ASP B 219 -13.15 14.76 -22.61
CA ASP B 219 -11.75 14.58 -22.28
C ASP B 219 -11.45 14.69 -20.78
N ARG B 220 -11.55 13.59 -20.07
CA ARG B 220 -10.96 13.53 -18.75
C ARG B 220 -9.54 14.08 -18.93
N SER B 221 -9.25 15.20 -18.26
CA SER B 221 -8.04 16.07 -18.48
C SER B 221 -8.17 17.29 -19.43
N VAL B 222 -9.31 17.52 -20.07
CA VAL B 222 -9.62 18.88 -20.57
C VAL B 222 -10.90 19.35 -19.91
N GLY B 223 -10.79 20.40 -19.12
CA GLY B 223 -11.87 20.79 -18.17
C GLY B 223 -13.20 21.14 -18.81
N PHE B 224 -14.21 21.34 -17.97
CA PHE B 224 -15.57 21.64 -18.45
C PHE B 224 -15.60 22.92 -19.28
N ASP B 225 -16.22 22.86 -20.46
CA ASP B 225 -16.20 23.96 -21.43
C ASP B 225 -17.52 24.76 -21.55
N ARG B 226 -18.56 24.13 -22.04
CA ARG B 226 -19.81 24.82 -22.34
C ARG B 226 -21.01 24.26 -21.54
N SER B 227 -21.70 25.15 -20.82
CA SER B 227 -22.86 24.75 -20.06
C SER B 227 -24.21 25.22 -20.64
N TYR B 228 -24.17 26.18 -21.58
CA TYR B 228 -25.39 26.80 -22.15
C TYR B 228 -26.45 27.20 -21.12
N GLN B 229 -27.67 27.45 -21.60
CA GLN B 229 -28.86 27.66 -20.74
C GLN B 229 -30.08 27.26 -21.55
N THR B 230 -30.95 26.38 -21.06
CA THR B 230 -31.90 25.73 -21.98
C THR B 230 -33.21 26.46 -22.21
N PHE B 231 -33.55 27.40 -21.34
CA PHE B 231 -34.84 28.08 -21.49
C PHE B 231 -34.70 29.58 -21.50
N SER B 232 -35.43 30.21 -22.41
CA SER B 232 -35.42 31.66 -22.54
C SER B 232 -35.96 32.26 -21.29
N ARG B 233 -35.45 33.42 -20.89
CA ARG B 233 -35.94 34.07 -19.67
C ARG B 233 -37.46 34.29 -19.73
N PRO B 234 -38.02 34.50 -20.94
CA PRO B 234 -39.47 34.37 -21.07
C PRO B 234 -40.04 33.05 -20.52
N VAL B 235 -39.46 31.91 -20.90
CA VAL B 235 -40.03 30.64 -20.50
C VAL B 235 -39.74 30.39 -19.04
N LEU B 236 -38.60 30.84 -18.54
CA LEU B 236 -38.23 30.58 -17.15
C LEU B 236 -39.22 31.20 -16.15
N GLU B 237 -39.43 32.52 -16.26
CA GLU B 237 -40.44 33.21 -15.44
C GLU B 237 -41.75 32.50 -15.61
N VAL B 238 -42.12 32.17 -16.82
CA VAL B 238 -43.42 31.54 -17.06
C VAL B 238 -43.60 30.22 -16.36
N MET B 239 -42.55 29.42 -16.36
CA MET B 239 -42.60 28.08 -15.74
C MET B 239 -42.79 28.24 -14.24
N VAL B 240 -42.16 29.29 -13.70
CA VAL B 240 -42.23 29.63 -12.28
C VAL B 240 -43.61 30.00 -11.80
N GLU B 241 -44.38 30.70 -12.66
CA GLU B 241 -45.74 31.09 -12.29
C GLU B 241 -46.65 29.89 -12.07
N GLU B 242 -46.48 28.81 -12.82
CA GLU B 242 -47.38 27.67 -12.74
C GLU B 242 -47.18 26.91 -11.45
N ALA B 243 -46.00 27.05 -10.85
CA ALA B 243 -45.70 26.39 -9.57
C ALA B 243 -46.28 27.20 -8.44
N ARG B 244 -46.91 28.32 -8.78
CA ARG B 244 -47.67 29.14 -7.83
C ARG B 244 -49.12 28.66 -7.80
N ALA B 245 -49.76 28.66 -8.96
CA ALA B 245 -51.06 28.01 -9.11
C ALA B 245 -50.97 26.57 -8.63
N ALA B 246 -49.79 25.98 -8.70
CA ALA B 246 -49.53 24.68 -8.08
C ALA B 246 -49.39 24.82 -6.56
N GLY B 247 -48.62 25.82 -6.13
CA GLY B 247 -48.32 26.03 -4.72
C GLY B 247 -47.26 25.06 -4.24
N VAL B 248 -46.23 24.88 -5.06
CA VAL B 248 -45.15 23.95 -4.75
C VAL B 248 -43.83 24.66 -4.78
N PRO B 249 -42.81 24.08 -4.20
CA PRO B 249 -41.49 24.67 -4.19
C PRO B 249 -40.88 24.76 -5.56
N VAL B 250 -40.00 25.72 -5.78
CA VAL B 250 -39.34 25.82 -7.06
C VAL B 250 -37.89 25.45 -6.92
N LEU B 251 -37.52 24.33 -7.53
CA LEU B 251 -36.14 23.95 -7.54
C LEU B 251 -35.60 24.63 -8.76
N THR B 252 -34.31 24.44 -8.99
CA THR B 252 -33.69 24.91 -10.21
C THR B 252 -32.43 24.10 -10.45
N HIS B 253 -32.02 24.05 -11.73
CA HIS B 253 -30.81 23.34 -12.17
C HIS B 253 -29.98 24.02 -13.30
N SER B 254 -29.05 24.87 -12.89
CA SER B 254 -28.03 25.40 -13.65
C SER B 254 -26.80 24.85 -13.03
N VAL B 255 -25.77 25.58 -13.48
CA VAL B 255 -24.36 25.24 -13.54
C VAL B 255 -23.52 26.50 -13.86
N SER B 256 -23.83 27.25 -14.94
CA SER B 256 -22.93 28.40 -15.27
C SER B 256 -22.99 29.47 -14.16
N VAL B 257 -22.25 30.54 -14.29
CA VAL B 257 -22.27 31.64 -13.29
C VAL B 257 -23.58 32.44 -13.39
N GLU B 258 -24.07 32.64 -14.59
CA GLU B 258 -25.50 32.93 -14.81
C GLU B 258 -26.20 31.57 -14.64
N ALA B 259 -27.48 31.47 -14.98
CA ALA B 259 -28.25 30.25 -14.76
C ALA B 259 -28.49 30.00 -13.26
N LEU B 260 -27.69 30.69 -12.44
CA LEU B 260 -27.95 30.85 -11.04
C LEU B 260 -28.45 32.26 -10.87
N ASP B 261 -27.64 33.21 -11.29
CA ASP B 261 -28.08 34.59 -11.37
C ASP B 261 -29.33 34.69 -12.26
N THR B 262 -29.49 33.74 -13.18
CA THR B 262 -30.72 33.64 -13.95
C THR B 262 -31.80 32.85 -13.11
N SER B 263 -31.34 32.04 -12.15
CA SER B 263 -32.25 31.36 -11.24
C SER B 263 -32.70 32.28 -10.08
N VAL B 264 -31.80 33.14 -9.63
CA VAL B 264 -32.08 34.04 -8.49
C VAL B 264 -32.93 35.23 -8.99
N GLU B 265 -32.95 35.46 -10.31
CA GLU B 265 -33.88 36.42 -10.87
C GLU B 265 -35.23 35.80 -11.13
N LEU B 266 -35.28 34.47 -11.02
CA LEU B 266 -36.52 33.74 -11.14
C LEU B 266 -37.14 33.42 -9.79
N GLY B 267 -36.45 33.78 -8.72
CA GLY B 267 -36.97 33.62 -7.36
C GLY B 267 -37.23 32.18 -7.04
N ALA B 268 -36.20 31.35 -7.17
CA ALA B 268 -36.33 29.93 -6.94
C ALA B 268 -36.48 29.59 -5.45
N ASP B 269 -37.44 28.74 -5.14
CA ASP B 269 -37.57 28.20 -3.78
C ASP B 269 -36.36 27.40 -3.39
N VAL B 270 -35.80 26.66 -4.36
CA VAL B 270 -34.69 25.76 -4.10
C VAL B 270 -33.64 25.83 -5.21
N LEU B 271 -32.37 25.95 -4.81
CA LEU B 271 -31.26 25.80 -5.75
C LEU B 271 -30.23 24.77 -5.28
N ILE B 272 -30.30 23.55 -5.83
CA ILE B 272 -29.32 22.55 -5.56
C ILE B 272 -28.53 22.76 -6.82
N HIS B 273 -27.32 22.22 -6.88
CA HIS B 273 -26.38 22.59 -7.93
C HIS B 273 -26.13 24.09 -7.83
N ALA B 274 -25.22 24.49 -6.94
CA ALA B 274 -25.04 25.93 -6.66
C ALA B 274 -23.65 26.39 -6.37
N ASN B 275 -22.73 25.48 -6.33
CA ASN B 275 -21.42 25.75 -5.84
C ASN B 275 -20.67 25.66 -7.08
N TYR B 276 -21.10 24.62 -7.73
CA TYR B 276 -20.76 24.31 -9.11
C TYR B 276 -20.82 25.51 -10.08
N THR B 277 -19.66 25.94 -10.57
CA THR B 277 -19.59 27.03 -11.52
C THR B 277 -18.90 26.67 -12.82
N LEU B 278 -18.23 25.53 -12.84
CA LEU B 278 -17.38 25.13 -13.98
C LEU B 278 -16.34 26.18 -14.33
N GLY B 279 -15.28 26.26 -13.54
CA GLY B 279 -14.07 26.98 -13.96
C GLY B 279 -13.55 28.12 -13.14
N GLN B 280 -14.42 28.82 -12.42
CA GLN B 280 -13.96 29.81 -11.44
C GLN B 280 -14.98 29.96 -10.31
N GLU B 281 -14.63 30.70 -9.27
CA GLU B 281 -15.43 30.74 -8.07
C GLU B 281 -16.38 31.91 -8.09
N ILE B 282 -17.59 31.70 -7.59
CA ILE B 282 -18.67 32.62 -7.82
C ILE B 282 -18.30 33.96 -7.20
N PRO B 283 -18.73 35.10 -7.84
CA PRO B 283 -18.11 36.34 -7.34
C PRO B 283 -18.68 36.80 -6.02
N ASN B 284 -18.03 37.77 -5.38
CA ASN B 284 -18.57 38.37 -4.16
C ASN B 284 -19.90 38.97 -4.51
N TYR B 285 -19.96 39.59 -5.67
CA TYR B 285 -21.18 40.25 -6.16
C TYR B 285 -22.40 39.34 -6.07
N LEU B 286 -22.18 38.06 -6.31
CA LEU B 286 -23.24 37.06 -6.27
C LEU B 286 -23.61 36.59 -4.86
N ILE B 287 -22.66 36.06 -4.10
CA ILE B 287 -22.96 35.41 -2.82
C ILE B 287 -23.88 36.33 -2.05
N ASP B 288 -23.47 37.56 -1.86
CA ASP B 288 -24.28 38.51 -1.12
C ASP B 288 -25.51 38.98 -1.94
N LYS B 289 -25.56 38.70 -3.24
CA LYS B 289 -26.82 38.89 -3.97
C LYS B 289 -27.74 37.70 -3.70
N ILE B 290 -27.15 36.52 -3.63
CA ILE B 290 -27.87 35.40 -3.09
C ILE B 290 -28.21 35.73 -1.63
N VAL B 291 -27.21 36.21 -0.92
CA VAL B 291 -27.32 36.38 0.52
C VAL B 291 -28.37 37.43 0.91
N ALA B 292 -28.48 38.46 0.09
CA ALA B 292 -29.49 39.49 0.24
C ALA B 292 -30.89 38.97 0.01
N SER B 293 -31.03 38.01 -0.88
CA SER B 293 -32.36 37.50 -1.18
C SER B 293 -32.53 35.99 -1.01
N ASP B 294 -33.38 35.65 -0.04
CA ASP B 294 -34.62 34.93 -0.29
C ASP B 294 -34.49 33.50 -0.74
N SER B 295 -33.28 32.98 -0.71
CA SER B 295 -32.97 31.75 -1.43
C SER B 295 -32.24 30.75 -0.57
N TRP B 296 -32.60 29.49 -0.70
CA TRP B 296 -31.93 28.43 0.05
C TRP B 296 -30.83 27.84 -0.83
N ALA B 297 -29.59 27.87 -0.36
CA ALA B 297 -28.50 27.34 -1.14
C ALA B 297 -28.22 25.85 -0.86
N GLY B 298 -28.32 25.01 -1.92
CA GLY B 298 -27.95 23.60 -1.85
C GLY B 298 -26.46 23.48 -2.11
N LEU B 299 -25.83 22.46 -1.55
CA LEU B 299 -24.38 22.43 -1.56
C LEU B 299 -23.71 21.33 -2.34
N GLN B 300 -23.92 20.07 -1.94
CA GLN B 300 -23.29 18.93 -2.61
C GLN B 300 -21.75 18.94 -2.47
N THR B 301 -21.26 18.47 -1.35
CA THR B 301 -19.83 18.43 -1.06
C THR B 301 -19.17 17.12 -1.51
N VAL B 302 -17.85 17.05 -1.35
CA VAL B 302 -17.08 15.80 -1.30
C VAL B 302 -16.00 16.02 -0.23
N HIS B 303 -15.45 14.92 0.27
CA HIS B 303 -14.57 14.89 1.45
C HIS B 303 -13.17 15.47 1.20
N ASP B 304 -12.43 15.68 2.27
CA ASP B 304 -10.98 16.00 2.22
C ASP B 304 -10.15 14.75 1.91
N GLN B 305 -10.74 13.59 2.10
CA GLN B 305 -10.03 12.31 2.02
C GLN B 305 -10.48 11.56 0.78
N HIS B 306 -11.78 11.34 0.65
CA HIS B 306 -12.39 10.82 -0.58
C HIS B 306 -11.88 11.61 -1.79
N ARG B 307 -11.79 12.93 -1.61
CA ARG B 307 -11.18 13.81 -2.61
C ARG B 307 -9.77 13.35 -2.91
N GLN B 308 -8.94 13.28 -1.88
CA GLN B 308 -7.58 12.79 -2.02
C GLN B 308 -7.59 11.36 -2.55
N GLY B 309 -8.61 10.62 -2.17
CA GLY B 309 -8.79 9.27 -2.66
C GLY B 309 -9.01 9.20 -4.17
N LEU B 310 -10.01 9.93 -4.64
CA LEU B 310 -10.31 9.99 -6.08
C LEU B 310 -9.18 10.69 -6.80
N GLU B 311 -8.58 11.68 -6.14
CA GLU B 311 -7.37 12.33 -6.62
C GLU B 311 -6.31 11.30 -6.93
N ASP B 312 -6.03 10.44 -5.97
CA ASP B 312 -4.99 9.44 -6.10
C ASP B 312 -5.25 8.52 -7.28
N VAL B 313 -6.47 8.03 -7.40
CA VAL B 313 -6.82 7.08 -8.47
C VAL B 313 -7.43 7.69 -9.75
N GLY B 314 -7.54 9.02 -9.81
CA GLY B 314 -8.03 9.71 -11.01
C GLY B 314 -9.41 9.22 -11.47
N SER B 315 -10.40 9.32 -10.58
CA SER B 315 -11.62 8.53 -10.63
C SER B 315 -12.90 9.16 -11.21
N TRP B 316 -12.75 10.11 -12.12
CA TRP B 316 -13.82 11.07 -12.41
C TRP B 316 -13.99 11.87 -11.11
N ALA B 317 -15.15 12.49 -10.87
CA ALA B 317 -15.29 13.44 -9.78
C ALA B 317 -14.05 14.31 -9.65
N ALA B 318 -13.56 14.49 -8.42
CA ALA B 318 -12.24 15.05 -8.14
C ALA B 318 -12.05 16.49 -8.61
N ALA B 319 -12.83 16.90 -9.60
CA ALA B 319 -13.06 18.30 -9.91
C ALA B 319 -14.15 18.80 -8.97
N LEU B 320 -15.20 17.99 -8.85
CA LEU B 320 -16.39 18.35 -8.11
C LEU B 320 -16.06 18.36 -6.61
N ALA B 321 -15.08 17.54 -6.22
CA ALA B 321 -14.59 17.50 -4.84
C ALA B 321 -13.83 18.76 -4.48
N GLY B 322 -12.74 19.03 -5.21
CA GLY B 322 -11.85 20.18 -4.94
C GLY B 322 -12.20 21.33 -5.84
N GLU B 323 -11.19 22.01 -6.37
CA GLU B 323 -11.40 22.96 -7.48
C GLU B 323 -12.18 24.18 -6.93
N PRO B 324 -12.43 25.21 -7.78
CA PRO B 324 -13.21 26.33 -7.23
C PRO B 324 -14.44 25.78 -6.54
N TYR B 325 -15.02 24.67 -6.99
CA TYR B 325 -16.34 24.30 -6.49
C TYR B 325 -16.41 24.09 -4.98
N ALA B 326 -15.44 23.40 -4.39
CA ALA B 326 -15.37 23.37 -2.91
C ALA B 326 -15.10 24.72 -2.22
N THR B 327 -14.01 25.36 -2.63
CA THR B 327 -13.63 26.68 -2.14
C THR B 327 -14.79 27.64 -2.26
N ASN B 328 -15.45 27.56 -3.38
CA ASN B 328 -16.67 28.31 -3.70
C ASN B 328 -17.75 28.18 -2.63
N GLU B 329 -17.94 26.97 -2.12
CA GLU B 329 -19.06 26.71 -1.21
C GLU B 329 -18.82 27.24 0.21
N ARG B 330 -17.54 27.30 0.61
CA ARG B 330 -17.19 27.85 1.92
C ARG B 330 -17.75 29.27 2.07
N ASN B 331 -17.70 30.01 0.96
CA ASN B 331 -18.17 31.40 0.92
C ASN B 331 -19.68 31.55 1.01
N LEU B 332 -20.41 30.48 0.71
CA LEU B 332 -21.86 30.46 0.95
C LEU B 332 -22.10 30.25 2.45
N ILE B 333 -21.09 29.74 3.14
CA ILE B 333 -21.19 29.44 4.55
C ILE B 333 -20.64 30.57 5.43
N SER B 334 -19.36 30.91 5.25
CA SER B 334 -18.73 31.99 6.03
C SER B 334 -19.48 33.31 5.88
N ALA B 335 -20.23 33.45 4.78
CA ALA B 335 -21.06 34.65 4.58
C ALA B 335 -22.44 34.48 5.23
N ASN B 336 -22.61 33.40 5.98
CA ASN B 336 -23.83 33.15 6.74
C ASN B 336 -25.08 33.13 5.85
N ALA B 337 -25.15 32.15 4.97
CA ALA B 337 -26.29 32.03 4.08
C ALA B 337 -27.13 30.82 4.46
N LYS B 338 -28.20 30.58 3.72
CA LYS B 338 -29.12 29.49 4.02
C LYS B 338 -28.67 28.22 3.30
N ILE B 339 -28.22 27.27 4.10
CA ILE B 339 -27.63 26.05 3.56
C ILE B 339 -28.61 24.90 3.68
N LEU B 340 -28.66 24.11 2.61
CA LEU B 340 -29.57 22.99 2.46
C LEU B 340 -28.74 21.74 2.44
N LEU B 341 -29.32 20.60 2.76
CA LEU B 341 -28.62 19.35 2.55
C LEU B 341 -28.98 18.80 1.18
N ASN B 342 -28.03 18.82 0.27
CA ASN B 342 -28.22 18.24 -1.05
C ASN B 342 -27.10 17.31 -1.34
N THR B 343 -27.38 16.09 -1.77
CA THR B 343 -26.29 15.18 -2.18
C THR B 343 -26.33 14.85 -3.69
N ASP B 344 -27.51 14.49 -4.17
CA ASP B 344 -27.78 14.04 -5.55
C ASP B 344 -27.74 12.52 -5.64
N ALA B 345 -27.07 11.86 -4.69
CA ALA B 345 -27.59 10.64 -4.01
C ALA B 345 -27.89 9.46 -4.90
N GLY B 346 -28.35 8.39 -4.25
CA GLY B 346 -28.96 7.25 -4.93
C GLY B 346 -28.59 5.93 -4.27
N CYS B 347 -29.15 4.85 -4.80
CA CYS B 347 -28.66 3.51 -4.54
C CYS B 347 -28.17 2.94 -5.88
N PRO B 348 -26.89 3.11 -6.18
CA PRO B 348 -26.29 2.71 -7.44
C PRO B 348 -26.14 1.17 -7.56
N SER B 349 -26.27 0.63 -8.77
CA SER B 349 -26.10 -0.82 -8.95
C SER B 349 -24.65 -1.11 -8.64
N LYS B 350 -24.40 -2.19 -7.92
CA LYS B 350 -23.02 -2.48 -7.51
C LYS B 350 -22.15 -2.60 -8.72
N ASP B 351 -22.70 -3.16 -9.80
CA ASP B 351 -21.90 -3.43 -10.99
C ASP B 351 -21.39 -2.10 -11.45
N HIS B 352 -22.09 -1.00 -11.18
CA HIS B 352 -21.43 0.30 -11.27
C HIS B 352 -20.48 0.45 -10.09
N LEU B 353 -20.93 0.09 -8.90
CA LEU B 353 -20.08 0.17 -7.70
C LEU B 353 -18.85 -0.72 -7.83
N ALA B 354 -19.05 -1.91 -8.38
CA ALA B 354 -18.03 -2.91 -8.49
C ALA B 354 -16.94 -2.42 -9.38
N ASP B 355 -17.28 -1.68 -10.43
CA ASP B 355 -16.28 -1.27 -11.39
C ASP B 355 -15.57 0.02 -10.98
N LEU B 356 -15.96 0.60 -9.85
CA LEU B 356 -15.21 1.70 -9.27
C LEU B 356 -13.98 1.15 -8.57
N SER B 357 -12.94 1.97 -8.44
CA SER B 357 -11.78 1.59 -7.62
C SER B 357 -12.23 1.51 -6.16
N PRO B 358 -11.54 0.71 -5.34
CA PRO B 358 -11.97 0.58 -3.95
C PRO B 358 -11.88 1.88 -3.16
N VAL B 359 -10.92 2.73 -3.52
CA VAL B 359 -10.78 4.03 -2.91
C VAL B 359 -12.07 4.82 -3.11
N GLU B 360 -12.66 4.67 -4.30
CA GLU B 360 -13.94 5.34 -4.62
C GLU B 360 -15.05 4.92 -3.67
N ARG B 361 -15.07 3.63 -3.36
CA ARG B 361 -16.12 3.03 -2.59
C ARG B 361 -16.20 3.51 -1.14
N GLU B 362 -15.06 3.69 -0.50
CA GLU B 362 -15.10 4.14 0.88
C GLU B 362 -15.94 5.38 0.96
N ASP B 363 -16.93 5.36 1.83
CA ASP B 363 -17.69 6.57 2.15
C ASP B 363 -18.17 7.34 0.93
N ARG B 364 -18.81 6.64 0.00
CA ARG B 364 -19.31 7.32 -1.20
C ARG B 364 -20.50 8.20 -0.81
N PRO B 365 -20.47 9.45 -1.28
CA PRO B 365 -21.53 10.43 -1.00
C PRO B 365 -22.68 10.37 -1.97
N TRP B 366 -22.49 9.64 -3.07
CA TRP B 366 -23.54 9.46 -4.06
C TRP B 366 -24.27 8.11 -3.88
N THR B 367 -23.89 7.38 -2.84
CA THR B 367 -24.65 6.25 -2.35
C THR B 367 -25.52 6.76 -1.18
N ILE B 368 -26.77 6.33 -1.19
CA ILE B 368 -27.79 6.89 -0.32
C ILE B 368 -27.75 6.42 1.11
N GLY B 369 -26.95 5.42 1.40
CA GLY B 369 -26.67 5.11 2.76
C GLY B 369 -25.80 6.09 3.49
N ASN B 370 -24.62 6.33 2.96
CA ASN B 370 -23.60 7.20 3.56
C ASN B 370 -23.55 8.62 2.99
N ASP B 371 -24.52 9.01 2.17
CA ASP B 371 -24.50 10.35 1.53
C ASP B 371 -24.59 11.51 2.52
N HIS B 372 -25.52 11.40 3.47
CA HIS B 372 -25.79 12.49 4.42
C HIS B 372 -24.76 12.50 5.54
N PHE B 373 -24.33 11.32 6.00
CA PHE B 373 -23.28 11.23 6.99
C PHE B 373 -22.04 11.94 6.49
N HIS B 374 -21.57 11.52 5.30
CA HIS B 374 -20.47 12.17 4.60
C HIS B 374 -20.77 13.65 4.45
N TRP B 375 -22.00 14.00 4.06
CA TRP B 375 -22.36 15.39 3.88
C TRP B 375 -22.17 16.21 5.13
N THR B 376 -22.84 15.80 6.20
CA THR B 376 -22.88 16.57 7.45
C THR B 376 -21.49 16.78 8.04
N GLN B 377 -20.62 15.81 7.87
CA GLN B 377 -19.23 15.97 8.34
C GLN B 377 -18.40 16.83 7.36
N SER B 378 -18.48 16.53 6.08
CA SER B 378 -17.66 17.21 5.07
C SER B 378 -17.94 18.72 5.00
N MET B 379 -19.01 19.14 5.66
CA MET B 379 -19.39 20.52 5.74
C MET B 379 -18.74 21.22 6.93
N VAL B 380 -18.94 20.65 8.12
CA VAL B 380 -18.27 21.11 9.34
C VAL B 380 -16.79 21.38 9.04
N GLU B 381 -16.21 20.54 8.20
CA GLU B 381 -14.79 20.59 7.87
C GLU B 381 -14.48 21.63 6.82
N LYS B 382 -15.47 22.42 6.44
CA LYS B 382 -15.22 23.58 5.61
C LYS B 382 -15.21 24.88 6.41
N GLY B 383 -16.38 25.45 6.67
CA GLY B 383 -16.49 26.58 7.60
C GLY B 383 -17.37 26.29 8.82
N MET B 384 -17.98 25.10 8.86
CA MET B 384 -19.22 24.90 9.60
C MET B 384 -19.06 24.21 10.98
N SER B 385 -19.99 24.47 11.91
CA SER B 385 -19.94 23.85 13.23
C SER B 385 -21.08 22.85 13.41
N PRO B 386 -20.85 21.78 14.20
CA PRO B 386 -21.73 20.61 14.20
C PRO B 386 -23.21 20.90 14.40
N LEU B 387 -23.54 21.75 15.36
CA LEU B 387 -24.93 22.17 15.55
C LEU B 387 -25.52 22.84 14.30
N GLU B 388 -24.74 23.69 13.65
CA GLU B 388 -25.16 24.32 12.40
C GLU B 388 -25.51 23.27 11.33
N ALA B 389 -24.71 22.22 11.26
CA ALA B 389 -24.83 21.21 10.22
C ALA B 389 -26.09 20.36 10.36
N ILE B 390 -26.30 19.79 11.54
CA ILE B 390 -27.43 18.92 11.76
C ILE B 390 -28.75 19.64 11.48
N SER B 391 -28.75 20.96 11.67
CA SER B 391 -29.91 21.78 11.31
C SER B 391 -30.02 21.95 9.81
N ALA B 392 -28.88 21.97 9.12
CA ALA B 392 -28.91 21.95 7.64
C ALA B 392 -29.52 20.65 7.15
N ALA B 393 -29.42 19.63 7.97
CA ALA B 393 -29.95 18.31 7.64
C ALA B 393 -31.35 18.07 8.21
N THR B 394 -31.93 19.07 8.85
CA THR B 394 -33.27 18.86 9.42
C THR B 394 -34.35 19.87 9.00
N ILE B 395 -34.40 21.02 9.63
CA ILE B 395 -35.46 21.99 9.33
C ILE B 395 -35.12 22.90 8.16
N ASN B 396 -33.83 23.03 7.87
CA ASN B 396 -33.41 23.93 6.79
C ASN B 396 -34.11 23.53 5.49
N VAL B 397 -34.04 22.25 5.17
CA VAL B 397 -34.71 21.72 4.01
C VAL B 397 -36.20 21.57 4.30
N ALA B 398 -36.57 21.50 5.58
CA ALA B 398 -37.98 21.37 5.95
C ALA B 398 -38.78 22.65 5.68
N ARG B 399 -38.17 23.81 5.91
CA ARG B 399 -38.82 25.08 5.52
C ARG B 399 -38.27 25.63 4.21
N ALA B 400 -37.33 24.93 3.58
CA ALA B 400 -36.94 25.33 2.23
C ALA B 400 -38.06 24.88 1.30
N TYR B 401 -38.67 23.74 1.64
CA TYR B 401 -39.80 23.17 0.89
C TYR B 401 -41.20 23.55 1.38
N GLY B 402 -41.28 24.07 2.60
CA GLY B 402 -42.56 24.36 3.24
C GLY B 402 -43.13 23.14 3.89
N LYS B 403 -42.27 22.25 4.38
CA LYS B 403 -42.68 21.05 5.13
C LYS B 403 -42.50 21.20 6.64
N ALA B 404 -42.13 22.40 7.09
CA ALA B 404 -41.77 22.60 8.49
C ALA B 404 -42.92 22.23 9.37
N ASP B 405 -44.09 22.46 8.84
CA ASP B 405 -45.32 22.36 9.58
C ASP B 405 -45.42 20.99 10.10
N GLN B 406 -44.96 20.03 9.35
CA GLN B 406 -44.96 18.66 9.81
C GLN B 406 -43.62 17.94 10.11
N ILE B 407 -42.46 18.55 9.93
CA ILE B 407 -41.18 17.82 10.13
C ILE B 407 -39.87 18.58 10.37
N GLY B 408 -38.87 17.85 10.84
CA GLY B 408 -37.50 18.31 10.88
C GLY B 408 -37.13 19.06 12.14
N SER B 409 -38.11 19.30 13.00
CA SER B 409 -37.92 19.90 14.30
C SER B 409 -38.67 19.00 15.27
N VAL B 410 -38.26 19.00 16.52
CA VAL B 410 -38.80 18.07 17.49
C VAL B 410 -39.99 18.67 18.20
N GLU B 411 -40.62 19.66 17.58
CA GLU B 411 -41.74 20.36 18.17
C GLU B 411 -42.92 19.43 18.39
N THR B 412 -43.79 19.81 19.30
CA THR B 412 -45.04 19.11 19.50
C THR B 412 -46.07 19.58 18.47
N GLY B 413 -46.94 18.67 18.03
CA GLY B 413 -47.94 18.97 17.02
C GLY B 413 -47.51 18.68 15.59
N LYS B 414 -46.28 18.18 15.41
CA LYS B 414 -45.79 17.85 14.08
C LYS B 414 -45.34 16.38 14.02
N LEU B 415 -45.11 15.89 12.81
CA LEU B 415 -44.91 14.48 12.63
C LEU B 415 -43.87 13.87 13.56
N ALA B 416 -44.04 12.56 13.80
CA ALA B 416 -43.44 11.90 14.94
C ALA B 416 -42.06 11.37 14.66
N ASP B 417 -41.49 11.81 13.54
CA ASP B 417 -40.14 11.42 13.15
C ASP B 417 -39.10 11.92 14.15
N PHE B 418 -38.27 10.99 14.60
CA PHE B 418 -37.06 11.33 15.35
C PHE B 418 -36.10 10.15 15.29
N VAL B 419 -34.90 10.34 15.80
CA VAL B 419 -33.91 9.27 15.82
C VAL B 419 -33.23 9.28 17.18
N LEU B 420 -32.52 8.21 17.53
CA LEU B 420 -31.82 8.18 18.82
C LEU B 420 -30.38 7.65 18.68
N LEU B 421 -29.44 8.43 19.18
CA LEU B 421 -28.02 8.09 19.06
C LEU B 421 -27.51 7.44 20.32
N ASP B 422 -26.23 7.06 20.29
CA ASP B 422 -25.51 6.67 21.48
C ASP B 422 -24.57 7.80 21.87
N GLN B 423 -23.69 8.16 20.95
CA GLN B 423 -22.70 9.21 21.16
C GLN B 423 -23.16 10.62 20.77
N ASP B 424 -22.27 11.59 20.97
CA ASP B 424 -22.57 13.02 20.82
C ASP B 424 -22.26 13.54 19.42
N PRO B 425 -23.29 14.03 18.71
CA PRO B 425 -23.07 14.63 17.42
C PRO B 425 -22.41 16.00 17.46
N VAL B 426 -22.56 16.73 18.56
CA VAL B 426 -22.11 18.15 18.60
C VAL B 426 -20.60 18.27 18.79
N ASP B 427 -19.99 17.44 19.63
CA ASP B 427 -18.55 17.50 19.82
C ASP B 427 -17.90 16.97 18.55
N ASP B 428 -18.44 15.86 18.07
CA ASP B 428 -18.02 15.25 16.82
C ASP B 428 -19.28 14.81 16.03
N ILE B 429 -19.39 15.27 14.78
CA ILE B 429 -20.60 15.02 14.02
C ILE B 429 -20.57 13.66 13.37
N ARG B 430 -19.48 12.93 13.60
CA ARG B 430 -19.38 11.53 13.19
C ARG B 430 -20.35 10.64 13.99
N ASN B 431 -20.93 11.18 15.05
CA ASN B 431 -21.76 10.40 15.96
C ASN B 431 -23.24 10.41 15.63
N LEU B 432 -23.60 11.04 14.51
CA LEU B 432 -24.95 10.84 13.96
C LEU B 432 -25.01 9.45 13.34
N ARG B 433 -23.82 8.81 13.24
CA ARG B 433 -23.68 7.46 12.68
C ARG B 433 -23.84 6.39 13.75
N SER B 434 -24.21 6.81 14.96
CA SER B 434 -24.24 5.94 16.13
C SER B 434 -25.64 5.33 16.42
N ILE B 435 -26.55 5.44 15.45
CA ILE B 435 -27.97 5.08 15.58
C ILE B 435 -28.28 3.83 16.41
N THR B 436 -29.29 3.98 17.27
CA THR B 436 -29.87 2.84 18.00
C THR B 436 -31.30 2.62 17.56
N GLU B 437 -32.16 3.61 17.80
CA GLU B 437 -33.53 3.58 17.31
C GLU B 437 -33.77 4.65 16.25
N VAL B 438 -34.54 4.27 15.22
CA VAL B 438 -35.06 5.26 14.27
C VAL B 438 -36.55 5.28 14.37
N PHE B 439 -37.14 6.45 14.57
CA PHE B 439 -38.59 6.54 14.70
C PHE B 439 -39.15 7.46 13.62
N GLN B 440 -40.09 6.93 12.85
CA GLN B 440 -40.82 7.69 11.83
C GLN B 440 -42.29 7.56 12.09
N ALA B 441 -43.04 8.65 11.89
CA ALA B 441 -44.53 8.61 11.92
C ALA B 441 -45.07 7.83 13.12
N GLY B 442 -44.35 7.92 14.23
CA GLY B 442 -44.76 7.30 15.49
C GLY B 442 -44.34 5.85 15.60
N ALA B 443 -43.56 5.36 14.63
CA ALA B 443 -43.36 3.90 14.55
C ALA B 443 -41.98 3.50 15.03
N ALA B 444 -41.78 2.21 15.26
CA ALA B 444 -40.45 1.73 15.51
C ALA B 444 -39.97 1.14 14.23
N VAL B 445 -39.18 1.88 13.46
CA VAL B 445 -38.77 1.37 12.16
C VAL B 445 -37.85 0.24 12.46
N ASP B 446 -37.99 -0.87 11.74
CA ASP B 446 -37.18 -2.04 11.98
C ASP B 446 -36.01 -1.84 11.08
N ARG B 447 -34.86 -1.50 11.66
CA ARG B 447 -33.64 -1.26 10.88
C ARG B 447 -33.13 -2.58 10.29
N ALA B 448 -33.26 -3.65 11.08
CA ALA B 448 -32.62 -4.90 10.76
C ALA B 448 -33.35 -5.70 9.66
N ALA B 449 -34.55 -5.26 9.33
CA ALA B 449 -35.33 -5.94 8.31
C ALA B 449 -35.31 -5.16 6.98
N LEU B 450 -34.62 -4.04 6.91
CA LEU B 450 -34.72 -3.16 5.72
C LEU B 450 -33.53 -3.36 4.73
N PRO B 451 -33.81 -3.54 3.39
CA PRO B 451 -35.20 -3.50 2.95
C PRO B 451 -35.92 -4.82 2.95
N THR B 452 -37.26 -4.75 2.99
CA THR B 452 -38.14 -5.94 3.13
C THR B 452 -38.05 -6.85 1.93
N THR B 453 -38.03 -6.23 0.75
CA THR B 453 -37.67 -6.95 -0.45
C THR B 453 -36.38 -6.35 -1.05
N PRO B 454 -35.26 -7.07 -0.93
CA PRO B 454 -34.00 -6.56 -1.44
C PRO B 454 -33.86 -6.82 -2.93
N LEU B 455 -33.28 -5.85 -3.65
CA LEU B 455 -33.05 -6.03 -5.08
C LEU B 455 -31.68 -5.56 -5.48
N VAL B 456 -31.46 -4.25 -5.48
CA VAL B 456 -30.18 -3.72 -5.93
C VAL B 456 -29.11 -3.95 -4.87
N THR B 457 -29.51 -4.50 -3.73
CA THR B 457 -28.56 -4.85 -2.69
C THR B 457 -28.39 -6.35 -2.61
N ALA B 458 -29.31 -7.08 -3.24
CA ALA B 458 -29.22 -8.54 -3.34
C ALA B 458 -29.00 -8.88 -4.82
N HIS B 459 -27.81 -9.36 -5.12
CA HIS B 459 -27.28 -9.28 -6.47
C HIS B 459 -26.14 -10.33 -6.64
N PRO B 460 -25.57 -10.47 -7.89
CA PRO B 460 -25.82 -9.43 -8.89
C PRO B 460 -27.00 -9.72 -9.84
N SER C 2 51.39 3.63 32.16
CA SER C 2 52.20 2.44 32.54
C SER C 2 53.36 2.85 33.42
N THR C 3 53.87 1.93 34.23
CA THR C 3 55.12 2.14 34.91
C THR C 3 56.05 1.11 34.32
N ILE C 4 57.23 1.51 33.87
CA ILE C 4 58.02 0.67 32.96
C ILE C 4 59.42 0.47 33.45
N ALA C 5 60.02 -0.68 33.10
CA ALA C 5 61.45 -0.89 33.35
C ALA C 5 62.17 -1.23 32.06
N ILE C 6 63.23 -0.51 31.74
CA ILE C 6 63.99 -0.78 30.53
C ILE C 6 65.31 -1.37 30.94
N THR C 7 65.51 -2.61 30.55
CA THR C 7 66.55 -3.46 31.10
C THR C 7 67.72 -3.73 30.14
N ASN C 8 68.93 -3.89 30.69
CA ASN C 8 70.10 -4.24 29.91
C ASN C 8 70.42 -3.20 28.83
N VAL C 9 70.33 -1.92 29.21
CA VAL C 9 70.66 -0.83 28.30
C VAL C 9 72.13 -0.47 28.48
N THR C 10 72.77 -0.10 27.38
CA THR C 10 74.11 0.47 27.41
C THR C 10 73.92 1.98 27.30
N LEU C 11 74.09 2.69 28.43
CA LEU C 11 73.60 4.05 28.53
C LEU C 11 74.61 5.16 28.22
N ILE C 12 74.27 6.02 27.25
CA ILE C 12 74.94 7.29 27.11
C ILE C 12 74.11 8.35 27.86
N ASP C 13 74.64 8.85 28.97
CA ASP C 13 73.93 9.88 29.73
C ASP C 13 73.87 11.10 28.83
N GLY C 14 74.96 11.29 28.07
CA GLY C 14 75.12 12.43 27.20
C GLY C 14 75.75 13.61 27.92
N LEU C 15 75.89 13.45 29.24
CA LEU C 15 76.52 14.44 30.08
C LEU C 15 77.98 14.61 29.68
N GLY C 16 78.50 13.58 29.01
CA GLY C 16 79.90 13.60 28.65
C GLY C 16 80.66 12.47 29.25
N GLY C 17 80.00 11.75 30.11
CA GLY C 17 80.62 10.64 30.76
C GLY C 17 80.80 9.49 29.82
N LEU C 18 81.63 8.56 30.22
CA LEU C 18 81.90 7.39 29.43
C LEU C 18 80.59 6.69 29.32
N PRO C 19 80.35 6.00 28.12
CA PRO C 19 79.13 5.20 28.14
C PRO C 19 79.23 4.02 29.09
N ARG C 20 78.16 3.72 29.78
CA ARG C 20 78.22 2.62 30.67
C ARG C 20 77.26 1.57 30.22
N PRO C 21 77.78 0.40 29.99
CA PRO C 21 76.96 -0.81 29.83
C PRO C 21 76.39 -1.32 31.16
N ALA C 22 75.66 -2.46 31.08
CA ALA C 22 75.00 -3.04 32.25
C ALA C 22 74.23 -1.97 32.99
N THR C 23 73.32 -1.30 32.30
CA THR C 23 72.57 -0.20 32.93
C THR C 23 71.07 -0.47 32.81
N THR C 24 70.35 -0.35 33.91
CA THR C 24 68.92 -0.56 33.85
C THR C 24 68.13 0.60 34.43
N VAL C 25 67.25 1.14 33.60
CA VAL C 25 66.56 2.37 33.86
C VAL C 25 65.06 2.07 34.04
N ILE C 26 64.52 2.62 35.12
CA ILE C 26 63.13 2.53 35.46
C ILE C 26 62.50 3.90 35.23
N VAL C 27 61.23 3.92 34.88
CA VAL C 27 60.47 5.20 34.81
C VAL C 27 59.31 5.17 35.76
N GLU C 28 59.17 6.25 36.52
CA GLU C 28 58.03 6.38 37.44
C GLU C 28 57.19 7.47 36.83
N GLY C 29 55.91 7.21 36.60
CA GLY C 29 55.04 8.25 36.06
C GLY C 29 55.64 8.69 34.76
N ASP C 30 56.07 9.95 34.68
CA ASP C 30 56.87 10.39 33.54
C ASP C 30 58.24 10.02 34.07
N ARG C 31 59.05 11.01 34.37
CA ARG C 31 59.99 10.91 35.44
C ARG C 31 60.78 9.60 35.43
N PHE C 32 62.05 9.73 35.09
CA PHE C 32 63.02 8.69 35.29
C PHE C 32 63.05 8.42 36.75
N ALA C 33 63.21 7.14 37.14
CA ALA C 33 63.17 6.83 38.53
C ALA C 33 64.57 6.55 39.09
N THR C 34 65.06 5.36 38.78
CA THR C 34 66.29 4.86 39.33
C THR C 34 67.23 4.51 38.17
N VAL C 35 68.50 4.90 38.26
CA VAL C 35 69.46 4.60 37.24
C VAL C 35 70.61 3.83 37.88
N GLY C 36 70.76 2.59 37.48
CA GLY C 36 71.87 1.79 37.99
C GLY C 36 71.76 0.46 37.27
N PRO C 37 72.72 -0.41 37.47
CA PRO C 37 72.66 -1.71 36.86
C PRO C 37 72.16 -2.77 37.78
N SER C 38 72.61 -2.77 39.04
CA SER C 38 72.34 -3.84 40.03
C SER C 38 72.67 -5.12 39.32
N ASP C 39 71.74 -6.04 39.21
CA ASP C 39 71.69 -6.82 38.03
C ASP C 39 70.65 -6.11 37.20
N SER C 40 69.51 -5.87 37.84
CA SER C 40 68.52 -4.90 37.38
C SER C 40 68.36 -3.70 38.31
N THR C 41 67.29 -3.63 39.11
CA THR C 41 67.22 -2.55 40.08
C THR C 41 66.44 -2.65 41.40
N PRO C 42 65.36 -3.42 41.50
CA PRO C 42 64.73 -4.09 40.38
C PRO C 42 63.27 -3.70 40.05
N VAL C 43 62.63 -4.55 39.25
CA VAL C 43 61.29 -4.33 38.73
C VAL C 43 60.14 -4.50 39.72
N PRO C 44 59.18 -3.59 39.75
CA PRO C 44 58.11 -3.75 40.78
C PRO C 44 56.93 -4.66 40.40
N GLU C 45 57.23 -5.76 39.69
CA GLU C 45 56.32 -6.86 39.45
C GLU C 45 55.09 -6.49 38.62
N GLY C 46 54.68 -5.22 38.69
CA GLY C 46 53.60 -4.71 37.90
C GLY C 46 54.12 -3.82 36.79
N ALA C 47 55.42 -3.59 36.84
CA ALA C 47 56.05 -2.70 35.91
C ALA C 47 56.03 -3.30 34.53
N THR C 48 55.66 -2.50 33.54
CA THR C 48 55.70 -2.92 32.16
C THR C 48 57.16 -3.20 31.76
N VAL C 49 57.37 -4.36 31.18
CA VAL C 49 58.69 -4.76 30.70
C VAL C 49 59.02 -3.90 29.48
N VAL C 50 60.27 -3.48 29.35
CA VAL C 50 60.83 -3.11 28.04
C VAL C 50 62.25 -3.69 27.92
N ASP C 51 62.46 -4.51 26.91
CA ASP C 51 63.74 -5.23 26.75
C ASP C 51 64.74 -4.32 26.05
N GLY C 52 65.85 -4.03 26.70
CA GLY C 52 66.86 -3.14 26.12
C GLY C 52 68.13 -3.81 25.65
N ASN C 53 68.15 -5.14 25.61
CA ASN C 53 69.32 -5.86 25.11
C ASN C 53 69.68 -5.39 23.69
N ARG C 54 70.98 -5.32 23.42
CA ARG C 54 71.45 -5.02 22.08
C ARG C 54 70.98 -3.65 21.62
N ARG C 55 70.70 -2.74 22.53
CA ARG C 55 70.38 -1.38 22.14
C ARG C 55 71.10 -0.32 22.98
N TRP C 56 70.90 0.95 22.64
CA TRP C 56 71.49 2.05 23.36
C TRP C 56 70.41 2.96 23.80
N MET C 57 70.67 3.68 24.88
CA MET C 57 69.82 4.82 25.22
C MET C 57 70.68 6.07 25.15
N VAL C 58 70.22 7.01 24.35
CA VAL C 58 70.76 8.36 24.37
C VAL C 58 69.63 9.22 24.89
N PRO C 59 69.97 10.36 25.49
CA PRO C 59 68.89 11.23 25.93
C PRO C 59 68.06 11.64 24.70
N GLY C 60 66.73 11.73 24.87
CA GLY C 60 65.85 12.18 23.80
C GLY C 60 66.40 13.45 23.17
N TYR C 61 66.48 13.48 21.85
CA TYR C 61 67.13 14.58 21.14
C TYR C 61 66.37 15.88 21.38
N VAL C 62 67.13 16.96 21.49
CA VAL C 62 66.61 18.29 21.72
C VAL C 62 67.13 19.19 20.61
N ASN C 63 66.20 19.77 19.86
CA ASN C 63 66.58 20.70 18.81
C ASN C 63 66.34 22.12 19.25
N GLY C 64 67.36 22.96 19.14
CA GLY C 64 67.29 24.34 19.59
C GLY C 64 66.75 25.26 18.52
N ASN C 65 66.88 24.87 17.25
CA ASN C 65 66.34 25.69 16.17
C ASN C 65 65.62 24.87 15.12
N VAL C 66 64.35 25.14 14.95
CA VAL C 66 63.57 24.66 13.82
C VAL C 66 62.42 25.64 13.71
N HIS C 67 61.73 25.66 12.59
CA HIS C 67 60.50 26.41 12.50
C HIS C 67 59.42 25.44 12.17
N LEU C 68 58.43 25.28 13.05
CA LEU C 68 57.43 24.28 12.78
C LEU C 68 56.68 24.55 11.49
N LEU C 69 56.38 25.82 11.20
CA LEU C 69 55.94 26.17 9.86
C LEU C 69 57.18 26.62 9.16
N ASP C 70 57.48 26.07 8.01
CA ASP C 70 58.80 26.27 7.42
C ASP C 70 59.19 27.65 6.88
N ALA C 71 60.12 28.31 7.56
CA ALA C 71 60.54 29.61 7.10
C ALA C 71 61.74 29.57 6.19
N TRP C 72 62.45 28.45 6.15
CA TRP C 72 63.59 28.37 5.24
C TRP C 72 63.06 28.43 3.78
N MET C 73 61.99 27.71 3.54
CA MET C 73 61.16 27.86 2.37
C MET C 73 60.62 29.27 2.22
N PHE C 74 59.85 29.75 3.18
CA PHE C 74 59.32 31.10 3.13
C PHE C 74 60.39 32.07 2.82
N MET C 75 61.60 31.72 3.16
CA MET C 75 62.76 32.53 2.91
C MET C 75 63.42 32.12 1.62
N ALA C 76 62.84 31.15 0.96
CA ALA C 76 63.55 30.34 0.09
C ALA C 76 63.24 30.69 -1.23
N GLY C 77 62.21 31.44 -1.49
CA GLY C 77 60.86 31.47 -1.03
C GLY C 77 59.84 30.97 -2.01
N PRO C 78 60.17 30.74 -3.31
CA PRO C 78 59.06 30.33 -4.15
C PRO C 78 58.32 29.13 -3.61
N GLY C 79 57.00 29.25 -3.49
CA GLY C 79 56.20 28.18 -2.96
C GLY C 79 55.70 28.56 -1.61
N THR C 80 56.06 29.75 -1.15
CA THR C 80 55.52 30.26 0.09
C THR C 80 54.03 30.49 -0.02
N ILE C 81 53.61 31.04 -1.14
CA ILE C 81 52.23 31.46 -1.25
C ILE C 81 51.26 30.30 -1.22
N GLU C 82 51.51 29.29 -2.05
CA GLU C 82 50.62 28.10 -2.10
C GLU C 82 50.50 27.41 -0.75
N TYR C 83 51.65 27.25 -0.09
CA TYR C 83 51.73 26.53 1.19
C TYR C 83 50.99 27.25 2.32
N LEU C 84 50.99 28.58 2.28
CA LEU C 84 50.19 29.38 3.20
C LEU C 84 48.69 29.38 2.90
N ALA C 85 48.33 29.49 1.62
CA ALA C 85 46.93 29.52 1.22
C ALA C 85 46.27 28.15 1.35
N ARG C 86 46.95 27.10 0.94
CA ARG C 86 46.60 25.74 1.29
C ARG C 86 46.93 25.77 2.75
N TRP C 87 46.23 25.02 3.58
CA TRP C 87 46.66 24.91 4.97
C TRP C 87 46.34 26.14 5.83
N GLU C 88 45.68 27.18 5.32
CA GLU C 88 45.36 28.33 6.14
C GLU C 88 44.19 28.03 7.04
N GLY C 89 44.38 28.28 8.33
CA GLY C 89 43.32 28.08 9.31
C GLY C 89 43.40 26.71 9.95
N ARG C 90 43.95 25.74 9.22
CA ARG C 90 44.42 24.50 9.87
C ARG C 90 45.94 24.52 10.11
N TYR C 91 46.58 25.70 10.08
CA TYR C 91 47.99 25.83 10.37
C TYR C 91 48.38 25.11 11.65
N VAL C 92 47.60 25.31 12.70
CA VAL C 92 47.99 24.82 14.03
C VAL C 92 48.17 23.30 14.01
N GLU C 93 47.43 22.64 13.13
CA GLU C 93 47.57 21.21 12.94
C GLU C 93 48.77 20.94 12.06
N VAL C 94 49.05 21.85 11.14
CA VAL C 94 50.26 21.78 10.30
C VAL C 94 51.53 21.97 11.14
N ILE C 95 51.48 22.86 12.12
CA ILE C 95 52.63 23.03 13.00
C ILE C 95 52.91 21.71 13.73
N GLU C 96 51.83 21.06 14.12
CA GLU C 96 51.96 19.79 14.81
C GLU C 96 52.48 18.71 13.91
N GLU C 97 52.44 18.94 12.61
CA GLU C 97 53.04 17.99 11.66
C GLU C 97 54.56 17.95 11.82
N ALA C 98 55.19 19.13 11.85
CA ALA C 98 56.64 19.17 11.97
C ALA C 98 57.06 18.60 13.32
N ALA C 99 56.31 18.98 14.34
CA ALA C 99 56.58 18.55 15.68
C ALA C 99 56.62 17.03 15.78
N GLN C 100 55.84 16.37 14.94
CA GLN C 100 55.80 14.90 14.95
C GLN C 100 57.00 14.32 14.24
N LEU C 101 57.36 14.91 13.07
CA LEU C 101 58.43 14.39 12.25
C LEU C 101 59.74 14.34 12.99
N ALA C 102 59.95 15.30 13.87
CA ALA C 102 61.14 15.35 14.73
C ALA C 102 61.09 14.16 15.69
N LEU C 103 59.99 14.04 16.43
CA LEU C 103 59.79 13.02 17.44
C LEU C 103 59.90 11.64 16.83
N ARG C 104 59.30 11.46 15.64
CA ARG C 104 59.40 10.23 14.87
C ARG C 104 60.90 9.90 14.67
N ASN C 105 61.71 10.93 14.44
CA ASN C 105 63.15 10.77 14.27
C ASN C 105 63.96 10.84 15.59
N GLY C 106 63.25 10.94 16.70
CA GLY C 106 63.86 10.88 18.01
C GLY C 106 63.98 12.20 18.76
N VAL C 107 63.52 13.30 18.16
CA VAL C 107 63.59 14.58 18.88
C VAL C 107 62.35 14.80 19.73
N THR C 108 62.50 14.69 21.03
CA THR C 108 61.39 14.79 21.99
C THR C 108 60.97 16.20 22.27
N THR C 109 61.90 17.12 22.09
CA THR C 109 61.71 18.52 22.46
C THR C 109 62.32 19.46 21.44
N VAL C 110 61.59 20.49 21.06
CA VAL C 110 62.10 21.44 20.09
C VAL C 110 61.87 22.89 20.52
N PHE C 111 62.83 23.74 20.13
CA PHE C 111 62.74 25.19 20.31
C PHE C 111 62.56 25.85 18.95
N ASP C 112 61.41 26.51 18.74
CA ASP C 112 61.16 27.18 17.47
C ASP C 112 61.31 28.67 17.59
N THR C 113 62.20 29.21 16.76
CA THR C 113 62.53 30.65 16.83
C THR C 113 61.84 31.59 15.85
N HIS C 114 61.11 31.06 14.87
CA HIS C 114 60.19 31.89 14.12
C HIS C 114 58.91 31.19 13.65
N ASN C 115 57.76 31.82 13.95
CA ASN C 115 56.44 31.24 13.63
C ASN C 115 55.30 32.23 13.82
N ALA C 116 54.09 31.75 13.55
CA ALA C 116 52.86 32.50 13.83
C ALA C 116 52.39 32.20 15.24
N ILE C 117 52.31 33.21 16.08
CA ILE C 117 52.27 32.99 17.50
C ILE C 117 50.98 32.30 18.00
N GLU C 118 49.83 32.67 17.47
CA GLU C 118 48.61 32.06 17.94
C GLU C 118 48.53 30.59 17.52
N PRO C 119 48.86 30.25 16.26
CA PRO C 119 48.98 28.80 15.95
C PRO C 119 50.12 28.06 16.64
N VAL C 120 51.27 28.68 16.87
CA VAL C 120 52.39 28.00 17.51
C VAL C 120 52.21 27.86 19.02
N LEU C 121 51.45 28.78 19.59
CA LEU C 121 51.08 28.66 20.99
C LEU C 121 50.04 27.60 21.16
N ALA C 122 49.07 27.62 20.25
CA ALA C 122 48.07 26.54 20.16
C ALA C 122 48.79 25.18 20.16
N ALA C 123 49.64 24.99 19.16
CA ALA C 123 50.44 23.80 19.05
C ALA C 123 51.14 23.40 20.34
N ARG C 124 51.84 24.35 20.95
CA ARG C 124 52.53 24.11 22.22
C ARG C 124 51.49 23.69 23.30
N ASP C 125 50.32 24.29 23.25
CA ASP C 125 49.23 23.86 24.09
C ASP C 125 48.58 22.52 23.67
N ARG C 126 48.36 22.30 22.37
CA ARG C 126 47.76 21.04 21.89
C ARG C 126 48.68 19.84 22.18
N ILE C 127 50.00 20.01 22.12
CA ILE C 127 50.95 18.91 22.36
C ILE C 127 51.24 18.53 23.81
N ASN C 128 51.46 19.50 24.66
CA ASN C 128 51.73 19.22 26.09
C ASN C 128 50.63 18.48 26.82
N ALA C 129 49.40 18.80 26.44
CA ALA C 129 48.24 18.29 27.14
C ALA C 129 47.86 16.91 26.59
N GLY C 130 48.63 16.41 25.62
CA GLY C 130 48.36 15.08 25.10
C GLY C 130 47.02 15.01 24.37
N ILE C 131 46.59 16.16 23.85
CA ILE C 131 45.48 16.22 22.94
C ILE C 131 46.05 15.87 21.59
N SER C 132 47.28 16.34 21.33
CA SER C 132 47.94 16.12 20.04
C SER C 132 49.31 15.48 20.25
N GLN C 133 49.57 14.42 19.49
CA GLN C 133 50.83 13.77 19.46
C GLN C 133 51.81 14.80 18.91
N GLY C 134 53.05 14.73 19.35
CA GLY C 134 54.08 15.65 18.83
C GLY C 134 55.23 15.88 19.80
N ALA C 135 56.23 16.62 19.33
CA ALA C 135 57.37 16.97 20.17
C ALA C 135 57.05 18.17 21.04
N ARG C 136 57.59 18.17 22.23
CA ARG C 136 57.46 19.31 23.13
C ARG C 136 58.05 20.56 22.49
N ILE C 137 57.24 21.61 22.47
CA ILE C 137 57.62 22.83 21.77
C ILE C 137 57.62 23.97 22.76
N PHE C 138 58.67 24.78 22.71
CA PHE C 138 58.75 26.01 23.46
C PHE C 138 58.61 26.95 22.35
N ALA C 139 57.73 27.91 22.49
CA ALA C 139 57.42 28.78 21.38
C ALA C 139 58.31 30.00 21.46
N ALA C 140 59.10 30.23 20.43
CA ALA C 140 59.82 31.48 20.33
C ALA C 140 58.90 32.68 20.01
N GLY C 141 57.84 32.45 19.24
CA GLY C 141 57.00 33.54 18.78
C GLY C 141 57.57 34.05 17.49
N THR C 142 57.21 35.26 17.09
CA THR C 142 57.92 35.88 15.97
C THR C 142 59.26 36.30 16.44
N ILE C 143 60.15 36.67 15.56
CA ILE C 143 61.41 37.25 15.98
C ILE C 143 61.19 38.76 15.92
N VAL C 144 61.45 39.45 17.01
CA VAL C 144 61.14 40.87 17.08
C VAL C 144 61.93 41.69 16.08
N GLY C 145 61.26 42.67 15.50
CA GLY C 145 61.89 43.50 14.46
C GLY C 145 61.91 42.94 13.08
N MET C 146 61.07 41.95 12.80
CA MET C 146 61.03 41.35 11.47
C MET C 146 59.59 41.32 10.91
N GLY C 147 59.49 41.51 9.59
CA GLY C 147 58.21 41.51 8.89
C GLY C 147 57.72 40.10 8.56
N GLY C 148 56.57 40.03 7.88
CA GLY C 148 55.88 38.77 7.59
C GLY C 148 56.47 37.96 6.47
N PRO C 149 55.84 36.80 6.20
CA PRO C 149 56.26 35.91 5.10
C PRO C 149 56.23 36.62 3.73
N PHE C 150 55.32 37.56 3.54
CA PHE C 150 55.23 38.33 2.31
C PHE C 150 55.89 39.70 2.35
N SER C 151 56.50 40.01 3.50
CA SER C 151 57.29 41.23 3.60
C SER C 151 58.60 40.96 2.92
N ALA C 152 59.54 41.88 3.14
CA ALA C 152 60.92 41.51 2.98
C ALA C 152 61.20 40.64 4.24
N ASP C 153 62.49 40.34 4.49
CA ASP C 153 62.91 39.38 5.53
C ASP C 153 62.68 37.96 5.10
N PHE C 154 61.80 37.78 4.14
CA PHE C 154 61.39 36.51 3.67
C PHE C 154 60.99 36.90 2.26
N HIS C 155 60.44 35.95 1.53
CA HIS C 155 60.31 36.10 0.12
C HIS C 155 59.30 37.21 -0.20
N PHE C 156 59.84 38.17 -0.95
CA PHE C 156 59.43 39.58 -1.07
C PHE C 156 58.49 39.71 -2.23
N ALA C 157 58.89 39.22 -3.40
CA ALA C 157 57.95 39.08 -4.51
C ALA C 157 56.82 38.19 -4.00
N GLY C 158 55.65 38.25 -4.62
CA GLY C 158 54.48 37.63 -3.98
C GLY C 158 53.78 38.68 -3.13
N ARG C 159 54.50 39.75 -2.81
CA ARG C 159 53.86 40.96 -2.38
C ARG C 159 53.09 41.48 -3.59
N THR C 160 53.65 41.27 -4.78
CA THR C 160 52.99 41.67 -6.00
C THR C 160 52.24 40.56 -6.73
N ALA C 161 52.43 39.31 -6.33
CA ALA C 161 51.74 38.18 -7.02
C ALA C 161 50.46 37.69 -6.33
N ALA C 162 50.12 38.27 -5.20
CA ALA C 162 48.97 37.79 -4.43
C ALA C 162 48.09 38.92 -3.95
N THR C 163 46.83 38.62 -3.69
CA THR C 163 45.89 39.61 -3.22
C THR C 163 46.45 40.33 -2.01
N ARG C 164 46.32 41.66 -2.01
CA ARG C 164 46.84 42.49 -0.94
C ARG C 164 46.21 42.12 0.40
N THR C 165 44.92 41.86 0.38
CA THR C 165 44.21 41.50 1.61
C THR C 165 44.65 40.16 2.24
N PHE C 166 45.00 39.19 1.41
CA PHE C 166 45.61 37.95 1.91
C PHE C 166 46.99 38.22 2.41
N VAL C 167 47.78 38.87 1.58
CA VAL C 167 49.21 39.11 1.85
C VAL C 167 49.47 39.82 3.17
N ASP C 168 48.62 40.79 3.48
CA ASP C 168 48.67 41.46 4.79
C ASP C 168 48.06 40.59 5.91
N ARG C 169 46.98 39.87 5.57
CA ARG C 169 46.28 39.06 6.53
C ARG C 169 47.27 38.14 7.23
N ILE C 170 47.90 37.28 6.47
CA ILE C 170 48.87 36.32 7.00
C ILE C 170 50.00 36.99 7.76
N ASP C 171 50.47 38.12 7.27
CA ASP C 171 51.58 38.81 7.91
C ASP C 171 51.20 39.12 9.36
N SER C 172 50.13 39.86 9.57
CA SER C 172 49.66 40.23 10.92
C SER C 172 49.56 39.02 11.91
N MET C 173 49.19 37.84 11.41
CA MET C 173 49.31 36.61 12.20
C MET C 173 50.69 36.48 12.78
N PHE C 174 51.67 36.42 11.87
CA PHE C 174 53.07 36.24 12.18
C PHE C 174 53.67 37.41 12.92
N GLU C 175 53.54 38.60 12.37
CA GLU C 175 54.24 39.78 12.91
C GLU C 175 53.74 40.15 14.31
N ALA C 176 52.47 39.83 14.58
CA ALA C 176 51.76 40.24 15.78
C ALA C 176 51.90 41.76 15.90
N GLY C 177 52.11 42.24 17.13
CA GLY C 177 52.15 43.67 17.36
C GLY C 177 53.56 44.10 17.50
N VAL C 178 54.44 43.12 17.51
CA VAL C 178 55.87 43.32 17.60
C VAL C 178 56.39 43.34 16.21
N GLY C 179 57.69 43.26 16.06
CA GLY C 179 58.24 43.12 14.75
C GLY C 179 58.74 44.45 14.27
N HIS C 180 58.88 44.49 12.95
CA HIS C 180 59.80 45.37 12.24
C HIS C 180 59.42 46.84 12.11
N GLN C 181 58.16 47.21 12.33
CA GLN C 181 57.82 48.64 12.26
C GLN C 181 58.49 49.39 13.40
N LEU C 182 58.87 48.63 14.43
CA LEU C 182 59.51 49.17 15.63
C LEU C 182 60.85 49.88 15.34
N SER C 183 61.41 49.67 14.15
CA SER C 183 62.58 50.38 13.69
C SER C 183 62.42 51.85 13.91
N LEU C 184 61.39 52.41 13.25
CA LEU C 184 61.10 53.85 13.25
C LEU C 184 60.93 54.40 14.68
N LEU C 185 60.05 53.75 15.44
CA LEU C 185 59.44 54.38 16.58
C LEU C 185 60.27 54.40 17.89
N PRO C 186 59.95 55.39 18.78
CA PRO C 186 60.69 55.58 20.03
C PRO C 186 60.53 54.41 20.99
N ARG C 187 61.60 54.08 21.72
CA ARG C 187 61.60 52.91 22.61
C ARG C 187 60.51 52.91 23.66
N LYS C 188 60.00 54.10 23.98
CA LYS C 188 58.86 54.28 24.88
C LYS C 188 57.73 53.34 24.49
N GLU C 189 57.26 53.54 23.26
CA GLU C 189 56.25 52.69 22.68
C GLU C 189 56.78 51.30 22.40
N VAL C 190 58.07 51.15 22.10
CA VAL C 190 58.63 49.81 21.93
C VAL C 190 58.42 49.06 23.26
N ARG C 191 58.94 49.65 24.34
CA ARG C 191 58.82 49.11 25.69
C ARG C 191 57.40 48.67 25.96
N ALA C 192 56.46 49.56 25.60
CA ALA C 192 55.02 49.29 25.65
C ALA C 192 54.67 48.02 24.95
N ARG C 193 55.02 47.90 23.69
CA ARG C 193 54.53 46.81 22.88
C ARG C 193 55.29 45.55 22.98
N VAL C 194 56.47 45.61 23.56
CA VAL C 194 57.28 44.39 23.76
C VAL C 194 56.83 43.57 24.98
N ARG C 195 56.25 44.18 26.00
CA ARG C 195 55.63 43.37 27.07
C ARG C 195 54.16 43.04 26.86
N ASP C 196 53.44 43.82 26.06
CA ASP C 196 52.09 43.42 25.77
C ASP C 196 52.19 42.13 25.02
N TYR C 197 53.15 42.04 24.12
CA TYR C 197 53.46 40.82 23.40
C TYR C 197 53.93 39.74 24.33
N LEU C 198 54.88 40.05 25.19
CA LEU C 198 55.52 39.05 25.98
C LEU C 198 54.52 38.42 26.87
N SER C 199 53.57 39.19 27.37
CA SER C 199 52.55 38.68 28.26
C SER C 199 51.75 37.57 27.59
N ARG C 200 52.06 37.28 26.32
CA ARG C 200 51.33 36.29 25.56
C ARG C 200 51.73 34.85 25.83
N GLY C 201 52.80 34.64 26.60
CA GLY C 201 53.16 33.30 26.99
C GLY C 201 54.19 32.62 26.11
N VAL C 202 54.84 33.38 25.25
CA VAL C 202 55.96 32.80 24.53
C VAL C 202 56.99 32.43 25.57
N ASP C 203 57.70 31.33 25.33
CA ASP C 203 58.70 30.87 26.26
C ASP C 203 59.86 31.85 26.31
N MET C 204 60.11 32.47 25.16
CA MET C 204 61.36 33.09 24.85
C MET C 204 61.26 34.38 24.05
N LEU C 205 62.36 35.10 23.95
CA LEU C 205 62.46 36.17 22.97
C LEU C 205 63.67 36.20 22.07
N LYS C 206 63.40 36.21 20.77
CA LYS C 206 64.41 36.38 19.77
C LYS C 206 64.32 37.82 19.38
N ILE C 207 65.39 38.56 19.59
CA ILE C 207 65.47 39.99 19.24
C ILE C 207 66.24 40.08 17.96
N ALA C 208 65.64 40.61 16.90
CA ALA C 208 66.33 40.58 15.65
C ALA C 208 67.21 41.78 15.65
N VAL C 209 68.51 41.54 15.84
CA VAL C 209 69.48 42.60 15.93
C VAL C 209 69.85 43.06 14.54
N SER C 210 69.83 42.14 13.57
CA SER C 210 70.25 42.47 12.21
C SER C 210 69.23 42.05 11.16
N ASP C 211 69.45 42.58 9.96
CA ASP C 211 68.46 42.51 8.87
C ASP C 211 68.15 41.09 8.44
N HIS C 212 66.92 40.89 8.00
CA HIS C 212 66.54 39.67 7.37
C HIS C 212 66.38 39.80 5.87
N ILE C 213 66.85 40.88 5.32
CA ILE C 213 66.70 41.06 3.90
C ILE C 213 67.90 40.40 3.26
N VAL C 214 67.71 39.24 2.63
CA VAL C 214 68.83 38.55 2.00
C VAL C 214 68.53 38.02 0.60
N PHE C 215 67.63 37.03 0.45
CA PHE C 215 67.39 36.47 -0.90
C PHE C 215 66.91 37.59 -1.80
N THR C 216 66.06 38.44 -1.23
CA THR C 216 65.58 39.65 -1.87
C THR C 216 66.70 40.49 -2.52
N LEU C 217 67.66 40.91 -1.70
CA LEU C 217 68.73 41.78 -2.17
C LEU C 217 69.90 41.06 -2.79
N VAL C 218 70.08 39.78 -2.45
CA VAL C 218 71.37 39.15 -2.65
C VAL C 218 71.70 39.08 -4.10
N ASP C 219 72.97 39.13 -4.42
CA ASP C 219 73.47 39.40 -5.77
C ASP C 219 73.79 38.13 -6.59
N ARG C 220 73.37 38.16 -7.86
CA ARG C 220 73.29 36.92 -8.71
C ARG C 220 74.66 36.36 -9.18
N SER C 221 75.68 37.19 -9.10
CA SER C 221 77.05 36.71 -9.29
C SER C 221 77.67 36.69 -7.91
N VAL C 222 77.77 37.86 -7.30
CA VAL C 222 78.39 38.04 -6.00
C VAL C 222 77.66 37.24 -4.91
N GLY C 223 78.39 36.97 -3.85
CA GLY C 223 77.81 36.38 -2.66
C GLY C 223 77.30 37.52 -1.84
N PHE C 224 77.36 37.38 -0.51
CA PHE C 224 76.68 38.26 0.41
C PHE C 224 77.29 39.66 0.53
N ASP C 225 76.49 40.57 1.02
CA ASP C 225 76.81 41.96 1.27
C ASP C 225 75.62 42.62 2.07
N ARG C 226 75.74 43.92 2.34
CA ARG C 226 74.61 44.74 2.79
C ARG C 226 73.97 44.22 4.07
N SER C 227 74.79 43.88 5.06
CA SER C 227 74.19 43.70 6.37
C SER C 227 73.89 45.09 6.96
N TYR C 228 72.92 45.11 7.85
CA TYR C 228 72.39 46.33 8.48
C TYR C 228 72.14 45.98 9.94
N GLN C 229 71.69 46.96 10.69
CA GLN C 229 71.34 46.72 12.08
C GLN C 229 69.98 47.30 12.37
N THR C 230 69.09 46.44 12.83
CA THR C 230 67.68 46.77 12.96
C THR C 230 67.41 47.89 13.99
N PHE C 231 67.93 47.72 15.21
CA PHE C 231 67.57 48.61 16.31
C PHE C 231 68.74 49.40 16.89
N SER C 232 68.42 50.55 17.46
CA SER C 232 69.36 51.35 18.24
C SER C 232 69.92 50.57 19.39
N ARG C 233 71.16 50.89 19.76
CA ARG C 233 71.79 50.18 20.88
C ARG C 233 70.97 50.41 22.13
N PRO C 234 70.59 51.67 22.41
CA PRO C 234 69.59 51.88 23.49
C PRO C 234 68.28 51.09 23.35
N VAL C 235 67.68 51.05 22.15
CA VAL C 235 66.39 50.37 21.97
C VAL C 235 66.54 48.89 22.23
N LEU C 236 67.76 48.38 22.12
CA LEU C 236 68.00 46.94 22.23
C LEU C 236 67.95 46.39 23.64
N GLU C 237 68.42 47.15 24.62
CA GLU C 237 68.27 46.75 26.04
C GLU C 237 66.84 46.88 26.48
N VAL C 238 66.14 47.84 25.88
CA VAL C 238 64.77 48.12 26.27
C VAL C 238 63.92 46.90 26.06
N MET C 239 64.37 45.99 25.21
CA MET C 239 63.68 44.71 25.05
C MET C 239 64.33 43.59 25.86
N VAL C 240 65.63 43.74 26.14
CA VAL C 240 66.30 42.81 27.03
C VAL C 240 65.83 42.98 28.49
N GLU C 241 65.52 44.21 28.89
CA GLU C 241 65.01 44.46 30.25
C GLU C 241 63.69 43.76 30.48
N GLU C 242 62.85 43.94 29.51
CA GLU C 242 61.54 43.32 29.44
C GLU C 242 61.59 41.81 29.43
N ALA C 243 62.50 41.29 28.63
CA ALA C 243 62.71 39.85 28.47
C ALA C 243 63.21 39.24 29.75
N ARG C 244 64.04 40.01 30.43
CA ARG C 244 64.57 39.68 31.77
C ARG C 244 63.47 39.70 32.78
N ALA C 245 62.58 40.66 32.65
CA ALA C 245 61.45 40.84 33.56
C ALA C 245 60.52 39.67 33.59
N ALA C 246 60.17 39.15 32.41
CA ALA C 246 59.23 38.04 32.30
C ALA C 246 59.78 36.75 32.83
N GLY C 247 61.04 36.51 32.60
CA GLY C 247 61.63 35.25 32.97
C GLY C 247 61.91 34.38 31.76
N VAL C 248 61.67 34.93 30.58
CA VAL C 248 61.99 34.25 29.36
C VAL C 248 63.45 34.54 29.05
N PRO C 249 64.16 33.59 28.41
CA PRO C 249 65.54 33.89 28.11
C PRO C 249 65.66 34.69 26.82
N VAL C 250 66.88 35.13 26.48
CA VAL C 250 67.05 35.95 25.30
C VAL C 250 67.79 35.23 24.19
N LEU C 251 67.15 35.17 23.04
CA LEU C 251 67.73 34.61 21.83
C LEU C 251 67.98 35.73 20.86
N THR C 252 68.95 35.61 19.98
CA THR C 252 69.31 36.76 19.13
C THR C 252 69.67 36.38 17.70
N HIS C 253 69.20 37.12 16.72
CA HIS C 253 69.59 36.88 15.35
C HIS C 253 70.80 37.72 15.07
N SER C 254 71.92 37.05 14.83
CA SER C 254 73.13 37.71 14.44
C SER C 254 73.45 37.22 13.05
N VAL C 255 73.87 38.15 12.21
CA VAL C 255 74.25 37.88 10.81
C VAL C 255 75.53 38.53 10.33
N SER C 256 76.15 39.32 11.18
CA SER C 256 77.38 40.01 10.84
C SER C 256 78.25 40.03 12.03
N VAL C 257 79.53 40.18 11.80
CA VAL C 257 80.50 40.09 12.89
C VAL C 257 80.07 41.07 13.96
N GLU C 258 79.78 42.28 13.55
CA GLU C 258 79.16 43.23 14.45
C GLU C 258 77.66 42.86 14.58
N ALA C 259 77.05 43.30 15.65
CA ALA C 259 75.69 42.82 15.99
C ALA C 259 75.69 41.46 16.59
N LEU C 260 76.77 40.72 16.33
CA LEU C 260 77.10 39.52 17.09
C LEU C 260 77.78 40.00 18.34
N ASP C 261 78.75 40.87 18.13
CA ASP C 261 79.51 41.53 19.17
C ASP C 261 78.54 42.19 20.16
N THR C 262 77.59 42.92 19.60
CA THR C 262 76.62 43.62 20.40
C THR C 262 75.70 42.63 21.11
N SER C 263 75.32 41.57 20.40
CA SER C 263 74.51 40.49 20.97
C SER C 263 75.21 39.82 22.15
N VAL C 264 76.54 39.77 22.09
CA VAL C 264 77.34 39.27 23.19
C VAL C 264 77.39 40.29 24.32
N GLU C 265 77.49 41.56 23.97
CA GLU C 265 77.46 42.63 24.94
C GLU C 265 76.10 42.76 25.56
N LEU C 266 75.06 42.41 24.82
CA LEU C 266 73.68 42.44 25.34
C LEU C 266 73.41 41.30 26.29
N GLY C 267 74.35 40.38 26.44
CA GLY C 267 74.24 39.27 27.35
C GLY C 267 73.22 38.26 26.95
N ALA C 268 72.96 38.14 25.65
CA ALA C 268 71.89 37.24 25.18
C ALA C 268 72.17 35.77 25.57
N ASP C 269 71.20 35.11 26.18
CA ASP C 269 71.36 33.74 26.63
C ASP C 269 71.73 32.80 25.49
N VAL C 270 71.01 32.87 24.40
CA VAL C 270 71.20 31.97 23.28
C VAL C 270 71.52 32.74 21.99
N LEU C 271 72.66 32.41 21.38
CA LEU C 271 73.07 33.05 20.16
C LEU C 271 72.73 32.15 18.96
N ILE C 272 71.80 32.62 18.12
CA ILE C 272 71.28 31.85 16.99
C ILE C 272 72.10 32.11 15.74
N HIS C 273 72.74 31.08 15.26
CA HIS C 273 73.63 31.18 14.15
C HIS C 273 74.60 32.32 14.26
N ALA C 274 75.51 32.19 15.24
CA ALA C 274 76.63 33.12 15.38
C ALA C 274 77.68 32.80 14.35
N ASN C 275 77.59 31.62 13.77
CA ASN C 275 78.53 31.23 12.72
C ASN C 275 78.33 31.94 11.39
N TYR C 276 77.10 32.36 11.07
CA TYR C 276 76.92 33.12 9.86
C TYR C 276 77.14 34.57 10.19
N THR C 277 78.34 35.03 9.89
CA THR C 277 78.73 36.39 10.15
C THR C 277 78.78 37.14 8.82
N LEU C 278 78.33 36.48 7.75
CA LEU C 278 78.20 37.08 6.41
C LEU C 278 79.42 37.83 5.94
N GLY C 279 80.54 37.15 5.78
CA GLY C 279 81.78 37.85 5.66
C GLY C 279 83.00 37.11 6.14
N GLN C 280 83.80 37.90 6.81
CA GLN C 280 84.99 37.43 7.48
C GLN C 280 84.62 36.52 8.65
N GLU C 281 85.55 35.68 9.05
CA GLU C 281 85.38 34.80 10.19
C GLU C 281 85.26 35.64 11.45
N ILE C 282 84.69 35.06 12.52
CA ILE C 282 84.53 35.80 13.77
C ILE C 282 85.90 36.24 14.19
N PRO C 283 86.12 37.57 14.25
CA PRO C 283 87.45 38.15 14.49
C PRO C 283 88.10 37.46 15.66
N ASN C 284 89.38 37.16 15.61
CA ASN C 284 89.90 36.38 16.69
C ASN C 284 90.12 37.31 17.77
N TYR C 285 89.01 37.62 18.42
CA TYR C 285 88.90 38.59 19.53
C TYR C 285 87.65 38.24 20.31
N LEU C 286 86.53 38.36 19.59
CA LEU C 286 85.16 38.00 19.99
C LEU C 286 84.95 36.57 20.46
N ILE C 287 85.64 35.62 19.83
CA ILE C 287 85.59 34.22 20.26
C ILE C 287 85.95 34.18 21.73
N ASP C 288 86.98 34.93 22.08
CA ASP C 288 87.44 34.97 23.46
C ASP C 288 86.68 35.97 24.29
N LYS C 289 85.64 36.54 23.72
CA LYS C 289 84.61 37.24 24.48
C LYS C 289 83.43 36.33 24.77
N ILE C 290 82.80 35.74 23.74
CA ILE C 290 81.79 34.69 23.94
C ILE C 290 82.29 33.67 24.94
N VAL C 291 83.39 32.98 24.61
CA VAL C 291 84.04 32.04 25.51
C VAL C 291 84.23 32.66 26.89
N ALA C 292 84.61 33.93 26.93
CA ALA C 292 84.88 34.63 28.20
C ALA C 292 83.64 35.12 28.90
N SER C 293 82.68 35.59 28.13
CA SER C 293 81.48 36.23 28.69
C SER C 293 80.24 35.29 28.67
N ASP C 294 80.49 34.00 28.50
CA ASP C 294 79.63 32.96 28.99
C ASP C 294 78.14 32.93 28.63
N SER C 295 77.85 33.08 27.32
CA SER C 295 76.51 32.81 26.77
C SER C 295 76.62 31.75 25.67
N TRP C 296 75.57 30.95 25.50
CA TRP C 296 75.67 29.78 24.64
C TRP C 296 75.64 30.14 23.16
N ALA C 297 76.26 29.31 22.32
CA ALA C 297 76.44 29.60 20.88
C ALA C 297 75.98 28.45 19.98
N GLY C 298 74.91 28.67 19.24
CA GLY C 298 74.46 27.70 18.27
C GLY C 298 75.16 27.89 16.94
N LEU C 299 75.44 26.78 16.28
CA LEU C 299 76.06 26.80 15.00
C LEU C 299 75.16 26.00 14.09
N GLN C 300 75.07 26.40 12.82
CA GLN C 300 74.33 25.63 11.87
C GLN C 300 75.31 25.15 10.86
N THR C 301 75.20 23.88 10.45
CA THR C 301 76.28 23.28 9.66
C THR C 301 75.82 22.46 8.47
N VAL C 302 76.79 22.11 7.63
CA VAL C 302 76.59 21.25 6.46
C VAL C 302 77.79 20.29 6.40
N HIS C 303 77.66 19.18 5.71
CA HIS C 303 78.73 18.21 5.54
C HIS C 303 79.62 18.86 4.59
N ASP C 304 80.77 18.29 4.28
CA ASP C 304 81.44 18.60 3.06
C ASP C 304 80.74 17.98 1.89
N GLN C 305 80.29 16.77 2.07
CA GLN C 305 79.64 16.06 0.99
C GLN C 305 78.35 16.65 0.52
N HIS C 306 77.56 17.22 1.42
CA HIS C 306 76.39 17.98 1.05
C HIS C 306 76.81 19.24 0.31
N ARG C 307 77.85 19.90 0.79
CA ARG C 307 78.31 21.11 0.15
C ARG C 307 78.87 20.81 -1.23
N GLN C 308 79.63 19.71 -1.33
CA GLN C 308 80.35 19.42 -2.55
C GLN C 308 79.36 19.34 -3.66
N GLY C 309 78.23 18.69 -3.39
CA GLY C 309 77.09 18.68 -4.31
C GLY C 309 76.49 20.06 -4.54
N LEU C 310 76.17 20.75 -3.47
CA LEU C 310 75.46 22.02 -3.56
C LEU C 310 76.11 23.10 -4.44
N GLU C 311 77.44 23.22 -4.40
CA GLU C 311 78.11 24.17 -5.32
C GLU C 311 78.23 23.52 -6.71
N ASP C 312 78.25 22.20 -6.76
CA ASP C 312 78.21 21.49 -8.02
C ASP C 312 76.89 21.81 -8.73
N VAL C 313 75.81 22.02 -7.98
CA VAL C 313 74.52 22.44 -8.59
C VAL C 313 74.23 23.94 -8.49
N GLY C 314 75.12 24.71 -7.88
CA GLY C 314 74.94 26.17 -7.77
C GLY C 314 73.62 26.53 -7.08
N SER C 315 73.47 26.06 -5.85
CA SER C 315 72.21 26.19 -5.13
C SER C 315 71.93 27.61 -4.67
N TRP C 316 72.99 28.41 -4.50
CA TRP C 316 72.91 29.81 -4.02
C TRP C 316 72.50 29.92 -2.57
N ALA C 317 71.93 28.85 -2.03
CA ALA C 317 71.93 28.64 -0.59
C ALA C 317 73.17 27.80 -0.27
N ALA C 318 73.96 27.52 -1.32
CA ALA C 318 75.17 26.74 -1.22
C ALA C 318 76.33 27.53 -0.65
N ALA C 319 76.35 28.82 -0.89
CA ALA C 319 77.42 29.71 -0.36
C ALA C 319 77.61 29.58 1.18
N LEU C 320 76.48 29.36 1.87
CA LEU C 320 76.49 29.27 3.30
C LEU C 320 77.24 28.06 3.83
N ALA C 321 77.26 26.98 3.05
CA ALA C 321 77.88 25.72 3.49
C ALA C 321 79.43 25.75 3.66
N GLY C 322 80.12 26.09 2.59
CA GLY C 322 81.54 26.18 2.61
C GLY C 322 82.02 27.51 3.10
N GLU C 323 83.19 27.97 2.63
CA GLU C 323 83.47 29.40 2.63
C GLU C 323 83.71 29.81 4.09
N PRO C 324 83.95 31.11 4.40
CA PRO C 324 84.35 31.47 5.78
C PRO C 324 83.52 30.87 6.96
N TYR C 325 82.34 30.29 6.70
CA TYR C 325 81.43 29.94 7.78
C TYR C 325 81.79 28.73 8.61
N ALA C 326 82.15 27.62 7.99
CA ALA C 326 82.63 26.48 8.78
C ALA C 326 84.09 26.67 9.29
N THR C 327 84.90 27.33 8.47
CA THR C 327 86.27 27.65 8.77
C THR C 327 86.33 28.64 9.94
N ASN C 328 85.14 29.02 10.37
CA ASN C 328 84.91 29.93 11.49
C ASN C 328 84.37 29.22 12.76
N GLU C 329 83.52 28.22 12.61
CA GLU C 329 82.97 27.53 13.78
C GLU C 329 84.05 26.77 14.56
N ARG C 330 84.81 25.96 13.87
CA ARG C 330 85.94 25.26 14.50
C ARG C 330 86.69 26.08 15.55
N ASN C 331 86.96 27.32 15.25
CA ASN C 331 87.61 28.19 16.21
C ASN C 331 86.82 28.18 17.52
N LEU C 332 85.49 28.33 17.44
CA LEU C 332 84.65 28.28 18.62
C LEU C 332 84.59 26.88 19.23
N ILE C 333 84.60 25.85 18.38
CA ILE C 333 84.65 24.47 18.85
C ILE C 333 85.98 24.21 19.60
N SER C 334 87.07 24.53 18.92
CA SER C 334 88.38 24.32 19.49
C SER C 334 88.73 25.38 20.52
N ALA C 335 87.91 26.41 20.67
CA ALA C 335 88.03 27.34 21.80
C ALA C 335 87.07 26.96 22.87
N ASN C 336 86.37 25.85 22.68
CA ASN C 336 85.32 25.43 23.59
C ASN C 336 84.33 26.53 23.87
N ALA C 337 83.81 27.14 22.80
CA ALA C 337 82.61 27.91 22.96
C ALA C 337 81.50 26.91 23.34
N LYS C 338 80.64 27.31 24.25
CA LYS C 338 79.49 26.48 24.58
C LYS C 338 78.53 26.46 23.38
N ILE C 339 78.20 25.25 22.93
CA ILE C 339 77.62 25.03 21.62
C ILE C 339 76.18 24.52 21.73
N LEU C 340 75.37 24.90 20.74
CA LEU C 340 73.92 24.59 20.73
C LEU C 340 73.55 23.86 19.45
N LEU C 341 72.48 23.09 19.45
CA LEU C 341 71.99 22.48 18.21
C LEU C 341 71.00 23.44 17.56
N ASN C 342 71.45 24.00 16.44
CA ASN C 342 70.66 24.86 15.60
C ASN C 342 70.77 24.42 14.14
N THR C 343 69.63 24.03 13.57
CA THR C 343 69.44 24.09 12.10
C THR C 343 68.13 24.81 11.87
N ASP C 344 68.11 25.95 11.23
CA ASP C 344 66.83 26.61 10.99
C ASP C 344 66.21 25.56 10.10
N ALA C 345 64.97 25.13 10.36
CA ALA C 345 64.46 23.90 9.79
C ALA C 345 62.94 23.93 9.69
N GLY C 346 62.38 22.82 9.25
CA GLY C 346 60.95 22.69 9.14
C GLY C 346 60.52 21.62 8.16
N CYS C 347 59.26 21.67 7.77
CA CYS C 347 58.64 20.70 6.92
C CYS C 347 58.01 21.37 5.67
N PRO C 348 58.77 21.45 4.57
CA PRO C 348 58.45 22.21 3.35
C PRO C 348 57.39 21.58 2.49
N SER C 349 56.81 22.38 1.58
CA SER C 349 55.85 21.89 0.61
C SER C 349 56.52 20.89 -0.31
N LYS C 350 55.73 19.91 -0.75
CA LYS C 350 56.25 18.79 -1.56
C LYS C 350 56.76 19.26 -2.91
N ASP C 351 56.27 20.39 -3.39
CA ASP C 351 56.70 20.94 -4.66
C ASP C 351 58.06 21.56 -4.61
N HIS C 352 58.41 22.14 -3.49
CA HIS C 352 59.71 22.80 -3.38
C HIS C 352 60.84 21.79 -3.27
N LEU C 353 60.56 20.60 -2.82
CA LEU C 353 61.54 19.52 -2.84
C LEU C 353 61.74 19.09 -4.28
N ALA C 354 60.67 19.11 -5.05
CA ALA C 354 60.70 18.64 -6.43
C ALA C 354 61.58 19.49 -7.33
N ASP C 355 61.64 20.80 -7.05
CA ASP C 355 62.49 21.70 -7.81
C ASP C 355 63.95 21.43 -7.61
N LEU C 356 64.34 21.21 -6.37
CA LEU C 356 65.76 20.97 -6.01
C LEU C 356 66.30 19.72 -6.66
N SER C 357 67.58 19.74 -7.00
CA SER C 357 68.25 18.57 -7.59
C SER C 357 68.28 17.41 -6.59
N PRO C 358 68.24 16.17 -7.09
CA PRO C 358 68.37 15.02 -6.23
C PRO C 358 69.59 15.10 -5.31
N VAL C 359 70.69 15.57 -5.88
CA VAL C 359 71.88 15.89 -5.12
C VAL C 359 71.54 16.82 -3.94
N GLU C 360 70.68 17.80 -4.21
CA GLU C 360 70.36 18.85 -3.25
C GLU C 360 69.41 18.43 -2.16
N ARG C 361 68.37 17.68 -2.53
CA ARG C 361 67.36 17.26 -1.53
C ARG C 361 67.67 15.87 -1.01
N GLU C 362 68.77 15.26 -1.49
CA GLU C 362 69.26 14.08 -0.81
C GLU C 362 69.93 14.55 0.47
N ASP C 363 69.45 14.04 1.60
CA ASP C 363 70.06 14.34 2.91
C ASP C 363 70.11 15.84 3.23
N ARG C 364 69.03 16.54 2.97
CA ARG C 364 69.00 17.99 3.13
C ARG C 364 69.09 18.42 4.61
N PRO C 365 70.05 19.28 5.02
CA PRO C 365 70.07 19.50 6.46
C PRO C 365 68.80 20.09 7.05
N TRP C 366 68.16 20.98 6.30
CA TRP C 366 67.06 21.80 6.83
C TRP C 366 65.72 21.04 6.91
N THR C 367 65.61 19.85 6.34
CA THR C 367 64.37 19.10 6.41
C THR C 367 64.26 18.43 7.77
N ILE C 368 63.18 18.74 8.48
CA ILE C 368 63.10 18.55 9.93
C ILE C 368 63.31 17.12 10.44
N GLY C 369 63.14 16.14 9.57
CA GLY C 369 63.47 14.77 9.98
C GLY C 369 64.99 14.60 9.98
N ASN C 370 65.64 15.16 8.95
CA ASN C 370 67.08 14.97 8.73
C ASN C 370 68.00 15.88 9.53
N ASP C 371 67.47 16.99 10.01
CA ASP C 371 68.31 18.13 10.45
C ASP C 371 69.26 17.86 11.62
N HIS C 372 68.77 17.17 12.64
CA HIS C 372 69.54 16.91 13.81
C HIS C 372 70.55 15.82 13.60
N PHE C 373 70.27 14.93 12.67
CA PHE C 373 71.22 13.86 12.30
C PHE C 373 72.40 14.45 11.54
N HIS C 374 72.07 15.28 10.55
CA HIS C 374 73.02 15.95 9.68
C HIS C 374 73.97 16.75 10.56
N TRP C 375 73.38 17.59 11.42
CA TRP C 375 74.11 18.48 12.30
C TRP C 375 75.06 17.70 13.22
N THR C 376 74.57 16.59 13.77
CA THR C 376 75.38 15.75 14.67
C THR C 376 76.50 15.03 13.87
N GLN C 377 76.24 14.76 12.60
CA GLN C 377 77.19 14.09 11.74
C GLN C 377 78.32 15.02 11.30
N SER C 378 77.93 16.21 10.89
CA SER C 378 78.86 17.25 10.40
C SER C 378 79.70 17.83 11.50
N MET C 379 79.13 18.02 12.68
CA MET C 379 79.84 18.74 13.71
C MET C 379 81.14 18.04 13.98
N VAL C 380 81.13 16.71 13.92
CA VAL C 380 82.36 15.96 14.07
C VAL C 380 83.30 16.34 12.94
N GLU C 381 82.75 16.45 11.75
CA GLU C 381 83.55 16.90 10.64
C GLU C 381 84.20 18.21 11.02
N LYS C 382 83.77 18.84 12.10
CA LYS C 382 84.34 20.10 12.57
C LYS C 382 85.39 19.88 13.65
N GLY C 383 85.85 18.64 13.78
CA GLY C 383 86.81 18.30 14.86
C GLY C 383 86.16 18.02 16.22
N MET C 384 84.99 17.43 16.21
CA MET C 384 84.27 17.16 17.44
C MET C 384 84.19 15.68 17.69
N SER C 385 84.52 15.28 18.90
CA SER C 385 84.62 13.87 19.21
C SER C 385 83.22 13.30 18.99
N PRO C 386 83.08 12.01 18.78
CA PRO C 386 81.81 11.45 18.37
C PRO C 386 80.81 11.76 19.41
N LEU C 387 81.24 11.85 20.64
CA LEU C 387 80.66 12.76 21.59
C LEU C 387 81.59 13.99 21.64
N GLU C 388 81.18 15.08 22.29
CA GLU C 388 79.88 15.15 22.92
C GLU C 388 78.82 15.09 21.88
N ALA C 389 78.93 15.87 20.82
CA ALA C 389 78.18 15.67 19.60
C ALA C 389 76.74 15.68 19.96
N ILE C 390 76.41 14.67 20.72
CA ILE C 390 75.15 14.55 21.39
C ILE C 390 75.22 15.37 22.63
N SER C 391 74.33 16.32 22.76
CA SER C 391 74.30 17.03 23.99
C SER C 391 75.64 17.62 24.14
N ALA C 392 76.04 18.53 23.27
CA ALA C 392 75.51 18.73 21.93
C ALA C 392 74.00 19.02 21.87
N ALA C 393 73.26 18.25 21.07
CA ALA C 393 71.80 18.32 21.08
C ALA C 393 71.18 18.20 22.47
N THR C 394 71.73 17.31 23.26
CA THR C 394 71.20 17.05 24.59
C THR C 394 71.25 18.25 25.54
N ILE C 395 72.09 18.16 26.55
CA ILE C 395 72.04 19.06 27.68
C ILE C 395 72.26 20.49 27.25
N ASN C 396 73.11 20.68 26.26
CA ASN C 396 73.55 22.02 25.87
C ASN C 396 72.45 22.91 25.27
N VAL C 397 71.50 22.36 24.54
CA VAL C 397 70.40 23.22 24.14
C VAL C 397 69.55 23.49 25.35
N ALA C 398 69.28 22.43 26.08
CA ALA C 398 68.64 22.53 27.37
C ALA C 398 69.46 23.17 28.52
N ARG C 399 70.78 23.20 28.54
N ARG C 399 70.77 23.20 28.51
CA ARG C 399 71.45 24.01 29.56
CA ARG C 399 71.37 24.01 29.56
C ARG C 399 71.23 25.50 29.24
C ARG C 399 71.16 25.49 29.24
N ALA C 400 71.25 25.81 27.95
CA ALA C 400 71.17 27.16 27.42
C ALA C 400 69.76 27.78 27.42
N TYR C 401 68.69 27.05 27.61
CA TYR C 401 67.43 27.74 27.86
C TYR C 401 67.02 27.90 29.32
N GLY C 402 67.74 27.26 30.24
CA GLY C 402 67.23 27.08 31.59
C GLY C 402 66.15 26.01 31.73
N LYS C 403 66.13 25.08 30.79
CA LYS C 403 65.28 23.87 30.92
C LYS C 403 66.06 22.64 31.42
N ALA C 404 67.32 22.86 31.76
CA ALA C 404 68.27 21.77 32.09
C ALA C 404 67.86 20.82 33.20
N ASP C 405 67.21 21.38 34.22
CA ASP C 405 66.73 20.56 35.34
C ASP C 405 65.64 19.62 34.89
N GLN C 406 64.82 20.08 33.95
CA GLN C 406 63.77 19.25 33.37
C GLN C 406 64.18 18.35 32.17
N ILE C 407 65.02 18.83 31.25
CA ILE C 407 65.39 18.05 30.05
C ILE C 407 66.87 18.06 29.64
N GLY C 408 67.32 17.03 28.93
CA GLY C 408 66.78 15.67 29.15
C GLY C 408 67.32 14.52 28.33
N SER C 409 67.63 13.45 29.01
CA SER C 409 67.94 13.55 30.44
C SER C 409 69.42 13.10 30.69
N VAL C 410 69.78 11.81 30.85
CA VAL C 410 69.01 10.74 31.45
C VAL C 410 69.49 10.65 32.91
N GLU C 411 68.61 11.04 33.83
CA GLU C 411 68.94 11.08 35.25
C GLU C 411 67.65 10.98 36.09
N THR C 412 67.77 10.58 37.35
CA THR C 412 66.65 10.51 38.26
C THR C 412 65.88 11.80 38.46
N GLY C 413 64.57 11.71 38.56
CA GLY C 413 63.70 12.87 38.81
C GLY C 413 63.63 13.87 37.66
N LYS C 414 63.94 13.40 36.46
CA LYS C 414 63.91 14.20 35.26
C LYS C 414 62.87 13.63 34.32
N LEU C 415 62.37 14.46 33.40
CA LEU C 415 61.34 14.02 32.50
C LEU C 415 61.94 12.87 31.72
N ALA C 416 61.18 11.79 31.53
CA ALA C 416 61.74 10.66 30.86
C ALA C 416 61.43 10.78 29.39
N ASP C 417 62.44 11.26 28.66
CA ASP C 417 62.39 11.36 27.24
C ASP C 417 63.61 10.62 26.80
N PHE C 418 63.44 9.57 26.02
CA PHE C 418 64.60 8.88 25.53
C PHE C 418 64.39 8.18 24.21
N VAL C 419 65.52 7.84 23.61
CA VAL C 419 65.53 7.19 22.32
C VAL C 419 66.41 5.95 22.45
N LEU C 420 65.95 4.82 21.89
CA LEU C 420 66.77 3.63 21.87
C LEU C 420 67.38 3.41 20.50
N LEU C 421 68.68 3.18 20.42
CA LEU C 421 69.31 3.00 19.09
C LEU C 421 69.59 1.53 18.78
N ASP C 422 70.02 1.27 17.56
CA ASP C 422 70.34 -0.11 17.13
C ASP C 422 71.84 -0.43 17.14
N GLN C 423 72.68 0.59 17.20
CA GLN C 423 74.09 0.43 16.92
C GLN C 423 74.94 1.52 17.62
N ASP C 424 76.26 1.27 17.70
CA ASP C 424 77.18 2.15 18.41
C ASP C 424 77.11 3.56 17.88
N PRO C 425 76.78 4.53 18.75
CA PRO C 425 76.88 5.91 18.34
C PRO C 425 78.30 6.37 18.08
N VAL C 426 79.31 5.61 18.50
CA VAL C 426 80.71 6.08 18.47
C VAL C 426 81.59 5.46 17.37
N ASP C 427 82.39 6.36 16.79
CA ASP C 427 83.15 6.22 15.53
C ASP C 427 82.21 6.38 14.36
N ASP C 428 80.96 6.01 14.57
CA ASP C 428 79.93 6.39 13.60
C ASP C 428 78.85 7.10 14.33
N ILE C 429 78.77 8.40 14.12
CA ILE C 429 77.85 9.26 14.89
C ILE C 429 76.49 9.18 14.23
N ARG C 430 76.47 8.72 12.99
CA ARG C 430 75.28 8.59 12.20
C ARG C 430 74.35 7.50 12.62
N ASN C 431 74.75 6.67 13.56
CA ASN C 431 73.89 5.57 14.04
C ASN C 431 72.66 6.06 14.79
N LEU C 432 72.62 7.35 15.10
CA LEU C 432 71.50 7.98 15.78
C LEU C 432 70.19 7.79 15.01
N ARG C 433 70.32 7.49 13.72
CA ARG C 433 69.17 7.28 12.85
C ARG C 433 68.44 5.98 13.16
N SER C 434 69.12 5.01 13.72
CA SER C 434 68.52 3.65 13.84
C SER C 434 67.91 3.52 15.22
N ILE C 435 66.58 3.62 15.27
CA ILE C 435 65.87 3.80 16.52
C ILE C 435 64.77 2.78 16.65
N THR C 436 64.91 1.90 17.65
CA THR C 436 63.87 0.89 17.87
C THR C 436 62.69 1.43 18.65
N GLU C 437 62.93 2.44 19.48
CA GLU C 437 61.82 3.10 20.21
C GLU C 437 62.15 4.51 20.62
N VAL C 438 61.12 5.36 20.65
CA VAL C 438 61.23 6.67 21.23
C VAL C 438 60.24 6.83 22.37
N PHE C 439 60.74 7.02 23.60
CA PHE C 439 59.86 7.26 24.74
C PHE C 439 59.86 8.73 25.11
N GLN C 440 58.68 9.26 25.47
CA GLN C 440 58.54 10.67 25.82
C GLN C 440 57.66 10.83 27.03
N ALA C 441 58.06 11.70 27.97
CA ALA C 441 57.32 11.91 29.21
C ALA C 441 57.01 10.56 29.86
N GLY C 442 57.95 9.65 29.78
CA GLY C 442 57.78 8.30 30.27
C GLY C 442 56.69 7.55 29.54
N ALA C 443 56.55 7.81 28.25
CA ALA C 443 55.52 7.20 27.45
C ALA C 443 56.00 6.78 26.07
N ALA C 444 55.50 5.66 25.57
CA ALA C 444 55.85 5.17 24.26
C ALA C 444 55.22 6.03 23.13
N VAL C 445 55.86 6.01 21.97
CA VAL C 445 55.37 6.75 20.83
C VAL C 445 55.08 5.75 19.75
N ASP C 446 53.95 5.92 19.05
CA ASP C 446 53.71 5.00 17.95
C ASP C 446 54.41 5.65 16.79
N ARG C 447 55.61 5.19 16.49
CA ARG C 447 56.48 5.82 15.52
C ARG C 447 56.03 5.39 14.14
N ALA C 448 55.61 4.13 14.04
CA ALA C 448 55.17 3.52 12.79
C ALA C 448 54.04 4.32 12.16
N ALA C 449 53.01 4.58 12.92
CA ALA C 449 52.03 5.53 12.49
C ALA C 449 52.30 6.86 13.18
N LEU C 450 53.08 7.69 12.49
CA LEU C 450 53.28 9.09 12.78
C LEU C 450 53.61 9.67 11.42
N PRO C 451 53.11 10.86 11.06
CA PRO C 451 52.29 11.82 11.83
C PRO C 451 50.88 11.29 12.09
N THR C 452 50.21 11.84 13.08
CA THR C 452 48.83 11.50 13.35
C THR C 452 47.92 11.76 12.14
N THR C 453 48.12 12.89 11.46
CA THR C 453 47.33 13.26 10.28
C THR C 453 48.18 13.81 9.14
N PRO C 454 48.54 12.99 8.14
CA PRO C 454 49.29 13.59 7.05
C PRO C 454 48.57 14.79 6.39
N LEU C 455 49.22 15.94 6.38
CA LEU C 455 48.69 17.19 5.82
C LEU C 455 49.61 17.74 4.77
N VAL C 456 50.74 18.30 5.18
CA VAL C 456 51.67 18.92 4.25
C VAL C 456 52.45 17.88 3.46
N THR C 457 52.31 16.62 3.83
CA THR C 457 52.92 15.53 3.09
C THR C 457 51.92 14.90 2.10
N ALA C 458 50.81 15.61 1.87
CA ALA C 458 49.78 15.17 0.94
C ALA C 458 50.08 15.64 -0.48
N HIS C 459 50.55 14.67 -1.27
CA HIS C 459 50.67 14.82 -2.76
C HIS C 459 50.31 13.46 -3.39
N PRO C 460 49.31 13.40 -4.32
CA PRO C 460 48.59 14.63 -4.68
C PRO C 460 47.22 14.69 -4.03
N SER D 2 -52.30 6.67 -20.48
CA SER D 2 -52.52 5.88 -21.74
C SER D 2 -53.28 6.71 -22.77
N THR D 3 -54.35 7.39 -22.37
CA THR D 3 -55.24 8.12 -23.28
C THR D 3 -55.76 7.20 -24.38
N ILE D 4 -56.71 6.36 -24.00
CA ILE D 4 -57.38 5.43 -24.90
C ILE D 4 -58.70 6.01 -25.39
N ALA D 5 -59.38 5.29 -26.27
CA ALA D 5 -60.66 5.69 -26.78
C ALA D 5 -61.43 4.47 -27.27
N ILE D 6 -62.75 4.58 -27.30
CA ILE D 6 -63.62 3.47 -27.72
C ILE D 6 -64.64 3.99 -28.72
N THR D 7 -65.03 3.16 -29.69
CA THR D 7 -65.94 3.61 -30.74
C THR D 7 -67.20 2.78 -30.91
N ASN D 8 -68.33 3.48 -30.94
CA ASN D 8 -69.61 2.97 -31.45
C ASN D 8 -70.12 1.65 -30.91
N VAL D 9 -70.12 1.51 -29.59
CA VAL D 9 -70.66 0.30 -28.93
C VAL D 9 -72.14 0.51 -28.59
N THR D 10 -72.68 -0.51 -27.91
CA THR D 10 -73.97 -0.40 -27.26
C THR D 10 -73.82 -0.63 -25.76
N LEU D 11 -74.02 0.42 -24.97
CA LEU D 11 -73.62 0.46 -23.57
C LEU D 11 -74.73 0.10 -22.58
N ILE D 12 -74.50 -0.97 -21.82
CA ILE D 12 -75.28 -1.24 -20.64
C ILE D 12 -74.53 -0.57 -19.47
N ASP D 13 -75.14 0.49 -18.96
CA ASP D 13 -74.46 1.39 -18.00
C ASP D 13 -73.96 0.63 -16.75
N GLY D 14 -74.68 -0.44 -16.39
CA GLY D 14 -74.46 -1.10 -15.13
C GLY D 14 -75.47 -0.59 -14.10
N LEU D 15 -75.95 0.63 -14.34
CA LEU D 15 -76.92 1.27 -13.46
C LEU D 15 -78.28 0.60 -13.55
N GLY D 16 -78.43 -0.32 -14.49
CA GLY D 16 -79.66 -1.08 -14.62
C GLY D 16 -80.61 -0.47 -15.63
N GLY D 17 -80.12 0.56 -16.32
CA GLY D 17 -80.90 1.20 -17.34
C GLY D 17 -81.07 0.25 -18.53
N LEU D 18 -81.85 0.69 -19.52
CA LEU D 18 -81.86 0.05 -20.81
C LEU D 18 -80.54 0.34 -21.50
N PRO D 19 -79.98 -0.66 -22.27
CA PRO D 19 -78.67 -0.32 -22.82
C PRO D 19 -78.85 0.71 -23.90
N ARG D 20 -77.96 1.69 -23.97
CA ARG D 20 -78.08 2.71 -25.00
C ARG D 20 -77.10 2.47 -26.17
N PRO D 21 -77.55 1.93 -27.35
CA PRO D 21 -76.53 1.81 -28.40
C PRO D 21 -76.19 3.15 -29.05
N ALA D 22 -75.28 3.15 -30.02
CA ALA D 22 -74.80 4.37 -30.67
C ALA D 22 -73.71 5.04 -29.86
N THR D 23 -73.25 4.31 -28.85
CA THR D 23 -72.36 4.83 -27.82
C THR D 23 -70.86 4.81 -28.11
N THR D 24 -70.15 5.79 -27.58
CA THR D 24 -68.70 5.78 -27.65
C THR D 24 -68.19 6.28 -26.32
N VAL D 25 -67.24 5.57 -25.72
CA VAL D 25 -66.69 5.91 -24.42
C VAL D 25 -65.19 6.15 -24.48
N ILE D 26 -64.76 7.24 -23.85
CA ILE D 26 -63.36 7.63 -23.85
C ILE D 26 -62.77 7.32 -22.49
N VAL D 27 -61.47 7.03 -22.49
CA VAL D 27 -60.75 6.60 -21.32
C VAL D 27 -59.46 7.37 -21.33
N GLU D 28 -59.07 7.88 -20.17
CA GLU D 28 -57.81 8.59 -20.03
C GLU D 28 -56.97 7.99 -18.90
N GLY D 29 -55.80 7.44 -19.28
CA GLY D 29 -54.83 6.94 -18.31
C GLY D 29 -55.57 6.41 -17.10
N ASP D 30 -56.36 5.36 -17.37
CA ASP D 30 -57.41 4.89 -16.46
C ASP D 30 -58.62 5.88 -16.46
N ARG D 31 -59.41 5.92 -15.39
CA ARG D 31 -60.69 6.69 -15.26
C ARG D 31 -61.67 6.62 -16.45
N PHE D 32 -62.65 7.52 -16.46
CA PHE D 32 -63.63 7.60 -17.53
C PHE D 32 -63.94 9.07 -17.82
N ALA D 33 -63.65 9.52 -19.04
CA ALA D 33 -63.85 10.92 -19.39
C ALA D 33 -65.23 11.20 -20.00
N THR D 34 -65.47 10.66 -21.19
CA THR D 34 -66.64 11.04 -21.96
C THR D 34 -67.53 9.89 -22.41
N VAL D 35 -68.79 9.95 -21.95
CA VAL D 35 -69.89 9.32 -22.63
C VAL D 35 -70.61 10.39 -23.44
N GLY D 36 -70.77 10.11 -24.73
CA GLY D 36 -71.71 10.86 -25.55
C GLY D 36 -71.97 10.11 -26.85
N PRO D 37 -73.25 10.09 -27.28
CA PRO D 37 -73.75 9.58 -28.57
C PRO D 37 -73.97 10.61 -29.71
N SER D 38 -72.95 11.00 -30.47
CA SER D 38 -73.25 11.70 -31.75
C SER D 38 -73.12 10.67 -32.89
N ASP D 39 -71.92 10.48 -33.42
CA ASP D 39 -71.54 9.12 -33.86
C ASP D 39 -71.00 8.54 -32.57
N SER D 40 -70.27 9.44 -31.92
CA SER D 40 -69.33 9.15 -30.89
C SER D 40 -69.03 10.55 -30.31
N THR D 41 -67.91 10.71 -29.64
CA THR D 41 -67.47 12.02 -29.16
C THR D 41 -67.44 13.14 -30.22
N PRO D 42 -66.79 12.92 -31.39
CA PRO D 42 -66.05 11.73 -31.83
C PRO D 42 -64.63 11.64 -31.30
N VAL D 43 -63.95 10.56 -31.68
CA VAL D 43 -62.63 10.22 -31.17
C VAL D 43 -61.61 11.23 -31.65
N PRO D 44 -60.58 11.61 -30.81
CA PRO D 44 -59.68 12.65 -31.36
C PRO D 44 -58.37 12.14 -31.94
N GLU D 45 -58.37 12.07 -33.27
CA GLU D 45 -57.19 11.93 -34.12
C GLU D 45 -56.12 10.91 -33.70
N GLY D 46 -56.39 9.63 -33.95
CA GLY D 46 -55.32 8.64 -33.84
C GLY D 46 -54.90 8.37 -32.41
N ALA D 47 -55.88 8.32 -31.52
CA ALA D 47 -55.67 7.82 -30.17
C ALA D 47 -55.64 6.29 -30.27
N THR D 48 -55.76 5.58 -29.16
CA THR D 48 -56.01 4.16 -29.28
C THR D 48 -57.47 4.00 -29.69
N VAL D 49 -57.69 3.49 -30.91
CA VAL D 49 -59.05 3.38 -31.45
C VAL D 49 -59.36 1.92 -31.71
N VAL D 50 -60.39 1.41 -31.02
CA VAL D 50 -60.79 0.02 -31.11
C VAL D 50 -62.31 -0.04 -31.28
N ASP D 51 -62.78 -0.77 -32.28
CA ASP D 51 -64.17 -0.65 -32.73
C ASP D 51 -65.15 -1.42 -31.86
N GLY D 52 -66.33 -0.85 -31.66
CA GLY D 52 -67.40 -1.49 -30.89
C GLY D 52 -68.66 -1.97 -31.59
N ASN D 53 -68.67 -2.06 -32.93
CA ASN D 53 -69.82 -2.68 -33.60
C ASN D 53 -69.80 -4.17 -33.38
N ARG D 54 -70.99 -4.76 -33.43
CA ARG D 54 -71.19 -6.18 -33.25
C ARG D 54 -70.73 -6.58 -31.86
N ARG D 55 -70.69 -5.60 -30.95
CA ARG D 55 -70.24 -5.83 -29.55
C ARG D 55 -70.97 -4.97 -28.54
N TRP D 56 -71.03 -5.47 -27.31
CA TRP D 56 -71.68 -4.84 -26.18
C TRP D 56 -70.61 -4.38 -25.19
N MET D 57 -71.02 -3.53 -24.27
CA MET D 57 -70.16 -3.13 -23.19
C MET D 57 -70.74 -3.64 -21.88
N VAL D 58 -69.90 -4.12 -20.98
CA VAL D 58 -70.33 -4.35 -19.61
C VAL D 58 -69.36 -3.72 -18.64
N PRO D 59 -69.87 -3.15 -17.54
CA PRO D 59 -69.03 -2.64 -16.46
C PRO D 59 -68.16 -3.78 -15.99
N GLY D 60 -66.85 -3.54 -15.83
CA GLY D 60 -65.93 -4.61 -15.48
C GLY D 60 -66.47 -5.39 -14.29
N TYR D 61 -66.61 -6.71 -14.48
CA TYR D 61 -67.27 -7.56 -13.48
C TYR D 61 -66.55 -7.44 -12.13
N VAL D 62 -67.29 -7.17 -11.08
CA VAL D 62 -66.70 -7.05 -9.76
C VAL D 62 -67.31 -8.08 -8.83
N ASN D 63 -66.49 -9.08 -8.45
CA ASN D 63 -66.93 -10.21 -7.64
C ASN D 63 -66.71 -9.92 -6.14
N GLY D 64 -67.74 -10.19 -5.35
CA GLY D 64 -67.79 -9.79 -3.95
C GLY D 64 -67.52 -10.84 -2.90
N ASN D 65 -67.37 -12.09 -3.34
CA ASN D 65 -66.74 -13.10 -2.49
C ASN D 65 -65.84 -14.01 -3.32
N VAL D 66 -64.55 -14.00 -3.03
CA VAL D 66 -63.62 -14.97 -3.64
C VAL D 66 -62.50 -15.33 -2.67
N HIS D 67 -61.79 -16.41 -2.95
CA HIS D 67 -60.62 -16.76 -2.19
C HIS D 67 -59.56 -17.15 -3.14
N LEU D 68 -58.38 -16.57 -3.03
CA LEU D 68 -57.31 -16.77 -3.98
C LEU D 68 -56.32 -17.91 -3.65
N LEU D 69 -56.15 -18.25 -2.36
CA LEU D 69 -55.36 -19.44 -1.98
C LEU D 69 -56.31 -20.58 -1.91
N ASP D 70 -57.49 -20.31 -2.44
CA ASP D 70 -58.71 -21.04 -2.19
C ASP D 70 -59.15 -20.99 -0.70
N ALA D 71 -60.27 -21.64 -0.41
CA ALA D 71 -60.82 -21.79 0.95
C ALA D 71 -61.62 -23.08 1.01
N TRP D 72 -62.55 -23.17 0.04
CA TRP D 72 -63.56 -24.24 -0.15
C TRP D 72 -63.00 -25.66 -0.20
N MET D 73 -61.99 -25.79 -1.02
CA MET D 73 -61.29 -27.04 -1.24
C MET D 73 -60.73 -27.52 0.05
N PHE D 74 -60.13 -26.66 0.84
CA PHE D 74 -59.61 -27.06 2.13
C PHE D 74 -60.78 -27.61 2.89
N MET D 75 -61.90 -26.90 2.79
CA MET D 75 -63.13 -27.34 3.39
C MET D 75 -63.46 -28.53 2.55
N ALA D 76 -64.04 -29.54 3.16
CA ALA D 76 -64.50 -30.67 2.42
C ALA D 76 -63.36 -31.48 1.89
N GLY D 77 -62.13 -31.17 2.26
CA GLY D 77 -61.04 -31.54 1.38
C GLY D 77 -59.99 -32.55 1.72
N PRO D 78 -59.99 -33.71 0.98
CA PRO D 78 -58.65 -34.16 0.61
C PRO D 78 -58.12 -33.24 -0.40
N GLY D 79 -56.78 -33.20 -0.48
CA GLY D 79 -56.04 -32.42 -1.49
C GLY D 79 -55.40 -31.12 -0.97
N THR D 80 -55.92 -30.63 0.16
CA THR D 80 -55.43 -29.45 0.84
C THR D 80 -53.97 -29.55 1.21
N ILE D 81 -53.47 -30.77 1.39
CA ILE D 81 -52.08 -30.97 1.81
C ILE D 81 -51.09 -30.62 0.69
N GLU D 82 -51.13 -31.42 -0.37
CA GLU D 82 -50.24 -31.21 -1.54
C GLU D 82 -50.35 -29.79 -2.07
N TYR D 83 -51.55 -29.21 -1.98
CA TYR D 83 -51.73 -27.82 -2.39
C TYR D 83 -50.84 -26.88 -1.61
N LEU D 84 -51.16 -26.66 -0.33
CA LEU D 84 -50.40 -25.66 0.46
C LEU D 84 -48.92 -26.05 0.67
N ALA D 85 -48.65 -27.35 0.74
CA ALA D 85 -47.31 -27.83 1.06
C ALA D 85 -46.33 -27.63 -0.09
N ARG D 86 -46.73 -28.07 -1.29
CA ARG D 86 -45.87 -27.87 -2.47
C ARG D 86 -45.64 -26.39 -2.73
N TRP D 87 -46.69 -25.59 -2.65
CA TRP D 87 -46.62 -24.20 -3.08
C TRP D 87 -46.12 -23.24 -1.98
N GLU D 88 -45.62 -23.74 -0.85
CA GLU D 88 -45.11 -22.85 0.18
C GLU D 88 -44.04 -21.88 -0.37
N GLY D 89 -44.28 -20.59 -0.16
CA GLY D 89 -43.37 -19.55 -0.62
C GLY D 89 -43.69 -19.03 -2.00
N ARG D 90 -44.32 -19.85 -2.83
CA ARG D 90 -44.84 -19.38 -4.13
C ARG D 90 -46.31 -18.95 -4.01
N TYR D 91 -46.80 -18.87 -2.79
CA TYR D 91 -48.16 -18.44 -2.48
C TYR D 91 -48.61 -17.16 -3.14
N VAL D 92 -47.75 -16.15 -3.11
CA VAL D 92 -48.08 -14.87 -3.77
C VAL D 92 -48.55 -15.17 -5.18
N GLU D 93 -47.85 -16.09 -5.83
CA GLU D 93 -48.13 -16.41 -7.23
C GLU D 93 -49.41 -17.24 -7.42
N VAL D 94 -49.76 -18.10 -6.47
CA VAL D 94 -51.00 -18.88 -6.59
C VAL D 94 -52.19 -17.96 -6.43
N ILE D 95 -52.08 -17.08 -5.44
CA ILE D 95 -53.07 -16.01 -5.19
C ILE D 95 -53.25 -15.14 -6.42
N GLU D 96 -52.14 -14.69 -6.96
CA GLU D 96 -52.16 -13.89 -8.17
C GLU D 96 -52.71 -14.69 -9.35
N GLU D 97 -52.24 -15.92 -9.49
CA GLU D 97 -52.69 -16.80 -10.57
C GLU D 97 -54.22 -16.94 -10.61
N ALA D 98 -54.83 -17.16 -9.44
CA ALA D 98 -56.28 -17.27 -9.33
C ALA D 98 -56.97 -15.94 -9.66
N ALA D 99 -56.36 -14.85 -9.25
CA ALA D 99 -56.83 -13.51 -9.60
C ALA D 99 -56.80 -13.34 -11.11
N GLN D 100 -55.85 -14.01 -11.74
CA GLN D 100 -55.73 -13.97 -13.20
C GLN D 100 -56.78 -14.90 -13.85
N LEU D 101 -57.25 -15.87 -13.09
CA LEU D 101 -58.34 -16.71 -13.58
C LEU D 101 -59.67 -15.98 -13.50
N ALA D 102 -59.66 -14.89 -12.76
CA ALA D 102 -60.85 -14.05 -12.61
C ALA D 102 -61.00 -13.07 -13.77
N LEU D 103 -59.93 -12.35 -14.07
CA LEU D 103 -59.87 -11.33 -15.09
C LEU D 103 -60.06 -11.87 -16.54
N ARG D 104 -59.57 -13.07 -16.81
CA ARG D 104 -59.73 -13.70 -18.12
C ARG D 104 -61.21 -13.78 -18.42
N ASN D 105 -61.98 -13.94 -17.35
CA ASN D 105 -63.44 -13.95 -17.42
C ASN D 105 -64.11 -12.58 -17.32
N GLY D 106 -63.34 -11.51 -17.20
CA GLY D 106 -63.89 -10.14 -17.25
C GLY D 106 -64.06 -9.51 -15.87
N VAL D 107 -63.49 -10.14 -14.84
CA VAL D 107 -63.60 -9.62 -13.49
C VAL D 107 -62.45 -8.70 -13.15
N THR D 108 -62.74 -7.41 -13.05
CA THR D 108 -61.69 -6.39 -12.89
C THR D 108 -61.43 -6.05 -11.45
N THR D 109 -62.16 -6.69 -10.55
CA THR D 109 -61.98 -6.46 -9.10
C THR D 109 -62.40 -7.69 -8.31
N VAL D 110 -61.65 -8.01 -7.26
CA VAL D 110 -62.02 -9.13 -6.40
C VAL D 110 -61.99 -8.74 -4.93
N PHE D 111 -62.96 -9.27 -4.18
CA PHE D 111 -63.02 -9.10 -2.73
C PHE D 111 -62.77 -10.43 -2.09
N ASP D 112 -61.58 -10.61 -1.50
CA ASP D 112 -61.11 -11.90 -1.01
C ASP D 112 -61.34 -12.02 0.46
N THR D 113 -62.32 -12.83 0.81
CA THR D 113 -62.85 -12.81 2.15
C THR D 113 -62.13 -13.75 3.14
N HIS D 114 -61.29 -14.66 2.64
CA HIS D 114 -60.43 -15.44 3.53
C HIS D 114 -59.11 -15.77 2.87
N ASN D 115 -58.02 -15.60 3.60
CA ASN D 115 -56.68 -15.93 3.10
C ASN D 115 -55.56 -15.90 4.14
N ALA D 116 -54.35 -16.14 3.68
CA ALA D 116 -53.15 -15.92 4.48
C ALA D 116 -52.71 -14.47 4.23
N ILE D 117 -52.72 -13.69 5.29
CA ILE D 117 -52.58 -12.25 5.18
C ILE D 117 -51.38 -11.78 4.38
N GLU D 118 -50.18 -11.98 4.88
CA GLU D 118 -48.97 -11.52 4.16
C GLU D 118 -48.83 -12.10 2.73
N PRO D 119 -49.18 -13.37 2.54
CA PRO D 119 -49.23 -13.86 1.14
C PRO D 119 -50.18 -13.14 0.20
N VAL D 120 -51.43 -12.91 0.59
CA VAL D 120 -52.39 -12.22 -0.30
C VAL D 120 -52.18 -10.71 -0.26
N LEU D 121 -51.71 -10.21 0.87
CA LEU D 121 -51.59 -8.78 1.03
C LEU D 121 -50.50 -8.30 0.12
N ALA D 122 -49.40 -9.07 0.04
CA ALA D 122 -48.34 -8.78 -0.92
C ALA D 122 -48.88 -8.88 -2.33
N ALA D 123 -49.79 -9.83 -2.56
CA ALA D 123 -50.40 -9.98 -3.88
C ALA D 123 -51.24 -8.79 -4.30
N ARG D 124 -51.92 -8.15 -3.34
CA ARG D 124 -52.83 -7.04 -3.68
C ARG D 124 -52.04 -5.80 -4.03
N ASP D 125 -50.92 -5.55 -3.34
CA ASP D 125 -50.14 -4.36 -3.62
C ASP D 125 -49.40 -4.51 -4.96
N ARG D 126 -48.95 -5.73 -5.25
CA ARG D 126 -48.18 -5.99 -6.46
C ARG D 126 -49.01 -5.70 -7.70
N ILE D 127 -50.19 -6.32 -7.79
CA ILE D 127 -51.10 -6.09 -8.91
C ILE D 127 -51.50 -4.62 -9.00
N ASN D 128 -51.69 -3.98 -7.83
CA ASN D 128 -52.16 -2.62 -7.79
C ASN D 128 -51.11 -1.60 -8.24
N ALA D 129 -49.83 -1.93 -8.09
CA ALA D 129 -48.74 -0.98 -8.45
C ALA D 129 -48.26 -1.20 -9.86
N GLY D 130 -48.83 -2.23 -10.52
CA GLY D 130 -48.52 -2.57 -11.92
C GLY D 130 -47.50 -3.70 -12.09
N ILE D 131 -47.01 -4.23 -10.97
CA ILE D 131 -45.83 -5.10 -10.95
C ILE D 131 -46.19 -6.48 -11.43
N SER D 132 -47.45 -6.82 -11.25
CA SER D 132 -47.96 -8.10 -11.62
C SER D 132 -49.32 -7.94 -12.26
N GLN D 133 -49.75 -9.00 -12.90
CA GLN D 133 -51.06 -9.04 -13.51
C GLN D 133 -51.99 -9.85 -12.66
N GLY D 134 -53.24 -9.43 -12.57
CA GLY D 134 -54.22 -10.08 -11.73
C GLY D 134 -55.36 -9.12 -11.47
N ALA D 135 -56.45 -9.59 -10.88
CA ALA D 135 -57.57 -8.73 -10.59
C ALA D 135 -57.31 -7.91 -9.32
N ARG D 136 -57.94 -6.74 -9.23
CA ARG D 136 -57.80 -5.89 -8.06
C ARG D 136 -58.22 -6.61 -6.78
N ILE D 137 -57.34 -6.65 -5.79
CA ILE D 137 -57.63 -7.38 -4.56
C ILE D 137 -57.94 -6.42 -3.40
N PHE D 138 -58.86 -6.85 -2.54
CA PHE D 138 -59.34 -6.03 -1.42
C PHE D 138 -59.31 -6.81 -0.11
N ALA D 139 -59.71 -8.07 -0.16
CA ALA D 139 -59.04 -9.05 0.73
C ALA D 139 -59.23 -8.88 2.26
N ALA D 140 -60.28 -9.48 2.81
CA ALA D 140 -60.46 -9.57 4.24
C ALA D 140 -59.27 -10.14 5.02
N GLY D 141 -58.35 -10.84 4.34
CA GLY D 141 -57.27 -11.54 5.05
C GLY D 141 -57.92 -12.68 5.82
N THR D 142 -57.38 -13.07 6.97
CA THR D 142 -58.00 -14.12 7.75
C THR D 142 -59.35 -13.61 8.27
N ILE D 143 -60.33 -14.49 8.34
CA ILE D 143 -61.57 -14.22 9.01
C ILE D 143 -61.26 -14.24 10.51
N VAL D 144 -61.97 -13.46 11.29
CA VAL D 144 -61.75 -13.48 12.69
C VAL D 144 -62.55 -14.57 13.39
N GLY D 145 -61.83 -15.45 14.06
CA GLY D 145 -62.41 -16.55 14.84
C GLY D 145 -62.34 -17.91 14.14
N MET D 146 -61.45 -18.04 13.14
CA MET D 146 -61.36 -19.26 12.37
C MET D 146 -60.02 -19.99 12.54
N GLY D 147 -60.11 -21.33 12.56
CA GLY D 147 -58.90 -22.17 12.58
C GLY D 147 -58.33 -22.28 11.19
N GLY D 148 -57.04 -22.62 11.12
CA GLY D 148 -56.32 -22.70 9.84
C GLY D 148 -56.74 -23.85 8.98
N PRO D 149 -56.17 -23.96 7.78
CA PRO D 149 -56.49 -25.00 6.77
C PRO D 149 -56.42 -26.44 7.25
N PHE D 150 -55.58 -26.75 8.25
CA PHE D 150 -55.49 -28.14 8.76
C PHE D 150 -56.26 -28.39 10.06
N SER D 151 -56.94 -27.37 10.54
CA SER D 151 -57.67 -27.46 11.80
C SER D 151 -59.04 -28.06 11.56
N ALA D 152 -59.91 -27.94 12.55
CA ALA D 152 -61.34 -27.98 12.29
C ALA D 152 -61.64 -26.72 11.47
N ASP D 153 -62.91 -26.51 11.14
CA ASP D 153 -63.29 -25.42 10.23
C ASP D 153 -62.84 -25.71 8.79
N PHE D 154 -62.05 -26.76 8.61
CA PHE D 154 -61.40 -27.09 7.36
C PHE D 154 -61.10 -28.59 7.32
N HIS D 155 -60.25 -29.00 6.37
CA HIS D 155 -59.72 -30.36 6.32
C HIS D 155 -59.19 -30.65 7.73
N PHE D 156 -59.87 -31.52 8.47
CA PHE D 156 -59.60 -31.69 9.89
C PHE D 156 -58.56 -32.76 10.07
N ALA D 157 -58.90 -33.94 9.56
CA ALA D 157 -57.92 -34.97 9.31
C ALA D 157 -56.90 -34.38 8.38
N GLY D 158 -55.66 -34.80 8.49
CA GLY D 158 -54.52 -34.16 7.79
C GLY D 158 -53.73 -33.35 8.79
N ARG D 159 -54.38 -32.96 9.87
CA ARG D 159 -53.66 -32.51 11.01
C ARG D 159 -53.09 -33.81 11.59
N THR D 160 -53.86 -34.89 11.44
CA THR D 160 -53.45 -36.23 11.82
C THR D 160 -52.52 -36.87 10.78
N ALA D 161 -52.73 -36.53 9.50
CA ALA D 161 -52.11 -37.25 8.36
C ALA D 161 -50.76 -36.70 7.94
N ALA D 162 -50.35 -35.58 8.53
CA ALA D 162 -49.08 -34.92 8.17
C ALA D 162 -48.43 -34.33 9.43
N THR D 163 -47.29 -33.67 9.24
CA THR D 163 -46.48 -33.15 10.32
C THR D 163 -47.29 -32.23 11.22
N ARG D 164 -47.12 -32.34 12.52
CA ARG D 164 -47.71 -31.38 13.43
C ARG D 164 -46.84 -30.11 13.44
N THR D 165 -45.59 -30.24 12.98
CA THR D 165 -44.70 -29.11 12.83
C THR D 165 -45.15 -28.27 11.67
N PHE D 166 -45.30 -28.93 10.53
CA PHE D 166 -45.77 -28.26 9.30
C PHE D 166 -47.16 -27.67 9.50
N VAL D 167 -48.02 -28.40 10.19
CA VAL D 167 -49.34 -27.91 10.49
C VAL D 167 -49.29 -26.65 11.35
N ASP D 168 -48.52 -26.71 12.45
CA ASP D 168 -48.28 -25.55 13.31
C ASP D 168 -47.85 -24.37 12.47
N ARG D 169 -46.90 -24.60 11.54
CA ARG D 169 -46.37 -23.53 10.71
C ARG D 169 -47.43 -22.94 9.76
N ILE D 170 -48.01 -23.75 8.90
CA ILE D 170 -48.95 -23.26 7.89
C ILE D 170 -50.21 -22.68 8.51
N ASP D 171 -50.80 -23.39 9.46
CA ASP D 171 -52.02 -22.92 10.10
C ASP D 171 -51.80 -21.52 10.65
N SER D 172 -50.72 -21.36 11.40
CA SER D 172 -50.35 -20.08 11.99
C SER D 172 -50.36 -18.98 10.94
N MET D 173 -49.67 -19.25 9.83
CA MET D 173 -49.49 -18.28 8.75
C MET D 173 -50.81 -17.66 8.34
N PHE D 174 -51.87 -18.48 8.33
CA PHE D 174 -53.23 -17.99 8.10
C PHE D 174 -53.80 -17.22 9.30
N GLU D 175 -53.75 -17.81 10.47
CA GLU D 175 -54.53 -17.37 11.62
C GLU D 175 -54.10 -16.02 12.21
N ALA D 176 -52.93 -15.54 11.83
CA ALA D 176 -52.43 -14.18 12.24
C ALA D 176 -52.35 -14.02 13.74
N GLY D 177 -53.01 -13.04 14.32
CA GLY D 177 -53.14 -12.99 15.78
C GLY D 177 -54.48 -13.57 16.16
N VAL D 178 -55.33 -13.73 15.17
CA VAL D 178 -56.76 -13.89 15.41
C VAL D 178 -57.20 -15.28 15.88
N GLY D 179 -56.82 -16.35 15.19
CA GLY D 179 -57.11 -17.73 15.68
C GLY D 179 -58.58 -18.05 16.00
N HIS D 180 -58.82 -19.21 16.61
CA HIS D 180 -60.05 -19.43 17.34
C HIS D 180 -59.79 -19.19 18.83
N GLN D 181 -58.51 -19.02 19.15
CA GLN D 181 -58.05 -18.89 20.53
C GLN D 181 -58.74 -17.72 21.21
N LEU D 182 -59.34 -16.84 20.41
CA LEU D 182 -60.12 -15.71 20.89
C LEU D 182 -61.30 -16.06 21.77
N SER D 183 -61.91 -17.21 21.53
CA SER D 183 -63.07 -17.65 22.36
C SER D 183 -62.76 -17.53 23.85
N LEU D 184 -61.57 -17.99 24.21
CA LEU D 184 -61.15 -18.16 25.60
C LEU D 184 -60.50 -16.89 26.15
N LEU D 185 -60.68 -15.79 25.42
CA LEU D 185 -60.15 -14.52 25.85
C LEU D 185 -61.31 -13.69 26.40
N PRO D 186 -61.05 -12.84 27.40
CA PRO D 186 -62.07 -11.92 27.89
C PRO D 186 -62.21 -10.77 26.87
N ARG D 187 -63.04 -9.77 27.18
CA ARG D 187 -63.31 -8.74 26.19
C ARG D 187 -62.10 -7.83 25.95
N LYS D 188 -61.52 -7.33 27.02
CA LYS D 188 -60.49 -6.27 26.90
C LYS D 188 -59.30 -6.77 26.12
N GLU D 189 -59.02 -8.07 26.20
CA GLU D 189 -57.88 -8.65 25.43
C GLU D 189 -58.18 -8.82 23.94
N VAL D 190 -59.37 -9.28 23.61
CA VAL D 190 -59.72 -9.50 22.20
C VAL D 190 -59.65 -8.19 21.43
N ARG D 191 -59.93 -7.08 22.10
CA ARG D 191 -59.80 -5.76 21.47
C ARG D 191 -58.36 -5.50 21.03
N ALA D 192 -57.40 -5.86 21.89
CA ALA D 192 -55.99 -5.75 21.54
C ALA D 192 -55.71 -6.59 20.30
N ARG D 193 -56.03 -7.88 20.37
CA ARG D 193 -55.80 -8.83 19.28
C ARG D 193 -56.33 -8.31 17.90
N VAL D 194 -57.41 -7.54 17.94
CA VAL D 194 -58.02 -6.97 16.77
C VAL D 194 -57.50 -5.56 16.51
N ARG D 195 -57.51 -4.70 17.52
CA ARG D 195 -56.94 -3.33 17.39
C ARG D 195 -55.61 -3.38 16.63
N ASP D 196 -54.79 -4.39 16.94
CA ASP D 196 -53.58 -4.67 16.17
C ASP D 196 -53.88 -5.13 14.73
N TYR D 197 -54.82 -6.06 14.58
CA TYR D 197 -55.06 -6.77 13.34
C TYR D 197 -55.23 -5.84 12.18
N LEU D 198 -56.06 -4.82 12.37
CA LEU D 198 -56.32 -3.84 11.30
C LEU D 198 -55.11 -2.96 11.08
N SER D 199 -54.18 -2.86 12.02
CA SER D 199 -52.96 -2.10 11.82
C SER D 199 -52.09 -2.74 10.77
N ARG D 200 -52.44 -3.96 10.34
CA ARG D 200 -51.84 -4.57 9.18
C ARG D 200 -52.45 -3.97 7.91
N GLY D 201 -53.51 -3.20 8.08
CA GLY D 201 -54.11 -2.43 6.98
C GLY D 201 -54.90 -3.30 6.04
N VAL D 202 -55.72 -4.19 6.61
CA VAL D 202 -56.58 -5.07 5.82
C VAL D 202 -57.87 -4.29 5.45
N ASP D 203 -58.33 -4.49 4.22
CA ASP D 203 -59.31 -3.60 3.58
C ASP D 203 -60.75 -4.00 3.89
N MET D 204 -60.93 -5.01 4.76
CA MET D 204 -62.24 -5.34 5.35
C MET D 204 -62.03 -6.35 6.49
N LEU D 205 -62.98 -6.42 7.40
CA LEU D 205 -62.87 -7.35 8.54
C LEU D 205 -64.00 -8.35 8.49
N LYS D 206 -63.62 -9.62 8.46
CA LYS D 206 -64.60 -10.66 8.30
C LYS D 206 -64.50 -11.47 9.56
N ILE D 207 -65.65 -11.72 10.16
CA ILE D 207 -65.72 -12.43 11.43
C ILE D 207 -66.71 -13.59 11.25
N ALA D 208 -66.40 -14.73 11.84
CA ALA D 208 -67.32 -15.84 11.77
C ALA D 208 -68.28 -15.74 12.94
N VAL D 209 -69.51 -15.35 12.67
CA VAL D 209 -70.49 -15.13 13.71
C VAL D 209 -71.08 -16.47 14.14
N SER D 210 -71.15 -17.41 13.21
CA SER D 210 -71.30 -18.82 13.57
C SER D 210 -69.93 -19.48 13.53
N ASP D 211 -69.87 -20.79 13.74
CA ASP D 211 -68.60 -21.52 13.66
C ASP D 211 -68.20 -21.74 12.21
N HIS D 212 -67.09 -22.43 11.98
CA HIS D 212 -66.95 -23.11 10.69
C HIS D 212 -66.95 -24.62 10.75
N ILE D 213 -67.17 -25.26 11.91
CA ILE D 213 -67.03 -26.71 11.92
C ILE D 213 -68.31 -27.37 11.47
N VAL D 214 -68.35 -27.75 10.19
CA VAL D 214 -69.49 -28.42 9.59
C VAL D 214 -68.96 -29.56 8.75
N PHE D 215 -67.82 -29.35 8.08
CA PHE D 215 -67.14 -30.41 7.33
C PHE D 215 -67.04 -31.60 8.26
N THR D 216 -66.87 -31.32 9.54
CA THR D 216 -66.82 -32.36 10.54
C THR D 216 -68.22 -32.78 10.99
N LEU D 217 -69.25 -32.14 10.44
CA LEU D 217 -70.59 -32.59 10.67
C LEU D 217 -70.88 -33.52 9.54
N VAL D 218 -70.65 -34.79 9.80
CA VAL D 218 -70.66 -35.78 8.72
C VAL D 218 -72.09 -36.06 8.21
N ASP D 219 -73.06 -36.23 9.12
CA ASP D 219 -74.47 -36.33 8.77
C ASP D 219 -74.71 -37.17 7.50
N ARG D 220 -74.66 -38.47 7.62
CA ARG D 220 -74.79 -39.33 6.45
C ARG D 220 -76.07 -39.04 5.65
N SER D 221 -77.21 -39.16 6.28
CA SER D 221 -78.46 -38.90 5.58
C SER D 221 -79.28 -37.82 6.25
N VAL D 222 -78.77 -37.30 7.37
CA VAL D 222 -79.60 -36.55 8.30
C VAL D 222 -79.59 -35.03 8.25
N GLY D 223 -78.95 -34.44 7.25
CA GLY D 223 -79.18 -33.02 6.93
C GLY D 223 -78.88 -32.09 8.10
N PHE D 224 -77.67 -31.53 8.08
CA PHE D 224 -76.99 -30.92 9.19
C PHE D 224 -77.74 -30.21 10.32
N ASP D 225 -77.23 -30.48 11.51
CA ASP D 225 -77.87 -30.12 12.82
C ASP D 225 -77.11 -29.27 13.91
N ARG D 226 -75.94 -28.68 13.61
CA ARG D 226 -75.13 -27.99 14.60
C ARG D 226 -74.96 -26.53 14.25
N SER D 227 -75.09 -25.65 15.24
CA SER D 227 -75.16 -24.21 15.04
C SER D 227 -73.84 -23.48 14.75
N TYR D 228 -72.91 -23.37 15.70
CA TYR D 228 -72.98 -22.84 17.08
C TYR D 228 -72.81 -21.34 16.91
N GLN D 229 -72.48 -20.64 17.99
CA GLN D 229 -72.14 -19.20 17.94
C GLN D 229 -70.82 -18.91 18.64
N THR D 230 -69.83 -18.38 17.91
CA THR D 230 -68.43 -18.30 18.38
C THR D 230 -68.10 -17.31 19.52
N PHE D 231 -68.59 -16.08 19.38
CA PHE D 231 -68.27 -15.09 20.37
C PHE D 231 -69.50 -14.64 21.17
N SER D 232 -69.23 -13.95 22.27
CA SER D 232 -70.25 -13.21 22.97
C SER D 232 -70.64 -12.06 22.07
N ARG D 233 -71.85 -11.55 22.25
CA ARG D 233 -72.23 -10.33 21.55
C ARG D 233 -71.32 -9.13 21.94
N PRO D 234 -70.99 -8.99 23.25
CA PRO D 234 -70.08 -7.89 23.57
C PRO D 234 -68.78 -7.88 22.75
N VAL D 235 -68.12 -9.03 22.61
CA VAL D 235 -66.82 -9.07 21.96
C VAL D 235 -66.99 -8.76 20.46
N LEU D 236 -68.08 -9.21 19.84
CA LEU D 236 -68.40 -8.81 18.47
C LEU D 236 -68.35 -7.29 18.34
N GLU D 237 -69.08 -6.63 19.22
CA GLU D 237 -69.26 -5.19 19.17
C GLU D 237 -67.97 -4.40 19.49
N VAL D 238 -67.02 -5.04 20.16
CA VAL D 238 -65.71 -4.44 20.33
C VAL D 238 -64.93 -4.58 19.02
N MET D 239 -65.11 -5.70 18.35
CA MET D 239 -64.50 -5.90 17.02
C MET D 239 -65.15 -4.99 15.98
N VAL D 240 -66.48 -4.94 16.01
CA VAL D 240 -67.23 -4.05 15.15
C VAL D 240 -66.74 -2.61 15.34
N GLU D 241 -66.53 -2.23 16.60
CA GLU D 241 -66.06 -0.91 16.92
C GLU D 241 -64.75 -0.56 16.27
N GLU D 242 -63.75 -1.45 16.41
CA GLU D 242 -62.38 -1.15 15.93
C GLU D 242 -62.34 -1.34 14.43
N ALA D 243 -63.45 -1.85 13.90
CA ALA D 243 -63.79 -1.78 12.49
C ALA D 243 -64.23 -0.40 12.01
N ARG D 244 -65.09 0.28 12.77
CA ARG D 244 -65.46 1.64 12.40
C ARG D 244 -64.30 2.56 12.71
N ALA D 245 -63.59 2.26 13.80
CA ALA D 245 -62.41 3.03 14.16
C ALA D 245 -61.37 2.92 13.04
N ALA D 246 -61.31 1.75 12.43
CA ALA D 246 -60.36 1.51 11.33
C ALA D 246 -60.94 1.82 9.95
N GLY D 247 -62.19 2.28 9.91
CA GLY D 247 -62.82 2.67 8.67
C GLY D 247 -63.08 1.51 7.70
N VAL D 248 -62.66 0.31 8.09
CA VAL D 248 -62.91 -0.84 7.28
C VAL D 248 -64.38 -1.28 7.47
N PRO D 249 -65.00 -1.76 6.40
CA PRO D 249 -66.35 -2.31 6.56
C PRO D 249 -66.31 -3.64 7.32
N VAL D 250 -67.25 -3.84 8.23
CA VAL D 250 -67.28 -5.09 9.00
C VAL D 250 -68.17 -6.12 8.27
N LEU D 251 -67.79 -7.39 8.25
CA LEU D 251 -68.59 -8.40 7.57
C LEU D 251 -68.85 -9.58 8.48
N THR D 252 -69.91 -10.32 8.19
CA THR D 252 -70.33 -11.41 9.04
C THR D 252 -70.61 -12.61 8.17
N HIS D 253 -70.07 -13.75 8.58
CA HIS D 253 -70.40 -15.02 7.95
C HIS D 253 -71.26 -15.77 8.98
N SER D 254 -72.50 -16.10 8.62
CA SER D 254 -73.43 -16.73 9.55
C SER D 254 -74.22 -17.81 8.83
N VAL D 255 -74.04 -19.05 9.28
CA VAL D 255 -74.69 -20.21 8.68
C VAL D 255 -75.98 -20.63 9.38
N SER D 256 -76.40 -19.88 10.38
CA SER D 256 -77.60 -20.21 11.15
C SER D 256 -78.73 -19.14 11.05
N VAL D 257 -79.91 -19.49 11.52
CA VAL D 257 -81.08 -18.62 11.51
C VAL D 257 -80.92 -17.45 12.50
N GLU D 258 -80.46 -17.74 13.71
CA GLU D 258 -79.92 -16.70 14.55
C GLU D 258 -78.55 -16.40 13.92
N ALA D 259 -77.83 -15.46 14.45
CA ALA D 259 -76.59 -15.16 13.85
C ALA D 259 -76.81 -14.13 12.77
N LEU D 260 -77.52 -14.49 11.73
CA LEU D 260 -77.80 -13.55 10.70
C LEU D 260 -78.63 -12.46 11.33
N ASP D 261 -79.56 -12.87 12.19
CA ASP D 261 -80.31 -11.95 13.02
C ASP D 261 -79.32 -11.32 13.89
N THR D 262 -78.55 -12.13 14.58
CA THR D 262 -77.63 -11.62 15.54
C THR D 262 -76.55 -10.81 14.90
N SER D 263 -76.46 -10.83 13.60
CA SER D 263 -75.38 -10.18 12.90
C SER D 263 -75.80 -8.84 12.43
N VAL D 264 -76.99 -8.82 11.88
CA VAL D 264 -77.56 -7.61 11.32
C VAL D 264 -77.64 -6.50 12.32
N GLU D 265 -77.95 -6.88 13.54
CA GLU D 265 -78.02 -5.95 14.64
C GLU D 265 -76.64 -5.52 15.12
N LEU D 266 -75.58 -6.09 14.53
CA LEU D 266 -74.25 -5.56 14.75
C LEU D 266 -73.98 -4.46 13.71
N GLY D 267 -74.92 -4.32 12.78
CA GLY D 267 -74.83 -3.29 11.74
C GLY D 267 -73.86 -3.68 10.65
N ALA D 268 -73.75 -4.98 10.39
CA ALA D 268 -72.78 -5.50 9.46
C ALA D 268 -72.94 -4.89 8.09
N ASP D 269 -71.84 -4.37 7.54
CA ASP D 269 -71.87 -3.75 6.22
C ASP D 269 -72.23 -4.77 5.18
N VAL D 270 -71.65 -5.96 5.29
CA VAL D 270 -71.93 -7.03 4.32
C VAL D 270 -72.19 -8.38 5.01
N LEU D 271 -73.36 -8.95 4.78
CA LEU D 271 -73.68 -10.27 5.31
C LEU D 271 -73.24 -11.32 4.30
N ILE D 272 -72.26 -12.13 4.66
CA ILE D 272 -71.60 -13.06 3.76
C ILE D 272 -72.04 -14.49 4.06
N HIS D 273 -72.15 -15.31 3.02
CA HIS D 273 -72.71 -16.66 3.14
C HIS D 273 -74.17 -16.60 3.60
N ALA D 274 -74.91 -15.62 3.14
CA ALA D 274 -76.12 -15.11 3.83
C ALA D 274 -77.37 -15.98 3.71
N ASN D 275 -77.53 -16.70 2.62
CA ASN D 275 -78.74 -17.52 2.47
C ASN D 275 -78.68 -18.90 3.17
N TYR D 276 -77.50 -19.33 3.62
CA TYR D 276 -77.41 -20.64 4.26
C TYR D 276 -77.70 -20.50 5.74
N THR D 277 -78.88 -20.94 6.16
CA THR D 277 -79.22 -20.92 7.57
C THR D 277 -79.21 -22.32 8.16
N LEU D 278 -78.71 -23.29 7.38
CA LEU D 278 -78.52 -24.66 7.84
C LEU D 278 -79.81 -25.31 8.38
N GLY D 279 -80.68 -25.71 7.46
CA GLY D 279 -81.86 -26.50 7.78
C GLY D 279 -83.20 -25.78 7.67
N GLN D 280 -83.21 -24.45 7.69
CA GLN D 280 -84.48 -23.72 7.77
C GLN D 280 -84.49 -22.51 6.89
N GLU D 281 -85.65 -21.84 6.82
CA GLU D 281 -85.76 -20.62 6.03
C GLU D 281 -85.74 -19.42 6.94
N ILE D 282 -85.12 -18.34 6.46
CA ILE D 282 -85.08 -17.06 7.17
C ILE D 282 -86.55 -16.61 7.41
N PRO D 283 -86.98 -16.58 8.68
CA PRO D 283 -88.34 -16.20 9.04
C PRO D 283 -88.64 -14.72 8.68
N ASN D 284 -89.94 -14.39 8.69
CA ASN D 284 -90.41 -13.16 8.08
C ASN D 284 -90.31 -11.90 8.92
N TYR D 285 -89.72 -12.02 10.11
CA TYR D 285 -89.22 -10.82 10.78
C TYR D 285 -87.84 -10.56 10.20
N LEU D 286 -86.99 -11.59 10.29
CA LEU D 286 -85.61 -11.54 9.83
C LEU D 286 -85.47 -11.06 8.38
N ILE D 287 -86.42 -11.43 7.51
CA ILE D 287 -86.37 -10.98 6.12
C ILE D 287 -86.66 -9.49 5.99
N ASP D 288 -87.73 -9.05 6.66
CA ASP D 288 -88.04 -7.61 6.74
C ASP D 288 -86.90 -6.83 7.31
N LYS D 289 -86.40 -7.31 8.44
CA LYS D 289 -85.30 -6.65 9.14
C LYS D 289 -84.05 -6.51 8.28
N ILE D 290 -83.97 -7.27 7.17
CA ILE D 290 -82.87 -7.09 6.21
C ILE D 290 -83.14 -5.86 5.31
N VAL D 291 -84.39 -5.69 4.91
CA VAL D 291 -84.82 -4.63 3.97
C VAL D 291 -84.96 -3.27 4.68
N ALA D 292 -85.32 -3.29 5.96
CA ALA D 292 -85.43 -2.10 6.80
C ALA D 292 -84.09 -1.78 7.50
N SER D 293 -83.05 -2.55 7.16
CA SER D 293 -81.68 -2.27 7.60
C SER D 293 -80.79 -1.84 6.43
N ASP D 294 -79.73 -1.10 6.68
CA ASP D 294 -78.79 -0.83 5.61
C ASP D 294 -77.62 -1.78 5.79
N SER D 295 -77.74 -2.91 5.09
CA SER D 295 -76.77 -3.97 5.10
C SER D 295 -76.98 -4.71 3.79
N TRP D 296 -75.90 -5.19 3.20
CA TRP D 296 -76.01 -5.93 1.99
C TRP D 296 -76.02 -7.44 2.30
N ALA D 297 -76.92 -8.15 1.63
CA ALA D 297 -77.02 -9.58 1.80
C ALA D 297 -76.35 -10.31 0.64
N GLY D 298 -75.24 -10.96 0.93
CA GLY D 298 -74.53 -11.75 -0.05
C GLY D 298 -75.30 -13.00 -0.41
N LEU D 299 -75.32 -13.33 -1.69
CA LEU D 299 -76.15 -14.45 -2.15
C LEU D 299 -75.30 -15.44 -2.97
N GLN D 300 -75.26 -16.70 -2.52
CA GLN D 300 -74.58 -17.73 -3.28
C GLN D 300 -75.59 -18.81 -3.72
N THR D 301 -75.57 -19.18 -5.00
CA THR D 301 -76.57 -20.13 -5.53
C THR D 301 -76.13 -21.02 -6.68
N VAL D 302 -76.95 -22.05 -6.90
CA VAL D 302 -76.72 -23.04 -7.93
C VAL D 302 -78.01 -23.21 -8.72
N HIS D 303 -77.91 -23.52 -10.03
CA HIS D 303 -79.12 -23.67 -10.86
C HIS D 303 -79.60 -25.11 -10.90
N ASP D 304 -80.91 -25.31 -10.80
CA ASP D 304 -81.53 -26.64 -10.71
C ASP D 304 -81.14 -27.58 -11.83
N GLN D 305 -80.66 -27.03 -12.94
CA GLN D 305 -80.10 -27.84 -13.99
C GLN D 305 -78.81 -28.51 -13.52
N HIS D 306 -77.90 -27.71 -12.97
CA HIS D 306 -76.68 -28.21 -12.38
C HIS D 306 -76.99 -28.94 -11.08
N ARG D 307 -77.84 -28.34 -10.26
CA ARG D 307 -78.07 -28.84 -8.92
C ARG D 307 -78.54 -30.28 -8.93
N GLN D 308 -79.40 -30.63 -9.89
CA GLN D 308 -79.89 -32.00 -9.97
C GLN D 308 -78.74 -32.88 -10.38
N GLY D 309 -77.90 -32.33 -11.27
CA GLY D 309 -76.69 -33.02 -11.72
C GLY D 309 -75.81 -33.46 -10.55
N LEU D 310 -75.65 -32.58 -9.55
CA LEU D 310 -74.99 -32.97 -8.33
C LEU D 310 -75.78 -34.11 -7.70
N GLU D 311 -77.07 -33.89 -7.50
CA GLU D 311 -77.95 -34.79 -6.76
C GLU D 311 -78.06 -36.19 -7.38
N ASP D 312 -77.84 -36.29 -8.70
CA ASP D 312 -77.85 -37.60 -9.36
C ASP D 312 -76.65 -38.43 -8.84
N VAL D 313 -75.47 -37.82 -8.87
CA VAL D 313 -74.30 -38.37 -8.24
C VAL D 313 -74.43 -38.25 -6.73
N GLY D 314 -74.62 -37.04 -6.22
CA GLY D 314 -74.73 -36.81 -4.76
C GLY D 314 -73.43 -36.31 -4.18
N SER D 315 -72.72 -37.18 -3.49
CA SER D 315 -71.35 -36.87 -3.01
C SER D 315 -71.24 -35.61 -2.10
N TRP D 316 -72.21 -35.46 -1.21
CA TRP D 316 -71.99 -34.87 0.10
C TRP D 316 -71.40 -33.46 0.05
N ALA D 317 -71.69 -32.73 -1.01
CA ALA D 317 -71.53 -31.29 -1.01
C ALA D 317 -72.84 -30.66 -1.41
N ALA D 318 -73.68 -31.44 -2.09
CA ALA D 318 -74.79 -30.91 -2.87
C ALA D 318 -75.74 -30.17 -1.99
N ALA D 319 -75.95 -30.71 -0.81
CA ALA D 319 -77.11 -30.35 -0.06
C ALA D 319 -77.28 -28.86 -0.19
N LEU D 320 -76.17 -28.12 -0.20
CA LEU D 320 -76.27 -26.67 -0.24
C LEU D 320 -77.10 -26.22 -1.44
N ALA D 321 -77.03 -26.97 -2.54
CA ALA D 321 -77.66 -26.56 -3.78
C ALA D 321 -79.20 -26.53 -3.86
N GLY D 322 -79.90 -27.47 -3.24
CA GLY D 322 -81.37 -27.41 -3.31
C GLY D 322 -82.03 -26.83 -2.07
N GLU D 323 -82.93 -27.63 -1.48
CA GLU D 323 -83.43 -27.47 -0.10
C GLU D 323 -84.07 -26.11 0.18
N PRO D 324 -83.77 -25.55 1.34
CA PRO D 324 -84.24 -24.26 1.79
C PRO D 324 -83.14 -23.23 1.74
N TYR D 325 -82.05 -23.49 1.04
CA TYR D 325 -80.98 -22.48 1.03
C TYR D 325 -81.08 -21.56 -0.17
N ALA D 326 -81.91 -21.93 -1.11
CA ALA D 326 -82.19 -21.02 -2.21
C ALA D 326 -83.68 -20.71 -2.23
N THR D 327 -84.46 -21.67 -1.77
CA THR D 327 -85.86 -21.46 -1.62
C THR D 327 -86.01 -20.28 -0.66
N ASN D 328 -85.05 -20.12 0.24
CA ASN D 328 -84.89 -18.87 0.94
C ASN D 328 -84.56 -17.72 0.00
N GLU D 329 -83.70 -17.98 -0.95
CA GLU D 329 -83.18 -16.94 -1.84
C GLU D 329 -84.28 -16.06 -2.42
N ARG D 330 -85.19 -16.68 -3.16
CA ARG D 330 -86.25 -15.99 -3.83
C ARG D 330 -86.96 -15.05 -2.87
N ASN D 331 -87.06 -15.46 -1.61
CA ASN D 331 -87.69 -14.64 -0.59
C ASN D 331 -86.85 -13.42 -0.16
N LEU D 332 -85.55 -13.44 -0.43
CA LEU D 332 -84.75 -12.24 -0.39
C LEU D 332 -84.82 -11.53 -1.72
N ILE D 333 -84.82 -12.31 -2.80
CA ILE D 333 -84.90 -11.78 -4.16
C ILE D 333 -86.25 -11.09 -4.41
N SER D 334 -87.31 -11.59 -3.79
CA SER D 334 -88.67 -11.07 -4.01
C SER D 334 -88.96 -9.79 -3.23
N ALA D 335 -88.39 -9.68 -2.03
CA ALA D 335 -88.75 -8.60 -1.11
C ALA D 335 -87.85 -7.39 -1.26
N ASN D 336 -87.02 -7.37 -2.31
CA ASN D 336 -86.08 -6.27 -2.58
C ASN D 336 -85.09 -6.04 -1.45
N ALA D 337 -84.37 -7.10 -1.15
CA ALA D 337 -83.58 -7.23 0.08
C ALA D 337 -82.39 -6.27 0.30
N LYS D 338 -81.65 -6.01 -0.78
CA LYS D 338 -80.30 -5.43 -0.77
C LYS D 338 -79.34 -6.60 -0.94
N ILE D 339 -78.78 -6.74 -2.15
CA ILE D 339 -78.17 -7.97 -2.61
C ILE D 339 -76.83 -7.75 -3.30
N LEU D 340 -75.90 -8.71 -3.15
CA LEU D 340 -74.49 -8.57 -3.52
C LEU D 340 -74.02 -9.89 -4.16
N LEU D 341 -72.96 -9.83 -4.96
CA LEU D 341 -72.46 -11.04 -5.64
C LEU D 341 -71.44 -11.79 -4.79
N ASN D 342 -71.77 -13.06 -4.48
CA ASN D 342 -70.82 -13.98 -3.85
C ASN D 342 -70.83 -15.37 -4.47
N THR D 343 -69.66 -15.89 -4.75
CA THR D 343 -69.47 -17.34 -4.90
C THR D 343 -68.18 -17.67 -4.17
N ASP D 344 -68.23 -18.49 -3.13
CA ASP D 344 -67.00 -18.96 -2.55
C ASP D 344 -66.32 -19.64 -3.73
N ALA D 345 -65.18 -19.07 -4.12
CA ALA D 345 -64.52 -19.49 -5.31
C ALA D 345 -63.05 -19.17 -5.27
N GLY D 346 -62.30 -20.04 -5.93
CA GLY D 346 -60.87 -19.88 -6.06
C GLY D 346 -60.42 -21.00 -6.95
N CYS D 347 -59.15 -20.94 -7.36
CA CYS D 347 -58.60 -22.01 -8.18
C CYS D 347 -58.24 -23.18 -7.28
N PRO D 348 -58.94 -24.31 -7.46
CA PRO D 348 -58.65 -25.49 -6.64
C PRO D 348 -57.57 -26.33 -7.30
N SER D 349 -57.17 -27.41 -6.65
CA SER D 349 -56.18 -28.30 -7.22
C SER D 349 -56.77 -28.95 -8.46
N LYS D 350 -55.93 -29.17 -9.47
CA LYS D 350 -56.33 -29.92 -10.66
C LYS D 350 -56.45 -31.38 -10.29
N ASP D 351 -56.05 -31.73 -9.07
CA ASP D 351 -56.36 -33.04 -8.52
C ASP D 351 -57.79 -33.09 -7.98
N HIS D 352 -58.19 -32.02 -7.29
CA HIS D 352 -59.51 -31.97 -6.75
C HIS D 352 -60.53 -31.50 -7.80
N LEU D 353 -60.03 -31.15 -8.99
CA LEU D 353 -60.91 -30.94 -10.12
C LEU D 353 -61.04 -32.20 -11.00
N ALA D 354 -60.11 -33.14 -10.90
CA ALA D 354 -60.21 -34.41 -11.63
C ALA D 354 -60.76 -35.53 -10.75
N ASP D 355 -60.93 -35.27 -9.46
CA ASP D 355 -61.66 -36.16 -8.57
C ASP D 355 -63.12 -36.00 -8.90
N LEU D 356 -63.51 -34.75 -9.10
CA LEU D 356 -64.91 -34.39 -9.36
C LEU D 356 -65.42 -34.99 -10.66
N SER D 357 -66.60 -35.63 -10.57
CA SER D 357 -67.29 -36.17 -11.74
C SER D 357 -67.52 -35.11 -12.81
N PRO D 358 -67.50 -35.53 -14.09
CA PRO D 358 -67.71 -34.65 -15.27
C PRO D 358 -69.03 -33.91 -15.21
N VAL D 359 -69.92 -34.35 -14.34
CA VAL D 359 -71.13 -33.63 -14.05
C VAL D 359 -70.79 -32.37 -13.27
N GLU D 360 -69.76 -32.45 -12.43
CA GLU D 360 -69.34 -31.32 -11.60
C GLU D 360 -68.21 -30.50 -12.22
N ARG D 361 -67.59 -30.98 -13.29
CA ARG D 361 -66.43 -30.26 -13.85
C ARG D 361 -66.86 -29.10 -14.77
N GLU D 362 -67.84 -29.37 -15.63
CA GLU D 362 -68.47 -28.30 -16.37
C GLU D 362 -69.44 -27.61 -15.42
N ASP D 363 -69.64 -26.31 -15.61
CA ASP D 363 -70.69 -25.57 -14.91
C ASP D 363 -70.68 -25.68 -13.38
N ARG D 364 -69.51 -25.46 -12.75
CA ARG D 364 -69.38 -25.56 -11.28
C ARG D 364 -69.11 -24.19 -10.64
N PRO D 365 -69.99 -23.76 -9.73
CA PRO D 365 -69.99 -22.40 -9.19
C PRO D 365 -68.81 -22.06 -8.27
N TRP D 366 -68.07 -23.07 -7.82
CA TRP D 366 -66.99 -22.85 -6.86
C TRP D 366 -65.60 -22.73 -7.53
N THR D 367 -65.59 -22.70 -8.87
CA THR D 367 -64.36 -22.51 -9.66
C THR D 367 -64.21 -21.06 -10.13
N ILE D 368 -63.05 -20.43 -9.89
CA ILE D 368 -62.94 -18.97 -10.03
C ILE D 368 -62.80 -18.54 -11.48
N GLY D 369 -62.82 -19.46 -12.41
CA GLY D 369 -63.10 -19.09 -13.81
C GLY D 369 -64.57 -18.70 -14.04
N ASN D 370 -65.49 -19.69 -13.90
CA ASN D 370 -66.90 -19.46 -14.24
C ASN D 370 -67.79 -19.25 -13.02
N ASP D 371 -67.18 -19.09 -11.84
CA ASP D 371 -67.92 -18.94 -10.59
C ASP D 371 -69.02 -17.90 -10.66
N HIS D 372 -68.70 -16.74 -11.19
CA HIS D 372 -69.64 -15.64 -11.32
C HIS D 372 -70.56 -15.89 -12.49
N PHE D 373 -70.01 -16.47 -13.55
CA PHE D 373 -70.77 -16.81 -14.76
C PHE D 373 -71.93 -17.76 -14.44
N HIS D 374 -71.65 -18.71 -13.56
CA HIS D 374 -72.65 -19.66 -13.13
C HIS D 374 -73.67 -18.95 -12.22
N TRP D 375 -73.15 -18.06 -11.38
CA TRP D 375 -73.97 -17.36 -10.38
C TRP D 375 -75.04 -16.50 -11.03
N THR D 376 -74.60 -15.62 -11.94
CA THR D 376 -75.48 -14.71 -12.69
C THR D 376 -76.63 -15.47 -13.35
N GLN D 377 -76.33 -16.64 -13.90
CA GLN D 377 -77.33 -17.44 -14.58
C GLN D 377 -78.44 -17.90 -13.66
N SER D 378 -78.09 -18.28 -12.44
CA SER D 378 -79.06 -18.84 -11.48
C SER D 378 -80.06 -17.79 -11.01
N MET D 379 -79.61 -16.54 -10.89
CA MET D 379 -80.47 -15.41 -10.50
C MET D 379 -81.69 -15.33 -11.40
N VAL D 380 -81.49 -15.60 -12.68
CA VAL D 380 -82.57 -15.74 -13.64
C VAL D 380 -83.61 -16.77 -13.18
N GLU D 381 -83.14 -17.91 -12.69
CA GLU D 381 -84.05 -18.99 -12.29
C GLU D 381 -84.68 -18.71 -10.94
N LYS D 382 -83.93 -18.05 -10.06
CA LYS D 382 -84.43 -17.69 -8.74
C LYS D 382 -85.14 -16.32 -8.80
N GLY D 383 -85.41 -15.83 -10.01
CA GLY D 383 -86.33 -14.71 -10.16
C GLY D 383 -85.87 -13.27 -10.34
N MET D 384 -84.64 -13.02 -10.80
CA MET D 384 -84.18 -11.63 -11.01
C MET D 384 -84.16 -11.23 -12.49
N SER D 385 -84.53 -9.99 -12.79
CA SER D 385 -84.52 -9.58 -14.21
C SER D 385 -83.08 -9.65 -14.69
N PRO D 386 -82.86 -10.16 -15.93
CA PRO D 386 -81.51 -10.44 -16.47
C PRO D 386 -80.52 -9.29 -16.33
N LEU D 387 -81.01 -8.06 -16.26
CA LEU D 387 -80.14 -6.91 -16.03
C LEU D 387 -80.01 -6.50 -14.57
N GLU D 388 -80.93 -6.99 -13.74
CA GLU D 388 -80.92 -6.66 -12.34
C GLU D 388 -79.98 -7.62 -11.62
N ALA D 389 -79.66 -8.72 -12.31
CA ALA D 389 -78.68 -9.69 -11.83
C ALA D 389 -77.24 -9.29 -12.15
N ILE D 390 -76.98 -8.77 -13.35
CA ILE D 390 -75.65 -8.29 -13.70
C ILE D 390 -75.37 -7.13 -12.76
N SER D 391 -76.38 -6.30 -12.53
CA SER D 391 -76.23 -5.20 -11.61
C SER D 391 -75.75 -5.71 -10.25
N ALA D 392 -76.26 -6.88 -9.84
CA ALA D 392 -75.78 -7.53 -8.61
C ALA D 392 -74.29 -7.87 -8.70
N ALA D 393 -73.75 -7.90 -9.92
CA ALA D 393 -72.34 -8.16 -10.15
C ALA D 393 -71.46 -6.93 -10.42
N THR D 394 -72.05 -5.74 -10.53
CA THR D 394 -71.26 -4.55 -10.90
C THR D 394 -71.15 -3.50 -9.79
N ILE D 395 -72.17 -2.67 -9.59
CA ILE D 395 -72.10 -1.59 -8.58
C ILE D 395 -72.72 -1.99 -7.27
N ASN D 396 -73.45 -3.13 -7.23
CA ASN D 396 -74.02 -3.58 -5.96
C ASN D 396 -72.90 -3.89 -4.97
N VAL D 397 -71.88 -4.57 -5.45
CA VAL D 397 -70.75 -4.91 -4.58
C VAL D 397 -69.96 -3.71 -4.12
N ALA D 398 -69.72 -2.75 -5.02
CA ALA D 398 -69.00 -1.53 -4.68
C ALA D 398 -69.83 -0.74 -3.62
N ARG D 399 -71.09 -0.46 -3.91
N ARG D 399 -71.12 -0.51 -3.83
CA ARG D 399 -71.95 0.19 -2.91
CA ARG D 399 -71.86 0.22 -2.82
C ARG D 399 -72.06 -0.59 -1.59
C ARG D 399 -71.71 -0.51 -1.49
N ALA D 400 -71.58 -1.82 -1.60
CA ALA D 400 -71.45 -2.62 -0.42
C ALA D 400 -70.19 -2.28 0.33
N TYR D 401 -69.10 -2.00 -0.36
CA TYR D 401 -67.89 -1.61 0.31
C TYR D 401 -67.58 -0.11 0.29
N GLY D 402 -68.41 0.66 -0.42
CA GLY D 402 -68.11 2.07 -0.56
C GLY D 402 -67.05 2.36 -1.61
N LYS D 403 -66.80 1.40 -2.51
CA LYS D 403 -65.90 1.61 -3.63
C LYS D 403 -66.64 2.10 -4.87
N ALA D 404 -67.95 2.23 -4.76
CA ALA D 404 -68.80 2.55 -5.92
C ALA D 404 -68.49 3.92 -6.51
N ASP D 405 -67.70 4.72 -5.81
CA ASP D 405 -67.21 5.96 -6.40
C ASP D 405 -66.20 5.67 -7.51
N GLN D 406 -65.34 4.68 -7.32
CA GLN D 406 -64.42 4.26 -8.41
C GLN D 406 -64.70 2.94 -9.15
N ILE D 407 -65.57 2.08 -8.63
CA ILE D 407 -65.67 0.75 -9.21
C ILE D 407 -67.10 0.43 -9.68
N GLY D 408 -67.21 -0.49 -10.63
CA GLY D 408 -68.46 -1.21 -10.86
C GLY D 408 -69.45 -0.60 -11.85
N SER D 409 -69.02 0.31 -12.71
CA SER D 409 -69.90 0.81 -13.76
C SER D 409 -69.16 1.68 -14.79
N VAL D 410 -69.92 2.21 -15.74
CA VAL D 410 -69.39 3.19 -16.65
C VAL D 410 -70.11 4.51 -16.37
N GLU D 411 -69.39 5.41 -15.70
CA GLU D 411 -69.93 6.68 -15.26
C GLU D 411 -68.80 7.71 -15.31
N THR D 412 -69.12 8.95 -14.95
CA THR D 412 -68.16 10.03 -15.01
C THR D 412 -66.98 9.81 -14.06
N GLY D 413 -65.78 9.88 -14.63
CA GLY D 413 -64.53 9.76 -13.85
C GLY D 413 -64.37 8.48 -13.02
N LYS D 414 -64.79 7.34 -13.54
CA LYS D 414 -64.68 6.06 -12.82
C LYS D 414 -63.53 5.23 -13.39
N LEU D 415 -62.85 4.45 -12.54
CA LEU D 415 -61.73 3.64 -12.97
C LEU D 415 -62.19 2.88 -14.22
N ALA D 416 -61.42 2.86 -15.30
CA ALA D 416 -61.93 2.30 -16.53
C ALA D 416 -61.76 0.81 -16.53
N ASP D 417 -62.86 0.14 -16.19
CA ASP D 417 -62.92 -1.30 -16.15
C ASP D 417 -64.15 -1.66 -16.96
N PHE D 418 -63.96 -2.37 -18.06
CA PHE D 418 -65.11 -2.89 -18.77
C PHE D 418 -64.77 -4.06 -19.68
N VAL D 419 -65.80 -4.81 -20.04
CA VAL D 419 -65.65 -5.98 -20.88
C VAL D 419 -66.54 -5.85 -22.14
N LEU D 420 -66.06 -6.38 -23.25
CA LEU D 420 -66.81 -6.32 -24.52
C LEU D 420 -67.37 -7.70 -24.89
N LEU D 421 -68.55 -7.74 -25.47
CA LEU D 421 -69.25 -9.01 -25.69
C LEU D 421 -69.63 -9.26 -27.14
N ASP D 422 -69.42 -10.48 -27.61
CA ASP D 422 -69.93 -10.91 -28.92
C ASP D 422 -71.44 -10.77 -28.95
N GLN D 423 -72.09 -11.33 -27.94
CA GLN D 423 -73.55 -11.44 -27.94
C GLN D 423 -74.19 -10.72 -26.74
N ASP D 424 -75.52 -10.84 -26.66
CA ASP D 424 -76.33 -9.99 -25.80
C ASP D 424 -76.49 -10.51 -24.35
N PRO D 425 -76.16 -9.67 -23.37
CA PRO D 425 -76.43 -10.04 -21.96
C PRO D 425 -77.90 -10.12 -21.61
N VAL D 426 -78.72 -9.27 -22.24
CA VAL D 426 -80.11 -9.07 -21.79
C VAL D 426 -81.07 -10.14 -22.26
N ASP D 427 -80.92 -10.62 -23.49
CA ASP D 427 -81.77 -11.72 -24.00
C ASP D 427 -81.33 -13.05 -23.44
N ASP D 428 -80.01 -13.18 -23.27
CA ASP D 428 -79.45 -14.39 -22.71
C ASP D 428 -78.34 -14.04 -21.75
N ILE D 429 -78.49 -14.50 -20.52
CA ILE D 429 -77.52 -14.22 -19.47
C ILE D 429 -76.19 -14.92 -19.73
N ARG D 430 -76.23 -15.96 -20.58
CA ARG D 430 -75.05 -16.78 -20.88
C ARG D 430 -73.90 -15.96 -21.49
N ASN D 431 -74.25 -14.85 -22.15
CA ASN D 431 -73.35 -14.23 -23.10
C ASN D 431 -72.33 -13.27 -22.46
N LEU D 432 -72.33 -13.21 -21.14
CA LEU D 432 -71.28 -12.50 -20.42
C LEU D 432 -70.01 -13.34 -20.50
N ARG D 433 -70.18 -14.62 -20.87
CA ARG D 433 -69.06 -15.53 -21.14
C ARG D 433 -68.39 -15.21 -22.48
N SER D 434 -69.01 -14.36 -23.29
CA SER D 434 -68.44 -14.01 -24.58
C SER D 434 -67.62 -12.76 -24.40
N ILE D 435 -66.30 -12.90 -24.48
CA ILE D 435 -65.43 -11.78 -24.18
C ILE D 435 -64.49 -11.49 -25.34
N THR D 436 -64.69 -10.35 -25.98
CA THR D 436 -63.84 -9.97 -27.11
C THR D 436 -62.63 -9.18 -26.70
N GLU D 437 -62.65 -8.65 -25.47
CA GLU D 437 -61.44 -8.22 -24.74
C GLU D 437 -61.86 -7.54 -23.42
N VAL D 438 -60.89 -7.30 -22.53
CA VAL D 438 -61.19 -6.79 -21.18
C VAL D 438 -60.34 -5.58 -20.86
N PHE D 439 -60.96 -4.52 -20.35
CA PHE D 439 -60.22 -3.29 -20.06
C PHE D 439 -60.12 -3.03 -18.56
N GLN D 440 -58.90 -2.85 -18.05
CA GLN D 440 -58.67 -2.54 -16.62
C GLN D 440 -57.96 -1.21 -16.45
N ALA D 441 -58.51 -0.30 -15.65
CA ALA D 441 -57.85 0.94 -15.32
C ALA D 441 -57.39 1.60 -16.60
N GLY D 442 -58.29 1.55 -17.58
CA GLY D 442 -57.97 2.07 -18.90
C GLY D 442 -56.80 1.36 -19.50
N ALA D 443 -56.84 0.03 -19.54
CA ALA D 443 -55.80 -0.75 -20.19
C ALA D 443 -56.39 -2.04 -20.74
N ALA D 444 -55.93 -2.45 -21.91
CA ALA D 444 -56.34 -3.72 -22.48
C ALA D 444 -55.55 -4.87 -21.84
N VAL D 445 -56.20 -6.03 -21.67
CA VAL D 445 -55.56 -7.19 -21.08
C VAL D 445 -55.50 -8.33 -22.07
N ASP D 446 -54.30 -8.85 -22.29
CA ASP D 446 -54.10 -9.95 -23.21
C ASP D 446 -54.59 -11.14 -22.46
N ARG D 447 -55.75 -11.64 -22.85
CA ARG D 447 -56.37 -12.77 -22.13
C ARG D 447 -55.54 -14.04 -22.30
N ALA D 448 -55.00 -14.20 -23.49
CA ALA D 448 -54.38 -15.46 -23.88
C ALA D 448 -53.14 -15.78 -23.03
N ALA D 449 -52.53 -14.75 -22.45
CA ALA D 449 -51.29 -14.93 -21.68
C ALA D 449 -51.50 -15.11 -20.18
N LEU D 450 -52.76 -15.20 -19.77
CA LEU D 450 -53.13 -15.47 -18.39
C LEU D 450 -53.47 -16.99 -18.19
N PRO D 451 -52.94 -17.67 -17.11
CA PRO D 451 -52.04 -16.93 -16.22
C PRO D 451 -50.65 -16.73 -16.78
N THR D 452 -49.99 -15.66 -16.32
CA THR D 452 -48.67 -15.28 -16.83
C THR D 452 -47.56 -16.29 -16.44
N THR D 453 -47.67 -16.90 -15.26
CA THR D 453 -46.75 -17.93 -14.84
C THR D 453 -47.58 -19.06 -14.24
N PRO D 454 -48.05 -19.97 -15.06
CA PRO D 454 -48.95 -21.03 -14.61
C PRO D 454 -48.33 -21.89 -13.49
N LEU D 455 -49.13 -22.12 -12.46
CA LEU D 455 -48.72 -22.88 -11.27
C LEU D 455 -49.71 -24.00 -10.99
N VAL D 456 -50.83 -23.66 -10.36
CA VAL D 456 -51.80 -24.66 -9.93
C VAL D 456 -52.73 -25.00 -11.11
N THR D 457 -52.63 -24.22 -12.19
CA THR D 457 -53.27 -24.55 -13.44
C THR D 457 -52.42 -25.54 -14.22
N ALA D 458 -51.16 -25.69 -13.82
CA ALA D 458 -50.18 -26.45 -14.62
C ALA D 458 -50.44 -27.93 -14.43
N HIS D 459 -50.82 -28.56 -15.54
CA HIS D 459 -51.38 -29.91 -15.54
C HIS D 459 -50.80 -30.62 -16.76
N PRO D 460 -50.45 -31.92 -16.63
CA PRO D 460 -50.48 -32.85 -15.50
C PRO D 460 -49.56 -32.47 -14.33
N SER E 2 50.77 8.93 -17.48
CA SER E 2 51.37 9.09 -18.83
C SER E 2 51.43 7.74 -19.55
N THR E 3 50.26 7.26 -19.93
CA THR E 3 50.10 5.97 -20.63
C THR E 3 50.96 4.85 -20.04
N ILE E 4 50.56 4.38 -18.86
CA ILE E 4 51.23 3.28 -18.17
C ILE E 4 51.31 2.07 -19.10
N ALA E 5 52.50 1.51 -19.19
CA ALA E 5 52.80 0.39 -20.07
C ALA E 5 53.55 -0.73 -19.32
N ILE E 6 52.93 -1.91 -19.16
CA ILE E 6 53.48 -2.99 -18.28
C ILE E 6 54.00 -4.30 -18.90
N THR E 7 55.32 -4.51 -18.91
CA THR E 7 55.93 -5.55 -19.74
C THR E 7 56.28 -6.82 -18.98
N ASN E 8 56.18 -7.95 -19.70
CA ASN E 8 56.69 -9.27 -19.29
C ASN E 8 55.88 -10.04 -18.28
N VAL E 9 54.76 -9.48 -17.82
CA VAL E 9 54.05 -10.07 -16.67
C VAL E 9 53.39 -11.41 -17.00
N THR E 10 52.79 -12.04 -16.00
CA THR E 10 51.91 -13.17 -16.21
C THR E 10 50.48 -12.77 -15.90
N LEU E 11 49.67 -12.63 -16.93
CA LEU E 11 48.33 -12.06 -16.74
C LEU E 11 47.29 -13.13 -16.46
N ILE E 12 46.72 -13.05 -15.27
CA ILE E 12 45.51 -13.81 -14.97
C ILE E 12 44.35 -12.90 -15.38
N ASP E 13 43.70 -13.23 -16.48
CA ASP E 13 42.52 -12.49 -16.90
C ASP E 13 41.47 -12.79 -15.84
N GLY E 14 41.55 -14.02 -15.32
CA GLY E 14 40.61 -14.48 -14.34
C GLY E 14 39.26 -14.49 -15.00
N LEU E 15 39.18 -15.03 -16.21
CA LEU E 15 37.90 -15.47 -16.77
C LEU E 15 37.91 -16.98 -16.64
N GLY E 16 38.94 -17.50 -15.97
CA GLY E 16 39.12 -18.94 -15.81
C GLY E 16 40.32 -19.42 -16.58
N GLY E 17 40.69 -18.70 -17.63
CA GLY E 17 41.74 -19.16 -18.53
C GLY E 17 43.09 -19.37 -17.87
N LEU E 18 43.87 -20.30 -18.41
CA LEU E 18 45.28 -20.45 -18.04
C LEU E 18 45.98 -19.09 -18.07
N PRO E 19 46.70 -18.76 -16.97
CA PRO E 19 47.40 -17.49 -16.91
C PRO E 19 48.40 -17.44 -18.05
N ARG E 20 48.36 -16.35 -18.81
CA ARG E 20 49.30 -16.18 -19.93
C ARG E 20 50.47 -15.29 -19.54
N PRO E 21 51.66 -15.88 -19.40
CA PRO E 21 52.91 -15.15 -19.14
C PRO E 21 53.40 -14.37 -20.33
N ALA E 22 54.52 -13.69 -20.16
CA ALA E 22 55.12 -12.91 -21.24
C ALA E 22 54.14 -11.92 -21.86
N THR E 23 53.29 -11.30 -21.04
CA THR E 23 52.24 -10.44 -21.57
C THR E 23 52.27 -9.01 -21.03
N THR E 24 52.11 -8.04 -21.94
CA THR E 24 52.04 -6.63 -21.58
C THR E 24 50.70 -6.02 -21.90
N VAL E 25 50.15 -5.31 -20.91
CA VAL E 25 48.88 -4.62 -21.03
C VAL E 25 49.20 -3.14 -20.99
N ILE E 26 48.62 -2.36 -21.92
CA ILE E 26 49.04 -0.97 -22.04
C ILE E 26 47.88 -0.03 -21.78
N VAL E 27 48.15 0.97 -20.96
CA VAL E 27 47.15 1.84 -20.43
C VAL E 27 47.26 3.22 -21.02
N GLU E 28 46.20 3.70 -21.66
CA GLU E 28 46.19 5.08 -22.19
C GLU E 28 45.26 5.92 -21.33
N GLY E 29 45.82 6.79 -20.51
CA GLY E 29 45.05 7.59 -19.59
C GLY E 29 43.95 6.83 -18.88
N ASP E 30 44.30 5.75 -18.19
CA ASP E 30 43.28 4.91 -17.52
C ASP E 30 42.65 4.06 -18.61
N ARG E 31 41.67 3.23 -18.28
CA ARG E 31 40.93 2.46 -19.32
C ARG E 31 41.90 1.71 -20.23
N PHE E 32 42.31 0.52 -19.85
CA PHE E 32 43.39 -0.17 -20.58
C PHE E 32 43.10 -0.33 -22.08
N ALA E 33 44.11 -0.11 -22.91
CA ALA E 33 43.95 -0.19 -24.38
C ALA E 33 44.36 -1.50 -25.04
N THR E 34 45.58 -1.99 -24.77
CA THR E 34 46.06 -3.16 -25.52
C THR E 34 46.79 -4.21 -24.71
N VAL E 35 46.16 -5.38 -24.56
CA VAL E 35 46.84 -6.56 -24.04
C VAL E 35 47.66 -7.07 -25.19
N GLY E 36 48.76 -7.79 -24.91
CA GLY E 36 49.64 -8.16 -26.00
C GLY E 36 50.21 -9.57 -26.01
N PRO E 37 50.52 -10.12 -27.23
CA PRO E 37 51.35 -11.30 -27.21
C PRO E 37 52.66 -10.90 -27.82
N SER E 38 52.73 -10.79 -29.14
CA SER E 38 53.92 -10.33 -29.88
C SER E 38 55.13 -11.15 -29.53
N ASP E 39 56.09 -10.50 -28.89
CA ASP E 39 56.44 -10.63 -27.49
C ASP E 39 55.81 -9.56 -26.60
N SER E 40 55.97 -8.30 -26.99
CA SER E 40 55.30 -7.17 -26.38
C SER E 40 54.69 -6.45 -27.53
N THR E 41 53.69 -5.63 -27.31
CA THR E 41 52.95 -5.12 -28.46
C THR E 41 52.94 -3.61 -28.49
N PRO E 42 54.11 -3.08 -28.84
CA PRO E 42 55.01 -2.21 -28.11
C PRO E 42 54.61 -0.81 -27.68
N VAL E 43 54.59 -0.64 -26.35
CA VAL E 43 55.06 0.57 -25.64
C VAL E 43 55.17 1.80 -26.51
N PRO E 44 54.05 2.47 -26.77
CA PRO E 44 53.97 3.45 -27.87
C PRO E 44 55.15 4.41 -27.94
N GLU E 45 55.37 5.11 -26.83
CA GLU E 45 56.55 5.93 -26.58
C GLU E 45 56.19 6.74 -25.35
N GLY E 46 57.15 7.52 -24.84
CA GLY E 46 56.90 8.50 -23.79
C GLY E 46 56.01 8.01 -22.68
N ALA E 47 56.14 6.73 -22.37
CA ALA E 47 55.30 6.09 -21.36
C ALA E 47 56.10 5.83 -20.08
N THR E 48 55.38 5.71 -18.97
CA THR E 48 56.06 5.46 -17.71
C THR E 48 56.49 4.00 -17.64
N VAL E 49 57.43 3.71 -16.74
CA VAL E 49 58.15 2.41 -16.68
C VAL E 49 57.68 1.48 -15.56
N VAL E 50 57.25 0.27 -15.95
CA VAL E 50 56.82 -0.75 -15.00
C VAL E 50 57.61 -1.99 -15.38
N ASP E 51 57.79 -2.89 -14.42
CA ASP E 51 58.79 -3.93 -14.50
C ASP E 51 58.06 -5.20 -14.03
N GLY E 52 57.75 -6.07 -15.00
CA GLY E 52 56.75 -7.11 -14.79
C GLY E 52 57.13 -8.57 -14.76
N ASN E 53 58.27 -8.93 -15.39
CA ASN E 53 58.78 -10.31 -15.39
C ASN E 53 58.96 -10.90 -13.97
N ARG E 54 58.77 -12.22 -13.83
CA ARG E 54 58.77 -12.88 -12.53
C ARG E 54 57.76 -12.24 -11.56
N ARG E 55 56.67 -11.74 -12.12
CA ARG E 55 55.57 -11.20 -11.33
C ARG E 55 54.20 -11.48 -11.97
N TRP E 56 53.14 -11.44 -11.18
CA TRP E 56 51.82 -11.79 -11.70
C TRP E 56 50.81 -10.67 -11.58
N MET E 57 50.16 -10.34 -12.69
CA MET E 57 49.08 -9.36 -12.68
C MET E 57 47.72 -10.07 -12.53
N VAL E 58 46.98 -9.67 -11.51
CA VAL E 58 45.62 -10.15 -11.28
C VAL E 58 44.69 -8.95 -11.44
N PRO E 59 43.43 -9.20 -11.77
CA PRO E 59 42.47 -8.10 -11.73
C PRO E 59 42.37 -7.49 -10.36
N GLY E 60 42.28 -6.17 -10.28
CA GLY E 60 42.10 -5.46 -9.04
C GLY E 60 40.79 -5.97 -8.49
N TYR E 61 40.83 -6.50 -7.27
CA TYR E 61 39.72 -7.26 -6.75
C TYR E 61 38.50 -6.33 -6.58
N VAL E 62 37.32 -6.90 -6.74
CA VAL E 62 36.07 -6.19 -6.52
C VAL E 62 35.31 -6.93 -5.41
N ASN E 63 34.60 -6.17 -4.57
CA ASN E 63 33.92 -6.72 -3.40
C ASN E 63 32.40 -6.60 -3.48
N GLY E 64 31.74 -7.75 -3.62
CA GLY E 64 30.31 -7.80 -3.85
C GLY E 64 29.42 -7.57 -2.63
N ASN E 65 30.02 -7.35 -1.48
CA ASN E 65 29.38 -6.72 -0.33
C ASN E 65 30.40 -6.26 0.68
N VAL E 66 30.10 -5.13 1.30
CA VAL E 66 30.83 -4.63 2.46
C VAL E 66 29.99 -3.66 3.22
N HIS E 67 30.48 -3.30 4.39
CA HIS E 67 29.93 -2.22 5.11
C HIS E 67 31.04 -1.27 5.47
N LEU E 68 30.93 -0.08 4.93
CA LEU E 68 31.87 1.02 5.10
C LEU E 68 31.68 1.68 6.43
N LEU E 69 30.42 1.93 6.76
CA LEU E 69 30.07 2.31 8.10
C LEU E 69 29.62 0.96 8.58
N ASP E 70 30.21 0.59 9.72
CA ASP E 70 30.51 -0.80 10.08
C ASP E 70 29.36 -1.79 10.08
N ALA E 71 28.13 -1.36 9.84
CA ALA E 71 27.04 -2.29 10.03
C ALA E 71 27.68 -3.44 10.76
N TRP E 72 28.50 -4.25 10.09
CA TRP E 72 29.15 -5.34 10.80
C TRP E 72 30.01 -4.68 11.83
N MET E 73 30.04 -5.36 12.95
CA MET E 73 30.34 -4.81 14.25
C MET E 73 28.97 -4.71 14.81
N PHE E 74 28.19 -3.74 14.34
CA PHE E 74 26.79 -3.58 14.81
C PHE E 74 26.17 -4.89 14.47
N MET E 75 25.11 -5.28 15.15
CA MET E 75 24.64 -6.66 15.23
C MET E 75 25.53 -7.14 16.33
N ALA E 76 26.80 -7.01 16.06
CA ALA E 76 27.77 -7.04 17.08
C ALA E 76 27.25 -7.50 18.38
N GLY E 77 27.36 -6.73 19.45
CA GLY E 77 26.86 -5.42 19.56
C GLY E 77 27.73 -4.36 20.02
N PRO E 78 28.05 -4.34 21.29
CA PRO E 78 28.56 -3.11 21.84
C PRO E 78 29.87 -2.50 21.28
N GLY E 79 29.86 -1.17 21.30
CA GLY E 79 30.92 -0.43 20.69
C GLY E 79 30.32 0.44 19.63
N THR E 80 29.01 0.33 19.47
CA THR E 80 28.36 1.24 18.54
C THR E 80 28.08 2.63 19.15
N ILE E 81 27.72 2.70 20.44
CA ILE E 81 27.37 3.96 21.07
C ILE E 81 28.55 4.91 21.07
N GLU E 82 29.73 4.36 21.30
CA GLU E 82 30.92 5.19 21.35
C GLU E 82 31.46 5.54 19.95
N TYR E 83 31.50 4.57 19.05
CA TYR E 83 32.03 4.75 17.72
C TYR E 83 31.23 5.78 16.94
N LEU E 84 29.90 5.64 16.94
CA LEU E 84 29.01 6.55 16.20
C LEU E 84 28.93 7.90 16.86
N ALA E 85 29.04 7.92 18.19
CA ALA E 85 29.08 9.18 18.94
C ALA E 85 30.33 10.00 18.61
N ARG E 86 31.50 9.37 18.55
CA ARG E 86 32.74 10.13 18.37
C ARG E 86 32.90 10.67 16.99
N TRP E 87 32.45 9.91 16.01
CA TRP E 87 32.77 10.16 14.60
C TRP E 87 31.65 10.87 13.90
N GLU E 88 30.73 11.47 14.68
CA GLU E 88 29.50 12.03 14.11
C GLU E 88 29.79 13.21 13.24
N GLY E 89 29.31 13.15 12.00
CA GLY E 89 29.52 14.18 11.01
C GLY E 89 30.84 14.02 10.30
N ARG E 90 31.77 13.34 10.94
CA ARG E 90 32.98 12.92 10.27
C ARG E 90 32.72 11.55 9.68
N TYR E 91 31.50 11.08 9.81
CA TYR E 91 31.05 9.81 9.24
C TYR E 91 31.58 9.66 7.82
N VAL E 92 31.21 10.60 6.95
CA VAL E 92 31.56 10.58 5.52
C VAL E 92 33.04 10.24 5.26
N GLU E 93 33.94 10.64 6.15
CA GLU E 93 35.38 10.30 6.03
C GLU E 93 35.71 8.93 6.61
N VAL E 94 34.85 8.43 7.49
CA VAL E 94 35.02 7.06 7.99
C VAL E 94 34.81 6.07 6.85
N ILE E 95 33.86 6.41 5.97
CA ILE E 95 33.49 5.55 4.86
C ILE E 95 34.70 5.32 3.95
N GLU E 96 35.26 6.45 3.50
CA GLU E 96 36.43 6.43 2.61
C GLU E 96 37.62 5.76 3.32
N GLU E 97 37.74 6.00 4.62
CA GLU E 97 38.84 5.43 5.38
C GLU E 97 38.81 3.90 5.29
N ALA E 98 37.63 3.31 5.52
CA ALA E 98 37.45 1.87 5.30
C ALA E 98 37.86 1.53 3.83
N ALA E 99 37.41 2.35 2.87
CA ALA E 99 37.76 2.11 1.48
C ALA E 99 39.15 2.64 1.14
N GLN E 100 39.78 3.28 2.09
CA GLN E 100 41.23 3.53 2.03
C GLN E 100 41.93 2.22 2.46
N LEU E 101 41.37 1.56 3.47
CA LEU E 101 41.83 0.23 3.90
C LEU E 101 41.58 -0.84 2.83
N ALA E 102 40.49 -0.70 2.08
CA ALA E 102 40.14 -1.69 1.07
C ALA E 102 41.14 -1.64 -0.09
N LEU E 103 41.47 -0.44 -0.55
CA LEU E 103 42.30 -0.31 -1.73
C LEU E 103 43.69 -0.86 -1.54
N ARG E 104 44.30 -0.57 -0.40
CA ARG E 104 45.74 -0.84 -0.23
C ARG E 104 46.05 -2.31 -0.27
N ASN E 105 45.12 -3.16 0.11
CA ASN E 105 45.31 -4.61 -0.02
C ASN E 105 44.97 -5.11 -1.42
N GLY E 106 44.49 -4.21 -2.28
CA GLY E 106 44.17 -4.55 -3.65
C GLY E 106 42.70 -4.58 -4.02
N VAL E 107 41.80 -4.24 -3.12
CA VAL E 107 40.39 -4.10 -3.52
C VAL E 107 40.17 -2.78 -4.24
N THR E 108 39.86 -2.81 -5.51
CA THR E 108 39.75 -1.57 -6.29
C THR E 108 38.32 -1.11 -6.47
N THR E 109 37.38 -1.96 -6.10
CA THR E 109 35.98 -1.60 -6.18
C THR E 109 35.19 -2.35 -5.10
N VAL E 110 34.18 -1.68 -4.58
CA VAL E 110 33.50 -2.14 -3.40
C VAL E 110 32.02 -1.82 -3.50
N PHE E 111 31.17 -2.80 -3.19
CA PHE E 111 29.74 -2.60 -3.14
C PHE E 111 29.31 -2.64 -1.69
N ASP E 112 28.80 -1.52 -1.16
CA ASP E 112 28.26 -1.46 0.20
C ASP E 112 26.75 -1.65 0.16
N THR E 113 26.21 -2.46 1.07
CA THR E 113 24.79 -2.74 1.10
C THR E 113 24.03 -1.92 2.12
N HIS E 114 24.24 -2.14 3.42
CA HIS E 114 23.56 -1.34 4.46
C HIS E 114 24.50 -0.22 4.90
N ASN E 115 24.07 1.03 4.75
CA ASN E 115 24.83 2.18 5.21
C ASN E 115 23.95 3.43 5.24
N ALA E 116 24.54 4.57 5.61
CA ALA E 116 23.80 5.81 5.73
C ALA E 116 24.01 6.64 4.47
N ILE E 117 22.92 6.87 3.71
CA ILE E 117 22.99 7.58 2.41
C ILE E 117 23.80 8.85 2.47
N GLU E 118 23.54 9.69 3.45
CA GLU E 118 24.21 10.99 3.54
C GLU E 118 25.74 10.76 3.55
N PRO E 119 26.26 9.99 4.51
CA PRO E 119 27.70 9.67 4.37
C PRO E 119 28.07 8.71 3.23
N VAL E 120 27.30 7.65 2.98
CA VAL E 120 27.77 6.61 2.05
C VAL E 120 27.83 7.11 0.61
N LEU E 121 26.80 7.84 0.19
CA LEU E 121 26.71 8.25 -1.20
C LEU E 121 27.70 9.40 -1.53
N ALA E 122 27.71 10.39 -0.66
CA ALA E 122 28.59 11.56 -0.81
C ALA E 122 30.05 11.17 -0.90
N ALA E 123 30.44 10.20 -0.09
CA ALA E 123 31.83 9.71 -0.10
C ALA E 123 32.21 9.14 -1.45
N ARG E 124 31.28 8.39 -2.05
CA ARG E 124 31.47 7.83 -3.39
C ARG E 124 31.56 8.94 -4.44
N ASP E 125 30.75 9.97 -4.28
CA ASP E 125 30.77 11.12 -5.16
C ASP E 125 32.10 11.80 -4.98
N ARG E 126 32.60 11.73 -3.75
CA ARG E 126 33.95 12.28 -3.41
C ARG E 126 35.08 11.45 -4.05
N ILE E 127 34.99 10.13 -3.93
CA ILE E 127 36.05 9.25 -4.35
C ILE E 127 36.19 9.20 -5.85
N ASN E 128 35.08 9.05 -6.57
CA ASN E 128 35.11 8.87 -8.03
C ASN E 128 35.65 10.08 -8.76
N ALA E 129 35.21 11.26 -8.33
CA ALA E 129 35.61 12.50 -8.96
C ALA E 129 36.97 12.91 -8.40
N GLY E 130 37.50 12.11 -7.49
CA GLY E 130 38.94 12.17 -7.15
C GLY E 130 39.37 13.12 -6.04
N ILE E 131 38.39 13.57 -5.26
CA ILE E 131 38.58 14.46 -4.10
C ILE E 131 39.30 13.73 -2.97
N SER E 132 38.87 12.50 -2.74
CA SER E 132 39.47 11.66 -1.75
C SER E 132 40.00 10.35 -2.33
N GLN E 133 41.12 9.88 -1.81
CA GLN E 133 41.64 8.62 -2.21
C GLN E 133 40.74 7.54 -1.66
N GLY E 134 40.43 6.58 -2.50
CA GLY E 134 39.65 5.46 -2.07
C GLY E 134 39.26 4.55 -3.18
N ALA E 135 38.58 3.48 -2.84
CA ALA E 135 38.17 2.41 -3.73
C ALA E 135 36.70 2.58 -4.07
N ARG E 136 36.37 2.40 -5.34
CA ARG E 136 35.06 2.79 -5.87
C ARG E 136 33.94 2.18 -5.09
N ILE E 137 32.93 3.03 -4.85
CA ILE E 137 31.81 2.69 -3.95
C ILE E 137 30.50 2.66 -4.70
N PHE E 138 29.61 1.74 -4.29
CA PHE E 138 28.33 1.57 -5.01
C PHE E 138 27.09 1.79 -4.17
N ALA E 139 26.97 1.15 -3.04
CA ALA E 139 26.13 1.73 -1.96
C ALA E 139 24.59 1.72 -2.13
N ALA E 140 23.98 0.64 -1.71
CA ALA E 140 22.51 0.52 -1.63
C ALA E 140 21.81 1.44 -0.65
N GLY E 141 22.57 2.21 0.14
CA GLY E 141 21.98 3.02 1.22
C GLY E 141 21.44 2.09 2.32
N THR E 142 20.34 2.45 2.96
CA THR E 142 19.75 1.58 3.98
C THR E 142 19.21 0.34 3.26
N ILE E 143 18.98 -0.76 3.99
CA ILE E 143 18.24 -1.89 3.45
C ILE E 143 16.80 -1.58 3.80
N VAL E 144 15.99 -1.30 2.78
CA VAL E 144 14.58 -1.03 2.98
C VAL E 144 13.97 -2.23 3.71
N GLY E 145 13.21 -1.93 4.77
CA GLY E 145 12.65 -2.99 5.61
C GLY E 145 13.34 -3.14 6.96
N MET E 146 14.50 -2.45 7.12
CA MET E 146 15.19 -2.49 8.41
C MET E 146 15.40 -1.12 9.01
N GLY E 147 15.60 -1.12 10.32
CA GLY E 147 15.84 0.08 11.09
C GLY E 147 17.30 0.32 11.12
N GLY E 148 17.82 0.67 12.31
CA GLY E 148 19.14 1.27 12.41
C GLY E 148 20.01 0.75 13.51
N PRO E 149 21.15 1.44 13.80
CA PRO E 149 22.03 0.86 14.80
C PRO E 149 21.49 0.68 16.19
N PHE E 150 20.69 1.65 16.66
CA PHE E 150 20.28 1.63 18.06
C PHE E 150 18.94 0.97 18.29
N SER E 151 18.31 0.43 17.26
CA SER E 151 17.08 -0.35 17.42
C SER E 151 17.38 -1.85 17.46
N ALA E 152 16.34 -2.66 17.29
CA ALA E 152 16.53 -4.06 16.96
C ALA E 152 17.18 -4.11 15.56
N ASP E 153 17.37 -5.31 15.03
CA ASP E 153 18.14 -5.51 13.81
C ASP E 153 19.65 -5.40 14.08
N PHE E 154 19.96 -4.83 15.23
CA PHE E 154 21.28 -4.42 15.55
C PHE E 154 21.45 -4.46 17.06
N HIS E 155 22.24 -3.51 17.59
CA HIS E 155 22.55 -3.39 18.99
C HIS E 155 21.36 -2.90 19.77
N PHE E 156 20.42 -3.78 20.07
CA PHE E 156 19.17 -3.37 20.71
C PHE E 156 19.51 -2.54 21.95
N ALA E 157 20.41 -3.07 22.75
CA ALA E 157 20.71 -2.43 23.99
C ALA E 157 21.28 -1.08 23.67
N GLY E 158 21.46 -0.26 24.70
CA GLY E 158 21.85 1.11 24.46
C GLY E 158 20.62 1.97 24.24
N ARG E 159 19.52 1.40 23.75
CA ARG E 159 18.25 2.13 23.65
C ARG E 159 17.97 2.71 25.01
N THR E 160 18.17 1.86 26.02
CA THR E 160 17.93 2.22 27.40
C THR E 160 19.22 2.65 28.07
N ALA E 161 20.36 2.46 27.41
CA ALA E 161 21.66 2.98 27.92
C ALA E 161 22.14 4.28 27.26
N ALA E 162 21.40 4.81 26.29
CA ALA E 162 21.81 6.00 25.57
C ALA E 162 20.69 7.05 25.45
N THR E 163 21.09 8.24 24.99
CA THR E 163 20.18 9.37 24.88
C THR E 163 19.13 9.25 23.78
N ARG E 164 17.87 9.41 24.16
CA ARG E 164 16.73 9.28 23.23
C ARG E 164 16.85 10.22 22.03
N THR E 165 17.40 11.40 22.29
CA THR E 165 17.65 12.39 21.25
C THR E 165 18.76 11.94 20.30
N PHE E 166 19.82 11.39 20.85
CA PHE E 166 20.90 10.76 20.05
C PHE E 166 20.43 9.53 19.37
N VAL E 167 19.74 8.70 20.14
CA VAL E 167 19.16 7.47 19.66
C VAL E 167 18.43 7.78 18.36
N ASP E 168 17.30 8.48 18.46
CA ASP E 168 16.51 8.81 17.26
C ASP E 168 17.29 9.47 16.16
N ARG E 169 18.19 10.38 16.52
CA ARG E 169 18.95 11.15 15.52
C ARG E 169 19.82 10.31 14.59
N ILE E 170 20.49 9.30 15.14
CA ILE E 170 21.52 8.53 14.44
C ILE E 170 21.01 7.37 13.58
N ASP E 171 19.98 6.64 14.00
CA ASP E 171 19.16 5.94 13.01
C ASP E 171 18.35 7.11 12.45
N SER E 172 17.71 6.92 11.30
CA SER E 172 17.07 8.02 10.55
C SER E 172 18.14 8.83 9.86
N MET E 173 19.39 8.65 10.28
CA MET E 173 20.54 8.90 9.42
C MET E 173 20.56 7.69 8.46
N PHE E 174 20.40 6.51 9.06
CA PHE E 174 20.32 5.27 8.33
C PHE E 174 18.94 5.09 7.72
N GLU E 175 17.98 5.07 8.59
CA GLU E 175 16.69 4.54 8.32
C GLU E 175 16.17 5.27 7.11
N ALA E 176 16.44 6.55 7.00
CA ALA E 176 15.94 7.37 5.91
C ALA E 176 14.39 7.39 5.86
N GLY E 177 13.82 7.03 4.73
CA GLY E 177 12.40 6.92 4.65
C GLY E 177 11.89 5.55 4.87
N VAL E 178 12.76 4.62 5.22
CA VAL E 178 12.44 3.23 5.10
C VAL E 178 12.85 2.38 6.28
N GLY E 179 12.22 1.26 6.54
CA GLY E 179 12.79 0.28 7.45
C GLY E 179 12.00 -0.12 8.64
N HIS E 180 11.62 0.88 9.39
CA HIS E 180 10.68 0.74 10.45
C HIS E 180 9.63 1.69 10.12
N GLN E 181 8.42 1.28 10.20
CA GLN E 181 7.46 1.60 9.14
C GLN E 181 7.80 0.59 8.03
N LEU E 182 7.31 0.85 6.81
CA LEU E 182 7.38 -0.08 5.67
C LEU E 182 6.64 -1.40 5.96
N SER E 183 6.66 -1.83 7.23
CA SER E 183 6.00 -3.05 7.68
C SER E 183 4.55 -2.75 7.88
N LEU E 184 4.29 -1.60 8.48
CA LEU E 184 2.93 -1.17 8.78
C LEU E 184 2.15 -0.89 7.49
N LEU E 185 2.65 0.01 6.68
CA LEU E 185 1.88 0.70 5.69
C LEU E 185 1.26 -0.17 4.62
N PRO E 186 0.22 0.33 3.98
CA PRO E 186 -0.38 -0.26 2.81
C PRO E 186 0.65 -0.37 1.73
N ARG E 187 0.51 -1.35 0.83
CA ARG E 187 1.51 -1.52 -0.21
C ARG E 187 1.59 -0.19 -0.97
N LYS E 188 0.45 0.45 -1.08
CA LYS E 188 0.31 1.66 -1.88
C LYS E 188 1.23 2.77 -1.37
N GLU E 189 1.30 2.92 -0.07
CA GLU E 189 2.12 3.96 0.51
C GLU E 189 3.62 3.56 0.60
N VAL E 190 3.91 2.26 0.67
CA VAL E 190 5.27 1.81 0.64
C VAL E 190 5.91 2.17 -0.73
N ARG E 191 5.23 1.84 -1.83
CA ARG E 191 5.78 2.04 -3.17
C ARG E 191 5.96 3.49 -3.55
N ALA E 192 5.25 4.38 -2.88
CA ALA E 192 5.51 5.83 -3.03
C ALA E 192 6.83 6.13 -2.32
N ARG E 193 6.92 5.70 -1.07
CA ARG E 193 8.12 5.92 -0.25
C ARG E 193 9.33 5.19 -0.81
N VAL E 194 9.13 4.00 -1.31
CA VAL E 194 10.22 3.27 -1.92
C VAL E 194 10.70 3.96 -3.20
N ARG E 195 9.76 4.44 -4.01
CA ARG E 195 10.11 5.14 -5.21
C ARG E 195 10.85 6.39 -4.84
N ASP E 196 10.36 7.08 -3.81
CA ASP E 196 10.95 8.35 -3.43
C ASP E 196 12.37 8.17 -3.03
N TYR E 197 12.64 7.15 -2.23
CA TYR E 197 13.99 6.94 -1.73
C TYR E 197 14.99 6.60 -2.81
N LEU E 198 14.57 5.80 -3.77
CA LEU E 198 15.47 5.40 -4.86
C LEU E 198 15.90 6.62 -5.70
N SER E 199 15.11 7.68 -5.65
CA SER E 199 15.39 8.91 -6.34
C SER E 199 16.73 9.51 -5.96
N ARG E 200 17.29 9.10 -4.83
CA ARG E 200 18.54 9.73 -4.31
C ARG E 200 19.80 9.12 -4.92
N GLY E 201 19.63 8.22 -5.91
CA GLY E 201 20.74 7.72 -6.68
C GLY E 201 21.49 6.57 -6.03
N VAL E 202 20.81 5.86 -5.16
CA VAL E 202 21.37 4.63 -4.63
C VAL E 202 21.61 3.78 -5.87
N ASP E 203 22.72 3.04 -5.87
CA ASP E 203 23.01 2.20 -7.04
C ASP E 203 22.21 0.91 -7.00
N MET E 204 21.51 0.69 -5.88
CA MET E 204 20.96 -0.65 -5.57
C MET E 204 19.73 -0.63 -4.69
N LEU E 205 18.96 -1.71 -4.77
CA LEU E 205 17.84 -1.93 -3.84
C LEU E 205 18.10 -3.22 -3.07
N LYS E 206 18.50 -3.10 -1.81
CA LYS E 206 18.59 -4.27 -0.96
C LYS E 206 17.39 -4.15 -0.10
N ILE E 207 16.63 -5.24 0.00
CA ILE E 207 15.36 -5.26 0.71
C ILE E 207 15.54 -6.39 1.71
N ALA E 208 15.15 -6.17 2.95
CA ALA E 208 15.33 -7.23 3.91
C ALA E 208 14.16 -8.17 3.84
N VAL E 209 14.36 -9.33 3.21
CA VAL E 209 13.28 -10.27 2.99
C VAL E 209 12.94 -10.90 4.33
N SER E 210 13.98 -11.08 5.15
CA SER E 210 13.76 -11.56 6.50
C SER E 210 14.09 -10.49 7.54
N ASP E 211 13.82 -10.86 8.79
CA ASP E 211 14.13 -10.02 9.93
C ASP E 211 15.64 -9.87 10.13
N HIS E 212 16.03 -8.76 10.76
CA HIS E 212 17.40 -8.65 11.24
C HIS E 212 17.59 -8.85 12.74
N ILE E 213 16.54 -9.24 13.44
CA ILE E 213 16.70 -9.51 14.89
C ILE E 213 16.87 -10.99 15.17
N VAL E 214 18.12 -11.44 15.19
CA VAL E 214 18.49 -12.81 15.58
C VAL E 214 19.23 -12.75 16.93
N PHE E 215 19.43 -11.53 17.42
CA PHE E 215 20.25 -11.28 18.59
C PHE E 215 19.43 -10.83 19.83
N THR E 216 18.10 -10.89 19.72
CA THR E 216 17.24 -11.05 20.88
C THR E 216 17.04 -12.57 21.00
N LEU E 217 17.42 -13.25 19.93
CA LEU E 217 17.42 -14.68 19.86
C LEU E 217 18.79 -15.14 20.40
N VAL E 218 19.48 -14.22 21.06
CA VAL E 218 20.71 -14.54 21.72
C VAL E 218 20.45 -15.74 22.59
N ASP E 219 21.25 -16.76 22.47
CA ASP E 219 21.07 -17.81 23.39
C ASP E 219 22.26 -18.78 23.38
N ARG E 220 22.44 -19.46 24.50
CA ARG E 220 23.50 -20.43 24.72
C ARG E 220 22.83 -21.63 25.37
N SER E 221 23.31 -22.82 25.10
CA SER E 221 22.56 -24.07 25.33
C SER E 221 21.57 -24.26 24.20
N VAL E 222 21.84 -23.56 23.09
CA VAL E 222 20.84 -23.33 22.08
C VAL E 222 21.43 -22.74 20.80
N GLY E 223 20.59 -22.56 19.81
CA GLY E 223 20.96 -21.85 18.61
C GLY E 223 19.69 -21.18 18.14
N PHE E 224 19.75 -20.47 17.03
CA PHE E 224 18.61 -19.69 16.59
C PHE E 224 17.44 -20.55 16.17
N ASP E 225 16.22 -20.15 16.57
CA ASP E 225 14.98 -20.81 16.13
C ASP E 225 14.06 -19.94 15.27
N ARG E 226 13.76 -18.73 15.72
CA ARG E 226 12.81 -17.86 15.03
C ARG E 226 13.41 -16.99 13.92
N SER E 227 12.72 -16.98 12.78
CA SER E 227 12.89 -16.00 11.73
C SER E 227 11.52 -15.58 11.22
N TYR E 228 11.40 -14.33 10.77
CA TYR E 228 10.19 -13.77 10.19
C TYR E 228 10.51 -13.18 8.84
N GLN E 229 9.49 -12.98 8.00
CA GLN E 229 9.66 -12.34 6.69
C GLN E 229 8.98 -10.98 6.66
N THR E 230 9.81 -9.94 6.61
CA THR E 230 9.42 -8.59 6.97
C THR E 230 8.13 -8.03 6.30
N PHE E 231 7.99 -8.31 5.01
CA PHE E 231 6.83 -7.87 4.27
C PHE E 231 6.11 -9.01 3.61
N SER E 232 4.88 -8.72 3.20
CA SER E 232 4.06 -9.65 2.43
C SER E 232 4.59 -9.69 1.03
N ARG E 233 4.19 -10.73 0.30
CA ARG E 233 4.59 -10.91 -1.08
C ARG E 233 4.16 -9.74 -2.00
N PRO E 234 2.94 -9.16 -1.81
CA PRO E 234 2.63 -8.11 -2.73
C PRO E 234 3.58 -6.94 -2.61
N VAL E 235 4.02 -6.66 -1.40
CA VAL E 235 4.97 -5.57 -1.17
C VAL E 235 6.36 -5.90 -1.70
N LEU E 236 6.84 -7.13 -1.52
CA LEU E 236 8.18 -7.45 -1.95
C LEU E 236 8.30 -7.27 -3.43
N GLU E 237 7.35 -7.75 -4.22
CA GLU E 237 7.40 -7.56 -5.68
C GLU E 237 6.80 -6.24 -6.10
N VAL E 238 6.17 -5.53 -5.16
CA VAL E 238 5.76 -4.17 -5.43
C VAL E 238 7.03 -3.30 -5.52
N MET E 239 7.99 -3.59 -4.65
CA MET E 239 9.25 -2.87 -4.65
C MET E 239 10.06 -3.20 -5.90
N VAL E 240 10.28 -4.48 -6.15
CA VAL E 240 11.15 -4.92 -7.27
C VAL E 240 10.71 -4.29 -8.60
N GLU E 241 9.43 -3.94 -8.73
CA GLU E 241 8.97 -3.11 -9.85
C GLU E 241 9.72 -1.80 -9.90
N GLU E 242 9.79 -1.12 -8.76
CA GLU E 242 10.30 0.23 -8.66
C GLU E 242 11.81 0.29 -8.76
N ALA E 243 12.48 -0.78 -8.36
CA ALA E 243 13.91 -0.93 -8.61
C ALA E 243 14.16 -1.10 -10.11
N ARG E 244 13.27 -1.86 -10.76
CA ARG E 244 13.32 -2.03 -12.22
C ARG E 244 13.11 -0.75 -12.96
N ALA E 245 12.39 0.20 -12.32
CA ALA E 245 12.10 1.51 -12.91
C ALA E 245 13.38 2.31 -13.13
N ALA E 246 14.18 2.42 -12.09
CA ALA E 246 15.42 3.21 -12.10
C ALA E 246 16.52 2.43 -12.77
N GLY E 247 16.28 1.16 -13.11
CA GLY E 247 17.31 0.31 -13.64
C GLY E 247 18.40 0.12 -12.58
N VAL E 248 18.01 -0.27 -11.37
CA VAL E 248 18.97 -0.64 -10.34
C VAL E 248 18.78 -2.14 -9.98
N PRO E 249 19.88 -2.82 -9.56
CA PRO E 249 19.73 -4.22 -9.17
C PRO E 249 19.02 -4.36 -7.85
N VAL E 250 18.23 -5.40 -7.70
CA VAL E 250 17.57 -5.67 -6.42
C VAL E 250 18.35 -6.74 -5.68
N LEU E 251 18.84 -6.40 -4.50
CA LEU E 251 19.56 -7.37 -3.66
C LEU E 251 18.65 -7.79 -2.53
N THR E 252 18.82 -9.02 -2.09
CA THR E 252 17.88 -9.58 -1.13
C THR E 252 18.64 -10.04 0.15
N HIS E 253 18.03 -9.86 1.31
CA HIS E 253 18.56 -10.31 2.57
C HIS E 253 17.71 -11.48 3.05
N SER E 254 18.25 -12.70 3.03
CA SER E 254 17.45 -13.89 3.31
C SER E 254 18.13 -14.93 4.21
N VAL E 255 17.60 -15.10 5.43
CA VAL E 255 18.10 -16.09 6.39
C VAL E 255 17.19 -17.29 6.73
N SER E 256 16.05 -17.46 6.07
CA SER E 256 15.23 -18.63 6.28
C SER E 256 15.15 -19.41 4.96
N VAL E 257 14.73 -20.67 5.05
CA VAL E 257 14.67 -21.56 3.88
C VAL E 257 13.57 -21.13 2.92
N GLU E 258 12.53 -20.50 3.46
CA GLU E 258 11.62 -19.68 2.64
C GLU E 258 12.44 -18.41 2.40
N ALA E 259 11.85 -17.23 2.26
CA ALA E 259 12.69 -16.04 2.32
C ALA E 259 13.75 -16.09 1.23
N LEU E 260 14.67 -17.01 1.34
CA LEU E 260 15.64 -17.26 0.29
C LEU E 260 14.88 -17.79 -0.91
N ASP E 261 13.91 -18.64 -0.65
CA ASP E 261 13.08 -19.17 -1.72
C ASP E 261 12.31 -18.04 -2.37
N THR E 262 11.71 -17.15 -1.59
CA THR E 262 11.05 -15.97 -2.17
C THR E 262 12.03 -15.08 -2.83
N SER E 263 13.21 -14.95 -2.26
CA SER E 263 14.20 -14.11 -2.89
C SER E 263 14.33 -14.60 -4.30
N VAL E 264 14.34 -15.92 -4.45
CA VAL E 264 14.43 -16.56 -5.74
C VAL E 264 13.24 -16.23 -6.63
N GLU E 265 12.06 -16.18 -6.04
CA GLU E 265 10.83 -16.03 -6.78
C GLU E 265 10.55 -14.63 -7.30
N LEU E 266 11.34 -13.65 -6.85
CA LEU E 266 11.29 -12.32 -7.46
C LEU E 266 12.36 -12.12 -8.51
N GLY E 267 13.28 -13.07 -8.61
CA GLY E 267 14.41 -12.92 -9.52
C GLY E 267 15.36 -11.84 -9.03
N ALA E 268 15.78 -11.95 -7.77
CA ALA E 268 16.68 -10.96 -7.16
C ALA E 268 18.09 -11.14 -7.70
N ASP E 269 18.62 -10.04 -8.23
CA ASP E 269 19.91 -10.07 -8.95
C ASP E 269 21.06 -10.56 -8.10
N VAL E 270 20.96 -10.32 -6.81
CA VAL E 270 21.99 -10.76 -5.88
C VAL E 270 21.31 -11.27 -4.63
N LEU E 271 21.67 -12.49 -4.23
CA LEU E 271 21.21 -13.03 -2.97
C LEU E 271 22.30 -12.87 -1.92
N ILE E 272 22.12 -11.91 -1.02
CA ILE E 272 23.07 -11.67 0.05
C ILE E 272 22.72 -12.63 1.18
N HIS E 273 23.72 -13.24 1.79
CA HIS E 273 23.44 -14.17 2.85
C HIS E 273 22.90 -15.53 2.38
N ALA E 274 23.19 -15.95 1.17
CA ALA E 274 22.45 -17.03 0.50
C ALA E 274 22.50 -18.33 1.28
N ASN E 275 23.71 -18.73 1.63
CA ASN E 275 23.91 -20.01 2.31
C ASN E 275 23.41 -20.02 3.73
N TYR E 276 23.09 -18.86 4.28
CA TYR E 276 22.56 -18.82 5.64
C TYR E 276 21.07 -18.94 5.64
N THR E 277 20.57 -20.15 5.85
CA THR E 277 19.15 -20.42 6.01
C THR E 277 18.86 -20.68 7.49
N LEU E 278 19.89 -20.57 8.34
CA LEU E 278 19.78 -20.70 9.78
C LEU E 278 19.28 -22.05 10.29
N GLY E 279 20.11 -23.07 10.21
CA GLY E 279 19.95 -24.29 11.00
C GLY E 279 19.37 -25.37 10.11
N GLN E 280 19.02 -24.99 8.89
CA GLN E 280 18.53 -25.91 7.90
C GLN E 280 19.45 -25.90 6.71
N GLU E 281 19.36 -26.96 5.91
CA GLU E 281 20.15 -27.10 4.69
C GLU E 281 19.18 -26.88 3.54
N ILE E 282 19.58 -26.07 2.57
CA ILE E 282 18.69 -25.74 1.46
C ILE E 282 18.35 -27.04 0.72
N PRO E 283 17.02 -27.33 0.52
CA PRO E 283 16.82 -28.59 -0.17
C PRO E 283 17.24 -28.52 -1.64
N ASN E 284 17.67 -29.66 -2.17
CA ASN E 284 18.23 -29.69 -3.53
C ASN E 284 17.20 -29.31 -4.57
N TYR E 285 15.91 -29.23 -4.18
CA TYR E 285 14.90 -28.64 -5.08
C TYR E 285 15.18 -27.17 -5.22
N LEU E 286 15.60 -26.56 -4.12
CA LEU E 286 15.94 -25.14 -4.10
C LEU E 286 17.37 -24.87 -4.59
N ILE E 287 18.30 -25.79 -4.33
CA ILE E 287 19.63 -25.64 -4.92
C ILE E 287 19.46 -25.59 -6.44
N ASP E 288 18.55 -26.41 -6.95
CA ASP E 288 18.23 -26.42 -8.35
C ASP E 288 17.46 -25.15 -8.77
N LYS E 289 16.60 -24.65 -7.88
CA LYS E 289 15.80 -23.47 -8.20
C LYS E 289 16.73 -22.27 -8.42
N ILE E 290 17.76 -22.16 -7.58
CA ILE E 290 18.74 -21.10 -7.74
C ILE E 290 19.53 -21.24 -9.05
N VAL E 291 20.06 -22.44 -9.30
CA VAL E 291 20.92 -22.70 -10.46
C VAL E 291 20.18 -22.50 -11.81
N ALA E 292 18.96 -22.98 -11.89
CA ALA E 292 18.13 -22.69 -13.02
C ALA E 292 17.62 -21.26 -13.14
N SER E 293 17.14 -20.70 -12.04
CA SER E 293 16.59 -19.38 -12.08
C SER E 293 17.71 -18.36 -12.03
N ASP E 294 17.60 -17.33 -12.84
CA ASP E 294 18.74 -16.53 -13.21
C ASP E 294 19.01 -15.47 -12.17
N SER E 295 19.93 -15.79 -11.28
CA SER E 295 20.26 -14.96 -10.14
C SER E 295 21.52 -15.52 -9.42
N TRP E 296 22.15 -14.65 -8.63
CA TRP E 296 23.43 -14.91 -8.04
C TRP E 296 23.36 -15.19 -6.54
N ALA E 297 24.23 -16.08 -6.10
CA ALA E 297 24.26 -16.46 -4.69
C ALA E 297 25.48 -15.89 -4.02
N GLY E 298 25.29 -14.86 -3.20
CA GLY E 298 26.37 -14.33 -2.39
C GLY E 298 26.69 -15.30 -1.30
N LEU E 299 27.93 -15.69 -1.18
CA LEU E 299 28.34 -16.75 -0.27
C LEU E 299 29.31 -16.27 0.79
N GLN E 300 28.85 -16.21 2.04
CA GLN E 300 29.71 -15.86 3.18
C GLN E 300 30.44 -17.08 3.78
N THR E 301 31.70 -16.88 4.17
CA THR E 301 32.64 -17.98 4.48
C THR E 301 33.50 -17.83 5.73
N VAL E 302 34.03 -18.95 6.22
CA VAL E 302 34.93 -18.93 7.38
C VAL E 302 35.95 -20.08 7.30
N HIS E 303 37.10 -19.88 7.92
CA HIS E 303 38.20 -20.85 7.86
C HIS E 303 37.79 -22.13 8.56
N ASP E 304 38.25 -23.26 8.05
CA ASP E 304 38.08 -24.53 8.76
C ASP E 304 38.85 -24.40 10.05
N GLN E 305 39.96 -23.69 10.00
CA GLN E 305 40.79 -23.41 11.16
C GLN E 305 40.15 -22.39 12.10
N HIS E 306 39.67 -21.29 11.57
CA HIS E 306 39.05 -20.21 12.32
C HIS E 306 37.77 -20.76 12.96
N ARG E 307 37.01 -21.63 12.27
CA ARG E 307 35.89 -22.36 12.85
C ARG E 307 36.48 -23.08 14.03
N GLN E 308 37.48 -23.93 13.79
CA GLN E 308 38.23 -24.58 14.88
C GLN E 308 38.80 -23.57 15.85
N GLY E 309 39.08 -22.36 15.38
CA GLY E 309 39.51 -21.27 16.24
C GLY E 309 38.39 -20.69 17.10
N LEU E 310 37.30 -20.28 16.47
CA LEU E 310 36.18 -19.67 17.17
C LEU E 310 35.45 -20.70 18.03
N GLU E 311 35.27 -21.90 17.49
CA GLU E 311 34.61 -23.02 18.17
C GLU E 311 35.19 -23.28 19.57
N ASP E 312 36.47 -22.92 19.77
CA ASP E 312 37.19 -23.14 21.03
C ASP E 312 36.88 -22.09 22.07
N VAL E 313 37.20 -20.85 21.78
CA VAL E 313 36.91 -19.73 22.69
C VAL E 313 35.47 -19.32 22.52
N GLY E 314 34.75 -20.03 21.68
CA GLY E 314 33.31 -19.94 21.61
C GLY E 314 32.87 -18.52 21.34
N SER E 315 33.36 -17.93 20.27
CA SER E 315 32.99 -16.58 19.98
C SER E 315 31.53 -16.66 19.77
N TRP E 316 30.83 -15.61 20.10
CA TRP E 316 29.41 -15.64 20.06
C TRP E 316 28.91 -15.45 18.67
N ALA E 317 29.81 -15.34 17.73
CA ALA E 317 29.49 -15.43 16.35
C ALA E 317 29.91 -16.77 15.81
N ALA E 318 30.34 -17.69 16.65
CA ALA E 318 30.97 -18.93 16.10
C ALA E 318 30.00 -19.84 15.37
N ALA E 319 28.69 -19.63 15.54
CA ALA E 319 27.68 -20.60 15.08
C ALA E 319 27.53 -20.65 13.58
N LEU E 320 27.89 -19.60 12.85
CA LEU E 320 27.75 -19.64 11.38
C LEU E 320 28.99 -20.22 10.70
N ALA E 321 30.04 -20.41 11.51
CA ALA E 321 31.31 -20.90 11.02
C ALA E 321 31.25 -22.38 10.64
N GLY E 322 30.70 -23.21 11.53
CA GLY E 322 30.46 -24.64 11.27
C GLY E 322 29.00 -24.77 10.87
N GLU E 323 28.38 -25.87 11.34
CA GLU E 323 26.90 -25.95 11.43
C GLU E 323 26.32 -26.01 10.02
N PRO E 324 25.00 -26.15 9.88
CA PRO E 324 24.42 -26.38 8.57
C PRO E 324 24.88 -25.30 7.60
N TYR E 325 25.37 -24.16 8.11
CA TYR E 325 25.66 -23.00 7.23
C TYR E 325 26.92 -23.03 6.28
N ALA E 326 28.05 -23.55 6.76
CA ALA E 326 29.21 -23.94 5.91
C ALA E 326 29.09 -25.24 5.11
N THR E 327 28.45 -26.22 5.73
CA THR E 327 28.35 -27.53 5.15
C THR E 327 27.55 -27.55 3.83
N ASN E 328 26.53 -26.72 3.66
CA ASN E 328 25.79 -26.74 2.42
C ASN E 328 26.53 -26.10 1.27
N GLU E 329 27.09 -24.93 1.54
CA GLU E 329 27.39 -23.96 0.49
C GLU E 329 28.28 -24.60 -0.54
N ARG E 330 29.00 -25.64 -0.13
CA ARG E 330 29.73 -26.43 -1.06
C ARG E 330 28.71 -26.90 -2.05
N ASN E 331 27.53 -27.24 -1.54
CA ASN E 331 26.42 -27.63 -2.39
C ASN E 331 26.18 -26.65 -3.53
N LEU E 332 26.19 -25.36 -3.23
CA LEU E 332 25.89 -24.37 -4.28
C LEU E 332 26.96 -24.35 -5.33
N ILE E 333 28.22 -24.36 -4.90
CA ILE E 333 29.30 -24.36 -5.88
C ILE E 333 29.47 -25.73 -6.53
N SER E 334 29.29 -26.83 -5.80
CA SER E 334 29.63 -28.12 -6.38
C SER E 334 28.82 -28.26 -7.66
N ALA E 335 27.69 -27.53 -7.68
CA ALA E 335 26.71 -27.61 -8.74
C ALA E 335 26.81 -26.46 -9.72
N ASN E 336 27.99 -25.86 -9.84
CA ASN E 336 28.21 -24.84 -10.85
C ASN E 336 27.31 -23.62 -10.64
N ALA E 337 27.17 -23.19 -9.39
CA ALA E 337 26.04 -22.39 -8.94
C ALA E 337 25.81 -21.06 -9.65
N LYS E 338 26.90 -20.36 -9.91
CA LYS E 338 26.92 -18.92 -10.13
C LYS E 338 27.30 -18.40 -8.78
N ILE E 339 28.36 -17.59 -8.75
CA ILE E 339 28.96 -17.13 -7.48
C ILE E 339 29.16 -15.61 -7.36
N LEU E 340 29.37 -15.14 -6.14
CA LEU E 340 29.64 -13.75 -5.93
C LEU E 340 30.35 -13.58 -4.61
N LEU E 341 31.31 -12.67 -4.55
CA LEU E 341 32.16 -12.53 -3.36
C LEU E 341 31.46 -11.61 -2.39
N ASN E 342 30.89 -12.22 -1.36
CA ASN E 342 30.03 -11.52 -0.41
C ASN E 342 30.59 -11.63 0.98
N THR E 343 31.14 -10.59 1.51
CA THR E 343 31.71 -10.64 2.82
C THR E 343 31.23 -9.43 3.58
N ASP E 344 30.26 -9.50 4.47
CA ASP E 344 29.84 -8.37 5.26
C ASP E 344 31.07 -7.93 5.96
N ALA E 345 31.57 -6.71 5.87
CA ALA E 345 32.90 -6.40 6.36
C ALA E 345 33.02 -4.98 6.75
N GLY E 346 34.01 -4.62 7.53
CA GLY E 346 34.10 -3.25 7.95
C GLY E 346 35.27 -3.02 8.86
N CYS E 347 35.33 -1.77 9.34
CA CYS E 347 36.47 -1.32 10.12
C CYS E 347 35.98 -1.00 11.56
N PRO E 348 36.06 -2.00 12.44
CA PRO E 348 35.62 -1.96 13.81
C PRO E 348 36.32 -0.87 14.63
N SER E 349 35.71 -0.49 15.75
CA SER E 349 36.29 0.49 16.66
C SER E 349 37.61 -0.04 17.17
N LYS E 350 38.44 0.85 17.69
CA LYS E 350 39.78 0.49 18.09
C LYS E 350 39.65 -0.54 19.17
N ASP E 351 38.67 -0.33 20.02
CA ASP E 351 38.40 -1.24 21.13
C ASP E 351 37.77 -2.54 20.69
N HIS E 352 36.86 -2.50 19.73
CA HIS E 352 36.05 -3.65 19.43
C HIS E 352 36.92 -4.87 19.20
N LEU E 353 38.12 -4.62 18.72
CA LEU E 353 39.10 -5.66 18.55
C LEU E 353 39.70 -6.09 19.87
N ALA E 354 39.93 -5.17 20.79
CA ALA E 354 40.59 -5.49 22.07
C ALA E 354 39.77 -6.44 22.94
N ASP E 355 38.45 -6.39 22.79
CA ASP E 355 37.55 -7.32 23.47
C ASP E 355 37.65 -8.73 22.91
N LEU E 356 38.35 -8.87 21.78
CA LEU E 356 38.44 -10.14 21.08
C LEU E 356 39.69 -10.96 21.46
N SER E 357 39.45 -12.23 21.78
CA SER E 357 40.54 -13.20 21.94
C SER E 357 41.42 -13.17 20.65
N PRO E 358 42.75 -13.13 20.79
CA PRO E 358 43.67 -13.03 19.66
C PRO E 358 43.45 -14.14 18.61
N VAL E 359 42.79 -15.21 19.02
CA VAL E 359 42.38 -16.24 18.07
C VAL E 359 41.29 -15.68 17.13
N GLU E 360 40.59 -14.62 17.58
CA GLU E 360 39.68 -13.85 16.68
C GLU E 360 40.24 -12.54 16.09
N ARG E 361 41.30 -11.96 16.65
CA ARG E 361 41.83 -10.68 16.15
C ARG E 361 42.77 -10.94 15.00
N GLU E 362 43.10 -12.20 14.82
CA GLU E 362 44.03 -12.62 13.78
C GLU E 362 43.30 -13.33 12.67
N ASP E 363 43.48 -12.83 11.48
CA ASP E 363 42.88 -13.41 10.29
C ASP E 363 41.34 -13.29 10.29
N ARG E 364 40.85 -12.21 10.90
CA ARG E 364 39.43 -11.99 10.99
C ARG E 364 38.78 -11.84 9.62
N PRO E 365 37.69 -12.58 9.36
CA PRO E 365 36.95 -12.48 8.11
C PRO E 365 36.24 -11.16 7.88
N TRP E 366 35.74 -10.54 8.95
CA TRP E 366 34.85 -9.38 8.80
C TRP E 366 35.56 -8.04 8.94
N THR E 367 36.89 -8.06 9.06
CA THR E 367 37.70 -6.83 9.00
C THR E 367 38.02 -6.49 7.55
N ILE E 368 37.64 -5.29 7.10
CA ILE E 368 37.70 -4.92 5.69
C ILE E 368 39.11 -5.00 5.10
N GLY E 369 40.11 -5.00 5.95
CA GLY E 369 41.50 -5.22 5.47
C GLY E 369 41.78 -6.65 4.98
N ASN E 370 41.60 -7.62 5.88
CA ASN E 370 41.89 -9.03 5.58
C ASN E 370 40.70 -9.78 5.02
N ASP E 371 39.62 -9.07 4.70
CA ASP E 371 38.32 -9.72 4.47
C ASP E 371 38.24 -10.61 3.21
N HIS E 372 38.84 -10.16 2.11
CA HIS E 372 38.70 -10.87 0.85
C HIS E 372 39.69 -12.02 0.73
N PHE E 373 40.91 -11.80 1.20
CA PHE E 373 41.92 -12.88 1.24
C PHE E 373 41.39 -14.16 1.91
N HIS E 374 40.73 -13.97 3.04
CA HIS E 374 40.16 -15.05 3.84
C HIS E 374 39.02 -15.75 3.08
N TRP E 375 38.16 -14.96 2.48
CA TRP E 375 37.02 -15.49 1.73
C TRP E 375 37.46 -16.35 0.56
N THR E 376 38.46 -15.91 -0.16
CA THR E 376 39.01 -16.71 -1.25
C THR E 376 39.64 -18.00 -0.72
N GLN E 377 40.33 -17.92 0.40
CA GLN E 377 41.02 -19.05 0.89
C GLN E 377 40.04 -20.13 1.26
N SER E 378 38.92 -19.75 1.85
CA SER E 378 37.94 -20.78 2.23
C SER E 378 37.14 -21.32 1.03
N MET E 379 36.95 -20.49 0.00
CA MET E 379 36.19 -20.91 -1.14
C MET E 379 36.83 -22.03 -1.92
N VAL E 380 38.15 -22.09 -1.95
CA VAL E 380 38.80 -23.23 -2.60
C VAL E 380 38.54 -24.53 -1.79
N GLU E 381 38.51 -24.35 -0.47
CA GLU E 381 38.25 -25.46 0.49
C GLU E 381 36.86 -26.05 0.34
N LYS E 382 35.91 -25.19 0.07
CA LYS E 382 34.54 -25.60 -0.26
C LYS E 382 34.51 -26.27 -1.60
N GLY E 383 35.45 -25.94 -2.46
CA GLY E 383 35.59 -26.67 -3.71
C GLY E 383 35.61 -25.82 -4.95
N MET E 384 36.35 -24.72 -4.89
CA MET E 384 36.57 -23.92 -6.11
C MET E 384 37.93 -24.18 -6.74
N SER E 385 37.97 -24.19 -8.06
CA SER E 385 39.23 -24.07 -8.78
C SER E 385 39.80 -22.68 -8.40
N PRO E 386 41.11 -22.63 -8.08
CA PRO E 386 41.73 -21.39 -7.61
C PRO E 386 41.38 -20.16 -8.44
N LEU E 387 41.36 -20.29 -9.74
CA LEU E 387 41.04 -19.18 -10.62
C LEU E 387 39.59 -18.70 -10.52
N GLU E 388 38.65 -19.64 -10.50
CA GLU E 388 37.19 -19.37 -10.49
C GLU E 388 36.74 -18.72 -9.18
N ALA E 389 37.40 -19.04 -8.08
CA ALA E 389 37.34 -18.23 -6.87
C ALA E 389 37.93 -16.91 -7.18
N ILE E 390 39.03 -16.93 -7.92
CA ILE E 390 39.72 -15.76 -8.46
C ILE E 390 38.87 -15.05 -9.52
N SER E 391 38.16 -15.83 -10.33
CA SER E 391 37.24 -15.24 -11.27
C SER E 391 36.11 -14.62 -10.49
N ALA E 392 35.70 -15.26 -9.39
CA ALA E 392 34.48 -14.90 -8.67
C ALA E 392 34.71 -13.90 -7.55
N ALA E 393 35.96 -13.60 -7.29
CA ALA E 393 36.29 -12.50 -6.38
C ALA E 393 36.57 -11.25 -7.20
N THR E 394 36.39 -11.34 -8.54
CA THR E 394 36.71 -10.24 -9.45
C THR E 394 35.64 -9.88 -10.48
N ILE E 395 35.45 -10.68 -11.51
CA ILE E 395 34.49 -10.33 -12.56
C ILE E 395 33.05 -10.63 -12.15
N ASN E 396 32.83 -11.81 -11.56
CA ASN E 396 31.48 -12.27 -11.17
C ASN E 396 30.73 -11.19 -10.43
N VAL E 397 31.30 -10.71 -9.33
CA VAL E 397 30.72 -9.65 -8.54
C VAL E 397 30.40 -8.45 -9.40
N ALA E 398 31.24 -8.14 -10.38
CA ALA E 398 30.94 -7.07 -11.33
C ALA E 398 29.76 -7.52 -12.22
N ARG E 399 29.86 -8.74 -12.74
CA ARG E 399 28.81 -9.30 -13.60
C ARG E 399 27.46 -9.47 -12.90
N ALA E 400 27.47 -9.71 -11.58
CA ALA E 400 26.25 -9.87 -10.84
C ALA E 400 25.45 -8.57 -10.89
N TYR E 401 26.12 -7.44 -10.60
CA TYR E 401 25.44 -6.14 -10.49
C TYR E 401 25.27 -5.39 -11.80
N GLY E 402 25.88 -5.88 -12.86
CA GLY E 402 25.86 -5.21 -14.15
C GLY E 402 26.99 -4.21 -14.30
N LYS E 403 28.12 -4.50 -13.66
CA LYS E 403 29.33 -3.66 -13.79
C LYS E 403 30.36 -4.21 -14.75
N ALA E 404 30.07 -5.34 -15.38
CA ALA E 404 31.02 -5.97 -16.29
C ALA E 404 31.19 -5.20 -17.58
N ASP E 405 30.47 -4.11 -17.70
CA ASP E 405 30.71 -3.13 -18.73
C ASP E 405 31.92 -2.29 -18.34
N GLN E 406 32.07 -1.99 -17.06
CA GLN E 406 33.19 -1.16 -16.58
C GLN E 406 34.33 -1.97 -15.93
N ILE E 407 34.06 -2.65 -14.83
CA ILE E 407 35.12 -3.26 -14.01
C ILE E 407 35.25 -4.79 -14.17
N GLY E 408 36.33 -5.29 -13.58
CA GLY E 408 36.51 -6.70 -13.24
C GLY E 408 37.31 -7.63 -14.14
N SER E 409 37.55 -7.22 -15.37
CA SER E 409 38.32 -8.07 -16.23
C SER E 409 39.30 -7.22 -16.98
N VAL E 410 40.46 -7.79 -17.24
CA VAL E 410 41.46 -7.13 -18.02
C VAL E 410 41.15 -7.45 -19.48
N GLU E 411 40.02 -6.96 -19.96
CA GLU E 411 39.56 -7.18 -21.34
C GLU E 411 39.67 -5.97 -22.27
N THR E 412 40.30 -4.89 -21.84
CA THR E 412 40.30 -3.62 -22.64
C THR E 412 39.05 -2.83 -22.35
N GLY E 413 39.01 -1.58 -22.78
CA GLY E 413 37.82 -0.74 -22.65
C GLY E 413 37.47 -0.50 -21.19
N LYS E 414 37.62 -1.54 -20.40
CA LYS E 414 37.24 -1.56 -19.01
C LYS E 414 38.16 -0.74 -18.16
N LEU E 415 37.73 -0.38 -16.96
CA LEU E 415 38.51 0.49 -16.12
C LEU E 415 39.80 -0.20 -15.85
N ALA E 416 40.90 0.55 -15.78
CA ALA E 416 42.16 -0.08 -15.44
C ALA E 416 42.24 -0.15 -13.94
N ASP E 417 41.85 -1.30 -13.43
CA ASP E 417 42.11 -1.68 -12.05
C ASP E 417 42.93 -2.94 -12.23
N PHE E 418 43.97 -3.09 -11.42
CA PHE E 418 44.74 -4.31 -11.46
C PHE E 418 45.76 -4.30 -10.34
N VAL E 419 46.40 -5.44 -10.14
CA VAL E 419 47.24 -5.67 -8.99
C VAL E 419 48.39 -6.54 -9.43
N LEU E 420 49.54 -6.31 -8.81
CA LEU E 420 50.73 -7.09 -9.09
C LEU E 420 51.23 -7.75 -7.84
N LEU E 421 51.58 -9.03 -7.94
CA LEU E 421 52.12 -9.74 -6.80
C LEU E 421 53.43 -10.47 -7.11
N ASP E 422 54.23 -10.79 -6.11
CA ASP E 422 55.43 -11.60 -6.30
C ASP E 422 55.08 -13.00 -6.74
N GLN E 423 54.01 -13.54 -6.16
CA GLN E 423 53.77 -14.98 -6.15
C GLN E 423 52.51 -15.40 -6.91
N ASP E 424 52.48 -16.68 -7.29
CA ASP E 424 51.47 -17.21 -8.20
C ASP E 424 50.23 -17.58 -7.43
N PRO E 425 49.12 -16.83 -7.65
CA PRO E 425 47.97 -17.21 -6.81
C PRO E 425 47.42 -18.63 -7.05
N VAL E 426 47.63 -19.15 -8.27
CA VAL E 426 47.06 -20.42 -8.67
C VAL E 426 47.57 -21.60 -7.85
N ASP E 427 48.89 -21.62 -7.57
CA ASP E 427 49.41 -22.74 -6.80
C ASP E 427 49.43 -22.49 -5.32
N ASP E 428 49.12 -21.26 -4.91
CA ASP E 428 48.51 -20.99 -3.59
C ASP E 428 47.64 -19.73 -3.64
N ILE E 429 46.34 -19.83 -3.36
CA ILE E 429 45.47 -18.64 -3.46
C ILE E 429 45.65 -17.75 -2.26
N ARG E 430 46.29 -18.26 -1.21
CA ARG E 430 46.70 -17.43 -0.07
C ARG E 430 47.82 -16.49 -0.50
N ASN E 431 48.52 -16.84 -1.59
CA ASN E 431 49.62 -16.02 -2.10
C ASN E 431 49.14 -14.91 -3.01
N LEU E 432 47.82 -14.76 -3.07
CA LEU E 432 47.21 -13.52 -3.50
C LEU E 432 47.67 -12.40 -2.56
N ARG E 433 47.91 -12.77 -1.31
CA ARG E 433 48.23 -11.83 -0.23
C ARG E 433 49.36 -10.86 -0.57
N SER E 434 50.31 -11.29 -1.40
CA SER E 434 51.52 -10.49 -1.58
C SER E 434 51.29 -9.47 -2.66
N ILE E 435 51.14 -8.22 -2.27
CA ILE E 435 50.90 -7.17 -3.20
C ILE E 435 52.21 -6.45 -3.41
N THR E 436 52.47 -6.09 -4.66
CA THR E 436 53.60 -5.27 -5.03
C THR E 436 53.10 -3.94 -5.44
N GLU E 437 52.22 -3.88 -6.42
CA GLU E 437 51.63 -2.61 -6.85
C GLU E 437 50.09 -2.69 -6.97
N VAL E 438 49.41 -1.59 -6.71
CA VAL E 438 47.98 -1.49 -6.86
C VAL E 438 47.68 -0.32 -7.78
N PHE E 439 47.04 -0.63 -8.90
CA PHE E 439 46.68 0.41 -9.85
C PHE E 439 45.15 0.49 -10.00
N GLN E 440 44.61 1.67 -9.71
CA GLN E 440 43.20 1.93 -9.95
C GLN E 440 43.01 2.99 -10.97
N ALA E 441 42.00 2.82 -11.84
CA ALA E 441 41.64 3.83 -12.86
C ALA E 441 42.82 4.33 -13.63
N GLY E 442 43.78 3.44 -13.84
CA GLY E 442 45.01 3.81 -14.52
C GLY E 442 46.13 4.25 -13.61
N ALA E 443 45.76 4.82 -12.47
CA ALA E 443 46.73 5.46 -11.59
C ALA E 443 47.28 4.54 -10.48
N ALA E 444 48.58 4.69 -10.18
CA ALA E 444 49.17 3.90 -9.12
C ALA E 444 48.71 4.35 -7.72
N VAL E 445 48.58 3.41 -6.79
CA VAL E 445 48.18 3.74 -5.45
C VAL E 445 49.36 3.72 -4.49
N ASP E 446 49.46 4.77 -3.66
CA ASP E 446 50.51 4.89 -2.67
C ASP E 446 49.98 4.21 -1.41
N ARG E 447 50.47 3.02 -1.18
CA ARG E 447 49.95 2.07 -0.21
C ARG E 447 50.68 2.26 1.09
N ALA E 448 51.70 3.10 1.06
CA ALA E 448 52.51 3.39 2.23
C ALA E 448 51.72 4.28 3.16
N ALA E 449 51.37 5.49 2.72
CA ALA E 449 50.45 6.29 3.46
C ALA E 449 49.04 6.13 2.88
N LEU E 450 48.41 5.07 3.33
CA LEU E 450 46.98 4.83 3.26
C LEU E 450 46.65 4.06 4.54
N PRO E 451 45.58 4.41 5.25
CA PRO E 451 44.58 5.43 5.00
C PRO E 451 45.19 6.83 5.15
N THR E 452 44.78 7.77 4.29
CA THR E 452 45.34 9.10 4.27
C THR E 452 45.27 9.79 5.63
N THR E 453 44.09 9.90 6.17
CA THR E 453 43.91 10.38 7.53
C THR E 453 43.44 9.17 8.35
N PRO E 454 44.29 8.70 9.27
CA PRO E 454 43.84 7.62 10.10
C PRO E 454 42.80 8.11 11.11
N LEU E 455 41.67 7.40 11.21
CA LEU E 455 40.61 7.80 12.13
C LEU E 455 40.32 6.67 13.09
N VAL E 456 39.70 5.61 12.57
CA VAL E 456 39.30 4.46 13.39
C VAL E 456 40.50 3.53 13.60
N THR E 457 41.49 3.66 12.71
CA THR E 457 42.74 2.90 12.80
C THR E 457 43.78 3.58 13.74
N ALA E 458 43.41 4.77 14.25
CA ALA E 458 44.28 5.55 15.13
C ALA E 458 44.02 5.21 16.58
N HIS E 459 45.07 4.91 17.32
CA HIS E 459 44.94 3.89 18.42
C HIS E 459 45.71 4.26 19.69
N PRO E 460 45.13 5.11 20.56
CA PRO E 460 44.12 6.12 20.32
C PRO E 460 44.82 7.48 20.40
N SER F 2 -45.76 -46.92 -20.90
CA SER F 2 -46.82 -45.95 -21.30
C SER F 2 -47.45 -46.37 -22.64
N THR F 3 -47.91 -47.62 -22.73
CA THR F 3 -48.26 -48.21 -24.03
C THR F 3 -49.44 -47.61 -24.79
N ILE F 4 -49.19 -47.11 -25.99
CA ILE F 4 -50.23 -46.56 -26.85
C ILE F 4 -49.85 -46.79 -28.30
N ALA F 5 -50.87 -46.91 -29.14
CA ALA F 5 -50.69 -47.32 -30.55
C ALA F 5 -51.40 -46.36 -31.48
N ILE F 6 -50.61 -45.67 -32.31
CA ILE F 6 -51.20 -44.72 -33.28
C ILE F 6 -51.53 -45.46 -34.57
N THR F 7 -52.76 -45.26 -35.06
CA THR F 7 -53.39 -46.22 -35.97
C THR F 7 -53.84 -45.64 -37.31
N ASN F 8 -54.13 -46.51 -38.26
CA ASN F 8 -54.89 -46.14 -39.47
C ASN F 8 -54.47 -44.84 -40.14
N VAL F 9 -53.17 -44.56 -40.10
CA VAL F 9 -52.68 -43.27 -40.56
C VAL F 9 -52.06 -43.48 -41.96
N THR F 10 -51.65 -42.40 -42.61
CA THR F 10 -50.89 -42.50 -43.85
C THR F 10 -49.46 -42.04 -43.54
N LEU F 11 -48.54 -42.99 -43.44
CA LEU F 11 -47.24 -42.73 -42.84
C LEU F 11 -46.17 -42.21 -43.80
N ILE F 12 -45.40 -41.23 -43.31
CA ILE F 12 -44.14 -40.86 -43.91
C ILE F 12 -43.11 -40.89 -42.78
N ASP F 13 -42.18 -41.83 -42.80
CA ASP F 13 -41.14 -41.87 -41.76
C ASP F 13 -39.89 -41.10 -42.22
N GLY F 14 -39.84 -40.72 -43.50
CA GLY F 14 -38.91 -39.70 -43.97
C GLY F 14 -37.56 -40.15 -44.49
N LEU F 15 -37.45 -41.44 -44.80
CA LEU F 15 -36.18 -42.01 -45.22
C LEU F 15 -36.08 -42.04 -46.74
N GLY F 16 -36.97 -41.30 -47.39
CA GLY F 16 -36.94 -41.13 -48.84
C GLY F 16 -37.98 -41.99 -49.50
N GLY F 17 -38.64 -42.84 -48.70
CA GLY F 17 -39.64 -43.74 -49.24
C GLY F 17 -40.84 -42.91 -49.65
N LEU F 18 -41.86 -43.55 -50.20
CA LEU F 18 -43.09 -42.82 -50.49
C LEU F 18 -44.05 -43.04 -49.32
N PRO F 19 -45.23 -42.38 -49.30
CA PRO F 19 -46.05 -42.51 -48.10
C PRO F 19 -46.56 -43.94 -47.89
N ARG F 20 -46.78 -44.32 -46.64
CA ARG F 20 -47.12 -45.72 -46.31
C ARG F 20 -48.43 -45.82 -45.55
N PRO F 21 -49.57 -45.79 -46.28
CA PRO F 21 -50.94 -45.81 -45.74
C PRO F 21 -51.33 -47.12 -45.09
N ALA F 22 -52.59 -47.20 -44.66
CA ALA F 22 -53.18 -48.42 -44.08
C ALA F 22 -52.31 -48.95 -42.95
N THR F 23 -51.62 -48.05 -42.29
CA THR F 23 -50.61 -48.47 -41.35
C THR F 23 -51.11 -48.38 -39.92
N THR F 24 -50.33 -48.92 -39.00
CA THR F 24 -50.59 -48.77 -37.58
C THR F 24 -49.25 -48.80 -36.85
N VAL F 25 -49.06 -47.87 -35.93
CA VAL F 25 -47.79 -47.77 -35.23
C VAL F 25 -48.00 -47.77 -33.73
N ILE F 26 -47.27 -48.64 -33.04
CA ILE F 26 -47.44 -48.79 -31.61
C ILE F 26 -46.25 -48.18 -30.87
N VAL F 27 -46.54 -47.64 -29.69
CA VAL F 27 -45.55 -47.05 -28.82
C VAL F 27 -45.59 -47.74 -27.45
N GLU F 28 -44.45 -48.19 -26.96
CA GLU F 28 -44.36 -48.68 -25.59
C GLU F 28 -43.22 -48.06 -24.81
N GLY F 29 -43.56 -47.29 -23.79
CA GLY F 29 -42.56 -46.75 -22.87
C GLY F 29 -41.36 -46.17 -23.57
N ASP F 30 -41.62 -45.16 -24.40
CA ASP F 30 -40.61 -44.39 -25.16
C ASP F 30 -40.55 -44.87 -26.60
N ARG F 31 -39.80 -45.94 -26.78
CA ARG F 31 -39.45 -46.46 -28.07
C ARG F 31 -40.69 -46.83 -28.84
N PHE F 32 -40.62 -46.64 -30.15
CA PHE F 32 -41.58 -47.24 -31.07
C PHE F 32 -41.63 -48.75 -30.85
N ALA F 33 -42.85 -49.23 -30.60
CA ALA F 33 -43.13 -50.64 -30.37
C ALA F 33 -43.21 -51.34 -31.70
N THR F 34 -43.96 -52.43 -31.78
CA THR F 34 -44.28 -52.98 -33.09
C THR F 34 -44.80 -51.86 -34.02
N VAL F 35 -44.34 -51.92 -35.26
CA VAL F 35 -44.81 -51.02 -36.29
C VAL F 35 -45.39 -51.92 -37.38
N GLY F 36 -45.77 -51.32 -38.51
CA GLY F 36 -46.20 -52.04 -39.68
C GLY F 36 -47.69 -51.94 -39.92
N PRO F 37 -48.10 -51.95 -41.19
CA PRO F 37 -49.51 -51.81 -41.46
C PRO F 37 -50.36 -52.99 -41.01
N SER F 38 -49.92 -54.21 -41.30
CA SER F 38 -50.75 -55.41 -41.03
C SER F 38 -52.08 -55.15 -41.73
N ASP F 39 -53.16 -55.74 -41.25
CA ASP F 39 -54.41 -55.01 -41.29
C ASP F 39 -54.16 -53.90 -40.26
N SER F 40 -53.71 -54.36 -39.10
CA SER F 40 -53.24 -53.57 -37.97
C SER F 40 -52.48 -54.62 -37.20
N THR F 41 -51.63 -54.23 -36.26
CA THR F 41 -50.75 -55.23 -35.68
C THR F 41 -51.50 -56.45 -35.10
N PRO F 42 -52.70 -56.27 -34.51
CA PRO F 42 -53.53 -55.14 -34.09
C PRO F 42 -53.22 -54.71 -32.66
N VAL F 43 -54.10 -53.88 -32.09
CA VAL F 43 -53.95 -53.41 -30.72
C VAL F 43 -53.88 -54.56 -29.72
N PRO F 44 -52.85 -54.54 -28.86
CA PRO F 44 -52.72 -55.39 -27.70
C PRO F 44 -53.79 -55.05 -26.67
N GLU F 45 -54.17 -53.77 -26.66
CA GLU F 45 -55.31 -53.26 -25.89
C GLU F 45 -54.94 -52.98 -24.43
N GLY F 46 -55.91 -52.42 -23.70
CA GLY F 46 -55.64 -51.92 -22.38
C GLY F 46 -54.76 -50.76 -22.65
N ALA F 47 -54.69 -50.41 -23.92
CA ALA F 47 -53.69 -49.54 -24.45
C ALA F 47 -54.40 -48.37 -25.13
N THR F 48 -54.19 -47.19 -24.59
CA THR F 48 -54.84 -45.99 -25.10
C THR F 48 -54.47 -45.90 -26.57
N VAL F 49 -55.41 -45.42 -27.38
CA VAL F 49 -55.17 -45.30 -28.79
C VAL F 49 -55.46 -43.87 -29.20
N VAL F 50 -54.78 -43.41 -30.23
CA VAL F 50 -55.14 -42.17 -30.87
C VAL F 50 -55.42 -42.46 -32.33
N ASP F 51 -56.47 -41.84 -32.86
CA ASP F 51 -56.98 -42.12 -34.19
C ASP F 51 -56.06 -41.50 -35.25
N GLY F 52 -55.83 -42.26 -36.33
CA GLY F 52 -55.02 -41.77 -37.44
C GLY F 52 -55.70 -41.52 -38.78
N ASN F 53 -56.96 -41.95 -38.93
CA ASN F 53 -57.61 -41.84 -40.22
C ASN F 53 -57.67 -40.38 -40.69
N ARG F 54 -57.40 -40.15 -41.97
CA ARG F 54 -57.39 -38.80 -42.57
C ARG F 54 -56.10 -38.05 -42.20
N ARG F 55 -55.28 -38.64 -41.32
CA ARG F 55 -54.04 -38.00 -40.86
C ARG F 55 -52.82 -38.46 -41.64
N TRP F 56 -51.84 -37.57 -41.76
CA TRP F 56 -50.51 -37.96 -42.24
C TRP F 56 -49.49 -37.89 -41.12
N MET F 57 -48.60 -38.88 -41.08
CA MET F 57 -47.59 -38.93 -40.04
C MET F 57 -46.23 -38.62 -40.65
N VAL F 58 -45.47 -37.79 -39.96
CA VAL F 58 -44.09 -37.51 -40.30
C VAL F 58 -43.26 -37.53 -39.02
N PRO F 59 -41.97 -37.83 -39.15
CA PRO F 59 -41.10 -37.97 -37.99
C PRO F 59 -40.99 -36.65 -37.23
N GLY F 60 -40.84 -36.71 -35.92
CA GLY F 60 -40.71 -35.51 -35.13
C GLY F 60 -39.42 -34.87 -35.57
N TYR F 61 -39.47 -33.60 -35.93
CA TYR F 61 -38.38 -32.97 -36.59
C TYR F 61 -37.26 -32.75 -35.60
N VAL F 62 -36.04 -32.63 -36.12
CA VAL F 62 -34.84 -32.36 -35.33
C VAL F 62 -34.19 -31.15 -35.96
N ASN F 63 -33.67 -30.23 -35.17
CA ASN F 63 -33.06 -29.02 -35.77
C ASN F 63 -31.56 -28.99 -35.67
N GLY F 64 -30.89 -28.94 -36.83
CA GLY F 64 -29.44 -29.10 -36.90
C GLY F 64 -28.66 -28.01 -36.22
N ASN F 65 -29.10 -26.75 -36.36
CA ASN F 65 -28.55 -25.63 -35.60
C ASN F 65 -29.65 -24.76 -35.02
N VAL F 66 -29.57 -24.46 -33.72
CA VAL F 66 -30.40 -23.44 -33.09
C VAL F 66 -29.69 -22.97 -31.84
N HIS F 67 -29.89 -21.70 -31.51
CA HIS F 67 -29.24 -21.15 -30.36
C HIS F 67 -30.26 -20.79 -29.31
N LEU F 68 -30.17 -21.51 -28.21
CA LEU F 68 -31.14 -21.46 -27.12
C LEU F 68 -31.12 -20.18 -26.37
N LEU F 69 -29.91 -19.70 -26.13
CA LEU F 69 -29.72 -18.38 -25.61
C LEU F 69 -29.51 -17.42 -26.76
N ASP F 70 -29.53 -17.91 -27.98
CA ASP F 70 -29.49 -17.05 -29.14
C ASP F 70 -28.07 -16.72 -29.47
N ALA F 71 -27.78 -16.60 -30.75
CA ALA F 71 -26.59 -15.93 -31.18
C ALA F 71 -26.87 -14.83 -32.16
N TRP F 72 -27.95 -14.98 -32.91
CA TRP F 72 -28.28 -14.17 -34.07
C TRP F 72 -28.46 -12.73 -33.69
N MET F 73 -29.01 -12.52 -32.51
CA MET F 73 -29.35 -11.18 -32.04
C MET F 73 -28.21 -10.56 -31.30
N PHE F 74 -27.19 -11.34 -31.08
CA PHE F 74 -25.98 -10.83 -30.53
C PHE F 74 -25.00 -10.38 -31.61
N MET F 75 -25.32 -10.82 -32.82
CA MET F 75 -24.55 -10.48 -33.98
C MET F 75 -24.87 -9.06 -34.39
N ALA F 76 -25.98 -8.85 -35.07
CA ALA F 76 -27.34 -8.94 -34.69
C ALA F 76 -27.57 -7.72 -33.87
N GLY F 77 -27.09 -6.62 -34.39
CA GLY F 77 -27.16 -5.31 -33.79
C GLY F 77 -27.43 -5.19 -32.35
N PRO F 78 -28.19 -4.17 -32.02
CA PRO F 78 -28.30 -3.85 -30.64
C PRO F 78 -29.24 -4.79 -30.00
N GLY F 79 -29.21 -4.90 -28.68
CA GLY F 79 -30.25 -5.66 -28.02
C GLY F 79 -29.75 -6.84 -27.25
N THR F 80 -28.46 -7.08 -27.33
CA THR F 80 -27.88 -8.12 -26.53
C THR F 80 -27.93 -7.82 -25.02
N ILE F 81 -27.51 -6.61 -24.66
CA ILE F 81 -27.32 -6.23 -23.25
C ILE F 81 -28.54 -6.48 -22.38
N GLU F 82 -29.67 -5.86 -22.74
CA GLU F 82 -30.86 -5.88 -21.87
C GLU F 82 -31.46 -7.31 -21.77
N TYR F 83 -31.35 -8.06 -22.86
CA TYR F 83 -31.82 -9.44 -22.89
C TYR F 83 -30.92 -10.36 -22.05
N LEU F 84 -29.63 -10.04 -21.97
CA LEU F 84 -28.74 -10.79 -21.10
C LEU F 84 -28.79 -10.27 -19.69
N ALA F 85 -28.90 -8.95 -19.51
CA ALA F 85 -28.92 -8.32 -18.17
C ALA F 85 -30.15 -8.68 -17.39
N ARG F 86 -31.31 -8.36 -17.92
CA ARG F 86 -32.51 -9.05 -17.49
C ARG F 86 -32.23 -10.51 -17.89
N TRP F 87 -32.68 -11.45 -17.04
CA TRP F 87 -32.46 -12.90 -17.23
C TRP F 87 -31.15 -13.48 -16.69
N GLU F 88 -30.25 -12.65 -16.18
CA GLU F 88 -28.99 -13.20 -15.66
C GLU F 88 -29.30 -14.02 -14.42
N GLY F 89 -29.03 -15.31 -14.46
CA GLY F 89 -29.43 -16.18 -13.33
C GLY F 89 -30.63 -17.10 -13.60
N ARG F 90 -31.47 -16.73 -14.55
CA ARG F 90 -32.49 -17.67 -15.05
C ARG F 90 -32.22 -18.21 -16.46
N TYR F 91 -31.01 -18.04 -16.98
CA TYR F 91 -30.69 -18.52 -18.33
C TYR F 91 -31.06 -20.01 -18.57
N VAL F 92 -30.79 -20.86 -17.60
CA VAL F 92 -31.17 -22.27 -17.67
C VAL F 92 -32.68 -22.37 -17.87
N GLU F 93 -33.42 -21.43 -17.29
CA GLU F 93 -34.87 -21.31 -17.52
C GLU F 93 -35.22 -20.69 -18.87
N VAL F 94 -34.48 -19.68 -19.26
CA VAL F 94 -34.75 -19.00 -20.52
C VAL F 94 -34.40 -19.92 -21.70
N ILE F 95 -33.32 -20.67 -21.51
CA ILE F 95 -32.94 -21.72 -22.45
C ILE F 95 -34.10 -22.66 -22.69
N GLU F 96 -34.73 -23.08 -21.60
CA GLU F 96 -35.82 -24.05 -21.67
C GLU F 96 -37.03 -23.56 -22.46
N GLU F 97 -37.37 -22.29 -22.28
CA GLU F 97 -38.53 -21.69 -22.94
C GLU F 97 -38.44 -21.82 -24.45
N ALA F 98 -37.28 -21.47 -25.00
CA ALA F 98 -37.04 -21.59 -26.45
C ALA F 98 -37.20 -23.04 -26.94
N ALA F 99 -36.69 -23.97 -26.13
CA ALA F 99 -36.74 -25.39 -26.45
C ALA F 99 -38.18 -25.89 -26.48
N GLN F 100 -39.06 -25.19 -25.76
CA GLN F 100 -40.49 -25.48 -25.79
C GLN F 100 -41.17 -24.83 -27.00
N LEU F 101 -40.79 -23.60 -27.30
CA LEU F 101 -41.34 -22.89 -28.44
C LEU F 101 -41.21 -23.74 -29.69
N ALA F 102 -40.01 -24.27 -29.89
CA ALA F 102 -39.71 -25.19 -31.00
C ALA F 102 -40.63 -26.42 -30.93
N LEU F 103 -40.77 -27.02 -29.76
CA LEU F 103 -41.52 -28.26 -29.61
C LEU F 103 -43.03 -28.12 -29.87
N ARG F 104 -43.62 -27.04 -29.37
CA ARG F 104 -45.04 -26.74 -29.66
C ARG F 104 -45.27 -26.70 -31.18
N ASN F 105 -44.21 -26.43 -31.95
CA ASN F 105 -44.30 -26.51 -33.41
C ASN F 105 -43.96 -27.88 -33.97
N GLY F 106 -43.69 -28.85 -33.11
CA GLY F 106 -43.52 -30.24 -33.53
C GLY F 106 -42.11 -30.80 -33.60
N VAL F 107 -41.11 -30.08 -33.09
CA VAL F 107 -39.74 -30.58 -33.14
C VAL F 107 -39.28 -31.06 -31.77
N THR F 108 -39.01 -32.36 -31.67
CA THR F 108 -38.76 -33.04 -30.41
C THR F 108 -37.28 -33.03 -30.02
N THR F 109 -36.39 -32.94 -30.99
CA THR F 109 -34.98 -32.95 -30.71
C THR F 109 -34.31 -31.82 -31.48
N VAL F 110 -33.38 -31.12 -30.84
CA VAL F 110 -32.77 -29.92 -31.39
C VAL F 110 -31.27 -29.88 -31.14
N PHE F 111 -30.53 -29.30 -32.08
CA PHE F 111 -29.08 -29.11 -31.92
C PHE F 111 -28.70 -27.66 -31.72
N ASP F 112 -28.08 -27.39 -30.57
CA ASP F 112 -27.66 -26.05 -30.18
C ASP F 112 -26.19 -26.03 -30.31
N THR F 113 -25.77 -25.35 -31.33
CA THR F 113 -24.34 -25.20 -31.66
C THR F 113 -23.54 -24.25 -30.72
N HIS F 114 -24.14 -23.12 -30.35
CA HIS F 114 -23.45 -22.14 -29.55
C HIS F 114 -24.22 -21.78 -28.29
N ASN F 115 -23.56 -21.75 -27.13
CA ASN F 115 -24.20 -21.30 -25.91
C ASN F 115 -23.25 -21.21 -24.74
N ALA F 116 -23.79 -20.78 -23.60
CA ALA F 116 -23.01 -20.77 -22.37
C ALA F 116 -23.06 -22.19 -21.76
N ILE F 117 -21.89 -22.75 -21.45
CA ILE F 117 -21.82 -24.12 -20.92
C ILE F 117 -22.68 -24.29 -19.67
N GLU F 118 -22.39 -23.54 -18.61
CA GLU F 118 -23.05 -23.79 -17.33
C GLU F 118 -24.59 -23.75 -17.47
N PRO F 119 -25.15 -22.81 -18.27
CA PRO F 119 -26.60 -22.93 -18.50
C PRO F 119 -27.08 -24.08 -19.41
N VAL F 120 -26.45 -24.31 -20.55
CA VAL F 120 -27.09 -25.16 -21.57
C VAL F 120 -27.05 -26.66 -21.25
N LEU F 121 -25.95 -27.14 -20.65
CA LEU F 121 -25.84 -28.53 -20.31
C LEU F 121 -26.56 -28.82 -19.00
N ALA F 122 -26.51 -27.89 -18.04
CA ALA F 122 -27.30 -28.04 -16.81
C ALA F 122 -28.77 -28.09 -17.13
N ALA F 123 -29.15 -27.34 -18.17
CA ALA F 123 -30.51 -27.39 -18.71
C ALA F 123 -30.72 -28.67 -19.50
N ARG F 124 -29.70 -29.06 -20.26
CA ARG F 124 -29.77 -30.26 -21.11
C ARG F 124 -30.06 -31.53 -20.29
N ASP F 125 -29.41 -31.66 -19.14
CA ASP F 125 -29.60 -32.81 -18.29
C ASP F 125 -30.94 -32.76 -17.56
N ARG F 126 -31.61 -31.61 -17.62
CA ARG F 126 -32.92 -31.40 -16.98
C ARG F 126 -34.05 -31.96 -17.83
N ILE F 127 -34.16 -31.47 -19.07
CA ILE F 127 -35.28 -31.81 -19.97
C ILE F 127 -35.42 -33.31 -20.16
N ASN F 128 -34.32 -33.99 -20.47
CA ASN F 128 -34.33 -35.45 -20.64
C ASN F 128 -35.04 -36.18 -19.52
N ALA F 129 -34.79 -35.69 -18.31
CA ALA F 129 -35.31 -36.32 -17.11
C ALA F 129 -36.76 -35.91 -16.84
N GLY F 130 -37.31 -35.10 -17.73
CA GLY F 130 -38.69 -34.67 -17.61
C GLY F 130 -38.93 -33.74 -16.44
N ILE F 131 -37.88 -33.16 -15.91
CA ILE F 131 -38.00 -32.08 -14.94
C ILE F 131 -38.51 -30.86 -15.70
N SER F 132 -38.11 -30.79 -16.98
CA SER F 132 -38.47 -29.70 -17.86
C SER F 132 -39.15 -30.21 -19.12
N GLN F 133 -39.87 -29.34 -19.81
CA GLN F 133 -40.45 -29.66 -21.10
C GLN F 133 -39.56 -29.03 -22.18
N GLY F 134 -39.93 -29.24 -23.44
CA GLY F 134 -39.14 -28.70 -24.56
C GLY F 134 -38.38 -29.78 -25.31
N ALA F 135 -37.74 -29.41 -26.40
CA ALA F 135 -37.01 -30.37 -27.24
C ALA F 135 -35.70 -30.83 -26.61
N ARG F 136 -35.21 -31.98 -27.05
CA ARG F 136 -33.99 -32.56 -26.52
C ARG F 136 -32.82 -31.63 -26.81
N ILE F 137 -31.85 -31.59 -25.91
CA ILE F 137 -30.66 -30.74 -26.10
C ILE F 137 -29.42 -31.63 -26.27
N PHE F 138 -28.61 -31.30 -27.28
CA PHE F 138 -27.37 -32.02 -27.54
C PHE F 138 -26.14 -31.13 -27.26
N ALA F 139 -26.07 -29.98 -27.91
CA ALA F 139 -25.30 -28.87 -27.39
C ALA F 139 -23.78 -29.01 -27.31
N ALA F 140 -23.11 -28.53 -28.35
CA ALA F 140 -21.62 -28.45 -28.34
C ALA F 140 -21.08 -27.49 -27.29
N GLY F 141 -21.96 -26.86 -26.52
CA GLY F 141 -21.54 -25.81 -25.59
C GLY F 141 -21.32 -24.55 -26.42
N THR F 142 -20.24 -23.83 -26.20
CA THR F 142 -19.88 -22.74 -27.11
C THR F 142 -19.16 -23.28 -28.32
N ILE F 143 -18.79 -22.40 -29.23
CA ILE F 143 -17.89 -22.75 -30.32
C ILE F 143 -16.50 -22.47 -29.79
N VAL F 144 -15.65 -23.48 -29.85
CA VAL F 144 -14.27 -23.34 -29.38
C VAL F 144 -13.53 -22.32 -30.25
N GLY F 145 -12.77 -21.45 -29.62
CA GLY F 145 -12.01 -20.45 -30.34
C GLY F 145 -12.88 -19.28 -30.78
N MET F 146 -13.77 -18.83 -29.89
CA MET F 146 -14.60 -17.66 -30.17
C MET F 146 -15.11 -17.02 -28.88
N GLY F 147 -15.53 -15.76 -28.97
CA GLY F 147 -15.76 -14.93 -27.80
C GLY F 147 -17.17 -14.86 -27.29
N GLY F 148 -17.38 -13.94 -26.33
CA GLY F 148 -18.68 -13.74 -25.73
C GLY F 148 -19.51 -12.71 -26.47
N PRO F 149 -20.77 -12.53 -26.05
CA PRO F 149 -21.73 -11.62 -26.68
C PRO F 149 -21.30 -10.17 -26.74
N PHE F 150 -20.32 -9.76 -25.94
CA PHE F 150 -19.80 -8.38 -25.97
C PHE F 150 -18.40 -8.20 -26.56
N SER F 151 -17.82 -9.29 -27.07
CA SER F 151 -16.51 -9.22 -27.66
C SER F 151 -16.59 -8.51 -29.00
N ALA F 152 -15.65 -8.80 -29.87
CA ALA F 152 -15.83 -8.60 -31.27
C ALA F 152 -16.61 -9.85 -31.58
N ASP F 153 -16.79 -10.20 -32.83
CA ASP F 153 -17.58 -11.37 -33.24
C ASP F 153 -19.08 -11.10 -33.13
N PHE F 154 -19.57 -10.69 -31.96
CA PHE F 154 -20.91 -10.12 -31.81
C PHE F 154 -20.97 -8.80 -31.03
N HIS F 155 -21.59 -7.76 -31.57
CA HIS F 155 -21.97 -6.58 -30.78
C HIS F 155 -20.88 -6.01 -29.91
N PHE F 156 -19.76 -5.61 -30.52
CA PHE F 156 -18.64 -5.10 -29.78
C PHE F 156 -18.92 -3.75 -29.10
N ALA F 157 -19.62 -2.86 -29.80
CA ALA F 157 -20.11 -1.65 -29.16
C ALA F 157 -21.03 -2.17 -28.05
N GLY F 158 -20.99 -1.56 -26.88
CA GLY F 158 -21.71 -2.13 -25.73
C GLY F 158 -20.79 -2.88 -24.78
N ARG F 159 -19.55 -3.11 -25.22
CA ARG F 159 -18.48 -3.54 -24.33
C ARG F 159 -18.26 -2.42 -23.32
N THR F 160 -18.19 -1.19 -23.85
CA THR F 160 -17.99 0.01 -23.06
C THR F 160 -19.32 0.70 -22.73
N ALA F 161 -20.44 0.16 -23.25
CA ALA F 161 -21.78 0.71 -22.95
C ALA F 161 -22.48 -0.03 -21.81
N ALA F 162 -21.74 -0.88 -21.12
CA ALA F 162 -22.17 -1.45 -19.84
C ALA F 162 -20.96 -1.70 -18.97
N THR F 163 -21.15 -1.90 -17.68
CA THR F 163 -20.03 -2.06 -16.75
C THR F 163 -19.13 -3.19 -17.23
N ARG F 164 -17.83 -2.92 -17.43
CA ARG F 164 -16.94 -3.93 -17.98
C ARG F 164 -16.80 -5.13 -17.01
N THR F 165 -17.25 -4.92 -15.78
CA THR F 165 -17.59 -5.99 -14.85
C THR F 165 -18.62 -6.95 -15.45
N PHE F 166 -19.70 -6.38 -15.98
CA PHE F 166 -20.78 -7.15 -16.64
C PHE F 166 -20.21 -7.90 -17.84
N VAL F 167 -19.33 -7.22 -18.60
CA VAL F 167 -18.94 -7.70 -19.90
C VAL F 167 -17.98 -8.90 -19.79
N ASP F 168 -17.10 -8.92 -18.78
CA ASP F 168 -16.27 -10.10 -18.55
C ASP F 168 -17.02 -11.19 -17.77
N ARG F 169 -18.03 -10.82 -17.00
CA ARG F 169 -18.71 -11.78 -16.15
C ARG F 169 -19.53 -12.78 -16.98
N ILE F 170 -20.15 -12.29 -18.05
CA ILE F 170 -20.95 -13.09 -18.94
C ILE F 170 -20.09 -13.85 -19.92
N ASP F 171 -19.04 -13.20 -20.39
CA ASP F 171 -18.12 -13.82 -21.34
C ASP F 171 -17.38 -14.93 -20.62
N SER F 172 -17.24 -14.79 -19.30
CA SER F 172 -16.77 -15.90 -18.47
C SER F 172 -17.67 -17.12 -18.67
N MET F 173 -18.98 -16.90 -18.48
CA MET F 173 -20.00 -17.94 -18.63
C MET F 173 -20.01 -18.49 -20.05
N PHE F 174 -19.56 -17.68 -21.00
CA PHE F 174 -19.61 -18.05 -22.41
C PHE F 174 -18.29 -18.63 -22.92
N GLU F 175 -17.25 -17.81 -22.87
CA GLU F 175 -15.94 -18.16 -23.45
C GLU F 175 -15.28 -19.41 -22.83
N ALA F 176 -15.75 -19.80 -21.65
CA ALA F 176 -15.25 -20.98 -20.94
C ALA F 176 -13.73 -20.98 -20.69
N GLY F 177 -13.11 -22.16 -20.81
CA GLY F 177 -11.67 -22.29 -20.66
C GLY F 177 -11.11 -22.23 -22.05
N VAL F 178 -11.86 -21.54 -22.90
CA VAL F 178 -11.64 -21.49 -24.32
C VAL F 178 -11.77 -20.02 -24.70
N GLY F 179 -11.81 -19.70 -25.97
CA GLY F 179 -12.21 -18.37 -26.46
C GLY F 179 -11.38 -17.83 -27.61
N HIS F 180 -11.32 -16.51 -27.72
CA HIS F 180 -10.38 -15.79 -28.55
C HIS F 180 -9.00 -16.22 -28.14
N GLN F 181 -8.84 -16.36 -26.83
CA GLN F 181 -7.58 -16.47 -26.15
C GLN F 181 -6.71 -17.60 -26.68
N LEU F 182 -7.37 -18.72 -27.01
CA LEU F 182 -6.67 -19.85 -27.60
C LEU F 182 -6.07 -19.52 -28.99
N SER F 183 -6.26 -18.30 -29.45
CA SER F 183 -5.69 -17.88 -30.74
C SER F 183 -4.20 -17.54 -30.64
N LEU F 184 -3.76 -17.19 -29.45
CA LEU F 184 -2.38 -16.77 -29.24
C LEU F 184 -1.48 -17.97 -28.88
N LEU F 185 -2.09 -19.07 -28.45
CA LEU F 185 -1.35 -20.13 -27.76
C LEU F 185 -0.56 -21.09 -28.64
N PRO F 186 0.40 -21.79 -28.03
CA PRO F 186 1.02 -22.89 -28.76
C PRO F 186 0.03 -24.04 -28.96
N ARG F 187 0.27 -24.86 -29.97
CA ARG F 187 -0.47 -26.10 -30.19
C ARG F 187 -0.53 -26.92 -28.92
N LYS F 188 0.58 -26.92 -28.19
CA LYS F 188 0.81 -27.81 -27.04
C LYS F 188 -0.14 -27.54 -25.87
N GLU F 189 -0.47 -26.28 -25.61
CA GLU F 189 -1.39 -25.95 -24.51
C GLU F 189 -2.84 -25.81 -24.96
N VAL F 190 -3.07 -25.75 -26.27
CA VAL F 190 -4.42 -25.70 -26.78
C VAL F 190 -5.02 -27.09 -26.63
N ARG F 191 -4.27 -28.09 -27.10
CA ARG F 191 -4.67 -29.49 -27.08
C ARG F 191 -5.15 -29.95 -25.69
N ALA F 192 -4.54 -29.39 -24.65
CA ALA F 192 -4.79 -29.80 -23.28
C ALA F 192 -6.18 -29.39 -22.82
N ARG F 193 -6.44 -28.12 -22.84
CA ARG F 193 -7.60 -27.66 -22.17
C ARG F 193 -8.85 -27.80 -23.00
N VAL F 194 -8.67 -28.12 -24.27
CA VAL F 194 -9.82 -28.42 -25.16
C VAL F 194 -10.40 -29.80 -24.86
N ARG F 195 -9.55 -30.79 -24.58
CA ARG F 195 -10.08 -32.09 -24.14
C ARG F 195 -10.73 -31.92 -22.79
N ASP F 196 -10.05 -31.13 -21.93
CA ASP F 196 -10.58 -30.70 -20.64
C ASP F 196 -11.96 -30.08 -20.85
N TYR F 197 -12.07 -29.19 -21.85
CA TYR F 197 -13.33 -28.58 -22.22
C TYR F 197 -14.42 -29.63 -22.50
N LEU F 198 -14.12 -30.60 -23.36
CA LEU F 198 -15.09 -31.64 -23.71
C LEU F 198 -15.45 -32.57 -22.54
N SER F 199 -14.63 -32.57 -21.51
CA SER F 199 -14.85 -33.40 -20.32
C SER F 199 -16.00 -32.87 -19.49
N ARG F 200 -16.39 -31.63 -19.74
CA ARG F 200 -17.46 -30.99 -18.95
C ARG F 200 -18.82 -31.55 -19.32
N GLY F 201 -18.85 -32.38 -20.34
CA GLY F 201 -20.08 -33.07 -20.72
C GLY F 201 -20.61 -32.65 -22.08
N VAL F 202 -19.96 -31.67 -22.73
CA VAL F 202 -20.44 -31.20 -24.04
C VAL F 202 -20.52 -32.39 -24.96
N ASP F 203 -21.58 -32.43 -25.77
CA ASP F 203 -21.84 -33.59 -26.59
C ASP F 203 -21.10 -33.58 -27.90
N MET F 204 -20.63 -32.42 -28.31
CA MET F 204 -19.90 -32.30 -29.59
C MET F 204 -18.84 -31.22 -29.57
N LEU F 205 -18.12 -31.11 -30.68
CA LEU F 205 -17.20 -30.00 -30.90
C LEU F 205 -17.47 -29.33 -32.26
N LYS F 206 -18.20 -28.20 -32.25
CA LYS F 206 -18.23 -27.31 -33.40
C LYS F 206 -16.97 -26.50 -33.28
N ILE F 207 -16.49 -25.97 -34.39
CA ILE F 207 -15.23 -25.28 -34.34
C ILE F 207 -15.26 -24.04 -35.24
N ALA F 208 -14.55 -23.01 -34.82
CA ALA F 208 -14.49 -21.79 -35.57
C ALA F 208 -13.27 -21.85 -36.41
N VAL F 209 -13.46 -22.30 -37.65
CA VAL F 209 -12.38 -22.34 -38.62
C VAL F 209 -11.91 -20.93 -38.91
N SER F 210 -12.86 -19.99 -38.94
CA SER F 210 -12.61 -18.61 -39.27
C SER F 210 -13.16 -17.68 -38.19
N ASP F 211 -13.06 -16.38 -38.44
CA ASP F 211 -13.58 -15.35 -37.55
C ASP F 211 -15.10 -15.35 -37.48
N HIS F 212 -15.62 -14.71 -36.44
CA HIS F 212 -17.02 -14.32 -36.40
C HIS F 212 -17.20 -12.80 -36.53
N ILE F 213 -16.13 -12.10 -36.89
CA ILE F 213 -16.16 -10.63 -36.92
C ILE F 213 -16.59 -10.09 -38.28
N VAL F 214 -17.09 -10.97 -39.15
CA VAL F 214 -17.64 -10.49 -40.42
C VAL F 214 -18.56 -9.30 -40.15
N PHE F 215 -19.62 -9.53 -39.38
CA PHE F 215 -20.75 -8.62 -39.29
C PHE F 215 -20.59 -7.39 -38.37
N THR F 216 -19.52 -7.33 -37.57
CA THR F 216 -19.24 -6.11 -36.80
C THR F 216 -18.46 -5.13 -37.69
N LEU F 217 -17.69 -5.65 -38.65
CA LEU F 217 -16.91 -4.80 -39.58
C LEU F 217 -17.45 -4.71 -41.01
N VAL F 218 -18.61 -5.27 -41.31
CA VAL F 218 -19.14 -5.19 -42.70
C VAL F 218 -19.58 -3.76 -42.98
N ASP F 219 -19.46 -3.31 -44.22
CA ASP F 219 -20.18 -2.13 -44.63
C ASP F 219 -21.38 -2.50 -45.51
N ARG F 220 -22.59 -2.24 -44.99
CA ARG F 220 -23.87 -2.51 -45.65
C ARG F 220 -23.93 -2.00 -47.05
N SER F 221 -23.04 -1.05 -47.35
CA SER F 221 -22.88 -0.55 -48.71
C SER F 221 -21.47 -0.82 -49.26
N VAL F 222 -21.38 -1.55 -50.37
CA VAL F 222 -22.43 -2.48 -50.83
C VAL F 222 -21.91 -3.94 -50.81
N GLY F 223 -20.70 -4.15 -50.28
CA GLY F 223 -20.12 -5.51 -50.25
C GLY F 223 -19.17 -5.71 -49.09
N PHE F 224 -18.62 -6.91 -48.96
CA PHE F 224 -17.71 -7.16 -47.86
C PHE F 224 -16.52 -8.05 -48.08
N ASP F 225 -15.39 -7.57 -47.64
CA ASP F 225 -14.16 -8.29 -47.83
C ASP F 225 -13.52 -8.55 -46.48
N ARG F 226 -12.75 -9.62 -46.39
CA ARG F 226 -12.12 -10.09 -45.14
C ARG F 226 -12.90 -11.21 -44.46
N SER F 227 -12.24 -12.34 -44.25
CA SER F 227 -12.78 -13.42 -43.41
C SER F 227 -11.70 -14.19 -42.64
N TYR F 228 -10.42 -13.83 -42.78
CA TYR F 228 -9.37 -14.49 -41.99
C TYR F 228 -9.59 -15.97 -41.78
N GLN F 229 -8.79 -16.55 -40.89
CA GLN F 229 -9.04 -17.90 -40.32
C GLN F 229 -8.47 -18.02 -38.92
N THR F 230 -9.24 -18.53 -37.97
CA THR F 230 -8.87 -18.44 -36.54
C THR F 230 -7.59 -19.20 -36.16
N PHE F 231 -7.53 -20.49 -36.55
CA PHE F 231 -6.47 -21.37 -36.11
C PHE F 231 -5.67 -21.92 -37.25
N SER F 232 -4.52 -22.49 -36.90
CA SER F 232 -3.61 -23.09 -37.87
C SER F 232 -4.06 -24.49 -38.20
N ARG F 233 -3.62 -24.94 -39.38
CA ARG F 233 -3.88 -26.32 -39.84
C ARG F 233 -3.48 -27.40 -38.82
N PRO F 234 -2.32 -27.22 -38.13
CA PRO F 234 -2.03 -28.19 -37.08
C PRO F 234 -3.02 -28.17 -35.91
N VAL F 235 -3.29 -26.99 -35.36
CA VAL F 235 -4.16 -26.85 -34.21
C VAL F 235 -5.61 -27.17 -34.64
N LEU F 236 -5.84 -27.07 -35.95
CA LEU F 236 -7.08 -27.53 -36.54
C LEU F 236 -7.26 -29.01 -36.28
N GLU F 237 -6.27 -29.82 -36.62
CA GLU F 237 -6.32 -31.26 -36.36
C GLU F 237 -6.09 -31.59 -34.91
N VAL F 238 -5.17 -30.86 -34.28
CA VAL F 238 -4.86 -31.05 -32.86
C VAL F 238 -6.15 -30.98 -32.03
N MET F 239 -7.03 -30.05 -32.41
CA MET F 239 -8.36 -29.97 -31.82
C MET F 239 -9.24 -31.15 -32.25
N VAL F 240 -9.10 -31.55 -33.52
CA VAL F 240 -9.91 -32.64 -34.07
C VAL F 240 -9.68 -33.98 -33.36
N GLU F 241 -8.42 -34.32 -33.13
CA GLU F 241 -8.09 -35.62 -32.52
C GLU F 241 -8.55 -35.65 -31.05
N GLU F 242 -8.44 -34.52 -30.37
CA GLU F 242 -8.96 -34.39 -29.02
C GLU F 242 -10.48 -34.51 -29.02
N ALA F 243 -11.07 -34.32 -30.21
CA ALA F 243 -12.49 -34.54 -30.38
C ALA F 243 -12.75 -35.94 -30.89
N ARG F 244 -11.68 -36.69 -31.15
CA ARG F 244 -11.82 -38.10 -31.53
C ARG F 244 -11.62 -39.10 -30.37
N ALA F 245 -10.96 -38.67 -29.30
CA ALA F 245 -10.72 -39.59 -28.18
C ALA F 245 -11.90 -39.55 -27.22
N ALA F 246 -12.70 -38.50 -27.32
CA ALA F 246 -13.93 -38.34 -26.53
C ALA F 246 -15.19 -38.81 -27.29
N GLY F 247 -15.08 -38.95 -28.60
CA GLY F 247 -16.19 -39.38 -29.44
C GLY F 247 -17.17 -38.29 -29.82
N VAL F 248 -16.74 -37.03 -29.81
CA VAL F 248 -17.65 -35.90 -29.98
C VAL F 248 -17.74 -35.43 -31.42
N PRO F 249 -18.96 -35.32 -31.96
CA PRO F 249 -19.21 -34.90 -33.36
C PRO F 249 -18.57 -33.55 -33.68
N VAL F 250 -17.75 -33.50 -34.73
CA VAL F 250 -16.98 -32.28 -34.99
C VAL F 250 -17.50 -31.54 -36.21
N LEU F 251 -17.78 -30.25 -36.03
CA LEU F 251 -18.43 -29.45 -37.05
C LEU F 251 -17.65 -28.16 -37.25
N THR F 252 -17.78 -27.55 -38.42
CA THR F 252 -16.92 -26.45 -38.77
C THR F 252 -17.66 -25.22 -39.23
N HIS F 253 -17.21 -24.12 -38.68
CA HIS F 253 -17.67 -22.80 -38.99
C HIS F 253 -16.74 -22.31 -40.00
N SER F 254 -17.18 -22.26 -41.23
CA SER F 254 -16.30 -21.79 -42.28
C SER F 254 -17.14 -20.94 -43.15
N VAL F 255 -16.67 -19.71 -43.38
CA VAL F 255 -17.30 -18.78 -44.31
C VAL F 255 -16.39 -18.39 -45.49
N SER F 256 -15.27 -19.08 -45.66
CA SER F 256 -14.43 -18.78 -46.85
C SER F 256 -14.54 -19.91 -47.87
N VAL F 257 -13.93 -19.73 -49.03
CA VAL F 257 -13.81 -20.82 -50.00
C VAL F 257 -12.55 -21.64 -49.70
N GLU F 258 -11.51 -21.00 -49.19
CA GLU F 258 -10.53 -21.72 -48.36
C GLU F 258 -11.27 -21.76 -47.02
N ALA F 259 -10.68 -22.36 -46.01
CA ALA F 259 -11.36 -22.48 -44.70
C ALA F 259 -12.57 -23.38 -44.78
N LEU F 260 -13.09 -23.53 -46.00
CA LEU F 260 -14.16 -24.48 -46.32
C LEU F 260 -13.48 -25.72 -46.88
N ASP F 261 -12.75 -25.50 -47.97
CA ASP F 261 -11.80 -26.46 -48.50
C ASP F 261 -10.94 -27.01 -47.36
N THR F 262 -10.59 -26.12 -46.42
CA THR F 262 -9.87 -26.54 -45.23
C THR F 262 -10.67 -27.45 -44.31
N SER F 263 -11.95 -27.13 -44.10
CA SER F 263 -12.82 -27.84 -43.13
C SER F 263 -13.04 -29.31 -43.40
N VAL F 264 -13.30 -29.64 -44.67
CA VAL F 264 -13.50 -31.00 -45.11
C VAL F 264 -12.19 -31.75 -44.92
N GLU F 265 -11.10 -31.00 -44.94
CA GLU F 265 -9.76 -31.57 -44.87
C GLU F 265 -9.58 -32.33 -43.58
N LEU F 266 -10.19 -31.84 -42.52
CA LEU F 266 -10.15 -32.51 -41.21
C LEU F 266 -11.27 -33.53 -41.13
N GLY F 267 -12.00 -33.68 -42.24
CA GLY F 267 -13.11 -34.63 -42.34
C GLY F 267 -14.17 -34.28 -41.33
N ALA F 268 -14.40 -32.97 -41.14
CA ALA F 268 -15.38 -32.53 -40.17
C ALA F 268 -16.69 -33.18 -40.49
N ASP F 269 -17.37 -33.71 -39.50
CA ASP F 269 -18.55 -34.51 -39.73
C ASP F 269 -19.66 -33.65 -40.28
N VAL F 270 -19.91 -32.51 -39.65
CA VAL F 270 -20.88 -31.58 -40.20
C VAL F 270 -20.22 -30.26 -40.60
N LEU F 271 -20.60 -29.73 -41.75
CA LEU F 271 -20.15 -28.41 -42.12
C LEU F 271 -21.29 -27.43 -41.99
N ILE F 272 -21.21 -26.56 -40.97
CA ILE F 272 -22.18 -25.47 -40.85
C ILE F 272 -21.81 -24.47 -41.93
N HIS F 273 -22.73 -23.60 -42.34
CA HIS F 273 -22.33 -22.36 -42.98
C HIS F 273 -21.67 -22.52 -44.35
N ALA F 274 -21.79 -23.66 -45.00
CA ALA F 274 -20.93 -23.94 -46.16
C ALA F 274 -21.27 -23.01 -47.30
N ASN F 275 -22.53 -22.58 -47.37
CA ASN F 275 -22.93 -21.62 -48.39
C ASN F 275 -22.63 -20.19 -47.97
N TYR F 276 -21.96 -20.06 -46.85
CA TYR F 276 -21.50 -18.78 -46.39
C TYR F 276 -20.10 -18.53 -46.90
N THR F 277 -20.01 -18.35 -48.20
CA THR F 277 -18.72 -18.17 -48.84
C THR F 277 -18.30 -16.71 -49.04
N LEU F 278 -19.19 -15.79 -48.76
CA LEU F 278 -18.78 -14.42 -48.63
C LEU F 278 -18.54 -13.77 -49.95
N GLY F 279 -19.31 -14.16 -50.94
CA GLY F 279 -19.17 -13.67 -52.31
C GLY F 279 -18.49 -14.66 -53.26
N GLN F 280 -18.31 -15.91 -52.84
CA GLN F 280 -17.70 -16.93 -53.70
C GLN F 280 -18.54 -18.20 -53.73
N GLU F 281 -18.77 -18.74 -54.93
CA GLU F 281 -19.40 -20.03 -55.01
C GLU F 281 -18.38 -21.12 -54.62
N ILE F 282 -18.83 -22.35 -54.52
CA ILE F 282 -18.13 -23.42 -53.81
C ILE F 282 -16.65 -23.72 -54.09
N PRO F 283 -16.12 -23.66 -55.40
CA PRO F 283 -17.08 -23.81 -56.47
C PRO F 283 -16.65 -24.75 -57.63
N ASN F 284 -17.08 -26.01 -57.64
CA ASN F 284 -17.03 -26.86 -58.83
C ASN F 284 -15.85 -27.79 -58.94
N TYR F 285 -14.88 -27.60 -58.09
CA TYR F 285 -14.11 -28.72 -57.55
C TYR F 285 -14.41 -28.91 -56.06
N LEU F 286 -15.22 -28.03 -55.46
CA LEU F 286 -15.60 -28.16 -54.04
C LEU F 286 -16.92 -28.89 -53.88
N ILE F 287 -17.96 -28.52 -54.65
CA ILE F 287 -19.12 -29.43 -54.79
C ILE F 287 -18.74 -30.85 -55.23
N ASP F 288 -17.52 -31.06 -55.73
CA ASP F 288 -17.04 -32.40 -56.00
C ASP F 288 -16.22 -32.94 -54.84
N LYS F 289 -15.96 -32.10 -53.85
CA LYS F 289 -15.34 -32.55 -52.64
C LYS F 289 -16.38 -33.14 -51.66
N ILE F 290 -17.66 -33.11 -52.03
CA ILE F 290 -18.67 -33.68 -51.17
C ILE F 290 -18.38 -35.13 -51.02
N VAL F 291 -18.10 -35.77 -52.13
CA VAL F 291 -17.82 -37.20 -52.10
C VAL F 291 -16.42 -37.49 -51.55
N ALA F 292 -15.46 -36.62 -51.86
CA ALA F 292 -14.05 -36.77 -51.43
C ALA F 292 -13.84 -36.34 -49.95
N SER F 293 -14.94 -35.97 -49.28
CA SER F 293 -14.88 -35.60 -47.87
C SER F 293 -15.36 -36.69 -46.91
N ASP F 294 -16.57 -37.19 -47.16
CA ASP F 294 -17.30 -38.04 -46.21
C ASP F 294 -17.87 -37.18 -45.11
N SER F 295 -17.71 -35.87 -45.25
CA SER F 295 -18.09 -34.90 -44.22
C SER F 295 -19.38 -34.20 -44.61
N TRP F 296 -20.38 -34.27 -43.72
CA TRP F 296 -21.73 -33.79 -43.97
C TRP F 296 -21.72 -32.31 -44.19
N ALA F 297 -22.80 -31.81 -44.80
CA ALA F 297 -22.88 -30.39 -45.15
C ALA F 297 -24.03 -29.75 -44.41
N GLY F 298 -24.06 -28.42 -44.38
CA GLY F 298 -25.12 -27.70 -43.70
C GLY F 298 -25.43 -26.44 -44.48
N LEU F 299 -26.64 -25.94 -44.32
CA LEU F 299 -27.18 -24.95 -45.25
C LEU F 299 -28.19 -24.04 -44.56
N GLN F 300 -28.14 -22.78 -44.97
CA GLN F 300 -29.06 -21.76 -44.47
C GLN F 300 -29.57 -20.91 -45.60
N THR F 301 -30.88 -20.89 -45.77
CA THR F 301 -31.50 -20.26 -46.95
C THR F 301 -32.76 -19.47 -46.58
N VAL F 302 -33.21 -18.65 -47.52
CA VAL F 302 -34.41 -17.87 -47.35
C VAL F 302 -35.28 -17.98 -48.62
N HIS F 303 -36.41 -17.28 -48.58
CA HIS F 303 -37.49 -17.43 -49.54
C HIS F 303 -37.36 -16.63 -50.81
N ASP F 304 -37.93 -17.15 -51.88
CA ASP F 304 -37.83 -16.57 -53.21
C ASP F 304 -38.34 -15.15 -53.18
N GLN F 305 -39.42 -14.91 -52.43
CA GLN F 305 -39.92 -13.55 -52.31
C GLN F 305 -39.48 -12.84 -51.04
N HIS F 306 -39.56 -13.48 -49.88
CA HIS F 306 -39.25 -12.72 -48.66
C HIS F 306 -37.83 -12.16 -48.65
N ARG F 307 -36.94 -12.72 -49.46
CA ARG F 307 -35.65 -12.07 -49.71
C ARG F 307 -35.94 -10.60 -50.11
N GLN F 308 -36.94 -10.40 -50.98
CA GLN F 308 -37.37 -9.05 -51.37
C GLN F 308 -37.71 -8.22 -50.14
N GLY F 309 -38.42 -8.84 -49.20
CA GLY F 309 -38.72 -8.22 -47.91
C GLY F 309 -37.47 -7.71 -47.27
N LEU F 310 -36.49 -8.60 -47.12
CA LEU F 310 -35.18 -8.23 -46.57
C LEU F 310 -34.48 -7.21 -47.47
N GLU F 311 -34.77 -7.25 -48.77
CA GLU F 311 -34.14 -6.33 -49.72
C GLU F 311 -34.98 -5.10 -50.06
N ASP F 312 -36.23 -5.08 -49.62
CA ASP F 312 -37.10 -3.93 -49.89
C ASP F 312 -36.74 -2.77 -48.99
N VAL F 313 -36.85 -2.99 -47.68
CA VAL F 313 -36.33 -2.04 -46.71
C VAL F 313 -34.82 -2.23 -46.66
N GLY F 314 -34.37 -3.17 -47.47
CA GLY F 314 -32.97 -3.34 -47.81
C GLY F 314 -32.15 -3.43 -46.56
N SER F 315 -32.63 -4.19 -45.58
CA SER F 315 -31.98 -4.25 -44.29
C SER F 315 -30.66 -4.94 -44.45
N TRP F 316 -29.96 -5.09 -43.34
CA TRP F 316 -28.84 -6.01 -43.31
C TRP F 316 -29.46 -7.38 -43.43
N ALA F 317 -28.62 -8.40 -43.38
CA ALA F 317 -28.94 -9.67 -44.06
C ALA F 317 -29.19 -9.29 -45.52
N ALA F 318 -30.24 -9.84 -46.12
CA ALA F 318 -30.59 -9.61 -47.53
C ALA F 318 -29.51 -10.07 -48.50
N ALA F 319 -28.28 -10.06 -48.00
CA ALA F 319 -27.13 -10.43 -48.76
C ALA F 319 -27.04 -11.94 -48.74
N LEU F 320 -27.41 -12.49 -47.59
CA LEU F 320 -27.29 -13.92 -47.37
C LEU F 320 -28.62 -14.60 -47.72
N ALA F 321 -29.50 -13.85 -48.29
CA ALA F 321 -30.70 -14.44 -48.75
C ALA F 321 -30.39 -15.00 -50.11
N GLY F 322 -29.58 -14.23 -50.81
CA GLY F 322 -29.24 -14.52 -52.18
C GLY F 322 -27.98 -13.81 -52.57
N GLU F 323 -27.60 -13.84 -53.84
CA GLU F 323 -26.28 -13.31 -54.21
C GLU F 323 -25.36 -14.51 -54.49
N PRO F 324 -24.24 -14.66 -53.78
CA PRO F 324 -23.54 -15.92 -53.97
C PRO F 324 -24.18 -17.02 -53.15
N TYR F 325 -24.63 -16.66 -51.95
CA TYR F 325 -25.13 -17.68 -51.00
C TYR F 325 -26.48 -18.32 -51.42
N ALA F 326 -27.34 -17.51 -52.02
CA ALA F 326 -28.56 -17.96 -52.70
C ALA F 326 -28.37 -18.77 -53.98
N THR F 327 -27.49 -18.32 -54.87
CA THR F 327 -27.39 -18.94 -56.17
C THR F 327 -26.30 -20.01 -56.18
N ASN F 328 -25.72 -20.24 -55.00
CA ASN F 328 -24.83 -21.37 -54.84
C ASN F 328 -25.63 -22.49 -54.24
N GLU F 329 -26.20 -22.29 -53.08
CA GLU F 329 -27.09 -23.31 -52.52
C GLU F 329 -27.55 -24.28 -53.57
N ARG F 330 -28.28 -23.77 -54.50
CA ARG F 330 -28.92 -24.55 -55.53
C ARG F 330 -28.01 -25.64 -56.09
N ASN F 331 -26.72 -25.32 -56.19
CA ASN F 331 -25.73 -26.25 -56.76
C ASN F 331 -25.44 -27.46 -55.86
N LEU F 332 -25.21 -27.20 -54.57
CA LEU F 332 -24.97 -28.28 -53.60
C LEU F 332 -26.06 -29.32 -53.69
N ILE F 333 -27.29 -28.82 -53.79
CA ILE F 333 -28.46 -29.66 -53.86
C ILE F 333 -28.55 -30.42 -55.18
N SER F 334 -28.35 -29.71 -56.28
CA SER F 334 -28.49 -30.28 -57.61
C SER F 334 -27.28 -31.11 -58.00
N ALA F 335 -26.26 -31.09 -57.14
CA ALA F 335 -25.14 -32.01 -57.26
C ALA F 335 -25.25 -33.15 -56.24
N ASN F 336 -26.38 -33.20 -55.52
CA ASN F 336 -26.63 -34.28 -54.56
C ASN F 336 -25.60 -34.44 -53.42
N ALA F 337 -25.69 -33.57 -52.42
CA ALA F 337 -24.76 -33.67 -51.28
C ALA F 337 -25.45 -34.22 -50.03
N LYS F 338 -24.71 -34.33 -48.93
CA LYS F 338 -25.25 -34.83 -47.67
C LYS F 338 -25.72 -33.64 -46.81
N ILE F 339 -27.03 -33.52 -46.60
CA ILE F 339 -27.64 -32.20 -46.27
C ILE F 339 -28.33 -32.10 -44.89
N LEU F 340 -28.16 -30.96 -44.21
CA LEU F 340 -28.70 -30.76 -42.85
C LEU F 340 -29.64 -29.58 -42.72
N LEU F 341 -30.54 -29.68 -41.73
CA LEU F 341 -31.28 -28.51 -41.28
C LEU F 341 -30.38 -27.65 -40.44
N ASN F 342 -30.12 -26.46 -40.94
CA ASN F 342 -29.39 -25.47 -40.21
C ASN F 342 -30.09 -24.16 -40.35
N THR F 343 -30.43 -23.59 -39.20
CA THR F 343 -30.86 -22.20 -39.11
C THR F 343 -30.22 -21.67 -37.85
N ASP F 344 -29.45 -20.61 -37.88
CA ASP F 344 -28.86 -20.18 -36.62
C ASP F 344 -29.99 -19.46 -35.93
N ALA F 345 -30.63 -20.15 -35.01
CA ALA F 345 -32.00 -19.84 -34.62
C ALA F 345 -32.17 -19.78 -33.12
N GLY F 346 -32.90 -18.78 -32.66
CA GLY F 346 -33.16 -18.63 -31.24
C GLY F 346 -34.51 -17.97 -31.03
N CYS F 347 -34.86 -17.68 -29.78
CA CYS F 347 -35.99 -16.77 -29.51
C CYS F 347 -35.44 -15.44 -29.00
N PRO F 348 -35.41 -14.39 -29.86
CA PRO F 348 -34.94 -13.07 -29.50
C PRO F 348 -35.75 -12.39 -28.40
N SER F 349 -35.43 -11.14 -28.13
CA SER F 349 -36.21 -10.27 -27.26
C SER F 349 -37.59 -10.01 -27.86
N LYS F 350 -38.51 -9.56 -27.05
CA LYS F 350 -39.78 -9.03 -27.58
C LYS F 350 -39.48 -7.67 -28.21
N ASP F 351 -38.46 -6.98 -27.71
CA ASP F 351 -38.14 -5.62 -28.21
C ASP F 351 -37.35 -5.65 -29.51
N HIS F 352 -36.50 -6.64 -29.71
CA HIS F 352 -35.65 -6.71 -30.90
C HIS F 352 -36.45 -6.90 -32.19
N LEU F 353 -37.64 -7.48 -32.04
CA LEU F 353 -38.53 -7.68 -33.19
C LEU F 353 -39.24 -6.39 -33.60
N ALA F 354 -39.51 -5.54 -32.61
CA ALA F 354 -40.17 -4.28 -32.86
C ALA F 354 -39.17 -3.22 -33.33
N ASP F 355 -37.88 -3.58 -33.29
CA ASP F 355 -36.85 -2.69 -33.75
C ASP F 355 -36.88 -2.44 -35.27
N LEU F 356 -37.29 -3.45 -36.04
CA LEU F 356 -37.42 -3.30 -37.50
C LEU F 356 -38.75 -3.81 -38.05
N SER F 357 -39.11 -3.36 -39.24
CA SER F 357 -40.47 -3.42 -39.78
C SER F 357 -41.07 -4.81 -40.05
N PRO F 358 -42.44 -4.89 -40.08
CA PRO F 358 -42.96 -6.27 -40.02
C PRO F 358 -42.77 -7.06 -41.28
N VAL F 359 -42.38 -6.40 -42.37
CA VAL F 359 -42.16 -7.10 -43.62
C VAL F 359 -41.04 -8.09 -43.35
N GLU F 360 -40.12 -7.69 -42.47
CA GLU F 360 -39.10 -8.57 -41.91
C GLU F 360 -39.62 -9.60 -40.90
N ARG F 361 -40.56 -9.21 -40.03
CA ARG F 361 -40.97 -9.99 -38.84
C ARG F 361 -41.75 -11.27 -39.16
N GLU F 362 -42.69 -11.18 -40.10
CA GLU F 362 -43.46 -12.35 -40.45
C GLU F 362 -42.59 -13.17 -41.40
N ASP F 363 -42.43 -14.45 -41.06
CA ASP F 363 -41.41 -15.32 -41.65
C ASP F 363 -39.99 -14.87 -41.37
N ARG F 364 -39.68 -14.61 -40.11
CA ARG F 364 -38.30 -14.52 -39.67
C ARG F 364 -37.83 -15.95 -39.36
N PRO F 365 -36.93 -16.48 -40.20
CA PRO F 365 -36.41 -17.84 -40.07
C PRO F 365 -35.45 -17.99 -38.88
N TRP F 366 -35.05 -16.85 -38.32
CA TRP F 366 -34.11 -16.81 -37.23
C TRP F 366 -34.80 -16.89 -35.85
N THR F 367 -36.10 -17.19 -35.89
CA THR F 367 -36.85 -17.57 -34.71
C THR F 367 -36.85 -19.09 -34.57
N ILE F 368 -36.90 -19.59 -33.33
CA ILE F 368 -36.92 -21.02 -33.11
C ILE F 368 -38.27 -21.64 -33.46
N GLY F 369 -39.29 -20.81 -33.62
CA GLY F 369 -40.61 -21.33 -34.02
C GLY F 369 -40.81 -21.65 -35.51
N ASN F 370 -40.49 -20.70 -36.37
CA ASN F 370 -40.78 -20.82 -37.79
C ASN F 370 -39.62 -21.40 -38.58
N ASP F 371 -38.50 -21.65 -37.89
CA ASP F 371 -37.22 -21.89 -38.55
C ASP F 371 -37.28 -23.03 -39.56
N HIS F 372 -37.88 -24.16 -39.20
CA HIS F 372 -37.91 -25.33 -40.06
C HIS F 372 -38.92 -25.20 -41.20
N PHE F 373 -40.14 -24.78 -40.85
CA PHE F 373 -41.22 -24.63 -41.82
C PHE F 373 -40.76 -23.74 -42.97
N HIS F 374 -40.08 -22.65 -42.63
CA HIS F 374 -39.52 -21.75 -43.63
C HIS F 374 -38.39 -22.44 -44.38
N TRP F 375 -37.45 -22.98 -43.62
CA TRP F 375 -36.23 -23.56 -44.17
C TRP F 375 -36.52 -24.71 -45.12
N THR F 376 -37.46 -25.58 -44.71
CA THR F 376 -37.86 -26.71 -45.56
C THR F 376 -38.59 -26.23 -46.82
N GLN F 377 -39.43 -25.19 -46.65
CA GLN F 377 -40.15 -24.60 -47.77
C GLN F 377 -39.18 -24.02 -48.78
N SER F 378 -38.04 -23.54 -48.30
CA SER F 378 -37.01 -22.99 -49.17
C SER F 378 -36.35 -24.08 -50.00
N MET F 379 -36.07 -25.21 -49.36
CA MET F 379 -35.31 -26.29 -49.97
C MET F 379 -35.81 -26.74 -51.33
N VAL F 380 -37.13 -26.88 -51.46
CA VAL F 380 -37.77 -27.38 -52.68
C VAL F 380 -37.46 -26.43 -53.83
N GLU F 381 -37.45 -25.13 -53.52
CA GLU F 381 -37.15 -24.13 -54.53
C GLU F 381 -35.74 -24.33 -55.03
N LYS F 382 -34.82 -24.69 -54.13
CA LYS F 382 -33.44 -24.96 -54.56
C LYS F 382 -33.38 -26.25 -55.35
N GLY F 383 -34.52 -26.94 -55.41
CA GLY F 383 -34.64 -28.18 -56.12
C GLY F 383 -34.17 -29.41 -55.36
N MET F 384 -34.57 -29.54 -54.10
CA MET F 384 -34.54 -30.82 -53.41
C MET F 384 -35.96 -31.15 -52.98
N SER F 385 -36.40 -32.36 -53.30
CA SER F 385 -37.82 -32.71 -53.24
C SER F 385 -38.32 -32.84 -51.80
N PRO F 386 -39.62 -32.58 -51.57
CA PRO F 386 -40.33 -32.67 -50.29
C PRO F 386 -40.17 -33.97 -49.51
N LEU F 387 -40.00 -35.11 -50.18
CA LEU F 387 -39.80 -36.42 -49.49
C LEU F 387 -38.32 -36.57 -49.11
N GLU F 388 -37.59 -35.49 -49.38
CA GLU F 388 -36.14 -35.42 -49.19
C GLU F 388 -35.86 -34.22 -48.28
N ALA F 389 -36.48 -33.09 -48.58
CA ALA F 389 -36.53 -31.98 -47.64
C ALA F 389 -36.96 -32.43 -46.25
N ILE F 390 -37.91 -33.36 -46.18
CA ILE F 390 -38.28 -33.96 -44.89
C ILE F 390 -37.19 -34.89 -44.38
N SER F 391 -36.34 -35.40 -45.27
CA SER F 391 -35.18 -36.15 -44.83
C SER F 391 -34.21 -35.15 -44.22
N ALA F 392 -34.12 -33.99 -44.85
CA ALA F 392 -33.25 -32.92 -44.38
C ALA F 392 -33.63 -32.42 -42.99
N ALA F 393 -34.90 -32.60 -42.64
CA ALA F 393 -35.37 -32.22 -41.33
C ALA F 393 -35.01 -33.27 -40.26
N THR F 394 -34.77 -34.52 -40.64
CA THR F 394 -34.68 -35.59 -39.63
C THR F 394 -33.37 -36.37 -39.51
N ILE F 395 -33.24 -37.46 -40.27
CA ILE F 395 -32.14 -38.37 -40.00
C ILE F 395 -30.84 -37.89 -40.61
N ASN F 396 -30.93 -37.10 -41.67
CA ASN F 396 -29.76 -36.43 -42.21
C ASN F 396 -29.01 -35.76 -41.05
N VAL F 397 -29.70 -34.86 -40.36
CA VAL F 397 -29.21 -34.30 -39.12
C VAL F 397 -28.86 -35.39 -38.12
N ALA F 398 -29.81 -36.28 -37.86
CA ALA F 398 -29.64 -37.32 -36.85
C ALA F 398 -28.47 -38.28 -37.16
N ARG F 399 -28.25 -38.58 -38.43
CA ARG F 399 -27.11 -39.43 -38.83
C ARG F 399 -25.84 -38.65 -38.95
N ALA F 400 -25.96 -37.34 -39.18
CA ALA F 400 -24.77 -36.48 -39.29
C ALA F 400 -24.09 -36.31 -37.96
N TYR F 401 -24.86 -36.44 -36.88
CA TYR F 401 -24.32 -36.26 -35.54
C TYR F 401 -24.04 -37.58 -34.80
N GLY F 402 -24.39 -38.71 -35.42
CA GLY F 402 -24.10 -40.02 -34.83
C GLY F 402 -25.06 -40.49 -33.76
N LYS F 403 -26.24 -39.88 -33.73
CA LYS F 403 -27.34 -40.28 -32.86
C LYS F 403 -28.43 -41.09 -33.61
N ALA F 404 -28.07 -41.58 -34.78
CA ALA F 404 -28.92 -42.46 -35.63
C ALA F 404 -29.71 -43.57 -34.89
N ASP F 405 -29.09 -44.23 -33.92
CA ASP F 405 -29.74 -45.38 -33.27
C ASP F 405 -31.04 -45.00 -32.55
N GLN F 406 -31.09 -43.80 -32.00
CA GLN F 406 -32.24 -43.35 -31.23
C GLN F 406 -33.15 -42.27 -31.89
N ILE F 407 -32.76 -41.67 -33.02
CA ILE F 407 -33.48 -40.50 -33.55
C ILE F 407 -33.61 -40.38 -35.09
N GLY F 408 -34.73 -39.80 -35.51
CA GLY F 408 -34.92 -39.33 -36.87
C GLY F 408 -35.93 -40.08 -37.73
N SER F 409 -36.35 -41.26 -37.29
CA SER F 409 -37.38 -41.98 -38.01
C SER F 409 -38.28 -42.87 -37.15
N VAL F 410 -39.10 -43.63 -37.85
CA VAL F 410 -40.04 -44.59 -37.26
C VAL F 410 -39.48 -46.05 -37.29
N GLU F 411 -38.17 -46.18 -37.33
CA GLU F 411 -37.57 -47.45 -37.05
C GLU F 411 -37.89 -47.74 -35.61
N THR F 412 -38.16 -49.00 -35.25
CA THR F 412 -38.26 -49.35 -33.83
C THR F 412 -36.82 -49.29 -33.29
N GLY F 413 -36.67 -49.05 -31.98
CA GLY F 413 -35.35 -48.82 -31.41
C GLY F 413 -35.19 -47.34 -31.13
N LYS F 414 -36.00 -46.54 -31.81
CA LYS F 414 -36.03 -45.11 -31.60
C LYS F 414 -37.06 -44.74 -30.59
N LEU F 415 -36.65 -43.91 -29.63
CA LEU F 415 -37.57 -43.32 -28.64
C LEU F 415 -38.69 -42.68 -29.45
N ALA F 416 -39.93 -42.80 -29.00
CA ALA F 416 -41.04 -42.48 -29.88
C ALA F 416 -41.23 -40.98 -30.04
N ASP F 417 -40.89 -40.51 -31.25
CA ASP F 417 -40.91 -39.10 -31.61
C ASP F 417 -41.57 -39.01 -32.98
N PHE F 418 -42.69 -38.28 -33.06
CA PHE F 418 -43.43 -38.11 -34.32
C PHE F 418 -44.56 -37.10 -34.20
N VAL F 419 -45.04 -36.64 -35.37
CA VAL F 419 -45.94 -35.47 -35.45
C VAL F 419 -47.21 -35.75 -36.25
N LEU F 420 -48.35 -35.34 -35.70
CA LEU F 420 -49.64 -35.51 -36.38
C LEU F 420 -50.05 -34.30 -37.21
N LEU F 421 -50.39 -34.53 -38.48
CA LEU F 421 -50.68 -33.48 -39.44
C LEU F 421 -52.12 -33.51 -39.98
N ASP F 422 -52.74 -32.35 -40.21
CA ASP F 422 -54.06 -32.34 -40.86
C ASP F 422 -54.02 -32.40 -42.40
N GLN F 423 -53.15 -31.65 -43.07
CA GLN F 423 -53.03 -31.76 -44.54
C GLN F 423 -51.68 -32.35 -44.94
N ASP F 424 -51.51 -32.71 -46.22
CA ASP F 424 -50.41 -33.64 -46.58
C ASP F 424 -49.10 -33.06 -47.12
N PRO F 425 -47.98 -33.37 -46.41
CA PRO F 425 -46.83 -32.57 -46.75
C PRO F 425 -46.34 -32.75 -48.18
N VAL F 426 -46.55 -33.92 -48.76
CA VAL F 426 -45.94 -34.23 -50.04
C VAL F 426 -46.42 -33.28 -51.12
N ASP F 427 -47.71 -33.05 -51.18
CA ASP F 427 -48.25 -32.14 -52.17
C ASP F 427 -48.22 -30.77 -51.52
N ASP F 428 -47.02 -30.35 -51.12
CA ASP F 428 -46.78 -28.95 -50.69
C ASP F 428 -45.65 -28.52 -49.68
N ILE F 429 -45.41 -29.29 -48.62
CA ILE F 429 -44.50 -29.01 -47.50
C ILE F 429 -44.78 -27.76 -46.72
N ARG F 430 -45.58 -26.86 -47.28
CA ARG F 430 -46.17 -25.76 -46.54
C ARG F 430 -47.04 -26.34 -45.48
N ASN F 431 -47.64 -27.48 -45.79
CA ASN F 431 -48.63 -28.07 -44.89
C ASN F 431 -48.03 -28.69 -43.63
N LEU F 432 -46.71 -28.79 -43.61
CA LEU F 432 -45.98 -29.20 -42.43
C LEU F 432 -46.42 -28.44 -41.17
N ARG F 433 -47.01 -27.26 -41.34
CA ARG F 433 -47.48 -26.47 -40.21
C ARG F 433 -48.73 -27.03 -39.57
N SER F 434 -49.34 -28.00 -40.24
CA SER F 434 -50.62 -28.53 -39.82
C SER F 434 -50.42 -29.56 -38.72
N ILE F 435 -50.87 -29.25 -37.51
CA ILE F 435 -50.64 -30.10 -36.35
C ILE F 435 -51.80 -30.10 -35.32
N THR F 436 -52.32 -31.28 -35.02
CA THR F 436 -53.20 -31.44 -33.85
C THR F 436 -52.54 -32.16 -32.66
N GLU F 437 -51.48 -32.94 -32.89
CA GLU F 437 -50.81 -33.67 -31.80
C GLU F 437 -49.34 -33.85 -32.10
N VAL F 438 -48.50 -33.68 -31.07
CA VAL F 438 -47.05 -33.91 -31.25
C VAL F 438 -46.54 -34.82 -30.16
N PHE F 439 -45.67 -35.75 -30.53
CA PHE F 439 -45.23 -36.76 -29.63
C PHE F 439 -43.72 -36.79 -29.44
N GLN F 440 -43.32 -36.70 -28.19
CA GLN F 440 -41.96 -37.07 -27.82
C GLN F 440 -42.12 -38.09 -26.70
N ALA F 441 -41.22 -39.06 -26.67
CA ALA F 441 -41.25 -40.09 -25.63
C ALA F 441 -42.54 -40.94 -25.68
N GLY F 442 -43.25 -40.89 -26.79
CA GLY F 442 -44.54 -41.54 -26.91
C GLY F 442 -45.65 -40.75 -26.25
N ALA F 443 -45.28 -39.82 -25.36
CA ALA F 443 -46.22 -39.03 -24.60
C ALA F 443 -46.59 -37.76 -25.37
N ALA F 444 -47.87 -37.41 -25.35
CA ALA F 444 -48.38 -36.26 -26.11
C ALA F 444 -48.01 -34.93 -25.47
N VAL F 445 -47.82 -33.90 -26.29
CA VAL F 445 -47.46 -32.57 -25.83
C VAL F 445 -48.70 -31.71 -25.64
N ASP F 446 -48.91 -31.22 -24.42
CA ASP F 446 -50.02 -30.34 -24.12
C ASP F 446 -49.62 -28.98 -24.65
N ARG F 447 -50.32 -28.54 -25.69
CA ARG F 447 -49.83 -27.44 -26.55
C ARG F 447 -50.24 -26.08 -26.03
N ALA F 448 -51.49 -25.92 -25.63
CA ALA F 448 -51.99 -24.63 -25.18
C ALA F 448 -51.11 -24.10 -24.05
N ALA F 449 -50.72 -25.00 -23.16
CA ALA F 449 -49.75 -24.66 -22.16
C ALA F 449 -48.39 -25.07 -22.66
N LEU F 450 -47.73 -24.12 -23.31
CA LEU F 450 -46.36 -24.22 -23.81
C LEU F 450 -46.17 -22.88 -24.54
N PRO F 451 -45.10 -22.13 -24.24
CA PRO F 451 -44.05 -22.41 -23.24
C PRO F 451 -44.67 -22.50 -21.83
N THR F 452 -44.17 -23.42 -21.01
CA THR F 452 -44.74 -23.60 -19.68
C THR F 452 -44.62 -22.32 -18.85
N THR F 453 -43.54 -21.57 -19.07
CA THR F 453 -43.32 -20.34 -18.35
C THR F 453 -42.86 -19.25 -19.30
N PRO F 454 -43.80 -18.46 -19.83
CA PRO F 454 -43.37 -17.28 -20.55
C PRO F 454 -42.47 -16.37 -19.68
N LEU F 455 -41.37 -15.98 -20.21
CA LEU F 455 -40.60 -15.02 -19.54
C LEU F 455 -39.98 -14.15 -20.58
N VAL F 456 -39.71 -14.70 -21.75
CA VAL F 456 -39.05 -13.93 -22.78
C VAL F 456 -40.02 -13.51 -23.87
N THR F 457 -41.14 -14.23 -23.98
CA THR F 457 -42.00 -14.04 -25.14
C THR F 457 -43.21 -13.14 -24.96
N ALA F 458 -43.37 -12.61 -23.77
CA ALA F 458 -44.62 -11.98 -23.35
C ALA F 458 -45.03 -10.79 -24.23
N HIS F 459 -46.33 -10.68 -24.49
CA HIS F 459 -46.90 -9.52 -25.17
C HIS F 459 -48.06 -8.92 -24.33
N PRO F 460 -47.84 -7.80 -23.65
CA PRO F 460 -46.50 -7.24 -23.58
C PRO F 460 -45.93 -7.45 -22.20
N SER G 2 5.53 14.45 -14.86
CA SER G 2 4.82 14.47 -13.57
C SER G 2 4.11 15.81 -13.30
N THR G 3 2.79 15.80 -13.33
CA THR G 3 2.02 16.83 -12.65
C THR G 3 2.29 18.26 -13.13
N ILE G 4 3.28 18.92 -12.53
CA ILE G 4 3.21 20.37 -12.17
C ILE G 4 2.88 21.38 -13.27
N ALA G 5 2.10 22.40 -12.86
CA ALA G 5 1.54 23.40 -13.75
C ALA G 5 1.39 24.79 -13.10
N ILE G 6 0.94 25.79 -13.88
CA ILE G 6 0.79 27.15 -13.38
C ILE G 6 -0.54 27.76 -13.79
N THR G 7 -1.02 28.72 -13.01
CA THR G 7 -2.30 29.39 -13.31
C THR G 7 -2.18 30.92 -13.48
N ASN G 8 -2.69 31.39 -14.61
CA ASN G 8 -2.93 32.81 -14.87
C ASN G 8 -1.70 33.69 -14.83
N VAL G 9 -0.56 33.09 -15.11
CA VAL G 9 0.69 33.83 -15.09
C VAL G 9 0.63 34.74 -16.29
N THR G 10 1.38 35.83 -16.20
CA THR G 10 1.49 36.77 -17.32
C THR G 10 2.90 36.60 -17.84
N LEU G 11 3.03 36.01 -19.03
CA LEU G 11 4.35 35.57 -19.51
C LEU G 11 4.86 36.33 -20.72
N ILE G 12 6.18 36.49 -20.73
CA ILE G 12 6.90 36.80 -21.95
C ILE G 12 7.27 35.49 -22.59
N ASP G 13 6.76 35.26 -23.80
CA ASP G 13 6.97 33.95 -24.48
C ASP G 13 8.46 33.71 -24.69
N GLY G 14 9.26 34.74 -24.50
CA GLY G 14 10.67 34.58 -24.53
C GLY G 14 11.16 34.65 -25.94
N LEU G 15 10.29 35.01 -26.87
CA LEU G 15 10.72 35.31 -28.23
C LEU G 15 10.63 36.77 -28.57
N GLY G 16 10.37 37.61 -27.56
CA GLY G 16 10.19 39.03 -27.82
C GLY G 16 8.79 39.31 -28.30
N GLY G 17 7.95 38.29 -28.32
CA GLY G 17 6.55 38.49 -28.58
C GLY G 17 5.91 39.24 -27.42
N LEU G 18 4.91 40.04 -27.73
CA LEU G 18 4.21 40.79 -26.71
C LEU G 18 4.04 39.87 -25.49
N PRO G 19 4.22 40.38 -24.27
CA PRO G 19 3.80 39.55 -23.16
C PRO G 19 2.28 39.42 -23.18
N ARG G 20 1.79 38.18 -23.05
CA ARG G 20 0.35 37.95 -22.99
C ARG G 20 0.05 37.65 -21.55
N PRO G 21 -0.74 38.52 -20.91
CA PRO G 21 -1.12 38.24 -19.52
C PRO G 21 -2.28 37.25 -19.40
N ALA G 22 -2.74 37.05 -18.17
CA ALA G 22 -3.80 36.11 -17.87
C ALA G 22 -3.54 34.76 -18.49
N THR G 23 -2.27 34.37 -18.55
CA THR G 23 -1.87 33.23 -19.38
C THR G 23 -1.30 32.14 -18.49
N THR G 24 -1.24 30.94 -19.05
CA THR G 24 -0.87 29.79 -18.27
C THR G 24 -0.08 28.75 -19.03
N VAL G 25 0.89 28.20 -18.31
CA VAL G 25 1.72 27.09 -18.72
C VAL G 25 1.28 25.85 -17.91
N ILE G 26 1.45 24.68 -18.51
CA ILE G 26 1.42 23.43 -17.76
C ILE G 26 2.60 22.64 -18.25
N VAL G 27 3.16 21.78 -17.41
CA VAL G 27 4.25 20.96 -17.89
C VAL G 27 4.46 19.64 -17.17
N GLU G 28 4.72 18.59 -17.96
CA GLU G 28 4.83 17.22 -17.45
C GLU G 28 6.24 16.67 -17.64
N GLY G 29 6.96 16.43 -16.54
CA GLY G 29 8.23 15.68 -16.62
C GLY G 29 9.26 16.41 -17.49
N ASP G 30 9.80 17.50 -16.95
CA ASP G 30 10.56 18.51 -17.71
C ASP G 30 9.73 18.90 -18.91
N ARG G 31 10.34 19.07 -20.06
CA ARG G 31 9.89 20.01 -21.11
C ARG G 31 8.40 20.41 -21.19
N PHE G 32 8.14 21.71 -21.44
CA PHE G 32 6.82 22.35 -21.30
C PHE G 32 5.69 21.58 -21.99
N ALA G 33 4.53 21.47 -21.35
CA ALA G 33 3.43 20.71 -21.94
C ALA G 33 2.65 21.53 -22.98
N THR G 34 1.78 22.42 -22.53
CA THR G 34 1.09 23.33 -23.46
C THR G 34 0.65 24.64 -22.80
N VAL G 35 0.72 25.72 -23.60
CA VAL G 35 0.73 27.09 -23.13
C VAL G 35 -0.36 27.93 -23.80
N GLY G 36 -0.65 29.08 -23.22
CA GLY G 36 -1.73 29.97 -23.66
C GLY G 36 -2.88 29.78 -22.70
N PRO G 37 -3.61 30.85 -22.38
CA PRO G 37 -4.87 30.62 -21.66
C PRO G 37 -6.00 30.32 -22.63
N SER G 38 -6.93 29.42 -22.27
CA SER G 38 -8.28 29.52 -22.80
C SER G 38 -9.22 30.07 -21.72
N ASP G 39 -8.63 30.54 -20.62
CA ASP G 39 -9.34 30.95 -19.38
C ASP G 39 -10.02 29.73 -18.80
N SER G 40 -9.88 28.61 -19.50
CA SER G 40 -9.57 27.40 -18.82
C SER G 40 -8.31 26.92 -19.50
N THR G 41 -7.25 26.91 -18.71
CA THR G 41 -6.10 26.11 -19.02
C THR G 41 -6.27 24.89 -18.17
N PRO G 42 -6.19 23.71 -18.78
CA PRO G 42 -6.51 22.53 -18.02
C PRO G 42 -5.77 22.41 -16.70
N VAL G 43 -6.38 21.75 -15.72
CA VAL G 43 -5.67 21.08 -14.65
C VAL G 43 -6.18 19.66 -14.86
N PRO G 44 -5.29 18.70 -15.19
CA PRO G 44 -5.80 17.33 -15.31
C PRO G 44 -5.78 16.60 -13.97
N GLU G 45 -6.18 17.33 -12.93
CA GLU G 45 -6.06 16.95 -11.53
C GLU G 45 -4.69 16.39 -11.16
N GLY G 46 -4.62 15.85 -9.94
CA GLY G 46 -3.35 15.38 -9.35
C GLY G 46 -2.28 16.45 -9.44
N ALA G 47 -2.71 17.67 -9.76
CA ALA G 47 -1.84 18.64 -10.42
C ALA G 47 -1.50 19.77 -9.49
N THR G 48 -0.28 20.31 -9.63
CA THR G 48 0.17 21.28 -8.66
C THR G 48 -0.59 22.55 -8.90
N VAL G 49 -1.39 22.95 -7.94
CA VAL G 49 -2.07 24.23 -8.00
C VAL G 49 -1.01 25.21 -7.52
N VAL G 50 -0.53 26.06 -8.44
CA VAL G 50 0.51 27.02 -8.08
C VAL G 50 0.11 28.33 -8.71
N ASP G 51 0.09 29.37 -7.89
CA ASP G 51 -0.50 30.66 -8.28
C ASP G 51 0.44 31.47 -9.17
N GLY G 52 -0.12 32.01 -10.25
CA GLY G 52 0.62 32.87 -11.17
C GLY G 52 0.25 34.34 -11.13
N ASN G 53 -0.78 34.69 -10.36
CA ASN G 53 -1.19 36.09 -10.25
C ASN G 53 -0.05 36.91 -9.69
N ARG G 54 -0.04 38.21 -10.01
CA ARG G 54 0.93 39.19 -9.47
C ARG G 54 2.41 38.98 -9.83
N ARG G 55 2.73 37.92 -10.56
CA ARG G 55 4.12 37.67 -11.00
C ARG G 55 4.25 37.22 -12.47
N TRP G 56 5.44 37.32 -13.03
CA TRP G 56 5.66 37.09 -14.47
C TRP G 56 6.43 35.82 -14.78
N MET G 57 6.16 35.24 -15.93
CA MET G 57 6.84 34.00 -16.36
C MET G 57 7.86 34.32 -17.41
N VAL G 58 9.12 34.21 -17.06
CA VAL G 58 10.21 34.47 -18.01
C VAL G 58 11.08 33.23 -18.13
N PRO G 59 11.55 32.95 -19.36
CA PRO G 59 12.36 31.75 -19.57
C PRO G 59 13.65 31.87 -18.80
N GLY G 60 14.23 30.73 -18.42
CA GLY G 60 15.46 30.69 -17.64
C GLY G 60 16.55 31.44 -18.37
N TYR G 61 17.50 32.01 -17.64
CA TYR G 61 18.58 32.76 -18.28
C TYR G 61 19.61 31.80 -18.80
N VAL G 62 20.02 32.00 -20.04
CA VAL G 62 21.10 31.23 -20.60
C VAL G 62 22.32 32.15 -20.79
N ASN G 63 23.33 31.95 -19.95
CA ASN G 63 24.53 32.74 -20.04
C ASN G 63 25.55 32.03 -20.95
N GLY G 64 25.81 32.61 -22.10
CA GLY G 64 26.59 31.97 -23.16
C GLY G 64 28.09 32.17 -23.05
N ASN G 65 28.46 32.92 -22.03
CA ASN G 65 29.84 32.98 -21.54
C ASN G 65 29.84 33.15 -20.03
N VAL G 66 30.59 32.25 -19.37
CA VAL G 66 31.04 32.48 -18.02
C VAL G 66 32.33 31.69 -17.90
N HIS G 67 32.92 31.70 -16.71
CA HIS G 67 34.05 30.84 -16.44
C HIS G 67 33.90 30.25 -15.06
N LEU G 68 33.68 28.96 -15.00
CA LEU G 68 33.31 28.33 -13.76
C LEU G 68 34.52 28.27 -12.83
N LEU G 69 35.71 28.33 -13.40
CA LEU G 69 36.93 28.46 -12.61
C LEU G 69 37.35 29.92 -12.56
N ASP G 70 36.52 30.80 -13.13
CA ASP G 70 36.75 32.25 -13.11
C ASP G 70 38.14 32.59 -13.65
N ALA G 71 38.24 32.56 -14.98
CA ALA G 71 39.51 32.84 -15.68
C ALA G 71 39.75 34.32 -15.82
N TRP G 72 38.74 35.12 -15.48
CA TRP G 72 38.84 36.57 -15.54
C TRP G 72 39.87 37.03 -14.52
N MET G 73 39.72 36.51 -13.30
CA MET G 73 40.61 36.80 -12.19
C MET G 73 42.05 36.34 -12.49
N PHE G 74 42.16 35.42 -13.43
CA PHE G 74 43.43 34.88 -13.86
C PHE G 74 44.26 35.85 -14.67
N MET G 75 43.64 36.56 -15.59
CA MET G 75 44.38 37.55 -16.33
C MET G 75 44.23 38.64 -15.38
N ALA G 76 45.32 39.12 -14.89
CA ALA G 76 45.38 39.46 -13.53
C ALA G 76 44.45 40.56 -13.30
N GLY G 77 43.93 40.55 -12.10
CA GLY G 77 44.65 40.50 -10.87
C GLY G 77 45.40 39.29 -10.34
N PRO G 78 46.07 39.60 -9.15
CA PRO G 78 46.63 38.46 -8.47
C PRO G 78 45.61 37.77 -7.57
N GLY G 79 46.00 36.69 -6.94
CA GLY G 79 45.07 35.88 -6.20
C GLY G 79 44.66 34.62 -6.91
N THR G 80 45.16 34.41 -8.09
CA THR G 80 45.16 33.12 -8.64
C THR G 80 46.08 32.19 -7.87
N ILE G 81 47.26 32.61 -7.51
CA ILE G 81 48.13 31.60 -6.96
C ILE G 81 47.52 30.88 -5.75
N GLU G 82 47.00 31.63 -4.82
CA GLU G 82 46.38 31.02 -3.67
C GLU G 82 45.11 30.25 -4.02
N TYR G 83 44.39 30.79 -4.98
CA TYR G 83 43.12 30.21 -5.36
C TYR G 83 43.29 28.82 -5.93
N LEU G 84 44.24 28.65 -6.82
CA LEU G 84 44.48 27.34 -7.40
C LEU G 84 45.08 26.35 -6.38
N ALA G 85 45.94 26.88 -5.49
CA ALA G 85 46.63 26.07 -4.49
C ALA G 85 45.66 25.36 -3.51
N ARG G 86 45.10 26.09 -2.56
CA ARG G 86 43.95 25.61 -1.80
C ARG G 86 42.84 25.51 -2.84
N TRP G 87 42.06 24.45 -2.78
CA TRP G 87 41.09 24.03 -3.83
C TRP G 87 41.62 23.04 -4.88
N GLU G 88 42.93 22.85 -5.01
CA GLU G 88 43.42 21.87 -6.00
C GLU G 88 43.05 20.46 -5.59
N GLY G 89 42.33 19.74 -6.44
CA GLY G 89 41.85 18.38 -6.08
C GLY G 89 40.44 18.42 -5.49
N ARG G 90 39.95 19.63 -5.19
CA ARG G 90 38.53 19.83 -5.03
C ARG G 90 37.92 20.62 -6.22
N TYR G 91 38.67 20.81 -7.31
CA TYR G 91 38.24 21.77 -8.36
C TYR G 91 36.81 21.62 -8.87
N VAL G 92 36.38 20.37 -8.98
CA VAL G 92 35.05 20.06 -9.46
C VAL G 92 33.94 20.74 -8.63
N GLU G 93 34.18 20.80 -7.33
CA GLU G 93 33.33 21.49 -6.36
C GLU G 93 33.32 23.00 -6.41
N VAL G 94 34.48 23.61 -6.58
CA VAL G 94 34.57 25.06 -6.67
C VAL G 94 33.85 25.58 -7.88
N ILE G 95 33.96 24.84 -8.96
CA ILE G 95 33.19 25.11 -10.16
C ILE G 95 31.69 24.94 -10.06
N GLU G 96 31.25 23.86 -9.45
CA GLU G 96 29.84 23.57 -9.34
C GLU G 96 29.20 24.64 -8.52
N GLU G 97 29.87 25.10 -7.48
CA GLU G 97 29.47 26.29 -6.75
C GLU G 97 29.39 27.47 -7.68
N ALA G 98 30.32 27.54 -8.61
CA ALA G 98 30.26 28.56 -9.62
C ALA G 98 28.98 28.41 -10.41
N ALA G 99 28.68 27.18 -10.78
CA ALA G 99 27.50 26.91 -11.59
C ALA G 99 26.20 27.27 -10.84
N GLN G 100 26.17 26.94 -9.55
CA GLN G 100 24.95 27.13 -8.78
C GLN G 100 24.58 28.59 -8.69
N LEU G 101 25.56 29.47 -8.48
CA LEU G 101 25.27 30.87 -8.27
C LEU G 101 24.70 31.52 -9.55
N ALA G 102 24.72 30.75 -10.66
CA ALA G 102 23.96 31.12 -11.84
C ALA G 102 22.47 30.77 -11.62
N LEU G 103 22.19 29.68 -10.93
CA LEU G 103 20.84 29.20 -10.72
C LEU G 103 20.09 30.09 -9.75
N ARG G 104 20.72 30.39 -8.61
CA ARG G 104 20.15 31.28 -7.60
C ARG G 104 19.68 32.58 -8.26
N ASN G 105 20.58 33.17 -9.05
CA ASN G 105 20.31 34.41 -9.75
C ASN G 105 19.69 34.15 -11.11
N GLY G 106 19.34 32.89 -11.34
CA GLY G 106 18.37 32.54 -12.36
C GLY G 106 18.87 31.86 -13.59
N VAL G 107 20.16 31.92 -13.85
CA VAL G 107 20.71 31.30 -15.06
C VAL G 107 20.58 29.77 -14.96
N THR G 108 19.79 29.19 -15.87
CA THR G 108 19.50 27.77 -15.81
C THR G 108 20.48 26.94 -16.64
N THR G 109 21.22 27.59 -17.52
CA THR G 109 22.11 26.88 -18.45
C THR G 109 23.34 27.74 -18.81
N VAL G 110 24.48 27.07 -18.94
CA VAL G 110 25.77 27.75 -19.03
C VAL G 110 26.67 27.05 -20.03
N PHE G 111 27.36 27.86 -20.82
CA PHE G 111 28.44 27.39 -21.65
C PHE G 111 29.73 28.03 -21.14
N ASP G 112 30.72 27.22 -20.81
CA ASP G 112 31.98 27.75 -20.36
C ASP G 112 32.99 27.79 -21.51
N THR G 113 33.33 29.01 -21.91
CA THR G 113 34.30 29.26 -22.98
C THR G 113 35.73 28.82 -22.64
N HIS G 114 36.18 29.09 -21.42
CA HIS G 114 37.54 28.74 -21.03
C HIS G 114 37.61 28.09 -19.67
N ASN G 115 38.09 26.84 -19.64
CA ASN G 115 38.22 26.08 -18.40
C ASN G 115 39.26 25.00 -18.52
N ALA G 116 39.34 24.16 -17.50
CA ALA G 116 40.11 22.91 -17.61
C ALA G 116 39.11 21.81 -17.89
N ILE G 117 39.34 21.06 -18.95
CA ILE G 117 38.39 20.04 -19.41
C ILE G 117 37.93 19.07 -18.30
N GLU G 118 38.85 18.63 -17.46
CA GLU G 118 38.58 17.55 -16.53
C GLU G 118 37.57 17.94 -15.41
N PRO G 119 37.88 18.97 -14.58
CA PRO G 119 36.93 19.25 -13.54
C PRO G 119 35.69 20.00 -14.03
N VAL G 120 35.72 20.62 -15.20
CA VAL G 120 34.51 21.24 -15.75
C VAL G 120 33.61 20.19 -16.41
N LEU G 121 34.19 19.22 -17.12
CA LEU G 121 33.39 18.15 -17.72
C LEU G 121 32.89 17.27 -16.63
N ALA G 122 33.75 16.96 -15.65
CA ALA G 122 33.31 16.14 -14.53
C ALA G 122 32.27 16.90 -13.73
N ALA G 123 32.31 18.24 -13.74
CA ALA G 123 31.24 19.06 -13.16
C ALA G 123 29.93 18.97 -13.94
N ARG G 124 30.04 18.99 -15.27
CA ARG G 124 28.89 18.80 -16.15
C ARG G 124 28.38 17.39 -16.11
N ASP G 125 29.30 16.44 -16.16
CA ASP G 125 28.92 15.03 -16.23
C ASP G 125 28.20 14.68 -14.94
N ARG G 126 28.63 15.32 -13.87
CA ARG G 126 27.99 15.25 -12.56
C ARG G 126 26.63 15.95 -12.48
N ILE G 127 26.47 17.13 -13.05
CA ILE G 127 25.18 17.79 -13.03
C ILE G 127 24.20 17.03 -13.88
N ASN G 128 24.63 16.72 -15.09
CA ASN G 128 23.78 16.18 -16.12
C ASN G 128 23.12 14.94 -15.59
N ALA G 129 23.81 14.29 -14.71
CA ALA G 129 23.34 13.14 -13.98
C ALA G 129 22.62 13.53 -12.75
N GLY G 130 22.46 14.82 -12.52
CA GLY G 130 21.71 15.26 -11.38
C GLY G 130 22.41 14.84 -10.12
N ILE G 131 23.68 14.51 -10.24
CA ILE G 131 24.47 14.11 -9.10
C ILE G 131 24.79 15.29 -8.25
N SER G 132 24.58 16.48 -8.79
CA SER G 132 24.87 17.72 -8.12
C SER G 132 24.00 18.84 -8.61
N GLN G 133 23.95 19.94 -7.87
CA GLN G 133 23.10 21.05 -8.26
C GLN G 133 23.92 22.08 -9.06
N GLY G 134 23.28 22.69 -10.07
CA GLY G 134 23.93 23.69 -10.90
C GLY G 134 23.17 23.99 -12.18
N ALA G 135 23.79 24.75 -13.07
CA ALA G 135 23.19 25.17 -14.34
C ALA G 135 23.83 24.39 -15.47
N ARG G 136 23.02 23.91 -16.40
CA ARG G 136 23.47 22.85 -17.32
C ARG G 136 24.68 23.38 -18.04
N ILE G 137 25.72 22.55 -18.14
CA ILE G 137 26.98 23.02 -18.74
C ILE G 137 27.30 22.23 -19.99
N PHE G 138 27.67 22.95 -21.03
CA PHE G 138 28.22 22.36 -22.23
C PHE G 138 29.71 22.70 -22.46
N ALA G 139 30.28 23.62 -21.68
CA ALA G 139 31.74 23.56 -21.41
C ALA G 139 32.71 23.38 -22.62
N ALA G 140 33.14 24.47 -23.23
CA ALA G 140 34.19 24.41 -24.27
C ALA G 140 35.48 23.73 -23.83
N GLY G 141 35.63 23.49 -22.52
CA GLY G 141 36.89 23.03 -22.00
C GLY G 141 37.83 24.22 -22.00
N THR G 142 39.06 24.02 -22.45
CA THR G 142 39.95 25.16 -22.60
C THR G 142 39.70 25.90 -23.92
N ILE G 143 40.57 26.85 -24.21
CA ILE G 143 40.59 27.55 -25.48
C ILE G 143 41.79 27.03 -26.23
N VAL G 144 41.67 26.94 -27.55
CA VAL G 144 42.72 26.38 -28.36
C VAL G 144 43.76 27.46 -28.67
N GLY G 145 44.98 27.24 -28.22
CA GLY G 145 46.05 28.23 -28.46
C GLY G 145 46.34 29.14 -27.30
N MET G 146 45.65 28.96 -26.20
CA MET G 146 45.76 29.85 -25.04
C MET G 146 46.12 29.02 -23.79
N GLY G 147 47.33 29.23 -23.32
CA GLY G 147 47.93 28.35 -22.35
C GLY G 147 47.84 28.80 -20.90
N GLY G 148 48.86 28.42 -20.14
CA GLY G 148 48.81 28.35 -18.69
C GLY G 148 48.24 29.56 -17.99
N PRO G 149 47.51 29.32 -16.88
CA PRO G 149 47.04 30.38 -15.97
C PRO G 149 48.23 31.17 -15.40
N PHE G 150 49.39 30.51 -15.32
CA PHE G 150 50.58 31.17 -14.83
C PHE G 150 51.58 31.62 -15.90
N SER G 151 51.26 31.39 -17.18
CA SER G 151 52.09 31.89 -18.26
C SER G 151 51.67 33.30 -18.59
N ALA G 152 52.15 33.84 -19.69
CA ALA G 152 51.47 35.00 -20.25
C ALA G 152 50.18 34.46 -20.80
N ASP G 153 49.27 35.41 -21.06
CA ASP G 153 47.80 35.19 -21.15
C ASP G 153 47.12 35.33 -19.80
N PHE G 154 47.72 34.87 -18.73
CA PHE G 154 47.00 34.93 -17.50
C PHE G 154 47.73 35.55 -16.30
N HIS G 155 48.35 34.74 -15.45
CA HIS G 155 49.08 35.34 -14.35
C HIS G 155 50.55 35.06 -14.55
N PHE G 156 51.20 36.02 -15.20
CA PHE G 156 52.55 35.85 -15.68
C PHE G 156 53.51 35.91 -14.51
N ALA G 157 53.41 36.99 -13.73
CA ALA G 157 53.99 36.98 -12.40
C ALA G 157 53.37 35.80 -11.68
N GLY G 158 54.19 34.97 -11.04
CA GLY G 158 53.68 33.69 -10.55
C GLY G 158 54.35 32.50 -11.21
N ARG G 159 55.16 32.75 -12.23
CA ARG G 159 56.14 31.74 -12.62
C ARG G 159 57.23 31.84 -11.60
N THR G 160 57.56 33.07 -11.25
CA THR G 160 58.62 33.40 -10.30
C THR G 160 58.14 33.49 -8.83
N ALA G 161 56.84 33.67 -8.62
CA ALA G 161 56.27 33.70 -7.26
C ALA G 161 55.95 32.31 -6.73
N ALA G 162 55.60 31.39 -7.63
CA ALA G 162 55.17 30.02 -7.26
C ALA G 162 56.22 29.03 -7.79
N THR G 163 56.30 27.84 -7.23
CA THR G 163 57.28 26.88 -7.67
C THR G 163 56.97 26.39 -9.07
N ARG G 164 57.98 25.86 -9.75
CA ARG G 164 57.83 25.36 -11.10
C ARG G 164 57.01 24.12 -11.17
N THR G 165 57.19 23.24 -10.18
CA THR G 165 56.38 22.01 -10.08
C THR G 165 54.93 22.37 -10.10
N PHE G 166 54.57 23.29 -9.20
CA PHE G 166 53.18 23.72 -9.04
C PHE G 166 52.65 24.34 -10.33
N VAL G 167 53.37 25.34 -10.81
CA VAL G 167 53.01 26.00 -12.05
C VAL G 167 52.98 25.01 -13.24
N ASP G 168 53.98 24.16 -13.33
CA ASP G 168 54.01 23.15 -14.41
C ASP G 168 52.87 22.12 -14.29
N ARG G 169 52.49 21.81 -13.05
CA ARG G 169 51.46 20.84 -12.86
C ARG G 169 50.12 21.43 -13.32
N ILE G 170 49.82 22.65 -12.85
CA ILE G 170 48.57 23.33 -13.21
C ILE G 170 48.56 23.70 -14.68
N ASP G 171 49.69 24.19 -15.19
CA ASP G 171 49.72 24.68 -16.55
C ASP G 171 49.25 23.55 -17.47
N SER G 172 49.68 22.33 -17.19
CA SER G 172 49.24 21.18 -17.96
C SER G 172 47.75 20.88 -17.75
N MET G 173 47.25 21.24 -16.58
CA MET G 173 45.87 20.96 -16.24
C MET G 173 44.93 21.63 -17.21
N PHE G 174 45.32 22.83 -17.65
CA PHE G 174 44.51 23.65 -18.53
C PHE G 174 44.84 23.43 -20.01
N GLU G 175 46.10 23.58 -20.36
CA GLU G 175 46.56 23.44 -21.77
C GLU G 175 46.06 22.19 -22.51
N ALA G 176 45.83 21.12 -21.77
CA ALA G 176 45.52 19.80 -22.35
C ALA G 176 46.68 19.42 -23.26
N GLY G 177 46.40 18.88 -24.45
CA GLY G 177 47.46 18.65 -25.42
C GLY G 177 47.57 19.83 -26.34
N VAL G 178 46.61 20.72 -26.14
CA VAL G 178 46.41 21.89 -27.00
C VAL G 178 47.12 23.09 -26.41
N GLY G 179 46.69 24.30 -26.68
CA GLY G 179 47.28 25.41 -25.97
C GLY G 179 48.37 26.16 -26.70
N HIS G 180 49.26 26.77 -25.91
CA HIS G 180 50.20 27.77 -26.38
C HIS G 180 50.94 27.35 -27.64
N GLN G 181 51.59 26.20 -27.58
CA GLN G 181 52.39 25.73 -28.67
C GLN G 181 51.37 25.43 -29.69
N LEU G 182 51.79 25.12 -30.90
CA LEU G 182 50.95 24.86 -32.04
C LEU G 182 50.98 26.12 -32.76
N SER G 183 51.44 27.16 -32.12
CA SER G 183 51.80 28.31 -32.89
C SER G 183 52.94 27.86 -33.80
N LEU G 184 53.83 27.05 -33.19
CA LEU G 184 54.96 26.38 -33.83
C LEU G 184 54.74 25.16 -34.76
N LEU G 185 53.90 24.21 -34.36
CA LEU G 185 53.70 22.98 -35.09
C LEU G 185 53.25 23.21 -36.53
N PRO G 186 53.77 22.40 -37.48
CA PRO G 186 53.18 22.34 -38.80
C PRO G 186 51.74 21.89 -38.65
N ARG G 187 50.84 22.45 -39.43
CA ARG G 187 49.42 22.32 -39.14
C ARG G 187 48.84 20.92 -39.28
N LYS G 188 49.45 20.09 -40.12
CA LYS G 188 48.93 18.73 -40.34
C LYS G 188 49.23 17.84 -39.16
N GLU G 189 50.25 18.19 -38.38
CA GLU G 189 50.43 17.57 -37.07
C GLU G 189 49.63 18.29 -35.99
N VAL G 190 49.27 19.55 -36.24
CA VAL G 190 48.30 20.23 -35.36
C VAL G 190 46.96 19.53 -35.52
N ARG G 191 46.68 19.09 -36.73
CA ARG G 191 45.50 18.31 -37.05
C ARG G 191 45.29 17.16 -36.03
N ALA G 192 46.38 16.47 -35.73
CA ALA G 192 46.40 15.41 -34.74
C ALA G 192 45.86 15.90 -33.40
N ARG G 193 46.40 17.03 -32.93
CA ARG G 193 46.22 17.44 -31.54
C ARG G 193 45.08 18.37 -31.29
N VAL G 194 44.39 18.83 -32.34
CA VAL G 194 43.07 19.43 -32.15
C VAL G 194 42.09 18.27 -32.08
N ARG G 195 42.33 17.26 -32.89
CA ARG G 195 41.46 16.10 -33.03
C ARG G 195 41.51 15.19 -31.80
N ASP G 196 42.69 14.98 -31.25
CA ASP G 196 42.79 14.25 -29.99
C ASP G 196 41.95 14.95 -28.94
N TYR G 197 41.95 16.28 -29.04
CA TYR G 197 41.20 17.15 -28.16
C TYR G 197 39.71 17.03 -28.31
N LEU G 198 39.24 16.96 -29.55
CA LEU G 198 37.79 16.88 -29.80
C LEU G 198 37.18 15.62 -29.25
N SER G 199 37.90 14.53 -29.39
CA SER G 199 37.40 13.24 -29.02
C SER G 199 37.21 13.15 -27.54
N ARG G 200 37.84 14.03 -26.80
CA ARG G 200 37.74 14.02 -25.34
C ARG G 200 36.35 14.31 -24.84
N GLY G 201 35.60 15.19 -25.50
CA GLY G 201 34.23 15.50 -25.05
C GLY G 201 33.89 16.95 -24.64
N VAL G 202 34.66 17.92 -25.11
CA VAL G 202 34.17 19.28 -25.21
C VAL G 202 32.88 19.26 -26.03
N ASP G 203 31.89 20.05 -25.68
CA ASP G 203 30.67 20.11 -26.48
C ASP G 203 30.82 21.09 -27.62
N MET G 204 31.97 21.76 -27.66
CA MET G 204 32.26 22.80 -28.65
C MET G 204 33.76 23.07 -28.74
N LEU G 205 34.16 23.92 -29.66
CA LEU G 205 35.59 24.26 -29.81
C LEU G 205 35.85 25.76 -29.97
N LYS G 206 36.62 26.31 -29.04
CA LYS G 206 36.94 27.73 -29.06
C LYS G 206 38.42 27.94 -29.35
N ILE G 207 38.71 28.44 -30.54
CA ILE G 207 40.08 28.77 -30.95
C ILE G 207 40.38 30.24 -30.61
N ALA G 208 41.59 30.53 -30.17
CA ALA G 208 41.93 31.91 -29.96
C ALA G 208 42.68 32.40 -31.18
N VAL G 209 41.99 33.16 -32.04
CA VAL G 209 42.51 33.60 -33.33
C VAL G 209 43.70 34.48 -33.06
N SER G 210 43.55 35.26 -32.00
CA SER G 210 44.54 36.26 -31.62
C SER G 210 44.93 36.10 -30.15
N ASP G 211 45.98 36.82 -29.76
CA ASP G 211 46.68 36.59 -28.51
C ASP G 211 45.81 36.83 -27.25
N HIS G 212 46.32 36.38 -26.12
CA HIS G 212 45.92 36.88 -24.84
C HIS G 212 47.01 37.72 -24.18
N ILE G 213 48.14 37.86 -24.84
CA ILE G 213 49.26 38.61 -24.27
C ILE G 213 48.88 40.06 -23.97
N VAL G 214 47.76 40.49 -24.57
CA VAL G 214 47.26 41.86 -24.42
C VAL G 214 47.31 42.34 -22.98
N PHE G 215 46.98 41.47 -22.04
CA PHE G 215 46.96 41.91 -20.62
C PHE G 215 48.15 41.57 -19.75
N THR G 216 49.11 40.80 -20.23
CA THR G 216 50.41 40.70 -19.54
C THR G 216 51.57 40.86 -20.51
N LEU G 217 52.21 42.04 -20.56
CA LEU G 217 51.77 43.28 -19.90
C LEU G 217 50.43 43.83 -20.42
N VAL G 218 49.75 44.62 -19.60
CA VAL G 218 48.54 45.31 -20.03
C VAL G 218 48.79 46.32 -21.17
N ASP G 219 49.81 47.17 -21.09
CA ASP G 219 50.27 47.90 -19.90
C ASP G 219 50.80 49.28 -20.24
N ARG G 220 50.82 50.13 -19.23
CA ARG G 220 51.37 51.49 -19.20
C ARG G 220 50.41 52.61 -19.53
N SER G 221 49.18 52.28 -19.89
CA SER G 221 48.15 53.33 -20.07
C SER G 221 48.20 54.03 -21.45
N VAL G 222 49.05 53.56 -22.35
CA VAL G 222 48.75 53.76 -23.77
C VAL G 222 47.72 52.66 -23.99
N GLY G 223 46.45 53.09 -24.07
CA GLY G 223 45.31 52.28 -23.62
C GLY G 223 44.92 51.16 -24.56
N PHE G 224 45.86 50.78 -25.42
CA PHE G 224 45.67 49.90 -26.55
C PHE G 224 47.03 49.42 -27.04
N ASP G 225 47.19 49.24 -28.35
CA ASP G 225 48.50 49.25 -29.08
C ASP G 225 49.15 47.95 -29.62
N ARG G 226 48.74 46.77 -29.22
CA ARG G 226 49.25 45.53 -29.88
C ARG G 226 48.31 44.36 -29.75
N SER G 227 48.26 43.53 -30.79
CA SER G 227 47.32 42.37 -30.82
C SER G 227 48.00 41.05 -31.11
N TYR G 228 48.65 40.97 -32.28
CA TYR G 228 49.13 39.68 -32.86
C TYR G 228 48.04 38.66 -33.23
N GLN G 229 48.52 37.48 -33.59
CA GLN G 229 47.69 36.38 -34.02
C GLN G 229 48.46 35.07 -33.83
N THR G 230 47.80 34.08 -33.22
CA THR G 230 48.49 32.86 -32.85
C THR G 230 48.66 31.82 -34.00
N PHE G 231 47.62 31.61 -34.80
CA PHE G 231 47.77 30.66 -35.89
C PHE G 231 47.74 31.34 -37.25
N SER G 232 48.15 30.57 -38.26
CA SER G 232 48.07 31.01 -39.61
C SER G 232 46.71 30.57 -40.10
N ARG G 233 46.11 31.37 -40.97
CA ARG G 233 44.78 31.08 -41.51
C ARG G 233 44.57 29.63 -42.01
N PRO G 234 45.54 29.07 -42.79
CA PRO G 234 45.32 27.69 -43.20
C PRO G 234 45.18 26.73 -42.02
N VAL G 235 45.66 27.12 -40.84
CA VAL G 235 45.45 26.36 -39.61
C VAL G 235 44.05 26.63 -39.04
N LEU G 236 43.60 27.87 -39.16
CA LEU G 236 42.23 28.22 -38.77
C LEU G 236 41.22 27.41 -39.57
N GLU G 237 41.36 27.49 -40.89
CA GLU G 237 40.51 26.72 -41.82
C GLU G 237 40.66 25.22 -41.62
N VAL G 238 41.82 24.78 -41.15
CA VAL G 238 41.99 23.40 -40.74
C VAL G 238 41.22 23.13 -39.43
N MET G 239 41.47 23.99 -38.44
CA MET G 239 40.88 23.84 -37.12
C MET G 239 39.34 23.78 -37.15
N VAL G 240 38.74 24.55 -38.05
CA VAL G 240 37.29 24.61 -38.15
C VAL G 240 36.70 23.36 -38.82
N GLU G 241 37.40 22.83 -39.82
CA GLU G 241 37.02 21.58 -40.47
C GLU G 241 36.78 20.50 -39.44
N GLU G 242 37.79 20.23 -38.61
CA GLU G 242 37.72 19.23 -37.54
C GLU G 242 36.57 19.55 -36.59
N ALA G 243 36.47 20.81 -36.19
CA ALA G 243 35.37 21.25 -35.35
C ALA G 243 34.02 20.94 -35.97
N ARG G 244 33.93 20.98 -37.30
CA ARG G 244 32.68 20.68 -37.98
C ARG G 244 32.25 19.21 -37.85
N ALA G 245 33.11 18.27 -38.29
CA ALA G 245 32.70 16.87 -38.37
C ALA G 245 32.37 16.22 -37.04
N ALA G 246 33.05 16.62 -35.98
CA ALA G 246 32.71 16.11 -34.64
C ALA G 246 31.40 16.74 -34.16
N GLY G 247 30.88 17.68 -34.95
CA GLY G 247 29.52 18.20 -34.74
C GLY G 247 29.45 19.35 -33.75
N VAL G 248 30.61 19.88 -33.36
CA VAL G 248 30.65 20.88 -32.31
C VAL G 248 30.60 22.29 -32.85
N PRO G 249 29.92 23.21 -32.15
CA PRO G 249 29.96 24.64 -32.46
C PRO G 249 31.38 25.19 -32.43
N VAL G 250 31.66 26.16 -33.28
CA VAL G 250 32.99 26.75 -33.29
C VAL G 250 32.94 28.16 -32.75
N LEU G 251 33.74 28.42 -31.72
CA LEU G 251 33.73 29.70 -31.00
C LEU G 251 35.06 30.40 -31.20
N THR G 252 35.08 31.71 -31.07
CA THR G 252 36.27 32.46 -31.50
C THR G 252 36.62 33.65 -30.58
N HIS G 253 37.88 33.74 -30.23
CA HIS G 253 38.30 34.81 -29.40
C HIS G 253 38.90 35.81 -30.33
N SER G 254 38.46 37.05 -30.18
CA SER G 254 38.89 38.14 -31.06
C SER G 254 39.12 39.44 -30.29
N VAL G 255 40.33 39.95 -30.32
CA VAL G 255 40.64 41.23 -29.67
C VAL G 255 41.14 42.35 -30.61
N SER G 256 41.06 42.18 -31.91
CA SER G 256 41.55 43.21 -32.83
C SER G 256 40.60 43.45 -34.01
N VAL G 257 40.74 44.60 -34.63
CA VAL G 257 39.89 44.92 -35.74
C VAL G 257 40.17 43.89 -36.76
N GLU G 258 41.45 43.66 -36.98
CA GLU G 258 41.89 42.45 -37.63
C GLU G 258 41.56 41.33 -36.65
N ALA G 259 41.27 40.15 -37.17
CA ALA G 259 40.96 38.99 -36.34
C ALA G 259 39.48 38.88 -35.95
N LEU G 260 38.65 39.82 -36.38
CA LEU G 260 37.21 39.58 -36.35
C LEU G 260 36.76 39.28 -37.76
N ASP G 261 37.26 40.06 -38.71
CA ASP G 261 37.01 39.77 -40.10
C ASP G 261 37.57 38.38 -40.34
N THR G 262 38.70 38.13 -39.73
CA THR G 262 39.33 36.83 -39.78
C THR G 262 38.50 35.77 -39.10
N SER G 263 37.90 36.14 -37.98
CA SER G 263 37.09 35.20 -37.21
C SER G 263 35.77 34.82 -37.91
N VAL G 264 35.14 35.79 -38.56
CA VAL G 264 33.87 35.53 -39.23
C VAL G 264 34.03 34.64 -40.46
N GLU G 265 35.12 34.82 -41.20
CA GLU G 265 35.27 34.19 -42.51
C GLU G 265 35.30 32.69 -42.39
N LEU G 266 35.81 32.23 -41.28
CA LEU G 266 35.90 30.84 -41.05
C LEU G 266 34.47 30.24 -41.00
N GLY G 267 33.53 31.01 -40.51
CA GLY G 267 32.19 30.48 -40.31
C GLY G 267 31.88 30.18 -38.88
N ALA G 268 32.66 30.77 -37.99
CA ALA G 268 32.43 30.56 -36.59
C ALA G 268 31.03 31.01 -36.27
N ASP G 269 30.30 30.18 -35.53
CA ASP G 269 28.91 30.48 -35.19
C ASP G 269 28.86 31.62 -34.18
N VAL G 270 29.76 31.58 -33.20
CA VAL G 270 29.69 32.50 -32.11
C VAL G 270 30.98 33.32 -32.03
N LEU G 271 30.85 34.64 -31.91
CA LEU G 271 32.04 35.49 -31.67
C LEU G 271 32.04 36.07 -30.28
N ILE G 272 32.89 35.50 -29.45
CA ILE G 272 33.09 36.02 -28.10
C ILE G 272 34.01 37.21 -28.29
N HIS G 273 34.08 38.05 -27.27
CA HIS G 273 34.92 39.25 -27.30
C HIS G 273 34.69 39.96 -28.62
N ALA G 274 33.42 40.01 -29.02
CA ALA G 274 33.06 40.49 -30.38
C ALA G 274 33.28 41.98 -30.57
N ASN G 275 32.93 42.77 -29.55
CA ASN G 275 33.06 44.22 -29.65
C ASN G 275 34.47 44.75 -29.32
N TYR G 276 35.30 43.91 -28.71
CA TYR G 276 36.63 44.31 -28.28
C TYR G 276 37.57 44.44 -29.44
N THR G 277 37.78 45.62 -29.93
CA THR G 277 38.69 45.80 -31.06
C THR G 277 40.01 46.49 -30.70
N LEU G 278 40.15 46.91 -29.44
CA LEU G 278 41.40 47.41 -28.90
C LEU G 278 41.98 48.60 -29.67
N GLY G 279 41.40 49.76 -29.40
CA GLY G 279 41.90 51.05 -29.91
C GLY G 279 41.17 51.53 -31.12
N GLN G 280 40.13 50.82 -31.48
CA GLN G 280 39.47 51.02 -32.77
C GLN G 280 38.00 50.67 -32.73
N GLU G 281 37.24 51.45 -33.52
CA GLU G 281 35.83 51.16 -33.74
C GLU G 281 35.72 50.17 -34.90
N ILE G 282 34.67 49.34 -34.85
CA ILE G 282 34.48 48.34 -35.89
C ILE G 282 34.13 49.07 -37.19
N PRO G 283 34.76 48.67 -38.27
CA PRO G 283 34.50 49.21 -39.57
C PRO G 283 33.15 48.87 -40.05
N ASN G 284 32.54 49.77 -40.82
CA ASN G 284 31.25 49.49 -41.37
C ASN G 284 31.38 48.31 -42.30
N TYR G 285 32.53 48.21 -42.94
CA TYR G 285 32.78 47.16 -43.89
C TYR G 285 32.49 45.85 -43.18
N LEU G 286 32.96 45.76 -41.94
CA LEU G 286 32.58 44.72 -41.00
C LEU G 286 31.14 44.81 -40.54
N ILE G 287 30.68 45.98 -40.12
CA ILE G 287 29.37 46.00 -39.50
C ILE G 287 28.44 45.35 -40.51
N ASP G 288 28.93 45.20 -41.70
CA ASP G 288 28.15 44.62 -42.76
C ASP G 288 28.44 43.16 -42.91
N LYS G 289 29.69 42.80 -42.73
CA LYS G 289 30.10 41.40 -42.86
C LYS G 289 29.41 40.60 -41.79
N ILE G 290 29.24 41.20 -40.62
CA ILE G 290 28.56 40.54 -39.52
C ILE G 290 27.07 40.44 -39.83
N VAL G 291 26.42 41.58 -40.00
CA VAL G 291 24.97 41.63 -40.24
C VAL G 291 24.52 40.73 -41.39
N ALA G 292 25.32 40.66 -42.44
CA ALA G 292 24.99 39.80 -43.61
C ALA G 292 25.33 38.33 -43.44
N SER G 293 26.53 38.04 -43.01
CA SER G 293 27.04 36.65 -42.98
C SER G 293 26.69 35.99 -41.67
N ASP G 294 26.35 34.70 -41.72
CA ASP G 294 25.53 34.15 -40.68
C ASP G 294 26.35 33.73 -39.49
N SER G 295 26.36 34.61 -38.49
CA SER G 295 27.19 34.44 -37.31
C SER G 295 26.67 35.34 -36.20
N TRP G 296 26.95 34.92 -34.97
CA TRP G 296 26.44 35.59 -33.79
C TRP G 296 27.56 36.37 -33.10
N ALA G 297 27.25 37.54 -32.58
CA ALA G 297 28.25 38.38 -31.93
C ALA G 297 27.97 38.43 -30.43
N GLY G 298 28.96 38.08 -29.63
CA GLY G 298 28.83 38.23 -28.20
C GLY G 298 29.29 39.61 -27.79
N LEU G 299 28.57 40.24 -26.87
CA LEU G 299 28.99 41.54 -26.38
C LEU G 299 29.01 41.58 -24.87
N GLN G 300 30.03 42.22 -24.32
CA GLN G 300 30.21 42.28 -22.86
C GLN G 300 30.26 43.72 -22.39
N THR G 301 29.39 44.10 -21.46
CA THR G 301 29.27 45.53 -21.16
C THR G 301 29.04 45.88 -19.70
N VAL G 302 29.23 47.18 -19.47
CA VAL G 302 29.32 47.75 -18.16
C VAL G 302 28.22 48.82 -18.00
N HIS G 303 27.85 49.10 -16.76
CA HIS G 303 26.85 50.11 -16.42
C HIS G 303 27.38 51.47 -16.81
N ASP G 304 26.46 52.42 -16.94
CA ASP G 304 26.84 53.80 -17.13
C ASP G 304 27.17 54.46 -15.78
N GLN G 305 26.63 53.91 -14.70
CA GLN G 305 27.02 54.34 -13.35
C GLN G 305 28.20 53.51 -12.79
N HIS G 306 28.47 52.36 -13.39
CA HIS G 306 29.69 51.61 -13.11
C HIS G 306 30.84 52.07 -14.01
N ARG G 307 30.50 52.54 -15.20
CA ARG G 307 31.51 52.91 -16.20
C ARG G 307 32.41 53.98 -15.66
N GLN G 308 31.82 54.94 -14.93
CA GLN G 308 32.52 56.13 -14.51
C GLN G 308 33.07 55.90 -13.12
N GLY G 309 32.72 54.76 -12.54
CA GLY G 309 33.38 54.29 -11.33
C GLY G 309 34.76 53.73 -11.65
N LEU G 310 34.80 52.88 -12.67
CA LEU G 310 36.04 52.28 -13.15
C LEU G 310 36.99 53.35 -13.62
N GLU G 311 36.44 54.35 -14.31
CA GLU G 311 37.23 55.48 -14.81
C GLU G 311 37.75 56.30 -13.60
N ASP G 312 36.87 56.56 -12.63
CA ASP G 312 37.19 57.36 -11.43
C ASP G 312 38.37 56.84 -10.63
N VAL G 313 38.20 55.68 -10.00
CA VAL G 313 39.29 55.07 -9.22
C VAL G 313 40.39 54.56 -10.16
N GLY G 314 40.15 54.64 -11.47
CA GLY G 314 41.17 54.31 -12.45
C GLY G 314 41.47 52.84 -12.43
N SER G 315 40.43 52.04 -12.59
CA SER G 315 40.46 50.61 -12.31
C SER G 315 41.34 49.78 -13.24
N TRP G 316 41.79 50.37 -14.36
CA TRP G 316 42.53 49.62 -15.40
C TRP G 316 41.69 48.46 -15.97
N ALA G 317 40.41 48.44 -15.64
CA ALA G 317 39.42 47.68 -16.40
C ALA G 317 38.65 48.66 -17.29
N ALA G 318 38.83 49.94 -17.01
CA ALA G 318 37.99 51.01 -17.52
C ALA G 318 38.23 51.29 -18.97
N ALA G 319 39.35 50.78 -19.49
CA ALA G 319 39.66 50.91 -20.91
C ALA G 319 38.55 50.24 -21.75
N LEU G 320 38.09 49.10 -21.27
CA LEU G 320 36.94 48.43 -21.88
C LEU G 320 35.63 49.18 -21.66
N ALA G 321 35.37 49.64 -20.44
CA ALA G 321 34.14 50.37 -20.17
C ALA G 321 34.12 51.63 -20.98
N GLY G 322 35.28 52.29 -21.03
CA GLY G 322 35.44 53.56 -21.71
C GLY G 322 35.65 53.57 -23.21
N GLU G 323 35.46 54.73 -23.81
CA GLU G 323 35.89 54.95 -25.19
C GLU G 323 35.12 54.17 -26.28
N PRO G 324 35.83 53.29 -27.09
CA PRO G 324 35.14 52.98 -28.35
C PRO G 324 34.29 51.73 -28.37
N TYR G 325 34.12 51.12 -27.22
CA TYR G 325 33.39 49.87 -27.07
C TYR G 325 31.93 49.99 -27.16
N ALA G 326 31.42 51.09 -26.67
CA ALA G 326 29.97 51.32 -26.65
C ALA G 326 29.51 51.76 -28.02
N THR G 327 30.21 52.76 -28.55
CA THR G 327 29.93 53.28 -29.88
C THR G 327 30.27 52.18 -30.88
N ASN G 328 31.10 51.25 -30.46
CA ASN G 328 31.36 50.01 -31.17
C ASN G 328 30.31 48.92 -30.83
N GLU G 329 29.88 48.88 -29.56
CA GLU G 329 28.76 48.00 -29.13
C GLU G 329 27.47 48.27 -29.87
N ARG G 330 27.06 49.52 -29.75
CA ARG G 330 25.75 49.96 -30.21
C ARG G 330 25.65 49.71 -31.69
N ASN G 331 26.70 50.09 -32.43
CA ASN G 331 26.68 50.00 -33.88
C ASN G 331 26.42 48.60 -34.41
N LEU G 332 26.58 47.60 -33.55
CA LEU G 332 26.12 46.25 -33.84
C LEU G 332 24.65 46.08 -33.47
N ILE G 333 24.23 46.71 -32.38
CA ILE G 333 22.80 46.68 -32.00
C ILE G 333 21.99 47.52 -32.98
N SER G 334 22.46 48.73 -33.25
CA SER G 334 21.74 49.67 -34.11
C SER G 334 22.00 49.46 -35.59
N ALA G 335 22.79 48.45 -35.92
CA ALA G 335 22.84 47.97 -37.30
C ALA G 335 22.01 46.69 -37.44
N ASN G 336 21.46 46.28 -36.33
CA ASN G 336 20.64 45.13 -36.24
C ASN G 336 21.39 43.83 -36.45
N ALA G 337 22.43 43.59 -35.65
CA ALA G 337 23.21 42.37 -35.74
C ALA G 337 22.53 41.34 -34.86
N LYS G 338 23.02 40.11 -34.88
CA LYS G 338 22.45 39.07 -34.02
C LYS G 338 23.42 38.88 -32.84
N ILE G 339 23.06 39.43 -31.69
CA ILE G 339 24.01 39.52 -30.57
C ILE G 339 23.71 38.44 -29.54
N LEU G 340 24.51 38.39 -28.50
CA LEU G 340 24.44 37.29 -27.52
C LEU G 340 24.87 37.75 -26.12
N LEU G 341 24.33 37.11 -25.09
CA LEU G 341 24.74 37.47 -23.73
C LEU G 341 26.09 36.80 -23.45
N ASN G 342 27.14 37.61 -23.46
CA ASN G 342 28.48 37.14 -23.21
C ASN G 342 29.07 37.95 -22.07
N THR G 343 29.36 37.33 -20.95
CA THR G 343 30.14 38.02 -19.92
C THR G 343 31.13 37.06 -19.37
N ASP G 344 32.42 37.35 -19.47
CA ASP G 344 33.42 36.52 -18.80
C ASP G 344 33.16 36.68 -17.32
N ALA G 345 33.27 35.62 -16.55
CA ALA G 345 32.88 35.74 -15.16
C ALA G 345 32.98 34.39 -14.46
N GLY G 346 32.91 34.44 -13.14
CA GLY G 346 33.12 33.29 -12.29
C GLY G 346 33.29 33.85 -10.89
N CYS G 347 33.29 32.98 -9.91
CA CYS G 347 33.46 33.40 -8.52
C CYS G 347 34.87 33.94 -8.31
N PRO G 348 35.02 35.19 -7.73
CA PRO G 348 36.41 35.58 -7.46
C PRO G 348 36.79 35.35 -6.01
N SER G 349 38.07 35.37 -5.76
CA SER G 349 38.54 35.17 -4.42
C SER G 349 37.81 36.15 -3.51
N LYS G 350 37.36 35.68 -2.34
CA LYS G 350 36.71 36.56 -1.41
C LYS G 350 37.67 37.69 -1.12
N ASP G 351 38.95 37.40 -1.28
CA ASP G 351 40.01 38.40 -1.16
C ASP G 351 40.14 39.33 -2.36
N HIS G 352 40.17 38.76 -3.55
CA HIS G 352 40.29 39.55 -4.78
C HIS G 352 39.08 40.49 -4.90
N LEU G 353 37.94 40.06 -4.37
CA LEU G 353 36.81 40.95 -4.18
C LEU G 353 37.19 42.08 -3.21
N ALA G 354 37.94 41.72 -2.18
CA ALA G 354 38.18 42.59 -1.03
C ALA G 354 39.14 43.71 -1.35
N ASP G 355 40.14 43.42 -2.17
CA ASP G 355 41.10 44.46 -2.53
C ASP G 355 40.38 45.55 -3.32
N LEU G 356 39.36 45.14 -4.10
CA LEU G 356 38.58 46.06 -4.93
C LEU G 356 37.93 47.16 -4.11
N SER G 357 37.76 48.31 -4.72
CA SER G 357 36.96 49.40 -4.20
C SER G 357 35.49 48.99 -4.03
N PRO G 358 34.78 49.68 -3.13
CA PRO G 358 33.34 49.43 -3.00
C PRO G 358 32.56 49.93 -4.25
N VAL G 359 33.18 50.76 -5.09
CA VAL G 359 32.57 51.14 -6.36
C VAL G 359 32.56 49.92 -7.29
N GLU G 360 33.72 49.31 -7.45
CA GLU G 360 33.91 48.18 -8.35
C GLU G 360 33.07 47.01 -7.94
N ARG G 361 32.94 46.84 -6.64
CA ARG G 361 32.11 45.83 -5.97
C ARG G 361 30.59 45.85 -6.12
N GLU G 362 29.96 47.01 -6.02
CA GLU G 362 28.54 47.20 -6.31
C GLU G 362 28.37 47.22 -7.81
N ASP G 363 27.36 46.51 -8.31
CA ASP G 363 27.07 46.55 -9.74
C ASP G 363 28.07 45.80 -10.58
N ARG G 364 28.88 44.97 -9.95
CA ARG G 364 29.99 44.37 -10.64
C ARG G 364 29.57 43.45 -11.77
N PRO G 365 30.09 43.72 -12.96
CA PRO G 365 29.86 42.94 -14.17
C PRO G 365 30.41 41.51 -14.12
N TRP G 366 31.51 41.29 -13.39
CA TRP G 366 32.28 40.06 -13.53
C TRP G 366 32.02 38.95 -12.53
N THR G 367 31.01 39.11 -11.69
CA THR G 367 30.49 38.00 -10.83
C THR G 367 29.56 37.03 -11.62
N ILE G 368 29.57 35.77 -11.26
CA ILE G 368 28.70 34.79 -11.90
C ILE G 368 27.20 35.06 -11.63
N GLY G 369 26.86 35.54 -10.44
CA GLY G 369 25.46 35.82 -10.11
C GLY G 369 24.93 37.08 -10.78
N ASN G 370 25.68 38.16 -10.66
CA ASN G 370 25.23 39.49 -11.07
C ASN G 370 25.35 39.78 -12.58
N ASP G 371 26.23 39.03 -13.27
CA ASP G 371 26.65 39.42 -14.59
C ASP G 371 25.58 39.51 -15.68
N HIS G 372 24.53 38.72 -15.60
CA HIS G 372 23.49 38.82 -16.62
C HIS G 372 22.54 39.97 -16.32
N PHE G 373 22.23 40.16 -15.04
CA PHE G 373 21.45 41.33 -14.60
C PHE G 373 22.16 42.58 -15.08
N HIS G 374 23.43 42.65 -14.79
CA HIS G 374 24.28 43.71 -15.31
C HIS G 374 24.17 43.81 -16.82
N TRP G 375 24.33 42.70 -17.51
CA TRP G 375 24.42 42.67 -18.96
C TRP G 375 23.14 43.17 -19.62
N THR G 376 21.99 42.62 -19.21
CA THR G 376 20.71 43.01 -19.79
C THR G 376 20.42 44.47 -19.55
N GLN G 377 20.69 44.91 -18.32
CA GLN G 377 20.57 46.30 -17.93
C GLN G 377 21.36 47.20 -18.83
N SER G 378 22.69 47.03 -18.83
CA SER G 378 23.59 47.84 -19.63
C SER G 378 23.22 47.82 -21.12
N MET G 379 22.81 46.68 -21.61
CA MET G 379 22.54 46.50 -23.02
C MET G 379 21.34 47.32 -23.51
N VAL G 380 20.40 47.58 -22.63
CA VAL G 380 19.29 48.46 -22.95
C VAL G 380 19.76 49.93 -22.89
N GLU G 381 20.71 50.19 -21.99
CA GLU G 381 21.33 51.51 -21.87
C GLU G 381 22.18 51.84 -23.10
N LYS G 382 22.52 50.82 -23.87
CA LYS G 382 23.16 51.00 -25.15
C LYS G 382 22.11 51.01 -26.24
N GLY G 383 20.84 51.13 -25.85
CA GLY G 383 19.74 51.16 -26.79
C GLY G 383 19.24 49.81 -27.26
N MET G 384 18.68 49.04 -26.32
CA MET G 384 17.95 47.85 -26.70
C MET G 384 16.47 48.02 -26.40
N SER G 385 15.68 47.01 -26.77
CA SER G 385 14.30 46.91 -26.32
C SER G 385 14.26 45.82 -25.27
N PRO G 386 13.83 46.14 -24.03
CA PRO G 386 13.93 45.21 -22.90
C PRO G 386 13.43 43.85 -23.27
N LEU G 387 12.29 43.80 -23.94
CA LEU G 387 11.69 42.55 -24.39
C LEU G 387 12.62 41.81 -25.36
N GLU G 388 13.30 42.58 -26.22
CA GLU G 388 14.28 42.04 -27.14
C GLU G 388 15.62 41.65 -26.53
N ALA G 389 16.09 42.40 -25.54
CA ALA G 389 17.36 42.08 -24.86
C ALA G 389 17.29 40.73 -24.13
N ILE G 390 16.17 40.43 -23.48
CA ILE G 390 16.02 39.15 -22.85
C ILE G 390 15.99 38.03 -23.90
N SER G 391 15.64 38.37 -25.12
CA SER G 391 15.84 37.49 -26.23
C SER G 391 17.32 37.20 -26.32
N ALA G 392 18.12 38.22 -26.07
CA ALA G 392 19.59 38.06 -26.05
C ALA G 392 20.05 37.15 -24.90
N ALA G 393 19.37 37.28 -23.76
CA ALA G 393 19.59 36.43 -22.62
C ALA G 393 19.18 34.99 -22.82
N THR G 394 18.10 34.76 -23.57
CA THR G 394 17.52 33.41 -23.61
C THR G 394 17.62 32.63 -24.94
N ILE G 395 16.84 32.99 -25.94
CA ILE G 395 16.78 32.22 -27.16
C ILE G 395 18.08 32.34 -27.92
N ASN G 396 18.52 33.60 -28.07
CA ASN G 396 19.71 33.95 -28.84
C ASN G 396 20.91 33.07 -28.51
N VAL G 397 21.20 32.89 -27.23
CA VAL G 397 22.34 32.08 -26.86
C VAL G 397 22.11 30.62 -27.27
N ALA G 398 20.92 30.12 -27.05
CA ALA G 398 20.56 28.78 -27.50
C ALA G 398 20.78 28.58 -29.00
N ARG G 399 20.19 29.47 -29.79
CA ARG G 399 20.27 29.39 -31.25
C ARG G 399 21.71 29.51 -31.74
N ALA G 400 22.58 30.12 -30.95
CA ALA G 400 23.98 30.23 -31.33
C ALA G 400 24.63 28.86 -31.39
N TYR G 401 24.55 28.14 -30.26
CA TYR G 401 25.14 26.81 -30.18
C TYR G 401 24.20 25.81 -30.81
N GLY G 402 23.00 26.27 -31.17
CA GLY G 402 22.01 25.46 -31.89
C GLY G 402 21.05 24.77 -30.96
N LYS G 403 20.97 25.26 -29.72
CA LYS G 403 20.21 24.62 -28.66
C LYS G 403 18.74 25.00 -28.64
N ALA G 404 18.30 25.83 -29.60
CA ALA G 404 16.93 26.39 -29.59
C ALA G 404 15.87 25.35 -29.39
N ASP G 405 16.01 24.18 -30.02
CA ASP G 405 15.01 23.10 -29.88
C ASP G 405 15.03 22.48 -28.49
N GLN G 406 16.07 22.78 -27.72
CA GLN G 406 16.20 22.27 -26.36
C GLN G 406 15.79 23.36 -25.35
N ILE G 407 16.52 24.46 -25.33
CA ILE G 407 16.29 25.53 -24.34
C ILE G 407 16.02 26.85 -24.99
N GLY G 408 15.56 27.80 -24.20
CA GLY G 408 15.34 29.13 -24.72
C GLY G 408 14.10 29.75 -24.16
N SER G 409 13.36 30.35 -25.09
CA SER G 409 12.00 30.83 -24.93
C SER G 409 11.13 29.75 -24.30
N VAL G 410 10.06 30.16 -23.63
CA VAL G 410 9.09 29.20 -23.19
C VAL G 410 8.10 28.99 -24.35
N GLU G 411 8.30 27.87 -25.05
CA GLU G 411 7.39 27.37 -26.05
C GLU G 411 7.11 25.93 -25.68
N THR G 412 6.27 25.27 -26.46
CA THR G 412 5.95 23.87 -26.22
C THR G 412 7.07 22.94 -26.66
N GLY G 413 7.26 21.86 -25.92
CA GLY G 413 8.21 20.82 -26.32
C GLY G 413 9.69 21.12 -26.04
N LYS G 414 9.93 22.27 -25.41
CA LYS G 414 11.24 22.73 -25.00
C LYS G 414 11.48 22.38 -23.55
N LEU G 415 12.74 22.39 -23.13
CA LEU G 415 13.08 22.00 -21.77
C LEU G 415 12.37 22.91 -20.76
N ALA G 416 11.87 22.34 -19.69
CA ALA G 416 11.05 23.16 -18.80
C ALA G 416 11.95 23.88 -17.84
N ASP G 417 12.30 25.09 -18.26
CA ASP G 417 13.17 26.00 -17.52
C ASP G 417 12.57 27.37 -17.64
N PHE G 418 12.35 28.05 -16.52
CA PHE G 418 11.70 29.35 -16.55
C PHE G 418 11.91 30.08 -15.23
N VAL G 419 11.44 31.33 -15.15
CA VAL G 419 11.54 32.11 -13.92
C VAL G 419 10.28 32.94 -13.67
N LEU G 420 9.91 33.09 -12.40
CA LEU G 420 8.73 33.83 -12.00
C LEU G 420 9.11 35.06 -11.18
N LEU G 421 8.67 36.25 -11.60
CA LEU G 421 9.13 37.50 -10.98
C LEU G 421 8.01 38.42 -10.52
N ASP G 422 8.21 39.04 -9.37
CA ASP G 422 7.26 40.03 -8.84
C ASP G 422 7.04 41.20 -9.79
N GLN G 423 8.06 42.04 -10.01
CA GLN G 423 7.92 43.20 -10.89
C GLN G 423 8.08 42.82 -12.36
N ASP G 424 8.15 43.81 -13.22
CA ASP G 424 8.03 43.61 -14.67
C ASP G 424 9.33 43.89 -15.45
N PRO G 425 9.79 42.90 -16.23
CA PRO G 425 10.88 43.07 -17.21
C PRO G 425 10.54 44.08 -18.30
N VAL G 426 9.32 44.01 -18.83
CA VAL G 426 8.91 44.84 -19.96
C VAL G 426 8.95 46.31 -19.60
N ASP G 427 8.57 46.63 -18.36
CA ASP G 427 8.68 47.99 -17.85
C ASP G 427 10.14 48.30 -17.52
N ASP G 428 10.75 47.45 -16.71
CA ASP G 428 12.17 47.61 -16.38
C ASP G 428 12.90 46.27 -16.41
N ILE G 429 13.90 46.19 -17.30
CA ILE G 429 14.65 44.96 -17.49
C ILE G 429 15.41 44.55 -16.23
N ARG G 430 15.84 45.54 -15.44
CA ARG G 430 16.61 45.26 -14.23
C ARG G 430 15.77 44.47 -13.21
N ASN G 431 14.46 44.57 -13.32
CA ASN G 431 13.56 43.96 -12.35
C ASN G 431 13.31 42.52 -12.73
N LEU G 432 14.10 42.04 -13.69
CA LEU G 432 14.32 40.61 -13.87
C LEU G 432 15.01 40.06 -12.62
N ARG G 433 15.50 40.97 -11.78
CA ARG G 433 16.05 40.60 -10.51
C ARG G 433 15.04 39.99 -9.54
N SER G 434 13.82 40.51 -9.49
CA SER G 434 12.98 40.14 -8.37
C SER G 434 12.28 38.81 -8.61
N ILE G 435 12.91 37.74 -8.11
CA ILE G 435 12.47 36.37 -8.34
C ILE G 435 11.70 35.88 -7.12
N THR G 436 10.81 34.95 -7.33
CA THR G 436 10.17 34.21 -6.24
C THR G 436 10.48 32.72 -6.41
N GLU G 437 10.11 32.16 -7.56
CA GLU G 437 10.40 30.76 -7.88
C GLU G 437 11.31 30.57 -9.10
N VAL G 438 12.20 29.57 -9.01
CA VAL G 438 13.04 29.18 -10.14
C VAL G 438 12.92 27.68 -10.40
N PHE G 439 12.71 27.32 -11.67
CA PHE G 439 12.49 25.90 -12.03
C PHE G 439 13.42 25.43 -13.15
N GLN G 440 14.23 24.41 -12.88
CA GLN G 440 15.01 23.80 -13.93
C GLN G 440 14.68 22.31 -14.05
N ALA G 441 14.39 21.88 -15.28
CA ALA G 441 13.98 20.49 -15.57
C ALA G 441 12.70 20.05 -14.83
N GLY G 442 11.67 20.87 -14.90
CA GLY G 442 10.39 20.55 -14.24
C GLY G 442 10.52 20.46 -12.73
N ALA G 443 11.59 21.04 -12.21
CA ALA G 443 11.94 20.89 -10.82
C ALA G 443 12.19 22.24 -10.14
N ALA G 444 11.58 22.42 -8.98
CA ALA G 444 11.84 23.55 -8.12
C ALA G 444 13.26 23.43 -7.56
N VAL G 445 13.86 24.59 -7.28
CA VAL G 445 15.17 24.63 -6.67
C VAL G 445 15.05 25.23 -5.31
N ASP G 446 15.71 24.63 -4.34
CA ASP G 446 15.72 25.18 -2.99
C ASP G 446 16.62 26.39 -3.09
N ARG G 447 16.03 27.59 -3.02
CA ARG G 447 16.76 28.79 -3.45
C ARG G 447 17.74 29.24 -2.38
N ALA G 448 17.57 28.72 -1.17
CA ALA G 448 18.42 29.09 -0.06
C ALA G 448 19.67 28.21 0.14
N ALA G 449 19.65 27.00 -0.39
CA ALA G 449 20.68 26.02 -0.09
C ALA G 449 21.97 26.32 -0.88
N LEU G 450 21.84 26.99 -2.03
CA LEU G 450 22.93 27.12 -2.96
C LEU G 450 23.95 28.13 -2.42
N PRO G 451 25.25 27.78 -2.39
CA PRO G 451 25.82 26.63 -3.03
C PRO G 451 26.09 25.36 -2.22
N THR G 452 25.11 24.77 -1.53
CA THR G 452 25.33 23.45 -0.90
C THR G 452 26.68 23.39 -0.12
N THR G 453 27.73 22.82 -0.72
CA THR G 453 29.05 22.91 -0.13
C THR G 453 29.75 24.18 -0.63
N PRO G 454 29.82 25.24 0.20
CA PRO G 454 30.51 26.45 -0.19
C PRO G 454 32.03 26.38 0.07
N LEU G 455 32.84 26.88 -0.86
CA LEU G 455 34.29 26.91 -0.70
C LEU G 455 34.78 28.35 -0.85
N VAL G 456 34.80 28.86 -2.09
CA VAL G 456 35.18 30.23 -2.38
C VAL G 456 34.27 31.23 -1.68
N THR G 457 32.99 30.86 -1.50
CA THR G 457 31.99 31.77 -0.93
C THR G 457 32.00 31.81 0.58
N ALA G 458 32.78 30.96 1.24
CA ALA G 458 32.54 30.74 2.67
C ALA G 458 33.01 31.95 3.42
N HIS G 459 32.07 32.62 4.08
CA HIS G 459 32.33 33.94 4.64
C HIS G 459 32.21 34.00 6.15
N PRO G 460 33.33 34.31 6.83
CA PRO G 460 34.63 34.67 6.25
C PRO G 460 35.41 33.48 5.70
N SER H 2 -5.07 -39.70 -16.03
CA SER H 2 -4.90 -38.67 -14.95
C SER H 2 -3.66 -39.01 -14.11
N THR H 3 -3.51 -40.29 -13.80
CA THR H 3 -2.45 -40.80 -12.97
C THR H 3 -2.43 -40.17 -11.58
N ILE H 4 -3.38 -40.55 -10.73
CA ILE H 4 -3.30 -40.26 -9.31
C ILE H 4 -2.32 -41.24 -8.71
N ALA H 5 -1.49 -40.73 -7.82
CA ALA H 5 -0.59 -41.52 -7.00
C ALA H 5 -0.82 -41.38 -5.49
N ILE H 6 -1.06 -42.50 -4.83
CA ILE H 6 -1.17 -42.52 -3.37
C ILE H 6 0.18 -42.94 -2.82
N THR H 7 0.79 -42.12 -1.98
CA THR H 7 2.15 -42.41 -1.50
C THR H 7 2.38 -42.44 -0.03
N ASN H 8 2.96 -43.53 0.44
CA ASN H 8 3.37 -43.63 1.81
C ASN H 8 2.22 -43.48 2.75
N VAL H 9 1.10 -43.95 2.26
CA VAL H 9 -0.08 -44.05 3.11
C VAL H 9 -0.08 -45.38 3.88
N THR H 10 -0.38 -45.32 5.17
CA THR H 10 -0.73 -46.53 5.92
C THR H 10 -2.09 -46.94 5.38
N LEU H 11 -2.22 -48.18 4.90
CA LEU H 11 -3.39 -48.54 4.09
C LEU H 11 -4.14 -49.78 4.59
N ILE H 12 -5.44 -49.61 4.74
CA ILE H 12 -6.34 -50.69 5.06
C ILE H 12 -6.96 -51.20 3.78
N ASP H 13 -6.62 -52.46 3.50
CA ASP H 13 -6.88 -53.10 2.23
C ASP H 13 -8.34 -52.90 1.81
N GLY H 14 -9.24 -52.84 2.79
CA GLY H 14 -10.65 -52.92 2.51
C GLY H 14 -11.02 -54.38 2.53
N LEU H 15 -10.01 -55.21 2.54
CA LEU H 15 -10.15 -56.60 2.98
C LEU H 15 -9.96 -56.63 4.50
N GLY H 16 -9.96 -57.82 5.07
CA GLY H 16 -10.21 -57.95 6.51
C GLY H 16 -9.12 -58.41 7.44
N GLY H 17 -7.90 -57.99 7.15
CA GLY H 17 -6.80 -58.22 8.03
C GLY H 17 -5.60 -57.36 7.67
N LEU H 18 -4.99 -56.80 8.71
CA LEU H 18 -3.71 -56.15 8.63
C LEU H 18 -3.65 -54.98 7.72
N PRO H 19 -3.95 -53.79 8.26
CA PRO H 19 -3.64 -52.67 7.41
C PRO H 19 -2.18 -52.78 7.00
N ARG H 20 -1.88 -52.15 5.87
CA ARG H 20 -0.65 -52.35 5.14
C ARG H 20 0.10 -51.05 5.30
N PRO H 21 0.91 -50.94 6.37
CA PRO H 21 1.47 -49.64 6.66
C PRO H 21 2.54 -49.23 5.66
N ALA H 22 2.77 -47.92 5.59
CA ALA H 22 3.82 -47.36 4.76
C ALA H 22 3.79 -47.88 3.29
N THR H 23 2.58 -48.05 2.75
CA THR H 23 2.38 -48.50 1.36
C THR H 23 2.31 -47.38 0.33
N THR H 24 1.98 -47.76 -0.89
CA THR H 24 1.76 -46.80 -1.93
C THR H 24 0.78 -47.29 -2.99
N VAL H 25 -0.13 -46.43 -3.43
CA VAL H 25 -1.16 -46.83 -4.40
C VAL H 25 -1.14 -45.97 -5.67
N ILE H 26 -1.33 -46.62 -6.82
CA ILE H 26 -1.36 -45.94 -8.05
C ILE H 26 -2.70 -46.08 -8.72
N VAL H 27 -3.22 -45.00 -9.28
CA VAL H 27 -4.49 -45.00 -9.97
C VAL H 27 -4.35 -44.36 -11.34
N GLU H 28 -4.86 -44.99 -12.39
CA GLU H 28 -4.95 -44.30 -13.66
C GLU H 28 -6.37 -44.32 -14.18
N GLY H 29 -7.05 -43.17 -14.05
CA GLY H 29 -8.33 -42.92 -14.69
C GLY H 29 -9.37 -44.01 -14.57
N ASP H 30 -9.89 -44.26 -13.35
CA ASP H 30 -10.95 -45.29 -13.12
C ASP H 30 -10.39 -46.68 -13.42
N ARG H 31 -10.31 -47.47 -12.36
CA ARG H 31 -9.55 -48.71 -12.31
C ARG H 31 -8.19 -48.51 -11.60
N PHE H 32 -7.92 -49.34 -10.62
CA PHE H 32 -6.69 -49.32 -9.87
C PHE H 32 -5.55 -49.85 -10.71
N ALA H 33 -4.32 -49.53 -10.32
CA ALA H 33 -3.12 -50.13 -10.90
C ALA H 33 -1.98 -50.27 -9.88
N THR H 34 -1.19 -51.33 -10.01
CA THR H 34 0.15 -51.40 -9.43
C THR H 34 0.34 -51.01 -7.95
N VAL H 35 -0.12 -51.85 -7.01
CA VAL H 35 0.07 -51.56 -5.56
C VAL H 35 1.06 -52.48 -4.80
N GLY H 36 2.04 -51.87 -4.17
CA GLY H 36 2.92 -52.57 -3.23
C GLY H 36 3.66 -51.56 -2.37
N PRO H 37 4.05 -51.95 -1.11
CA PRO H 37 4.85 -50.96 -0.39
C PRO H 37 6.17 -50.65 -1.07
N SER H 38 6.88 -51.69 -1.54
CA SER H 38 8.13 -51.53 -2.32
C SER H 38 9.01 -50.54 -1.55
N ASP H 39 9.43 -49.48 -2.23
CA ASP H 39 9.73 -48.21 -1.58
C ASP H 39 8.53 -47.31 -1.82
N SER H 40 8.21 -47.16 -3.10
CA SER H 40 6.99 -46.48 -3.59
C SER H 40 6.36 -47.53 -4.50
N THR H 41 6.14 -47.22 -5.78
CA THR H 41 5.98 -48.33 -6.72
C THR H 41 6.77 -48.35 -8.07
N PRO H 42 7.46 -47.26 -8.45
CA PRO H 42 7.35 -45.88 -8.04
C PRO H 42 6.48 -45.06 -9.00
N VAL H 43 6.39 -43.75 -8.73
CA VAL H 43 5.53 -42.80 -9.42
C VAL H 43 5.93 -42.73 -10.90
N PRO H 44 4.93 -42.58 -11.83
CA PRO H 44 5.18 -42.53 -13.28
C PRO H 44 5.82 -41.28 -13.85
N GLU H 45 5.96 -40.22 -13.05
CA GLU H 45 6.49 -38.91 -13.51
C GLU H 45 5.39 -38.04 -14.20
N GLY H 46 4.90 -37.02 -13.48
CA GLY H 46 3.86 -36.12 -13.98
C GLY H 46 2.51 -36.42 -13.37
N ALA H 47 2.52 -37.30 -12.38
CA ALA H 47 1.32 -37.69 -11.67
C ALA H 47 0.96 -36.64 -10.64
N THR H 48 -0.14 -36.87 -9.94
CA THR H 48 -0.46 -36.06 -8.76
C THR H 48 0.10 -36.76 -7.53
N VAL H 49 0.99 -36.10 -6.81
CA VAL H 49 1.38 -36.59 -5.49
C VAL H 49 0.25 -36.22 -4.51
N VAL H 50 -0.03 -37.10 -3.58
CA VAL H 50 -0.95 -36.77 -2.49
C VAL H 50 -0.24 -37.18 -1.21
N ASP H 51 -0.07 -36.22 -0.30
CA ASP H 51 0.83 -36.42 0.84
C ASP H 51 0.13 -37.38 1.79
N GLY H 52 0.73 -38.57 1.91
CA GLY H 52 0.06 -39.72 2.52
C GLY H 52 0.53 -40.16 3.90
N ASN H 53 1.63 -39.60 4.40
CA ASN H 53 2.06 -39.98 5.73
C ASN H 53 1.13 -39.35 6.72
N ARG H 54 0.90 -40.08 7.80
CA ARG H 54 -0.10 -39.76 8.83
C ARG H 54 -1.52 -40.15 8.36
N ARG H 55 -1.65 -40.63 7.13
CA ARG H 55 -3.00 -40.86 6.59
C ARG H 55 -3.27 -42.28 6.10
N TRP H 56 -4.56 -42.60 6.00
CA TRP H 56 -5.01 -43.98 5.80
C TRP H 56 -5.65 -44.19 4.44
N MET H 57 -5.67 -45.43 3.99
CA MET H 57 -6.39 -45.75 2.73
C MET H 57 -7.54 -46.67 3.08
N VAL H 58 -8.75 -46.21 2.81
CA VAL H 58 -9.91 -47.05 2.95
C VAL H 58 -10.68 -47.03 1.64
N PRO H 59 -11.25 -48.16 1.24
CA PRO H 59 -12.12 -48.13 0.08
C PRO H 59 -13.35 -47.31 0.40
N GLY H 60 -13.91 -46.65 -0.61
CA GLY H 60 -15.11 -45.87 -0.39
C GLY H 60 -16.20 -46.79 0.15
N TYR H 61 -16.96 -46.32 1.12
CA TYR H 61 -17.98 -47.16 1.75
C TYR H 61 -19.02 -47.61 0.74
N VAL H 62 -19.59 -48.78 0.95
CA VAL H 62 -20.60 -49.32 0.07
C VAL H 62 -21.80 -49.86 0.87
N ASN H 63 -23.00 -49.32 0.58
CA ASN H 63 -24.19 -49.56 1.39
C ASN H 63 -25.12 -50.53 0.73
N GLY H 64 -25.38 -51.66 1.38
CA GLY H 64 -26.17 -52.73 0.80
C GLY H 64 -27.68 -52.54 0.76
N ASN H 65 -28.16 -51.62 1.57
CA ASN H 65 -29.58 -51.29 1.57
C ASN H 65 -29.77 -49.81 1.79
N VAL H 66 -30.43 -49.15 0.84
CA VAL H 66 -30.98 -47.78 1.01
C VAL H 66 -32.17 -47.64 0.06
N HIS H 67 -32.98 -46.62 0.27
CA HIS H 67 -33.97 -46.26 -0.72
C HIS H 67 -33.91 -44.76 -0.91
N LEU H 68 -33.63 -44.33 -2.12
CA LEU H 68 -33.26 -42.95 -2.31
C LEU H 68 -34.38 -42.03 -1.94
N LEU H 69 -35.56 -42.33 -2.44
CA LEU H 69 -36.71 -41.53 -2.12
C LEU H 69 -37.08 -42.05 -0.78
N ASP H 70 -37.11 -41.17 0.21
CA ASP H 70 -36.98 -41.61 1.58
C ASP H 70 -38.14 -42.47 1.97
N ALA H 71 -37.86 -43.75 2.26
CA ALA H 71 -38.95 -44.73 2.47
C ALA H 71 -39.19 -45.04 3.92
N TRP H 72 -38.26 -44.66 4.79
CA TRP H 72 -38.44 -45.00 6.21
C TRP H 72 -39.51 -44.08 6.76
N MET H 73 -39.51 -42.87 6.24
CA MET H 73 -40.49 -41.91 6.58
C MET H 73 -41.83 -42.48 6.24
N PHE H 74 -41.90 -43.08 5.08
CA PHE H 74 -43.19 -43.51 4.56
C PHE H 74 -43.79 -44.45 5.56
N MET H 75 -42.96 -45.21 6.22
CA MET H 75 -43.45 -46.22 7.08
C MET H 75 -44.37 -45.65 8.09
N ALA H 76 -43.93 -44.56 8.71
CA ALA H 76 -44.59 -44.16 9.94
C ALA H 76 -46.05 -44.02 9.59
N GLY H 77 -46.32 -43.29 8.50
CA GLY H 77 -45.45 -42.26 7.97
C GLY H 77 -46.25 -40.97 7.88
N PRO H 78 -45.96 -39.93 8.76
CA PRO H 78 -46.54 -38.66 8.40
C PRO H 78 -45.46 -37.75 7.84
N GLY H 79 -45.73 -37.14 6.70
CA GLY H 79 -44.78 -36.23 6.03
C GLY H 79 -44.64 -36.61 4.57
N THR H 80 -45.02 -37.84 4.27
CA THR H 80 -45.00 -38.34 2.91
C THR H 80 -45.79 -37.40 2.01
N ILE H 81 -47.02 -37.11 2.38
CA ILE H 81 -47.89 -36.38 1.49
C ILE H 81 -47.29 -35.04 0.97
N GLU H 82 -46.85 -34.20 1.91
CA GLU H 82 -46.21 -32.94 1.54
C GLU H 82 -44.92 -33.22 0.76
N TYR H 83 -44.15 -34.21 1.20
CA TYR H 83 -42.86 -34.56 0.60
C TYR H 83 -42.97 -35.01 -0.86
N LEU H 84 -43.91 -35.89 -1.16
CA LEU H 84 -44.04 -36.42 -2.54
C LEU H 84 -44.82 -35.47 -3.44
N ALA H 85 -45.44 -34.46 -2.84
CA ALA H 85 -46.22 -33.46 -3.55
C ALA H 85 -45.28 -32.37 -4.05
N ARG H 86 -44.67 -31.63 -3.12
CA ARG H 86 -43.47 -30.83 -3.47
C ARG H 86 -42.49 -31.88 -3.97
N TRP H 87 -41.61 -31.51 -4.86
CA TRP H 87 -40.65 -32.50 -5.42
C TRP H 87 -41.30 -33.57 -6.25
N GLU H 88 -42.49 -33.28 -6.75
CA GLU H 88 -43.04 -34.10 -7.83
C GLU H 88 -42.53 -33.46 -9.12
N GLY H 89 -41.84 -34.25 -9.93
CA GLY H 89 -41.20 -33.75 -11.12
C GLY H 89 -39.72 -33.51 -10.96
N ARG H 90 -39.27 -33.33 -9.72
CA ARG H 90 -37.81 -33.30 -9.43
C ARG H 90 -37.27 -34.61 -8.85
N TYR H 91 -38.10 -35.66 -8.84
CA TYR H 91 -37.72 -36.97 -8.24
C TYR H 91 -36.32 -37.46 -8.64
N VAL H 92 -36.01 -37.32 -9.92
CA VAL H 92 -34.73 -37.76 -10.44
C VAL H 92 -33.59 -36.96 -9.81
N GLU H 93 -33.82 -35.67 -9.56
CA GLU H 93 -32.86 -34.86 -8.79
C GLU H 93 -33.09 -34.93 -7.28
N VAL H 94 -34.28 -35.30 -6.85
CA VAL H 94 -34.57 -35.48 -5.43
C VAL H 94 -33.74 -36.63 -4.91
N ILE H 95 -33.71 -37.68 -5.72
CA ILE H 95 -32.98 -38.89 -5.43
C ILE H 95 -31.48 -38.63 -5.42
N GLU H 96 -31.00 -37.90 -6.44
CA GLU H 96 -29.59 -37.64 -6.60
C GLU H 96 -29.00 -36.97 -5.37
N GLU H 97 -29.74 -36.01 -4.81
CA GLU H 97 -29.25 -35.29 -3.66
C GLU H 97 -29.14 -36.20 -2.46
N ALA H 98 -30.10 -37.13 -2.33
CA ALA H 98 -30.02 -38.15 -1.30
C ALA H 98 -28.82 -39.06 -1.59
N ALA H 99 -28.59 -39.36 -2.87
CA ALA H 99 -27.47 -40.19 -3.27
C ALA H 99 -26.13 -39.47 -3.05
N GLN H 100 -26.10 -38.17 -3.30
CA GLN H 100 -24.86 -37.40 -3.20
C GLN H 100 -24.42 -37.15 -1.77
N LEU H 101 -25.37 -36.90 -0.88
CA LEU H 101 -25.09 -36.72 0.56
C LEU H 101 -24.39 -37.97 1.12
N ALA H 102 -24.62 -39.10 0.47
CA ALA H 102 -23.94 -40.33 0.80
C ALA H 102 -22.47 -40.25 0.37
N LEU H 103 -22.24 -39.91 -0.90
CA LEU H 103 -20.88 -39.78 -1.41
C LEU H 103 -20.09 -38.76 -0.62
N ARG H 104 -20.76 -37.68 -0.23
CA ARG H 104 -20.16 -36.65 0.61
C ARG H 104 -19.55 -37.26 1.87
N ASN H 105 -20.28 -38.19 2.48
CA ASN H 105 -19.84 -38.83 3.72
C ASN H 105 -18.95 -40.06 3.47
N GLY H 106 -18.82 -40.45 2.22
CA GLY H 106 -17.93 -41.54 1.92
C GLY H 106 -18.55 -42.73 1.27
N VAL H 107 -19.80 -42.66 0.95
CA VAL H 107 -20.42 -43.79 0.30
C VAL H 107 -20.27 -43.62 -1.20
N THR H 108 -19.39 -44.43 -1.80
CA THR H 108 -19.15 -44.37 -3.23
C THR H 108 -20.19 -45.16 -4.02
N THR H 109 -20.59 -46.32 -3.47
CA THR H 109 -21.54 -47.20 -4.17
C THR H 109 -22.82 -47.36 -3.41
N VAL H 110 -23.93 -47.40 -4.14
CA VAL H 110 -25.27 -47.45 -3.56
C VAL H 110 -26.15 -48.51 -4.26
N PHE H 111 -26.81 -49.33 -3.44
CA PHE H 111 -27.86 -50.23 -3.95
C PHE H 111 -29.21 -49.82 -3.37
N ASP H 112 -30.09 -49.28 -4.22
CA ASP H 112 -31.41 -48.91 -3.75
C ASP H 112 -32.38 -50.08 -3.82
N THR H 113 -32.88 -50.51 -2.66
CA THR H 113 -33.73 -51.70 -2.56
C THR H 113 -35.24 -51.45 -2.66
N HIS H 114 -35.67 -50.18 -2.69
CA HIS H 114 -37.07 -49.86 -2.95
C HIS H 114 -37.23 -48.49 -3.61
N ASN H 115 -38.03 -48.39 -4.69
CA ASN H 115 -38.31 -47.12 -5.37
C ASN H 115 -39.22 -47.18 -6.62
N ALA H 116 -39.52 -45.99 -7.16
CA ALA H 116 -40.23 -45.81 -8.42
C ALA H 116 -39.24 -45.83 -9.60
N ILE H 117 -39.58 -46.62 -10.61
CA ILE H 117 -38.61 -47.11 -11.58
C ILE H 117 -37.99 -46.05 -12.53
N GLU H 118 -38.82 -45.22 -13.15
CA GLU H 118 -38.30 -44.24 -14.11
C GLU H 118 -37.46 -43.15 -13.40
N PRO H 119 -37.97 -42.61 -12.27
CA PRO H 119 -37.14 -41.69 -11.53
C PRO H 119 -35.88 -42.30 -10.91
N VAL H 120 -35.80 -43.62 -10.70
CA VAL H 120 -34.59 -44.26 -10.14
C VAL H 120 -33.57 -44.71 -11.19
N LEU H 121 -33.99 -45.55 -12.13
CA LEU H 121 -33.11 -45.98 -13.22
C LEU H 121 -32.44 -44.77 -13.88
N ALA H 122 -33.23 -43.72 -14.08
CA ALA H 122 -32.70 -42.45 -14.57
C ALA H 122 -32.09 -41.63 -13.44
N ALA H 123 -32.13 -42.11 -12.20
CA ALA H 123 -31.31 -41.48 -11.16
C ALA H 123 -30.03 -42.27 -11.03
N ARG H 124 -29.93 -43.29 -11.89
CA ARG H 124 -28.79 -44.15 -11.98
C ARG H 124 -28.09 -43.88 -13.33
N ASP H 125 -28.82 -44.09 -14.42
CA ASP H 125 -28.25 -44.04 -15.77
C ASP H 125 -27.42 -42.79 -16.07
N ARG H 126 -27.85 -41.63 -15.56
CA ARG H 126 -27.08 -40.41 -15.79
C ARG H 126 -26.11 -40.11 -14.63
N ILE H 127 -26.25 -40.78 -13.50
CA ILE H 127 -25.24 -40.64 -12.45
C ILE H 127 -24.02 -41.41 -12.86
N ASN H 128 -24.25 -42.58 -13.42
CA ASN H 128 -23.16 -43.43 -13.88
C ASN H 128 -22.54 -42.90 -15.16
N ALA H 129 -23.25 -42.00 -15.84
CA ALA H 129 -22.74 -41.39 -17.06
C ALA H 129 -21.95 -40.11 -16.75
N GLY H 130 -21.89 -39.75 -15.47
CA GLY H 130 -21.05 -38.66 -15.01
C GLY H 130 -21.50 -37.26 -15.30
N ILE H 131 -22.61 -37.09 -16.00
CA ILE H 131 -23.17 -35.74 -16.25
C ILE H 131 -23.81 -35.23 -14.97
N SER H 132 -24.00 -36.16 -14.03
CA SER H 132 -24.62 -35.86 -12.77
C SER H 132 -23.82 -36.48 -11.61
N GLN H 133 -23.46 -35.62 -10.66
CA GLN H 133 -22.65 -36.07 -9.53
C GLN H 133 -23.46 -36.95 -8.60
N GLY H 134 -22.81 -37.92 -7.95
CA GLY H 134 -23.47 -38.78 -6.98
C GLY H 134 -22.73 -40.06 -6.74
N ALA H 135 -23.43 -41.03 -6.17
CA ALA H 135 -22.80 -42.30 -5.78
C ALA H 135 -23.24 -43.38 -6.76
N ARG H 136 -22.39 -44.39 -6.93
CA ARG H 136 -22.70 -45.50 -7.84
C ARG H 136 -24.02 -46.11 -7.49
N ILE H 137 -24.90 -46.21 -8.48
CA ILE H 137 -26.25 -46.74 -8.23
C ILE H 137 -26.56 -47.93 -9.09
N PHE H 138 -26.78 -49.07 -8.43
CA PHE H 138 -27.40 -50.22 -9.09
C PHE H 138 -28.81 -50.27 -8.50
N ALA H 139 -29.81 -50.38 -9.38
CA ALA H 139 -31.21 -50.23 -8.97
C ALA H 139 -31.98 -51.55 -8.84
N ALA H 140 -32.56 -51.72 -7.66
CA ALA H 140 -33.45 -52.82 -7.35
C ALA H 140 -34.73 -52.68 -8.12
N GLY H 141 -35.17 -51.45 -8.27
CA GLY H 141 -36.53 -51.19 -8.71
C GLY H 141 -37.34 -51.25 -7.44
N THR H 142 -38.65 -51.42 -7.56
CA THR H 142 -39.49 -51.58 -6.39
C THR H 142 -39.32 -52.95 -5.80
N ILE H 143 -39.55 -53.09 -4.52
CA ILE H 143 -39.68 -54.43 -3.94
C ILE H 143 -40.93 -54.95 -4.59
N VAL H 144 -40.99 -56.25 -4.81
CA VAL H 144 -42.16 -56.86 -5.46
C VAL H 144 -43.19 -57.29 -4.43
N GLY H 145 -44.44 -56.93 -4.69
CA GLY H 145 -45.53 -57.25 -3.75
C GLY H 145 -45.63 -56.16 -2.69
N MET H 146 -44.79 -55.13 -2.83
CA MET H 146 -44.86 -53.98 -1.92
C MET H 146 -45.76 -52.86 -2.48
N GLY H 147 -46.10 -51.92 -1.64
CA GLY H 147 -47.20 -51.01 -1.96
C GLY H 147 -46.84 -49.56 -2.13
N GLY H 148 -47.75 -48.85 -2.79
CA GLY H 148 -47.57 -47.43 -3.01
C GLY H 148 -47.40 -46.82 -1.64
N PRO H 149 -46.88 -45.60 -1.60
CA PRO H 149 -46.68 -44.89 -0.35
C PRO H 149 -48.00 -44.64 0.35
N PHE H 150 -49.06 -44.51 -0.42
CA PHE H 150 -50.37 -44.18 0.13
C PHE H 150 -51.28 -45.39 0.28
N SER H 151 -50.77 -46.56 -0.10
CA SER H 151 -51.41 -47.82 0.18
C SER H 151 -51.17 -48.15 1.62
N ALA H 152 -51.48 -49.40 2.00
CA ALA H 152 -50.92 -49.95 3.24
C ALA H 152 -49.44 -50.14 2.93
N ASP H 153 -48.70 -50.86 3.77
CA ASP H 153 -47.25 -51.03 3.54
C ASP H 153 -46.43 -49.74 3.81
N PHE H 154 -47.16 -48.63 3.87
CA PHE H 154 -46.63 -47.30 3.74
C PHE H 154 -47.72 -46.33 4.28
N HIS H 155 -47.76 -45.07 3.84
CA HIS H 155 -48.67 -44.12 4.51
C HIS H 155 -50.14 -44.33 4.11
N PHE H 156 -50.90 -45.00 5.00
CA PHE H 156 -52.27 -45.39 4.69
C PHE H 156 -53.22 -44.24 4.95
N ALA H 157 -53.03 -43.59 6.09
CA ALA H 157 -53.74 -42.34 6.41
C ALA H 157 -53.43 -41.37 5.32
N GLY H 158 -54.44 -40.75 4.76
CA GLY H 158 -54.23 -40.01 3.49
C GLY H 158 -54.83 -40.78 2.33
N ARG H 159 -55.46 -41.92 2.62
CA ARG H 159 -56.44 -42.45 1.70
C ARG H 159 -57.75 -41.73 2.00
N THR H 160 -57.96 -41.42 3.27
CA THR H 160 -59.03 -40.51 3.66
C THR H 160 -58.62 -39.06 3.33
N ALA H 161 -57.40 -38.70 3.71
CA ALA H 161 -56.94 -37.31 3.76
C ALA H 161 -56.17 -36.79 2.55
N ALA H 162 -56.09 -37.55 1.46
CA ALA H 162 -55.47 -37.05 0.25
C ALA H 162 -56.25 -37.39 -1.02
N THR H 163 -55.96 -36.67 -2.11
CA THR H 163 -56.67 -36.90 -3.37
C THR H 163 -56.27 -38.24 -3.97
N ARG H 164 -57.22 -38.93 -4.57
CA ARG H 164 -56.97 -40.23 -5.15
C ARG H 164 -56.33 -40.12 -6.51
N THR H 165 -56.73 -39.11 -7.29
CA THR H 165 -56.12 -38.87 -8.61
C THR H 165 -54.62 -38.62 -8.41
N PHE H 166 -54.26 -38.08 -7.25
CA PHE H 166 -52.86 -38.01 -6.81
C PHE H 166 -52.36 -39.37 -6.30
N VAL H 167 -53.15 -40.00 -5.44
CA VAL H 167 -52.78 -41.22 -4.76
C VAL H 167 -52.43 -42.29 -5.76
N ASP H 168 -53.21 -42.36 -6.85
CA ASP H 168 -53.03 -43.41 -7.86
C ASP H 168 -51.70 -43.26 -8.60
N ARG H 169 -51.46 -42.09 -9.19
CA ARG H 169 -50.29 -41.88 -10.06
C ARG H 169 -49.00 -42.20 -9.32
N ILE H 170 -48.91 -41.75 -8.08
CA ILE H 170 -47.69 -41.94 -7.28
C ILE H 170 -47.58 -43.38 -6.82
N ASP H 171 -48.67 -43.93 -6.26
CA ASP H 171 -48.73 -45.34 -5.85
C ASP H 171 -48.22 -46.24 -6.96
N SER H 172 -48.98 -46.28 -8.08
CA SER H 172 -48.64 -47.11 -9.24
C SER H 172 -47.23 -46.85 -9.75
N MET H 173 -46.82 -45.59 -9.72
CA MET H 173 -45.48 -45.17 -10.17
C MET H 173 -44.39 -45.95 -9.43
N PHE H 174 -44.69 -46.32 -8.19
CA PHE H 174 -43.83 -47.22 -7.43
C PHE H 174 -44.09 -48.72 -7.74
N GLU H 175 -45.29 -49.09 -8.18
CA GLU H 175 -45.65 -50.51 -8.30
C GLU H 175 -45.55 -51.21 -9.67
N ALA H 176 -45.59 -50.48 -10.78
CA ALA H 176 -45.58 -51.08 -12.12
C ALA H 176 -46.53 -52.28 -12.20
N GLY H 177 -46.05 -53.40 -12.74
CA GLY H 177 -46.83 -54.63 -12.81
C GLY H 177 -46.55 -55.55 -11.64
N VAL H 178 -46.08 -54.99 -10.54
CA VAL H 178 -45.42 -55.79 -9.52
C VAL H 178 -45.91 -55.51 -8.10
N GLY H 179 -45.87 -56.52 -7.25
CA GLY H 179 -46.39 -56.45 -5.91
C GLY H 179 -47.88 -56.48 -5.93
N HIS H 180 -48.49 -56.36 -4.77
CA HIS H 180 -49.93 -56.36 -4.71
C HIS H 180 -50.57 -57.57 -5.39
N GLN H 181 -51.39 -57.29 -6.39
CA GLN H 181 -52.32 -58.23 -6.95
C GLN H 181 -51.62 -59.54 -7.26
N LEU H 182 -50.29 -59.56 -7.17
CA LEU H 182 -49.59 -60.81 -7.33
C LEU H 182 -50.21 -61.84 -6.41
N SER H 183 -50.72 -61.38 -5.27
CA SER H 183 -51.38 -62.22 -4.28
C SER H 183 -52.57 -62.99 -4.83
N LEU H 184 -53.33 -62.38 -5.73
CA LEU H 184 -54.51 -63.01 -6.28
C LEU H 184 -54.16 -63.93 -7.45
N LEU H 185 -53.24 -63.45 -8.29
CA LEU H 185 -52.99 -64.06 -9.58
C LEU H 185 -52.36 -65.45 -9.54
N PRO H 186 -52.78 -66.33 -10.48
CA PRO H 186 -52.20 -67.67 -10.63
C PRO H 186 -50.71 -67.57 -10.96
N ARG H 187 -49.93 -68.56 -10.52
CA ARG H 187 -48.47 -68.53 -10.61
C ARG H 187 -47.92 -68.09 -11.95
N LYS H 188 -48.55 -68.53 -13.04
CA LYS H 188 -48.05 -68.24 -14.37
C LYS H 188 -48.49 -66.88 -14.89
N GLU H 189 -49.50 -66.30 -14.26
CA GLU H 189 -49.83 -64.91 -14.56
C GLU H 189 -48.82 -64.00 -13.86
N VAL H 190 -48.37 -64.43 -12.68
CA VAL H 190 -47.31 -63.73 -11.96
C VAL H 190 -46.00 -63.75 -12.76
N ARG H 191 -45.56 -64.96 -13.09
CA ARG H 191 -44.28 -65.18 -13.79
C ARG H 191 -44.11 -64.27 -14.99
N ALA H 192 -45.18 -64.11 -15.76
CA ALA H 192 -45.17 -63.26 -16.90
C ALA H 192 -44.69 -61.89 -16.50
N ARG H 193 -45.36 -61.29 -15.51
CA ARG H 193 -45.04 -59.92 -15.10
C ARG H 193 -43.65 -59.74 -14.53
N VAL H 194 -43.24 -60.63 -13.64
CA VAL H 194 -41.89 -60.56 -13.07
C VAL H 194 -40.87 -60.50 -14.22
N ARG H 195 -40.80 -61.57 -15.00
CA ARG H 195 -39.94 -61.61 -16.18
C ARG H 195 -40.12 -60.39 -17.07
N ASP H 196 -41.38 -59.97 -17.23
CA ASP H 196 -41.73 -58.75 -17.98
C ASP H 196 -41.19 -57.51 -17.25
N TYR H 197 -41.45 -57.42 -15.95
CA TYR H 197 -40.94 -56.35 -15.11
C TYR H 197 -39.42 -56.26 -15.20
N LEU H 198 -38.75 -57.42 -15.23
CA LEU H 198 -37.30 -57.53 -15.31
C LEU H 198 -36.65 -56.95 -16.61
N SER H 199 -37.47 -56.80 -17.66
CA SER H 199 -36.97 -56.32 -18.97
C SER H 199 -36.53 -54.86 -19.03
N ARG H 200 -37.15 -53.97 -18.26
CA ARG H 200 -36.64 -52.61 -18.09
C ARG H 200 -35.27 -52.77 -17.46
N GLY H 201 -35.12 -53.84 -16.68
CA GLY H 201 -33.81 -54.43 -16.39
C GLY H 201 -33.43 -54.42 -14.92
N VAL H 202 -33.70 -53.31 -14.25
CA VAL H 202 -33.79 -53.31 -12.82
C VAL H 202 -32.63 -54.02 -12.14
N ASP H 203 -31.41 -53.61 -12.45
CA ASP H 203 -30.23 -54.32 -11.93
C ASP H 203 -30.53 -55.53 -10.99
N MET H 204 -31.33 -55.35 -9.93
CA MET H 204 -31.57 -56.47 -9.02
C MET H 204 -33.05 -56.67 -8.65
N LEU H 205 -33.35 -57.81 -8.03
CA LEU H 205 -34.73 -58.11 -7.64
C LEU H 205 -34.91 -58.46 -6.16
N LYS H 206 -35.59 -57.55 -5.45
CA LYS H 206 -35.93 -57.75 -4.06
C LYS H 206 -37.39 -58.05 -4.01
N ILE H 207 -37.78 -58.78 -2.98
CA ILE H 207 -39.11 -59.35 -2.95
C ILE H 207 -39.64 -59.26 -1.53
N ALA H 208 -40.91 -58.90 -1.39
CA ALA H 208 -41.49 -58.89 -0.07
C ALA H 208 -42.09 -60.28 0.14
N VAL H 209 -41.40 -61.10 0.92
CA VAL H 209 -41.85 -62.44 1.18
C VAL H 209 -42.96 -62.36 2.21
N SER H 210 -42.74 -61.50 3.20
CA SER H 210 -43.74 -61.16 4.19
C SER H 210 -44.31 -59.77 3.89
N ASP H 211 -45.23 -59.32 4.72
CA ASP H 211 -45.93 -58.06 4.51
C ASP H 211 -45.15 -56.83 4.94
N HIS H 212 -45.50 -55.67 4.39
CA HIS H 212 -45.08 -54.41 4.92
C HIS H 212 -46.25 -53.73 5.60
N ILE H 213 -47.38 -54.38 5.63
CA ILE H 213 -48.52 -53.84 6.32
C ILE H 213 -48.42 -54.17 7.80
N VAL H 214 -47.40 -53.65 8.44
CA VAL H 214 -47.20 -53.93 9.84
C VAL H 214 -47.69 -52.83 10.74
N PHE H 215 -47.31 -51.60 10.44
CA PHE H 215 -47.41 -50.51 11.38
C PHE H 215 -48.80 -49.95 11.35
N THR H 216 -49.57 -50.54 10.46
CA THR H 216 -51.02 -50.43 10.51
C THR H 216 -51.50 -51.39 11.58
N LEU H 217 -50.57 -52.08 12.23
CA LEU H 217 -50.81 -52.79 13.48
C LEU H 217 -50.14 -51.88 14.52
N VAL H 218 -50.95 -51.03 15.09
CA VAL H 218 -50.49 -49.74 15.64
C VAL H 218 -50.08 -49.79 17.12
N ASP H 219 -50.21 -50.96 17.73
CA ASP H 219 -50.50 -51.00 19.16
C ASP H 219 -49.50 -50.41 20.14
N ARG H 220 -50.08 -49.67 21.08
CA ARG H 220 -49.38 -49.11 22.23
C ARG H 220 -50.02 -49.77 23.41
N SER H 221 -49.18 -50.33 24.27
CA SER H 221 -49.58 -51.14 25.41
C SER H 221 -49.59 -52.61 25.04
N VAL H 222 -49.64 -52.90 23.74
CA VAL H 222 -49.51 -54.30 23.29
C VAL H 222 -48.51 -54.43 22.15
N GLY H 223 -47.81 -55.56 22.14
CA GLY H 223 -46.79 -55.82 21.14
C GLY H 223 -47.34 -56.15 19.76
N PHE H 224 -46.44 -56.12 18.78
CA PHE H 224 -46.74 -56.53 17.41
C PHE H 224 -47.03 -58.03 17.26
N ASP H 225 -48.06 -58.36 16.51
CA ASP H 225 -48.38 -59.74 16.16
C ASP H 225 -48.40 -59.86 14.64
N ARG H 226 -49.25 -60.73 14.10
CA ARG H 226 -49.69 -60.59 12.75
C ARG H 226 -48.55 -60.45 11.73
N SER H 227 -47.93 -61.58 11.38
CA SER H 227 -46.88 -61.62 10.34
C SER H 227 -47.37 -61.68 8.88
N TYR H 228 -48.02 -62.77 8.46
CA TYR H 228 -48.55 -62.94 7.06
C TYR H 228 -47.56 -63.03 5.89
N GLN H 229 -47.17 -64.25 5.54
CA GLN H 229 -46.35 -64.57 4.38
C GLN H 229 -47.02 -64.12 3.12
N THR H 230 -46.33 -63.31 2.33
CA THR H 230 -46.92 -62.65 1.16
C THR H 230 -47.33 -63.60 0.03
N PHE H 231 -46.54 -64.64 -0.22
CA PHE H 231 -46.69 -65.44 -1.43
C PHE H 231 -46.79 -66.95 -1.22
N SER H 232 -47.39 -67.61 -2.19
CA SER H 232 -47.41 -69.05 -2.20
C SER H 232 -46.02 -69.50 -2.45
N ARG H 233 -45.50 -70.43 -1.66
CA ARG H 233 -44.17 -70.97 -1.93
C ARG H 233 -43.90 -71.11 -3.44
N PRO H 234 -44.80 -71.77 -4.19
CA PRO H 234 -44.54 -71.89 -5.62
C PRO H 234 -44.40 -70.58 -6.38
N VAL H 235 -44.98 -69.50 -5.87
CA VAL H 235 -44.88 -68.19 -6.53
C VAL H 235 -43.55 -67.50 -6.23
N LEU H 236 -43.05 -67.67 -5.01
CA LEU H 236 -41.73 -67.15 -4.71
C LEU H 236 -40.70 -67.88 -5.56
N GLU H 237 -41.01 -69.15 -5.84
CA GLU H 237 -40.15 -70.00 -6.64
C GLU H 237 -40.35 -69.72 -8.14
N VAL H 238 -41.54 -69.27 -8.52
CA VAL H 238 -41.76 -68.88 -9.91
C VAL H 238 -41.11 -67.53 -10.15
N MET H 239 -41.03 -66.71 -9.10
CA MET H 239 -40.38 -65.39 -9.19
C MET H 239 -38.88 -65.53 -9.40
N VAL H 240 -38.28 -66.44 -8.62
CA VAL H 240 -36.95 -66.92 -8.91
C VAL H 240 -37.19 -67.88 -10.03
N GLU H 241 -36.12 -68.39 -10.64
CA GLU H 241 -36.28 -69.37 -11.71
C GLU H 241 -36.37 -68.62 -13.04
N GLU H 242 -36.56 -67.31 -12.98
CA GLU H 242 -36.24 -66.43 -14.09
C GLU H 242 -35.12 -65.43 -13.72
N ALA H 243 -35.19 -64.84 -12.52
CA ALA H 243 -34.22 -63.87 -12.06
C ALA H 243 -32.81 -64.48 -12.10
N ARG H 244 -32.72 -65.80 -11.90
CA ARG H 244 -31.45 -66.49 -12.10
C ARG H 244 -31.10 -66.60 -13.57
N ALA H 245 -32.09 -66.93 -14.38
CA ALA H 245 -31.90 -67.01 -15.83
C ALA H 245 -31.72 -65.61 -16.44
N ALA H 246 -32.51 -64.66 -15.93
CA ALA H 246 -32.35 -63.24 -16.24
C ALA H 246 -31.04 -62.76 -15.67
N GLY H 247 -30.70 -63.31 -14.49
CA GLY H 247 -29.42 -63.07 -13.85
C GLY H 247 -29.38 -61.92 -12.85
N VAL H 248 -30.53 -61.35 -12.53
CA VAL H 248 -30.56 -60.32 -11.51
C VAL H 248 -30.24 -61.02 -10.18
N PRO H 249 -29.46 -60.37 -9.24
CA PRO H 249 -29.43 -61.07 -7.95
C PRO H 249 -30.79 -60.95 -7.28
N VAL H 250 -31.19 -61.98 -6.54
CA VAL H 250 -32.46 -61.97 -5.83
C VAL H 250 -32.31 -61.54 -4.37
N LEU H 251 -33.19 -60.69 -3.88
CA LEU H 251 -33.19 -60.33 -2.46
C LEU H 251 -34.47 -60.80 -1.81
N THR H 252 -34.57 -60.62 -0.49
CA THR H 252 -35.76 -61.05 0.24
C THR H 252 -36.16 -60.05 1.31
N HIS H 253 -37.46 -60.00 1.59
CA HIS H 253 -37.99 -59.22 2.68
C HIS H 253 -38.40 -60.19 3.78
N SER H 254 -37.72 -60.11 4.93
CA SER H 254 -37.92 -61.10 5.98
C SER H 254 -38.35 -60.38 7.23
N VAL H 255 -39.36 -60.95 7.90
CA VAL H 255 -39.84 -60.47 9.19
C VAL H 255 -40.37 -61.58 10.10
N SER H 256 -41.11 -62.56 9.59
CA SER H 256 -41.49 -63.71 10.47
C SER H 256 -40.22 -64.55 10.77
N VAL H 257 -40.40 -65.62 11.56
CA VAL H 257 -39.35 -66.63 11.68
C VAL H 257 -39.37 -67.47 10.40
N GLU H 258 -40.58 -67.76 9.91
CA GLU H 258 -40.74 -68.15 8.53
C GLU H 258 -40.50 -66.90 7.69
N ALA H 259 -40.59 -67.03 6.37
CA ALA H 259 -40.26 -65.93 5.45
C ALA H 259 -38.76 -65.58 5.48
N LEU H 260 -38.09 -65.83 6.60
CA LEU H 260 -36.65 -65.82 6.63
C LEU H 260 -36.24 -67.19 6.10
N ASP H 261 -36.89 -68.22 6.65
CA ASP H 261 -36.58 -69.58 6.28
C ASP H 261 -37.20 -69.85 4.91
N THR H 262 -38.42 -69.39 4.70
CA THR H 262 -39.06 -69.47 3.40
C THR H 262 -38.12 -68.87 2.34
N SER H 263 -37.39 -67.83 2.74
CA SER H 263 -36.38 -67.25 1.87
C SER H 263 -35.15 -68.14 1.75
N VAL H 264 -34.57 -68.49 2.90
CA VAL H 264 -33.30 -69.17 2.93
C VAL H 264 -33.41 -70.43 2.10
N GLU H 265 -34.57 -71.07 2.13
CA GLU H 265 -34.78 -72.28 1.36
C GLU H 265 -34.58 -71.90 -0.11
N LEU H 266 -34.97 -70.67 -0.45
CA LEU H 266 -34.91 -70.20 -1.83
C LEU H 266 -33.53 -69.76 -2.30
N GLY H 267 -32.51 -69.98 -1.49
CA GLY H 267 -31.17 -69.50 -1.81
C GLY H 267 -31.08 -67.98 -2.02
N ALA H 268 -31.71 -67.23 -1.11
CA ALA H 268 -31.77 -65.77 -1.25
C ALA H 268 -30.35 -65.20 -1.26
N ASP H 269 -29.99 -64.45 -2.28
CA ASP H 269 -28.65 -63.90 -2.36
C ASP H 269 -28.37 -63.01 -1.17
N VAL H 270 -29.32 -62.16 -0.84
CA VAL H 270 -29.22 -61.34 0.36
C VAL H 270 -30.51 -61.36 1.17
N LEU H 271 -30.37 -61.44 2.48
CA LEU H 271 -31.46 -61.34 3.39
C LEU H 271 -31.58 -59.97 3.92
N ILE H 272 -32.35 -59.26 3.15
CA ILE H 272 -32.75 -57.93 3.29
C ILE H 272 -33.54 -58.00 4.50
N HIS H 273 -32.98 -57.31 5.48
CA HIS H 273 -33.35 -57.24 6.94
C HIS H 273 -33.41 -58.53 7.81
N ALA H 274 -32.33 -59.31 7.88
CA ALA H 274 -32.37 -60.70 8.36
C ALA H 274 -32.75 -60.95 9.84
N ASN H 275 -32.52 -59.97 10.71
CA ASN H 275 -32.63 -60.14 12.14
C ASN H 275 -33.94 -59.73 12.73
N TYR H 276 -34.89 -59.32 11.89
CA TYR H 276 -36.22 -58.94 12.38
C TYR H 276 -37.14 -60.15 12.46
N THR H 277 -37.30 -60.70 13.65
CA THR H 277 -38.08 -61.89 13.80
C THR H 277 -39.44 -61.67 14.45
N LEU H 278 -39.78 -60.42 14.76
CA LEU H 278 -41.13 -60.11 15.23
C LEU H 278 -41.57 -61.06 16.32
N GLY H 279 -40.78 -61.11 17.38
CA GLY H 279 -41.25 -61.72 18.61
C GLY H 279 -40.13 -62.23 19.48
N GLN H 280 -39.20 -62.93 18.87
CA GLN H 280 -38.10 -63.53 19.60
C GLN H 280 -36.92 -63.74 18.66
N GLU H 281 -35.83 -64.25 19.24
CA GLU H 281 -34.65 -64.56 18.46
C GLU H 281 -34.84 -65.79 17.59
N ILE H 282 -34.10 -65.78 16.50
CA ILE H 282 -34.13 -66.75 15.46
C ILE H 282 -33.61 -68.06 16.05
N PRO H 283 -34.30 -69.19 15.80
CA PRO H 283 -33.94 -70.45 16.44
C PRO H 283 -32.48 -70.77 16.17
N ASN H 284 -31.84 -71.39 17.15
CA ASN H 284 -30.40 -71.58 17.12
C ASN H 284 -30.01 -72.63 16.11
N TYR H 285 -31.01 -73.24 15.46
CA TYR H 285 -30.80 -74.01 14.23
C TYR H 285 -30.99 -73.15 12.96
N LEU H 286 -31.61 -71.98 13.06
CA LEU H 286 -31.80 -71.18 11.87
C LEU H 286 -30.44 -70.57 11.52
N ILE H 287 -29.82 -69.96 12.52
CA ILE H 287 -28.47 -69.39 12.37
C ILE H 287 -27.54 -70.33 11.64
N ASP H 288 -27.45 -71.57 12.12
CA ASP H 288 -26.52 -72.54 11.55
C ASP H 288 -26.99 -73.05 10.21
N LYS H 289 -28.30 -73.05 9.98
CA LYS H 289 -28.76 -73.29 8.64
C LYS H 289 -28.29 -72.11 7.78
N ILE H 290 -28.52 -70.88 8.28
CA ILE H 290 -28.21 -69.68 7.49
C ILE H 290 -26.75 -69.58 7.11
N VAL H 291 -25.83 -69.89 8.02
CA VAL H 291 -24.40 -69.78 7.73
C VAL H 291 -23.99 -70.77 6.65
N ALA H 292 -24.64 -71.94 6.63
CA ALA H 292 -24.32 -72.96 5.63
C ALA H 292 -25.15 -72.83 4.35
N SER H 293 -26.06 -71.87 4.32
CA SER H 293 -26.93 -71.64 3.17
C SER H 293 -26.20 -71.04 1.98
N ASP H 294 -25.24 -70.15 2.29
CA ASP H 294 -24.50 -69.31 1.32
C ASP H 294 -25.39 -68.17 0.79
N SER H 295 -26.26 -67.69 1.70
CA SER H 295 -27.16 -66.60 1.48
C SER H 295 -26.64 -65.50 2.37
N TRP H 296 -26.52 -64.30 1.81
CA TRP H 296 -25.84 -63.20 2.46
C TRP H 296 -26.77 -62.39 3.34
N ALA H 297 -26.62 -62.55 4.65
CA ALA H 297 -27.53 -61.91 5.60
C ALA H 297 -27.37 -60.38 5.52
N GLY H 298 -28.38 -59.70 6.06
CA GLY H 298 -28.33 -58.26 6.20
C GLY H 298 -29.03 -57.85 7.47
N LEU H 299 -28.53 -56.79 8.07
CA LEU H 299 -28.82 -56.46 9.45
C LEU H 299 -28.87 -54.96 9.61
N GLN H 300 -29.80 -54.49 10.43
CA GLN H 300 -30.00 -53.06 10.64
C GLN H 300 -30.08 -52.77 12.13
N THR H 301 -29.25 -51.85 12.60
CA THR H 301 -28.91 -51.80 14.03
C THR H 301 -28.91 -50.42 14.64
N VAL H 302 -29.07 -50.39 15.97
CA VAL H 302 -29.29 -49.16 16.73
C VAL H 302 -28.40 -49.15 17.98
N HIS H 303 -27.60 -48.09 18.16
CA HIS H 303 -26.56 -48.08 19.20
C HIS H 303 -27.17 -47.75 20.57
N ASP H 304 -26.52 -48.19 21.66
CA ASP H 304 -27.15 -48.17 22.99
C ASP H 304 -27.56 -46.77 23.40
N GLN H 305 -26.71 -45.81 23.10
CA GLN H 305 -27.08 -44.40 23.29
C GLN H 305 -28.43 -44.13 22.63
N HIS H 306 -28.64 -44.72 21.44
CA HIS H 306 -29.93 -44.65 20.76
C HIS H 306 -30.94 -45.71 21.19
N ARG H 307 -30.50 -46.90 21.54
CA ARG H 307 -31.42 -47.94 22.02
C ARG H 307 -32.11 -47.35 23.22
N GLN H 308 -31.31 -46.87 24.16
CA GLN H 308 -31.81 -46.28 25.39
C GLN H 308 -32.01 -44.79 25.22
N GLY H 309 -31.78 -44.30 24.02
CA GLY H 309 -32.32 -43.02 23.60
C GLY H 309 -33.80 -43.13 23.25
N LEU H 310 -34.19 -44.00 22.34
CA LEU H 310 -35.56 -44.05 21.90
C LEU H 310 -36.22 -45.00 22.87
N GLU H 311 -36.47 -44.48 24.06
CA GLU H 311 -37.10 -45.22 25.14
C GLU H 311 -37.88 -44.18 25.92
N ASP H 312 -37.12 -43.19 26.36
CA ASP H 312 -37.62 -41.99 27.01
C ASP H 312 -38.83 -41.44 26.25
N VAL H 313 -38.69 -41.41 24.94
CA VAL H 313 -39.73 -40.94 24.09
C VAL H 313 -40.42 -42.08 23.36
N GLY H 314 -39.92 -43.28 23.52
CA GLY H 314 -40.63 -44.44 23.01
C GLY H 314 -40.99 -44.39 21.55
N SER H 315 -40.01 -44.11 20.72
CA SER H 315 -40.26 -43.93 19.33
C SER H 315 -40.81 -45.22 18.79
N TRP H 316 -41.47 -45.14 17.64
CA TRP H 316 -42.30 -46.21 17.12
C TRP H 316 -41.45 -47.42 17.03
N ALA H 317 -40.21 -47.20 16.65
CA ALA H 317 -39.26 -48.26 16.36
C ALA H 317 -38.62 -48.80 17.58
N ALA H 318 -38.91 -48.23 18.72
CA ALA H 318 -38.10 -48.56 19.87
C ALA H 318 -38.02 -50.07 19.93
N ALA H 319 -39.10 -50.69 19.47
CA ALA H 319 -39.24 -52.14 19.44
C ALA H 319 -38.15 -52.77 18.65
N LEU H 320 -37.82 -52.15 17.52
CA LEU H 320 -36.66 -52.55 16.70
C LEU H 320 -35.30 -52.31 17.36
N ALA H 321 -35.21 -51.26 18.18
CA ALA H 321 -33.92 -50.80 18.69
C ALA H 321 -33.20 -51.85 19.52
N GLY H 322 -33.95 -52.54 20.36
CA GLY H 322 -33.38 -53.64 21.13
C GLY H 322 -34.50 -54.46 21.70
N GLU H 323 -34.17 -55.65 22.20
CA GLU H 323 -35.12 -56.63 22.75
C GLU H 323 -34.64 -57.98 22.17
N PRO H 324 -35.53 -58.84 21.52
CA PRO H 324 -34.86 -59.98 20.88
C PRO H 324 -34.04 -59.43 19.74
N TYR H 325 -34.56 -58.37 19.14
CA TYR H 325 -34.00 -57.90 17.93
C TYR H 325 -32.54 -57.54 18.14
N ALA H 326 -32.26 -56.78 19.19
CA ALA H 326 -30.88 -56.30 19.42
C ALA H 326 -29.87 -57.41 19.73
N THR H 327 -30.22 -58.34 20.61
CA THR H 327 -29.30 -59.40 20.95
C THR H 327 -29.13 -60.27 19.71
N ASN H 328 -30.20 -60.48 18.97
CA ASN H 328 -30.15 -61.32 17.78
C ASN H 328 -29.22 -60.76 16.67
N GLU H 329 -29.12 -59.43 16.58
CA GLU H 329 -28.12 -58.83 15.71
C GLU H 329 -26.74 -59.25 16.24
N ARG H 330 -26.62 -59.24 17.57
CA ARG H 330 -25.42 -59.70 18.26
C ARG H 330 -25.22 -61.20 18.07
N ASN H 331 -26.33 -61.90 17.84
CA ASN H 331 -26.32 -63.36 17.68
C ASN H 331 -25.61 -63.88 16.45
N LEU H 332 -25.91 -63.28 15.30
CA LEU H 332 -25.41 -63.78 14.02
C LEU H 332 -23.95 -63.46 13.71
N ILE H 333 -23.42 -62.38 14.25
CA ILE H 333 -22.02 -62.05 14.04
C ILE H 333 -21.12 -62.71 15.09
N SER H 334 -21.74 -63.13 16.19
CA SER H 334 -21.08 -63.99 17.15
C SER H 334 -20.95 -65.34 16.47
N ALA H 335 -21.96 -65.68 15.70
CA ALA H 335 -21.98 -66.91 14.90
C ALA H 335 -21.34 -66.73 13.50
N ASN H 336 -21.14 -65.47 13.07
CA ASN H 336 -20.65 -65.15 11.71
C ASN H 336 -21.52 -65.73 10.58
N ALA H 337 -22.57 -64.99 10.20
CA ALA H 337 -23.11 -65.22 8.87
C ALA H 337 -22.41 -64.32 7.86
N LYS H 338 -22.73 -64.51 6.59
CA LYS H 338 -22.28 -63.63 5.54
C LYS H 338 -23.12 -62.37 5.65
N ILE H 339 -22.45 -61.24 5.82
CA ILE H 339 -23.09 -60.08 6.41
C ILE H 339 -22.88 -58.82 5.59
N LEU H 340 -23.69 -57.80 5.86
CA LEU H 340 -23.87 -56.74 4.88
C LEU H 340 -24.23 -55.40 5.47
N LEU H 341 -23.59 -54.33 5.02
CA LEU H 341 -23.90 -53.01 5.54
C LEU H 341 -25.28 -52.63 5.07
N ASN H 342 -26.22 -52.54 6.00
CA ASN H 342 -27.63 -52.34 5.68
C ASN H 342 -28.33 -51.38 6.61
N THR H 343 -28.89 -50.32 6.07
CA THR H 343 -29.88 -49.53 6.79
C THR H 343 -30.90 -49.01 5.81
N ASP H 344 -32.19 -49.18 6.07
CA ASP H 344 -33.16 -48.43 5.27
C ASP H 344 -32.91 -46.97 5.63
N ALA H 345 -32.53 -46.15 4.66
CA ALA H 345 -32.20 -44.78 4.94
C ALA H 345 -32.38 -43.90 3.71
N GLY H 346 -32.57 -42.61 3.93
CA GLY H 346 -32.80 -41.67 2.85
C GLY H 346 -32.75 -40.25 3.36
N CYS H 347 -33.30 -39.32 2.59
CA CYS H 347 -33.31 -37.93 3.01
C CYS H 347 -34.75 -37.57 3.38
N PRO H 348 -35.06 -37.52 4.69
CA PRO H 348 -36.38 -37.19 5.17
C PRO H 348 -36.65 -35.70 5.11
N SER H 349 -37.93 -35.34 5.02
CA SER H 349 -38.33 -33.95 5.01
C SER H 349 -37.83 -33.29 6.30
N LYS H 350 -37.25 -32.08 6.18
CA LYS H 350 -36.82 -31.32 7.34
C LYS H 350 -38.02 -31.08 8.27
N ASP H 351 -39.22 -31.42 7.80
CA ASP H 351 -40.40 -31.50 8.65
C ASP H 351 -40.50 -32.76 9.50
N HIS H 352 -40.18 -33.91 8.91
CA HIS H 352 -40.27 -35.18 9.65
C HIS H 352 -39.37 -35.13 10.87
N LEU H 353 -38.14 -34.60 10.68
CA LEU H 353 -37.18 -34.50 11.77
C LEU H 353 -37.64 -33.53 12.86
N ALA H 354 -38.38 -32.51 12.49
CA ALA H 354 -38.95 -31.60 13.48
C ALA H 354 -39.99 -32.31 14.34
N ASP H 355 -40.75 -33.22 13.73
CA ASP H 355 -41.78 -33.97 14.44
C ASP H 355 -41.24 -34.95 15.46
N LEU H 356 -39.95 -35.15 15.48
CA LEU H 356 -39.39 -36.21 16.26
C LEU H 356 -38.77 -35.70 17.53
N SER H 357 -38.92 -36.48 18.59
CA SER H 357 -38.39 -36.08 19.87
C SER H 357 -36.89 -36.02 19.77
N PRO H 358 -36.33 -34.88 20.20
CA PRO H 358 -35.02 -34.40 19.80
C PRO H 358 -33.92 -35.33 20.12
N VAL H 359 -34.28 -36.35 20.86
CA VAL H 359 -33.41 -37.49 20.90
C VAL H 359 -33.34 -38.06 19.51
N GLU H 360 -34.50 -38.11 18.88
CA GLU H 360 -34.62 -38.08 17.46
C GLU H 360 -33.27 -38.18 16.77
N ARG H 361 -32.77 -37.05 16.30
CA ARG H 361 -31.83 -36.90 15.21
C ARG H 361 -30.37 -37.05 15.55
N GLU H 362 -29.99 -36.56 16.69
CA GLU H 362 -28.59 -36.60 17.00
C GLU H 362 -28.23 -38.04 16.80
N ASP H 363 -27.38 -38.29 15.82
CA ASP H 363 -27.13 -39.64 15.34
C ASP H 363 -28.43 -40.36 15.02
N ARG H 364 -29.16 -39.91 14.01
CA ARG H 364 -30.31 -40.66 13.47
C ARG H 364 -29.78 -41.80 12.58
N PRO H 365 -30.16 -43.03 12.87
CA PRO H 365 -29.66 -44.19 12.13
C PRO H 365 -30.10 -44.22 10.67
N TRP H 366 -31.32 -43.73 10.42
CA TRP H 366 -31.93 -43.83 9.09
C TRP H 366 -31.66 -42.60 8.23
N THR H 367 -30.81 -41.70 8.72
CA THR H 367 -30.38 -40.52 7.96
C THR H 367 -29.18 -40.86 7.05
N ILE H 368 -29.32 -40.63 5.75
CA ILE H 368 -28.38 -41.18 4.78
C ILE H 368 -26.94 -40.61 4.89
N GLY H 369 -26.82 -39.44 5.47
CA GLY H 369 -25.49 -38.91 5.79
C GLY H 369 -24.83 -39.70 6.93
N ASN H 370 -25.53 -39.77 8.07
CA ASN H 370 -25.04 -40.50 9.25
C ASN H 370 -25.02 -41.98 9.02
N ASP H 371 -25.63 -42.40 7.91
CA ASP H 371 -26.11 -43.75 7.70
C ASP H 371 -25.16 -44.86 8.11
N HIS H 372 -24.06 -44.96 7.41
CA HIS H 372 -23.12 -46.07 7.64
C HIS H 372 -22.26 -45.95 8.89
N PHE H 373 -22.03 -44.71 9.32
CA PHE H 373 -21.13 -44.50 10.43
C PHE H 373 -21.74 -45.22 11.59
N HIS H 374 -23.03 -44.96 11.81
CA HIS H 374 -23.80 -45.49 12.93
C HIS H 374 -23.91 -47.00 12.87
N TRP H 375 -24.03 -47.51 11.63
CA TRP H 375 -24.13 -48.93 11.34
C TRP H 375 -22.87 -49.63 11.74
N THR H 376 -21.73 -48.99 11.55
CA THR H 376 -20.45 -49.60 11.90
C THR H 376 -20.19 -49.47 13.38
N GLN H 377 -20.55 -48.29 13.92
CA GLN H 377 -20.32 -47.96 15.31
C GLN H 377 -20.99 -49.01 16.16
N SER H 378 -22.19 -49.42 15.74
CA SER H 378 -22.98 -50.42 16.47
C SER H 378 -22.43 -51.83 16.50
N MET H 379 -21.91 -52.28 15.38
CA MET H 379 -21.51 -53.68 15.22
C MET H 379 -20.29 -54.03 16.10
N VAL H 380 -19.47 -53.04 16.43
CA VAL H 380 -18.71 -53.15 17.64
C VAL H 380 -19.70 -52.74 18.74
N GLU H 381 -19.49 -53.25 19.92
CA GLU H 381 -20.45 -53.09 21.02
C GLU H 381 -21.57 -54.13 20.86
N LYS H 382 -21.57 -54.83 19.72
CA LYS H 382 -22.42 -56.00 19.51
C LYS H 382 -21.54 -57.19 19.17
N GLY H 383 -21.19 -57.35 17.90
CA GLY H 383 -20.39 -58.51 17.50
C GLY H 383 -19.13 -58.35 16.63
N MET H 384 -18.76 -57.13 16.29
CA MET H 384 -17.76 -56.96 15.22
C MET H 384 -16.47 -56.23 15.57
N SER H 385 -15.35 -56.83 15.19
CA SER H 385 -14.07 -56.16 15.14
C SER H 385 -14.25 -54.97 14.22
N PRO H 386 -13.54 -53.86 14.47
CA PRO H 386 -13.66 -52.78 13.50
C PRO H 386 -13.18 -53.24 12.14
N LEU H 387 -12.01 -53.84 12.08
CA LEU H 387 -11.44 -54.34 10.82
C LEU H 387 -12.41 -55.34 10.17
N GLU H 388 -13.31 -55.91 10.98
CA GLU H 388 -14.46 -56.67 10.47
C GLU H 388 -15.59 -55.77 9.98
N ALA H 389 -15.78 -54.62 10.64
CA ALA H 389 -16.82 -53.67 10.23
C ALA H 389 -16.48 -52.99 8.93
N ILE H 390 -15.22 -52.58 8.80
CA ILE H 390 -14.73 -51.96 7.56
C ILE H 390 -14.75 -52.96 6.42
N SER H 391 -14.63 -54.22 6.75
CA SER H 391 -14.71 -55.30 5.76
C SER H 391 -16.16 -55.58 5.35
N ALA H 392 -17.08 -55.56 6.31
CA ALA H 392 -18.49 -55.79 6.01
C ALA H 392 -19.12 -54.57 5.33
N ALA H 393 -18.41 -53.45 5.32
CA ALA H 393 -18.92 -52.21 4.77
C ALA H 393 -18.55 -52.02 3.31
N THR H 394 -17.67 -52.87 2.78
CA THR H 394 -17.21 -52.70 1.39
C THR H 394 -17.26 -53.98 0.53
N ILE H 395 -16.43 -54.97 0.82
CA ILE H 395 -16.41 -56.20 -0.01
C ILE H 395 -17.65 -57.05 0.18
N ASN H 396 -17.99 -57.32 1.44
CA ASN H 396 -19.11 -58.21 1.79
C ASN H 396 -20.36 -57.87 1.02
N VAL H 397 -20.59 -56.59 0.86
CA VAL H 397 -21.73 -56.08 0.14
C VAL H 397 -21.61 -56.41 -1.33
N ALA H 398 -20.53 -55.93 -1.93
CA ALA H 398 -20.30 -56.04 -3.38
C ALA H 398 -20.35 -57.51 -3.80
N ARG H 399 -19.74 -58.37 -3.00
CA ARG H 399 -19.71 -59.79 -3.26
C ARG H 399 -21.09 -60.41 -3.30
N ALA H 400 -21.96 -59.97 -2.39
CA ALA H 400 -23.32 -60.50 -2.29
C ALA H 400 -24.14 -60.24 -3.57
N TYR H 401 -24.04 -59.02 -4.09
CA TYR H 401 -24.75 -58.69 -5.32
C TYR H 401 -23.93 -59.10 -6.56
N GLY H 402 -22.67 -59.49 -6.34
CA GLY H 402 -21.81 -60.07 -7.37
C GLY H 402 -20.92 -59.07 -8.07
N LYS H 403 -20.65 -57.99 -7.37
CA LYS H 403 -20.00 -56.83 -7.95
C LYS H 403 -18.53 -56.70 -7.62
N ALA H 404 -17.91 -57.75 -7.14
CA ALA H 404 -16.52 -57.67 -6.72
C ALA H 404 -15.60 -57.36 -7.88
N ASP H 405 -16.15 -57.42 -9.08
CA ASP H 405 -15.40 -57.14 -10.31
C ASP H 405 -14.85 -55.76 -10.24
N GLN H 406 -15.64 -54.78 -9.80
CA GLN H 406 -15.12 -53.41 -9.71
C GLN H 406 -15.28 -52.61 -8.41
N ILE H 407 -15.53 -53.22 -7.26
CA ILE H 407 -15.63 -52.48 -6.01
C ILE H 407 -15.18 -53.26 -4.79
N GLY H 408 -15.12 -52.56 -3.66
CA GLY H 408 -15.07 -53.15 -2.36
C GLY H 408 -13.76 -53.26 -1.62
N SER H 409 -12.66 -53.17 -2.33
CA SER H 409 -11.39 -53.20 -1.69
C SER H 409 -10.34 -52.64 -2.56
N VAL H 410 -9.20 -52.40 -1.96
CA VAL H 410 -8.06 -51.95 -2.71
C VAL H 410 -7.25 -53.11 -3.21
N GLU H 411 -7.65 -53.58 -4.38
CA GLU H 411 -6.95 -54.56 -5.14
C GLU H 411 -6.70 -53.86 -6.45
N THR H 412 -5.68 -54.29 -7.15
CA THR H 412 -5.36 -53.66 -8.40
C THR H 412 -6.22 -54.32 -9.44
N GLY H 413 -6.82 -53.50 -10.29
CA GLY H 413 -7.79 -53.94 -11.30
C GLY H 413 -9.20 -53.51 -10.99
N LYS H 414 -9.50 -53.29 -9.70
CA LYS H 414 -10.76 -52.68 -9.29
C LYS H 414 -10.69 -51.18 -9.53
N LEU H 415 -11.71 -50.44 -9.13
CA LEU H 415 -11.75 -49.01 -9.34
C LEU H 415 -11.11 -48.27 -8.18
N ALA H 416 -11.05 -46.96 -8.31
CA ALA H 416 -10.40 -46.12 -7.35
C ALA H 416 -11.33 -45.75 -6.21
N ASP H 417 -12.33 -46.59 -5.95
CA ASP H 417 -13.13 -46.37 -4.77
C ASP H 417 -12.16 -46.29 -3.60
N PHE H 418 -12.09 -45.13 -2.96
CA PHE H 418 -11.40 -45.00 -1.69
C PHE H 418 -11.63 -43.66 -1.01
N VAL H 419 -11.11 -43.57 0.20
CA VAL H 419 -11.12 -42.38 1.04
C VAL H 419 -9.82 -42.42 1.82
N LEU H 420 -9.36 -41.27 2.34
CA LEU H 420 -8.22 -41.26 3.25
C LEU H 420 -8.55 -40.46 4.52
N LEU H 421 -7.91 -40.76 5.64
CA LEU H 421 -8.46 -40.40 6.97
C LEU H 421 -7.48 -39.74 7.96
N ASP H 422 -7.98 -38.71 8.66
CA ASP H 422 -7.21 -37.97 9.67
C ASP H 422 -6.78 -38.86 10.83
N GLN H 423 -7.75 -39.58 11.41
CA GLN H 423 -7.48 -40.53 12.52
C GLN H 423 -7.88 -41.95 12.14
N ASP H 424 -7.20 -42.94 12.76
CA ASP H 424 -7.27 -44.36 12.34
C ASP H 424 -8.63 -45.01 12.65
N PRO H 425 -9.18 -45.76 11.68
CA PRO H 425 -10.47 -46.44 11.90
C PRO H 425 -10.40 -47.65 12.82
N VAL H 426 -9.22 -48.11 13.17
CA VAL H 426 -9.07 -49.36 13.86
C VAL H 426 -8.67 -49.15 15.31
N ASP H 427 -8.27 -47.95 15.70
CA ASP H 427 -8.12 -47.60 17.13
C ASP H 427 -9.51 -47.35 17.65
N ASP H 428 -10.23 -46.45 16.97
CA ASP H 428 -11.64 -46.22 17.23
C ASP H 428 -12.36 -46.11 15.90
N ILE H 429 -13.57 -46.64 15.86
CA ILE H 429 -14.31 -46.75 14.61
C ILE H 429 -15.15 -45.49 14.32
N ARG H 430 -15.30 -44.62 15.30
CA ARG H 430 -15.94 -43.33 15.04
C ARG H 430 -14.96 -42.42 14.26
N ASN H 431 -13.71 -42.85 14.15
CA ASN H 431 -12.70 -42.17 13.34
C ASN H 431 -12.88 -42.42 11.81
N LEU H 432 -13.76 -43.35 11.48
CA LEU H 432 -14.24 -43.51 10.12
C LEU H 432 -15.08 -42.33 9.66
N ARG H 433 -15.67 -41.63 10.63
CA ARG H 433 -16.39 -40.38 10.40
C ARG H 433 -15.45 -39.24 9.96
N SER H 434 -14.18 -39.37 10.27
CA SER H 434 -13.20 -38.40 9.87
C SER H 434 -12.69 -38.64 8.43
N ILE H 435 -13.14 -37.82 7.49
CA ILE H 435 -12.80 -37.96 6.08
C ILE H 435 -12.12 -36.68 5.54
N THR H 436 -11.03 -36.88 4.84
CA THR H 436 -10.23 -35.79 4.32
C THR H 436 -10.39 -35.75 2.81
N GLU H 437 -10.09 -36.88 2.18
CA GLU H 437 -10.22 -37.03 0.75
C GLU H 437 -11.09 -38.22 0.40
N VAL H 438 -12.20 -37.96 -0.31
CA VAL H 438 -13.01 -39.03 -0.83
C VAL H 438 -12.79 -39.08 -2.33
N PHE H 439 -12.43 -40.27 -2.80
CA PHE H 439 -12.06 -40.49 -4.19
C PHE H 439 -12.97 -41.59 -4.77
N GLN H 440 -13.49 -41.37 -5.97
CA GLN H 440 -14.35 -42.32 -6.63
C GLN H 440 -14.00 -42.41 -8.11
N ALA H 441 -14.12 -43.60 -8.68
CA ALA H 441 -14.08 -43.71 -10.17
C ALA H 441 -12.83 -43.07 -10.79
N GLY H 442 -11.69 -43.23 -10.12
CA GLY H 442 -10.42 -42.73 -10.63
C GLY H 442 -10.30 -41.23 -10.70
N ALA H 443 -11.29 -40.54 -10.16
CA ALA H 443 -11.25 -39.11 -10.04
C ALA H 443 -11.77 -38.74 -8.65
N ALA H 444 -11.48 -37.53 -8.22
CA ALA H 444 -11.60 -37.18 -6.83
C ALA H 444 -12.87 -36.37 -6.56
N VAL H 445 -13.46 -36.59 -5.38
CA VAL H 445 -14.72 -35.94 -5.10
C VAL H 445 -14.50 -34.66 -4.31
N ASP H 446 -15.24 -33.63 -4.74
CA ASP H 446 -15.15 -32.33 -4.13
C ASP H 446 -16.17 -32.36 -3.00
N ARG H 447 -15.67 -32.53 -1.77
CA ARG H 447 -16.49 -32.66 -0.58
C ARG H 447 -17.30 -31.41 -0.36
N ALA H 448 -16.64 -30.28 -0.59
CA ALA H 448 -17.19 -28.98 -0.29
C ALA H 448 -18.42 -28.59 -1.07
N ALA H 449 -18.49 -28.95 -2.34
CA ALA H 449 -19.56 -28.50 -3.22
C ALA H 449 -20.86 -29.32 -3.09
N LEU H 450 -20.91 -30.25 -2.15
CA LEU H 450 -22.07 -31.12 -2.06
C LEU H 450 -22.92 -30.80 -0.81
N PRO H 451 -24.25 -30.98 -0.94
CA PRO H 451 -24.94 -31.41 -2.17
C PRO H 451 -24.97 -30.30 -3.22
N THR H 452 -24.96 -30.69 -4.49
CA THR H 452 -24.64 -29.77 -5.59
C THR H 452 -25.60 -28.58 -5.71
N THR H 453 -26.89 -28.84 -5.75
CA THR H 453 -27.88 -27.77 -5.86
C THR H 453 -28.83 -27.90 -4.68
N PRO H 454 -29.27 -26.77 -4.08
CA PRO H 454 -30.02 -26.89 -2.84
C PRO H 454 -31.42 -27.41 -3.15
N LEU H 455 -31.47 -28.66 -3.60
CA LEU H 455 -32.74 -29.30 -3.94
C LEU H 455 -33.36 -29.74 -2.63
N VAL H 456 -34.37 -30.58 -2.69
CA VAL H 456 -34.73 -31.44 -1.58
C VAL H 456 -34.74 -30.65 -0.25
N THR H 457 -34.08 -31.16 0.80
CA THR H 457 -34.15 -30.50 2.06
C THR H 457 -33.14 -29.36 2.19
N ALA H 458 -33.52 -28.21 1.62
CA ALA H 458 -32.87 -26.91 1.84
C ALA H 458 -33.87 -25.91 2.44
N HIS H 459 -35.03 -26.41 2.86
CA HIS H 459 -36.24 -25.61 3.00
C HIS H 459 -36.69 -25.19 4.43
N PRO H 460 -36.45 -23.94 4.82
CA PRO H 460 -35.59 -22.95 4.17
C PRO H 460 -34.37 -22.57 5.03
ZN ZN I . -28.91 16.36 -9.62
#